data_9UI8
#
_entry.id   9UI8
#
_cell.length_a   1.00
_cell.length_b   1.00
_cell.length_c   1.00
_cell.angle_alpha   90.00
_cell.angle_beta   90.00
_cell.angle_gamma   90.00
#
_symmetry.space_group_name_H-M   'P 1'
#
loop_
_entity.id
_entity.type
_entity.pdbx_description
1 polymer 'DNA repair protein RAD51 homolog 1'
2 polymer 'DNA (27-MER)'
3 polymer 'DNA (48-MER)'
4 polymer 'DNA (48-MER)'
5 non-polymer 'PHOSPHOAMINOPHOSPHONIC ACID-ADENYLATE ESTER'
6 non-polymer 'MAGNESIUM ION'
#
loop_
_entity_poly.entity_id
_entity_poly.type
_entity_poly.pdbx_seq_one_letter_code
_entity_poly.pdbx_strand_id
1 'polypeptide(L)'
;MASWSHPQFEKGADDDDKVPDPMAMQMQLEASADTSVEEESFGPQPISRLEQCGINANDVKKLEEAGYHTVEAVAYAPKK
ELINIKGISEAKADKILTEAAKLVPMGFTTATEFHQRRSEIIQITTGSKELDKLLQGGIETGSITEMFGEFRTGKTQICH
TLAVTCQLPIDRGGGEGKAMYIDTEGTFRPERLLAVAERYGLSGSDVLDNVAYARGFNTDHQTQLLYQAEDMMVESRYAL
LIVDSATALYRTDYSGRGELSARQMHLARFLRMLLRLADEFGVAVVITNQVVAQVDGAAMFAADPKKPIGGNIIAHASTT
RLYLRKGRGETRICKIYDSPCLPEAEAMFAINADGVGDAKD
;
E,G,C,B,A,F,I,H,D
2 'polydeoxyribonucleotide'
;(DT)(DT)(DT)(DT)(DT)(DT)(DT)(DT)(DT)(DT)(DT)(DT)(DC)(DG)(DT)(DC)(DG)(DC)(DC)(DC)
(DA)(DC)(DG)(DC)(DT)(DT)(DT)
;
L
3 'polydeoxyribonucleotide'
;(DG)(DT)(DA)(DC)(DT)(DT)(DG)(DC)(DT)(DT)(DA)(DA)(DT)(DT)(DG)(DA)(DA)(DT)(DA)(DA)
(DA)(DA)(DG)(DG)(DG)(DC)(DG)(DA)(DC)(DG)(DT)(DA)(DG)(DG)(DC)(DT)(DG)(DA)(DC)(DT)
(DC)(DG)(DA)(DC)(DA)(DC)(DC)(DG)
;
T
4 'polydeoxyribonucleotide'
;(DC)(DG)(DG)(DT)(DG)(DT)(DC)(DG)(DA)(DG)(DT)(DC)(DA)(DG)(DC)(DC)(DT)(DA)(DT)(DT)
(DC)(DT)(DT)(DT)(DT)(DT)(DT)(DT)(DT)(DT)(DA)(DT)(DT)(DC)(DA)(DA)(DT)(DT)(DA)(DA)
(DG)(DC)(DA)(DA)(DG)(DT)(DA)(DC)
;
U
#
# COMPACT_ATOMS: atom_id res chain seq x y z
N PRO A 44 -12.26 -34.61 32.88
CA PRO A 44 -11.30 -33.61 33.30
C PRO A 44 -10.95 -33.71 34.79
N GLN A 45 -9.67 -33.88 35.10
CA GLN A 45 -9.20 -33.97 36.47
C GLN A 45 -8.55 -32.66 36.89
N PRO A 46 -8.88 -32.16 38.08
CA PRO A 46 -8.36 -30.86 38.50
C PRO A 46 -6.83 -30.89 38.66
N ILE A 47 -6.26 -29.69 38.77
CA ILE A 47 -4.81 -29.57 38.93
C ILE A 47 -4.36 -30.23 40.23
N SER A 48 -5.21 -30.18 41.25
CA SER A 48 -4.90 -30.80 42.53
C SER A 48 -4.65 -32.30 42.39
N ARG A 49 -5.18 -32.91 41.33
CA ARG A 49 -4.95 -34.33 41.07
C ARG A 49 -3.48 -34.64 40.78
N LEU A 50 -2.75 -33.70 40.19
CA LEU A 50 -1.33 -33.92 39.94
C LEU A 50 -0.46 -33.57 41.14
N GLU A 51 -1.06 -33.13 42.25
CA GLU A 51 -0.30 -32.74 43.42
C GLU A 51 0.28 -33.99 44.06
N GLN A 52 1.51 -34.33 43.66
CA GLN A 52 2.26 -35.50 44.10
C GLN A 52 3.67 -35.37 43.56
N CYS A 53 4.53 -36.36 43.82
CA CYS A 53 5.85 -36.44 43.21
C CYS A 53 6.66 -35.16 43.41
N GLY A 54 6.63 -34.60 44.61
CA GLY A 54 7.37 -33.38 44.89
C GLY A 54 6.84 -32.15 44.16
N ILE A 55 5.53 -32.07 44.01
CA ILE A 55 4.86 -30.88 43.50
C ILE A 55 4.03 -30.32 44.66
N ASN A 56 4.59 -29.34 45.36
CA ASN A 56 3.94 -28.84 46.56
C ASN A 56 2.68 -28.05 46.21
N ALA A 57 1.82 -27.86 47.22
CA ALA A 57 0.53 -27.22 47.00
C ALA A 57 0.69 -25.79 46.50
N ASN A 58 1.83 -25.17 46.79
CA ASN A 58 2.08 -23.82 46.29
C ASN A 58 2.17 -23.81 44.77
N ASP A 59 2.75 -24.86 44.18
CA ASP A 59 2.81 -24.99 42.73
C ASP A 59 1.41 -25.07 42.14
N VAL A 60 0.55 -25.89 42.76
CA VAL A 60 -0.82 -26.05 42.32
C VAL A 60 -1.56 -24.72 42.39
N LYS A 61 -1.38 -24.01 43.51
CA LYS A 61 -2.04 -22.72 43.70
C LYS A 61 -1.56 -21.68 42.71
N LYS A 62 -0.25 -21.59 42.45
CA LYS A 62 0.28 -20.64 41.50
C LYS A 62 0.02 -21.02 40.05
N LEU A 63 -0.33 -22.29 39.80
CA LEU A 63 -0.81 -22.69 38.49
C LEU A 63 -2.29 -22.42 38.31
N GLU A 64 -3.07 -22.46 39.38
CA GLU A 64 -4.50 -22.15 39.29
C GLU A 64 -4.79 -20.67 39.13
N GLU A 65 -3.83 -19.79 39.44
CA GLU A 65 -4.04 -18.36 39.24
C GLU A 65 -3.63 -17.88 37.86
N ALA A 66 -2.98 -18.75 37.06
CA ALA A 66 -2.61 -18.42 35.70
C ALA A 66 -3.61 -18.93 34.67
N GLY A 67 -4.73 -19.50 35.11
CA GLY A 67 -5.71 -20.06 34.23
C GLY A 67 -5.54 -21.53 33.92
N TYR A 68 -4.73 -22.25 34.69
CA TYR A 68 -4.50 -23.68 34.49
C TYR A 68 -5.20 -24.40 35.64
N HIS A 69 -6.46 -24.79 35.40
CA HIS A 69 -7.27 -25.42 36.43
C HIS A 69 -7.51 -26.91 36.18
N THR A 70 -6.97 -27.48 35.12
CA THR A 70 -7.15 -28.88 34.79
C THR A 70 -5.81 -29.50 34.45
N VAL A 71 -5.66 -30.78 34.72
CA VAL A 71 -4.42 -31.49 34.46
C VAL A 71 -4.24 -31.67 32.95
N GLU A 72 -5.32 -31.47 32.20
CA GLU A 72 -5.29 -31.51 30.75
C GLU A 72 -5.21 -30.10 30.19
N ALA A 73 -4.94 -29.14 31.06
CA ALA A 73 -4.63 -27.80 30.60
C ALA A 73 -3.18 -27.43 30.87
N VAL A 74 -2.45 -28.22 31.66
CA VAL A 74 -1.03 -28.02 31.90
C VAL A 74 -0.21 -29.00 31.06
N ALA A 75 -0.87 -29.96 30.43
CA ALA A 75 -0.20 -30.84 29.48
C ALA A 75 -0.46 -30.43 28.04
N TYR A 76 -1.29 -29.44 27.80
CA TYR A 76 -1.53 -28.87 26.48
C TYR A 76 -0.87 -27.51 26.37
N ALA A 77 0.09 -27.23 27.24
CA ALA A 77 0.70 -25.92 27.35
C ALA A 77 2.19 -26.04 27.05
N PRO A 78 2.73 -25.19 26.17
CA PRO A 78 4.18 -25.26 25.89
C PRO A 78 4.99 -24.87 27.12
N LYS A 79 6.22 -25.39 27.18
CA LYS A 79 7.07 -25.14 28.33
C LYS A 79 7.40 -23.65 28.47
N LYS A 80 7.52 -22.96 27.34
CA LYS A 80 7.86 -21.54 27.37
C LYS A 80 6.72 -20.71 27.92
N GLU A 81 5.53 -21.32 28.08
CA GLU A 81 4.42 -20.67 28.73
C GLU A 81 4.29 -21.05 30.20
N LEU A 82 4.80 -22.20 30.62
CA LEU A 82 4.92 -22.53 32.02
C LEU A 82 6.11 -21.85 32.67
N ILE A 83 7.07 -21.39 31.88
CA ILE A 83 8.23 -20.66 32.38
C ILE A 83 7.88 -19.22 32.72
N ASN A 84 6.95 -18.61 32.01
CA ASN A 84 6.56 -17.22 32.19
C ASN A 84 5.73 -17.00 33.44
N ILE A 85 5.62 -17.99 34.31
CA ILE A 85 4.80 -17.92 35.52
C ILE A 85 5.73 -17.67 36.70
N LYS A 86 5.32 -16.75 37.58
CA LYS A 86 6.11 -16.44 38.77
C LYS A 86 6.32 -17.69 39.62
N GLY A 87 7.55 -17.86 40.10
CA GLY A 87 7.86 -19.01 40.94
C GLY A 87 8.38 -20.19 40.16
N ILE A 88 7.70 -20.56 39.07
CA ILE A 88 8.08 -21.70 38.26
C ILE A 88 9.43 -21.45 37.59
N SER A 89 10.36 -22.39 37.76
CA SER A 89 11.65 -22.36 37.10
C SER A 89 11.71 -23.47 36.06
N GLU A 90 12.88 -23.64 35.46
CA GLU A 90 13.05 -24.63 34.40
C GLU A 90 12.84 -26.04 34.92
N ALA A 91 13.49 -26.37 36.05
CA ALA A 91 13.36 -27.72 36.60
C ALA A 91 11.93 -28.00 37.02
N LYS A 92 11.28 -27.02 37.66
CA LYS A 92 9.89 -27.17 38.08
C LYS A 92 8.99 -27.38 36.86
N ALA A 93 9.21 -26.60 35.81
CA ALA A 93 8.41 -26.72 34.60
C ALA A 93 8.58 -28.10 33.98
N ASP A 94 9.80 -28.60 33.92
CA ASP A 94 10.04 -29.93 33.39
C ASP A 94 9.35 -30.99 34.24
N LYS A 95 9.42 -30.84 35.57
CA LYS A 95 8.76 -31.79 36.46
C LYS A 95 7.25 -31.81 36.22
N ILE A 96 6.65 -30.63 36.07
CA ILE A 96 5.22 -30.52 35.83
C ILE A 96 4.86 -31.18 34.49
N LEU A 97 5.64 -30.89 33.46
CA LEU A 97 5.33 -31.38 32.12
C LEU A 97 5.59 -32.87 31.98
N THR A 98 6.42 -33.44 32.87
CA THR A 98 6.62 -34.88 32.89
C THR A 98 5.56 -35.61 33.68
N GLU A 99 5.18 -35.07 34.85
CA GLU A 99 4.15 -35.70 35.66
C GLU A 99 2.74 -35.42 35.16
N ALA A 100 2.58 -34.52 34.20
CA ALA A 100 1.28 -34.29 33.57
C ALA A 100 1.05 -35.18 32.36
N ALA A 101 2.09 -35.55 31.62
CA ALA A 101 1.96 -36.45 30.49
C ALA A 101 1.70 -37.88 30.91
N LYS A 102 1.89 -38.20 32.19
CA LYS A 102 1.51 -39.50 32.73
C LYS A 102 0.05 -39.55 33.15
N LEU A 103 -0.63 -38.40 33.20
CA LEU A 103 -2.05 -38.34 33.50
C LEU A 103 -2.91 -37.96 32.30
N VAL A 104 -2.30 -37.57 31.18
CA VAL A 104 -3.01 -37.20 29.96
C VAL A 104 -2.49 -38.05 28.82
N PRO A 105 -3.34 -38.65 28.00
CA PRO A 105 -2.84 -39.43 26.86
C PRO A 105 -2.25 -38.54 25.79
N MET A 106 -0.94 -38.70 25.57
CA MET A 106 -0.18 -37.94 24.58
C MET A 106 0.73 -38.92 23.84
N GLY A 107 0.23 -39.45 22.73
CA GLY A 107 1.01 -40.43 22.00
C GLY A 107 0.30 -40.88 20.74
N PHE A 108 0.88 -41.90 20.11
CA PHE A 108 0.38 -42.41 18.84
C PHE A 108 -0.63 -43.52 19.08
N THR A 109 -1.83 -43.35 18.55
CA THR A 109 -2.87 -44.36 18.60
C THR A 109 -3.41 -44.59 17.19
N THR A 110 -3.74 -45.84 16.89
CA THR A 110 -4.23 -46.19 15.57
C THR A 110 -5.55 -45.48 15.28
N ALA A 111 -5.98 -45.57 14.04
CA ALA A 111 -7.21 -44.91 13.59
C ALA A 111 -8.42 -45.81 13.77
N THR A 112 -8.29 -46.91 14.50
CA THR A 112 -9.43 -47.71 14.91
C THR A 112 -9.89 -47.39 16.33
N GLU A 113 -8.97 -47.08 17.23
CA GLU A 113 -9.34 -46.56 18.55
C GLU A 113 -9.60 -45.07 18.52
N PHE A 114 -9.55 -44.46 17.34
CA PHE A 114 -10.04 -43.10 17.16
C PHE A 114 -11.36 -43.09 16.39
N HIS A 115 -11.70 -44.19 15.71
CA HIS A 115 -13.01 -44.32 15.08
C HIS A 115 -13.97 -45.05 16.01
N GLN A 116 -13.51 -45.38 17.21
CA GLN A 116 -14.38 -45.90 18.24
C GLN A 116 -14.61 -44.90 19.35
N ARG A 117 -13.75 -43.90 19.50
CA ARG A 117 -13.99 -42.76 20.39
C ARG A 117 -14.68 -41.63 19.66
N ARG A 118 -14.98 -41.85 18.37
CA ARG A 118 -15.63 -40.84 17.55
C ARG A 118 -17.05 -41.25 17.20
N SER A 119 -17.40 -42.51 17.43
CA SER A 119 -18.77 -42.97 17.27
C SER A 119 -19.61 -42.71 18.51
N GLU A 120 -19.01 -42.13 19.57
CA GLU A 120 -19.73 -41.76 20.78
C GLU A 120 -19.64 -40.25 20.96
N ILE A 121 -19.73 -39.52 19.85
CA ILE A 121 -19.75 -38.06 19.88
C ILE A 121 -21.21 -37.62 19.92
N ILE A 122 -21.62 -37.05 21.06
CA ILE A 122 -22.98 -36.56 21.19
C ILE A 122 -23.21 -35.35 20.32
N GLN A 123 -24.25 -35.39 19.50
CA GLN A 123 -24.54 -34.28 18.61
C GLN A 123 -25.83 -33.60 19.01
N ILE A 124 -25.75 -32.33 19.42
CA ILE A 124 -26.93 -31.61 19.88
C ILE A 124 -27.85 -31.24 18.72
N THR A 125 -29.14 -31.39 18.92
CA THR A 125 -30.10 -31.02 17.89
C THR A 125 -30.14 -29.52 17.73
N THR A 126 -30.27 -29.04 16.50
CA THR A 126 -30.31 -27.62 16.24
C THR A 126 -31.74 -27.11 16.26
N GLY A 127 -32.69 -28.02 16.41
CA GLY A 127 -34.08 -27.64 16.45
C GLY A 127 -34.80 -27.87 15.14
N SER A 128 -34.06 -27.98 14.05
CA SER A 128 -34.66 -28.15 12.74
C SER A 128 -34.22 -29.46 12.11
N LYS A 129 -35.15 -30.16 11.48
CA LYS A 129 -34.80 -31.40 10.82
C LYS A 129 -33.91 -31.14 9.63
N GLU A 130 -34.30 -30.17 8.79
CA GLU A 130 -33.52 -29.86 7.61
C GLU A 130 -32.12 -29.46 8.01
N LEU A 131 -32.02 -28.59 9.00
CA LEU A 131 -30.71 -28.16 9.46
C LEU A 131 -29.95 -29.34 10.02
N ASP A 132 -30.65 -30.27 10.67
CA ASP A 132 -30.00 -31.43 11.23
C ASP A 132 -29.43 -32.33 10.14
N LYS A 133 -30.22 -32.62 9.12
CA LYS A 133 -29.76 -33.49 8.03
C LYS A 133 -28.55 -32.89 7.36
N LEU A 134 -28.59 -31.59 7.12
CA LEU A 134 -27.47 -30.91 6.48
C LEU A 134 -26.22 -31.10 7.31
N LEU A 135 -26.38 -31.11 8.63
CA LEU A 135 -25.24 -31.23 9.53
C LEU A 135 -25.11 -32.65 10.05
N GLN A 136 -25.80 -33.59 9.43
CA GLN A 136 -25.68 -34.99 9.82
C GLN A 136 -25.88 -35.24 11.32
N GLY A 137 -26.99 -34.77 11.88
CA GLY A 137 -27.27 -35.06 13.27
C GLY A 137 -27.33 -33.88 14.22
N GLY A 138 -26.59 -32.81 13.94
CA GLY A 138 -26.59 -31.66 14.81
C GLY A 138 -25.18 -31.25 15.18
N ILE A 139 -25.03 -30.16 15.93
CA ILE A 139 -23.70 -29.70 16.24
C ILE A 139 -22.92 -30.79 16.93
N GLU A 140 -21.64 -30.97 16.56
CA GLU A 140 -20.84 -32.04 17.14
C GLU A 140 -20.14 -31.60 18.40
N THR A 141 -19.85 -32.52 19.29
CA THR A 141 -19.07 -32.14 20.47
C THR A 141 -17.61 -31.98 20.08
N GLY A 142 -16.83 -31.34 20.93
CA GLY A 142 -15.41 -31.18 20.68
C GLY A 142 -15.01 -30.49 19.39
N SER A 143 -15.57 -29.33 19.10
CA SER A 143 -15.17 -28.58 17.91
C SER A 143 -15.72 -27.17 17.91
N ILE A 144 -15.10 -26.27 17.15
CA ILE A 144 -15.59 -24.90 17.04
C ILE A 144 -16.47 -24.76 15.81
N THR A 145 -17.75 -24.47 16.01
CA THR A 145 -18.68 -24.37 14.89
C THR A 145 -19.10 -22.96 14.65
N GLU A 146 -18.56 -22.33 13.62
CA GLU A 146 -18.86 -20.93 13.37
C GLU A 146 -20.16 -20.74 12.62
N MET A 147 -20.80 -19.60 12.81
CA MET A 147 -22.05 -19.28 12.13
C MET A 147 -22.00 -17.80 11.75
N PHE A 148 -21.68 -17.53 10.48
CA PHE A 148 -21.71 -16.14 10.06
C PHE A 148 -22.92 -15.87 9.19
N GLY A 149 -23.07 -14.60 8.83
CA GLY A 149 -24.23 -14.16 8.07
C GLY A 149 -24.64 -12.75 8.44
N GLU A 150 -25.31 -12.05 7.52
CA GLU A 150 -25.72 -10.68 7.75
C GLU A 150 -26.77 -10.62 8.85
N PHE A 151 -27.24 -9.42 9.18
CA PHE A 151 -28.18 -9.24 10.27
C PHE A 151 -29.51 -9.97 10.03
N ARG A 152 -30.26 -10.18 11.11
CA ARG A 152 -31.56 -10.85 11.12
C ARG A 152 -31.59 -12.16 10.33
N THR A 153 -30.47 -12.87 10.28
CA THR A 153 -30.47 -14.18 9.65
C THR A 153 -30.92 -15.24 10.64
N GLY A 154 -30.47 -15.15 11.88
CA GLY A 154 -30.85 -16.12 12.88
C GLY A 154 -29.73 -16.59 13.77
N LYS A 155 -28.56 -15.99 13.64
CA LYS A 155 -27.40 -16.44 14.40
C LYS A 155 -27.58 -16.34 15.90
N THR A 156 -28.46 -15.53 16.49
CA THR A 156 -28.68 -15.61 17.93
C THR A 156 -29.98 -16.32 18.26
N GLN A 157 -30.67 -16.87 17.26
CA GLN A 157 -31.79 -17.75 17.49
C GLN A 157 -31.45 -19.22 17.30
N ILE A 158 -30.37 -19.52 16.59
CA ILE A 158 -29.79 -20.86 16.58
C ILE A 158 -28.79 -20.91 17.72
N CYS A 159 -28.68 -19.79 18.44
CA CYS A 159 -27.90 -19.78 19.68
C CYS A 159 -28.82 -19.75 20.89
N HIS A 160 -30.12 -19.58 20.68
CA HIS A 160 -31.11 -19.68 21.76
C HIS A 160 -31.86 -21.00 21.76
N THR A 161 -32.08 -21.62 20.60
CA THR A 161 -32.66 -22.96 20.55
C THR A 161 -31.61 -24.03 20.76
N LEU A 162 -30.34 -23.67 20.77
CA LEU A 162 -29.25 -24.60 20.98
C LEU A 162 -28.97 -24.75 22.47
N ALA A 163 -29.26 -23.70 23.24
CA ALA A 163 -28.99 -23.75 24.67
C ALA A 163 -30.17 -24.32 25.46
N VAL A 164 -31.25 -24.75 24.81
CA VAL A 164 -32.35 -25.41 25.48
C VAL A 164 -32.34 -26.87 25.08
N THR A 165 -31.74 -27.16 23.93
CA THR A 165 -31.62 -28.52 23.43
C THR A 165 -30.45 -29.28 24.03
N CYS A 166 -29.36 -28.61 24.40
CA CYS A 166 -28.23 -29.28 25.03
C CYS A 166 -28.56 -29.78 26.43
N GLN A 167 -29.71 -29.40 26.98
CA GLN A 167 -30.14 -29.86 28.29
C GLN A 167 -31.14 -31.01 28.20
N LEU A 168 -31.31 -31.57 27.03
CA LEU A 168 -32.21 -32.69 26.79
C LEU A 168 -31.47 -34.01 27.02
N PRO A 169 -32.20 -35.09 27.26
CA PRO A 169 -31.58 -36.41 27.26
C PRO A 169 -31.07 -36.78 25.88
N ILE A 170 -30.04 -37.63 25.86
CA ILE A 170 -29.32 -37.95 24.63
C ILE A 170 -30.19 -38.75 23.69
N ASP A 171 -31.32 -39.25 24.18
CA ASP A 171 -32.26 -39.99 23.34
C ASP A 171 -33.05 -39.10 22.40
N ARG A 172 -33.10 -37.80 22.65
CA ARG A 172 -33.81 -36.86 21.78
C ARG A 172 -32.86 -35.82 21.21
N GLY A 173 -31.56 -36.00 21.45
CA GLY A 173 -30.58 -35.05 20.97
C GLY A 173 -30.21 -34.03 22.01
N GLY A 174 -28.98 -34.11 22.53
CA GLY A 174 -28.55 -33.20 23.56
C GLY A 174 -27.25 -33.61 24.21
N GLY A 175 -26.96 -33.08 25.39
CA GLY A 175 -25.74 -33.42 26.08
C GLY A 175 -25.95 -33.70 27.56
N GLU A 176 -27.19 -33.53 28.02
CA GLU A 176 -27.55 -33.74 29.42
C GLU A 176 -26.65 -32.93 30.35
N GLY A 177 -26.40 -31.69 29.94
CA GLY A 177 -25.54 -30.81 30.70
C GLY A 177 -26.11 -29.42 30.83
N LYS A 178 -25.23 -28.42 30.90
CA LYS A 178 -25.68 -27.04 30.98
C LYS A 178 -25.27 -26.31 29.72
N ALA A 179 -25.54 -25.00 29.66
CA ALA A 179 -25.23 -24.24 28.45
C ALA A 179 -24.60 -22.91 28.79
N MET A 180 -23.28 -22.80 28.65
CA MET A 180 -22.63 -21.53 28.86
C MET A 180 -23.00 -20.56 27.74
N TYR A 181 -23.09 -19.29 28.09
CA TYR A 181 -23.46 -18.27 27.12
C TYR A 181 -22.67 -16.99 27.36
N ILE A 182 -21.51 -16.88 26.72
CA ILE A 182 -20.72 -15.66 26.81
C ILE A 182 -21.15 -14.75 25.67
N ASP A 183 -22.08 -13.84 25.97
CA ASP A 183 -22.59 -12.92 24.97
C ASP A 183 -21.75 -11.67 24.91
N THR A 184 -21.57 -11.10 23.72
CA THR A 184 -20.72 -9.93 23.58
C THR A 184 -21.44 -8.71 23.05
N GLU A 185 -22.74 -8.83 22.76
CA GLU A 185 -23.47 -7.71 22.18
C GLU A 185 -24.71 -7.30 22.96
N GLY A 186 -25.09 -8.09 23.94
CA GLY A 186 -26.23 -7.72 24.78
C GLY A 186 -27.58 -8.16 24.24
N THR A 187 -27.59 -9.15 23.36
CA THR A 187 -28.83 -9.65 22.81
C THR A 187 -29.21 -11.01 23.36
N PHE A 188 -29.02 -11.21 24.66
CA PHE A 188 -29.44 -12.44 25.33
C PHE A 188 -30.83 -12.19 25.91
N ARG A 189 -31.83 -12.83 25.32
CA ARG A 189 -33.20 -12.68 25.78
C ARG A 189 -33.70 -13.99 26.35
N PRO A 190 -33.84 -14.12 27.67
CA PRO A 190 -34.28 -15.40 28.24
C PRO A 190 -35.76 -15.71 28.05
N GLU A 191 -36.49 -14.91 27.27
CA GLU A 191 -37.86 -15.22 26.92
C GLU A 191 -37.96 -15.97 25.60
N ARG A 192 -36.82 -16.31 25.00
CA ARG A 192 -36.77 -17.29 23.92
C ARG A 192 -36.39 -18.68 24.40
N LEU A 193 -35.52 -18.77 25.41
CA LEU A 193 -35.26 -20.01 26.12
C LEU A 193 -36.47 -20.50 26.88
N LEU A 194 -37.49 -19.64 27.04
CA LEU A 194 -38.72 -20.03 27.69
C LEU A 194 -39.81 -20.33 26.67
N ALA A 195 -39.48 -20.33 25.39
CA ALA A 195 -40.35 -20.84 24.33
C ALA A 195 -39.80 -22.09 23.69
N VAL A 196 -38.47 -22.18 23.55
CA VAL A 196 -37.84 -23.42 23.12
C VAL A 196 -37.96 -24.45 24.23
N ALA A 197 -38.32 -23.99 25.43
CA ALA A 197 -38.53 -24.89 26.56
C ALA A 197 -39.99 -25.33 26.67
N GLU A 198 -40.87 -24.76 25.86
CA GLU A 198 -42.25 -25.22 25.79
C GLU A 198 -42.52 -25.98 24.51
N ARG A 199 -41.74 -25.71 23.45
CA ARG A 199 -41.82 -26.53 22.25
C ARG A 199 -41.45 -27.98 22.57
N TYR A 200 -40.38 -28.17 23.34
CA TYR A 200 -39.88 -29.49 23.67
C TYR A 200 -40.69 -30.13 24.78
N GLY A 201 -40.72 -29.51 25.96
CA GLY A 201 -41.44 -30.06 27.07
C GLY A 201 -40.75 -29.89 28.42
N LEU A 202 -39.59 -29.25 28.43
CA LEU A 202 -38.88 -29.01 29.68
C LEU A 202 -39.69 -28.12 30.62
N SER A 203 -39.24 -28.01 31.87
CA SER A 203 -39.99 -27.31 32.90
C SER A 203 -40.18 -25.84 32.57
N GLY A 204 -39.08 -25.11 32.46
CA GLY A 204 -39.16 -23.68 32.26
C GLY A 204 -38.41 -22.91 33.33
N SER A 205 -38.51 -23.39 34.57
CA SER A 205 -37.72 -22.85 35.67
C SER A 205 -36.44 -23.64 35.90
N ASP A 206 -36.30 -24.81 35.26
CA ASP A 206 -35.06 -25.58 35.32
C ASP A 206 -34.20 -25.44 34.08
N VAL A 207 -34.77 -24.97 32.96
CA VAL A 207 -33.99 -24.66 31.78
C VAL A 207 -33.28 -23.32 31.90
N LEU A 208 -33.86 -22.37 32.63
CA LEU A 208 -33.26 -21.06 32.83
C LEU A 208 -32.24 -21.06 33.96
N ASP A 209 -32.15 -22.16 34.72
CA ASP A 209 -31.18 -22.30 35.78
C ASP A 209 -29.90 -22.99 35.35
N ASN A 210 -29.92 -23.73 34.25
CA ASN A 210 -28.76 -24.44 33.75
C ASN A 210 -28.14 -23.71 32.56
N VAL A 211 -28.24 -22.38 32.56
CA VAL A 211 -27.64 -21.56 31.51
C VAL A 211 -26.77 -20.51 32.20
N ALA A 212 -25.46 -20.73 32.21
CA ALA A 212 -24.57 -19.69 32.67
C ALA A 212 -24.58 -18.53 31.69
N TYR A 213 -24.52 -17.32 32.23
CA TYR A 213 -24.59 -16.11 31.43
C TYR A 213 -23.50 -15.15 31.86
N ALA A 214 -22.85 -14.54 30.87
CA ALA A 214 -21.80 -13.57 31.13
C ALA A 214 -21.68 -12.69 29.90
N ARG A 215 -21.47 -11.40 30.12
CA ARG A 215 -21.36 -10.44 29.04
C ARG A 215 -19.92 -9.97 28.91
N GLY A 216 -19.35 -10.08 27.73
CA GLY A 216 -18.00 -9.60 27.52
C GLY A 216 -18.09 -8.14 27.16
N PHE A 217 -17.25 -7.31 27.76
CA PHE A 217 -17.33 -5.88 27.53
C PHE A 217 -16.11 -5.35 26.78
N ASN A 218 -15.10 -6.17 26.61
CA ASN A 218 -13.89 -5.74 25.92
C ASN A 218 -13.36 -6.84 25.03
N THR A 219 -12.30 -6.57 24.30
CA THR A 219 -11.68 -7.61 23.50
C THR A 219 -11.14 -8.52 24.55
N ASP A 220 -10.48 -7.96 25.56
CA ASP A 220 -10.04 -8.77 26.68
C ASP A 220 -11.28 -9.02 27.49
N HIS A 221 -11.16 -9.60 28.68
CA HIS A 221 -12.35 -9.96 29.45
C HIS A 221 -13.10 -11.06 28.74
N GLN A 222 -13.41 -10.88 27.46
CA GLN A 222 -14.04 -11.93 26.69
C GLN A 222 -13.23 -13.21 26.83
N THR A 223 -11.92 -13.09 26.85
CA THR A 223 -11.06 -14.26 27.04
C THR A 223 -11.07 -14.65 28.49
N GLN A 224 -10.95 -13.67 29.37
CA GLN A 224 -10.99 -13.91 30.80
C GLN A 224 -12.24 -14.67 31.23
N LEU A 225 -13.35 -14.50 30.51
CA LEU A 225 -14.51 -15.34 30.78
C LEU A 225 -14.23 -16.79 30.46
N LEU A 226 -13.41 -17.09 29.45
CA LEU A 226 -13.01 -18.47 29.18
C LEU A 226 -12.04 -19.00 30.22
N TYR A 227 -11.27 -18.12 30.85
CA TYR A 227 -10.41 -18.54 31.95
C TYR A 227 -11.20 -18.79 33.22
N GLN A 228 -12.26 -18.05 33.48
CA GLN A 228 -13.18 -18.36 34.57
C GLN A 228 -14.13 -19.50 34.22
N ALA A 229 -14.25 -19.85 32.94
CA ALA A 229 -15.11 -20.93 32.49
C ALA A 229 -14.51 -22.31 32.79
N GLU A 230 -13.19 -22.39 32.93
CA GLU A 230 -12.55 -23.68 33.24
C GLU A 230 -12.98 -24.11 34.64
N ASP A 231 -13.02 -23.16 35.57
CA ASP A 231 -13.45 -23.42 36.93
C ASP A 231 -14.87 -23.97 36.96
N MET A 232 -15.78 -23.32 36.24
CA MET A 232 -17.18 -23.70 36.23
C MET A 232 -17.38 -25.06 35.60
N MET A 233 -16.53 -25.40 34.63
CA MET A 233 -16.69 -26.62 33.86
C MET A 233 -16.02 -27.83 34.49
N VAL A 234 -15.00 -27.63 35.33
CA VAL A 234 -14.36 -28.74 36.02
C VAL A 234 -15.33 -29.34 37.05
N GLU A 235 -16.17 -28.49 37.64
CA GLU A 235 -17.03 -28.97 38.72
C GLU A 235 -18.33 -29.54 38.19
N SER A 236 -19.09 -28.76 37.45
CA SER A 236 -20.35 -29.24 36.88
C SER A 236 -20.15 -29.63 35.42
N ARG A 237 -21.11 -30.39 34.90
CA ARG A 237 -21.04 -30.90 33.53
C ARG A 237 -21.69 -29.89 32.61
N TYR A 238 -20.88 -29.22 31.79
CA TYR A 238 -21.36 -28.33 30.75
C TYR A 238 -21.22 -29.01 29.40
N ALA A 239 -22.11 -28.66 28.48
CA ALA A 239 -22.09 -29.26 27.14
C ALA A 239 -22.26 -28.22 26.03
N LEU A 240 -21.98 -26.95 26.31
CA LEU A 240 -22.12 -25.91 25.31
C LEU A 240 -21.28 -24.71 25.74
N LEU A 241 -20.76 -23.98 24.74
CA LEU A 241 -19.95 -22.81 25.03
C LEU A 241 -20.29 -21.69 24.05
N ILE A 242 -21.58 -21.41 23.86
CA ILE A 242 -22.03 -20.39 22.92
C ILE A 242 -21.33 -19.07 23.17
N VAL A 243 -20.73 -18.50 22.13
CA VAL A 243 -20.18 -17.15 22.17
C VAL A 243 -20.99 -16.33 21.18
N ASP A 244 -21.81 -15.41 21.70
CA ASP A 244 -22.83 -14.77 20.88
C ASP A 244 -22.24 -13.96 19.73
N SER A 245 -21.06 -13.39 19.91
CA SER A 245 -20.31 -12.83 18.79
C SER A 245 -18.84 -12.75 19.15
N ALA A 246 -18.06 -13.69 18.68
CA ALA A 246 -16.64 -13.68 18.97
C ALA A 246 -16.00 -12.44 18.36
N THR A 247 -16.18 -12.26 17.06
CA THR A 247 -15.56 -11.12 16.40
C THR A 247 -16.50 -9.93 16.33
N ALA A 248 -16.91 -9.43 17.48
CA ALA A 248 -17.73 -8.24 17.50
C ALA A 248 -16.98 -7.19 18.26
N LEU A 249 -16.35 -7.61 19.36
CA LEU A 249 -15.60 -6.70 20.18
C LEU A 249 -14.22 -6.47 19.58
N TYR A 250 -13.81 -7.31 18.65
CA TYR A 250 -12.51 -7.15 18.02
C TYR A 250 -12.59 -5.95 17.12
N ARG A 251 -13.70 -5.77 16.44
CA ARG A 251 -13.86 -4.54 15.68
C ARG A 251 -14.05 -3.53 16.79
N THR A 252 -14.08 -2.24 16.46
CA THR A 252 -14.23 -1.19 17.47
C THR A 252 -13.00 -1.07 18.37
N ASP A 253 -12.62 -2.15 19.04
CA ASP A 253 -11.43 -2.12 19.88
C ASP A 253 -10.14 -2.00 19.07
N TYR A 254 -10.15 -2.51 17.84
CA TYR A 254 -8.98 -2.41 16.98
C TYR A 254 -9.31 -1.59 15.73
N SER A 255 -8.43 -0.67 15.34
CA SER A 255 -8.74 0.23 14.22
C SER A 255 -8.21 -0.15 12.84
N GLY A 256 -7.58 -1.32 12.70
CA GLY A 256 -7.16 -1.76 11.37
C GLY A 256 -5.82 -1.27 10.85
N ARG A 257 -5.16 -2.09 10.03
CA ARG A 257 -3.85 -1.73 9.49
C ARG A 257 -2.85 -1.54 10.61
N GLY A 258 -3.05 -0.51 11.41
CA GLY A 258 -2.18 -0.30 12.56
C GLY A 258 -2.27 -1.46 13.53
N GLU A 259 -3.47 -1.95 13.77
CA GLU A 259 -3.65 -3.01 14.75
C GLU A 259 -4.17 -4.29 14.14
N LEU A 260 -4.11 -4.40 12.82
CA LEU A 260 -4.55 -5.62 12.18
C LEU A 260 -3.70 -6.76 12.70
N SER A 261 -2.40 -6.55 12.78
CA SER A 261 -1.50 -7.59 13.26
C SER A 261 -1.78 -7.90 14.71
N ALA A 262 -2.02 -6.88 15.52
CA ALA A 262 -2.28 -7.08 16.94
C ALA A 262 -3.62 -7.76 17.20
N ARG A 263 -4.62 -7.41 16.41
CA ARG A 263 -5.94 -7.99 16.59
C ARG A 263 -5.91 -9.45 16.25
N GLN A 264 -5.06 -9.83 15.32
CA GLN A 264 -5.06 -11.22 14.87
C GLN A 264 -4.15 -12.11 15.70
N MET A 265 -3.34 -11.53 16.57
CA MET A 265 -2.65 -12.35 17.57
C MET A 265 -3.42 -12.37 18.88
N HIS A 266 -4.41 -11.51 19.07
CA HIS A 266 -5.35 -11.63 20.17
C HIS A 266 -6.52 -12.53 19.82
N LEU A 267 -6.94 -12.56 18.56
CA LEU A 267 -8.01 -13.44 18.13
C LEU A 267 -7.52 -14.88 18.09
N ALA A 268 -6.25 -15.08 17.72
CA ALA A 268 -5.65 -16.40 17.68
C ALA A 268 -5.48 -16.98 19.08
N ARG A 269 -5.23 -16.12 20.06
CA ARG A 269 -5.12 -16.54 21.45
C ARG A 269 -6.48 -16.69 22.11
N PHE A 270 -7.56 -16.30 21.43
CA PHE A 270 -8.91 -16.55 21.87
C PHE A 270 -9.44 -17.86 21.29
N LEU A 271 -9.22 -18.07 20.00
CA LEU A 271 -9.65 -19.29 19.34
C LEU A 271 -8.78 -20.47 19.77
N ARG A 272 -7.71 -20.19 20.49
CA ARG A 272 -6.91 -21.24 21.11
C ARG A 272 -7.47 -21.70 22.44
N MET A 273 -7.95 -20.78 23.28
CA MET A 273 -8.69 -21.18 24.47
C MET A 273 -9.98 -21.88 24.08
N LEU A 274 -10.63 -21.41 23.02
CA LEU A 274 -11.88 -22.04 22.57
C LEU A 274 -11.64 -23.48 22.14
N LEU A 275 -10.43 -23.79 21.69
CA LEU A 275 -10.08 -25.16 21.32
C LEU A 275 -9.60 -25.98 22.50
N ARG A 276 -8.87 -25.36 23.43
CA ARG A 276 -8.47 -26.06 24.64
C ARG A 276 -9.68 -26.52 25.44
N LEU A 277 -10.63 -25.61 25.64
CA LEU A 277 -11.84 -25.91 26.41
C LEU A 277 -12.67 -27.00 25.74
N ALA A 278 -12.60 -27.07 24.41
CA ALA A 278 -13.34 -28.08 23.66
C ALA A 278 -12.68 -29.43 23.62
N ASP A 279 -11.35 -29.48 23.53
CA ASP A 279 -10.63 -30.74 23.45
C ASP A 279 -10.23 -31.24 24.83
N GLU A 280 -10.58 -30.49 25.87
CA GLU A 280 -10.29 -30.93 27.23
C GLU A 280 -11.56 -31.30 27.97
N PHE A 281 -12.62 -30.52 27.80
CA PHE A 281 -13.89 -30.79 28.46
C PHE A 281 -14.84 -31.61 27.59
N GLY A 282 -14.56 -31.75 26.30
CA GLY A 282 -15.50 -32.40 25.41
C GLY A 282 -16.81 -31.66 25.34
N VAL A 283 -16.76 -30.37 24.96
CA VAL A 283 -17.95 -29.56 24.83
C VAL A 283 -18.06 -29.07 23.39
N ALA A 284 -19.21 -28.49 23.05
CA ALA A 284 -19.41 -27.99 21.70
C ALA A 284 -19.34 -26.47 21.69
N VAL A 285 -18.26 -25.91 21.16
CA VAL A 285 -18.06 -24.47 21.18
C VAL A 285 -18.71 -23.84 19.96
N VAL A 286 -20.01 -23.57 20.04
CA VAL A 286 -20.68 -22.80 19.00
C VAL A 286 -20.17 -21.37 19.10
N ILE A 287 -20.25 -20.62 18.01
CA ILE A 287 -19.62 -19.31 17.91
C ILE A 287 -20.28 -18.58 16.76
N THR A 288 -20.44 -17.25 16.88
CA THR A 288 -21.19 -16.50 15.89
C THR A 288 -20.30 -15.40 15.34
N ASN A 289 -20.33 -15.22 14.03
CA ASN A 289 -19.46 -14.27 13.35
C ASN A 289 -20.29 -13.19 12.68
N GLN A 290 -19.62 -12.08 12.37
CA GLN A 290 -20.21 -10.96 11.65
C GLN A 290 -19.77 -11.02 10.18
N VAL A 291 -20.07 -9.98 9.42
CA VAL A 291 -19.87 -9.99 7.98
C VAL A 291 -19.36 -8.62 7.54
N VAL A 292 -18.38 -8.61 6.63
CA VAL A 292 -17.90 -7.41 5.99
C VAL A 292 -18.13 -7.53 4.49
N ALA A 293 -18.65 -6.46 3.89
CA ALA A 293 -18.94 -6.43 2.46
C ALA A 293 -17.67 -6.09 1.70
N GLN A 294 -17.39 -6.85 0.64
CA GLN A 294 -16.24 -6.57 -0.21
C GLN A 294 -16.52 -5.38 -1.08
N VAL A 295 -16.09 -4.19 -0.66
CA VAL A 295 -16.42 -2.97 -1.40
C VAL A 295 -15.88 -2.95 -2.81
N ASP A 296 -14.73 -3.57 -3.03
CA ASP A 296 -14.16 -3.64 -4.36
C ASP A 296 -12.94 -4.51 -4.32
N GLY A 297 -12.20 -4.57 -5.43
CA GLY A 297 -11.07 -5.47 -5.48
C GLY A 297 -11.60 -6.88 -5.65
N ALA A 298 -12.54 -7.26 -4.79
CA ALA A 298 -13.15 -8.58 -4.90
C ALA A 298 -13.49 -8.83 -6.35
N ALA A 299 -13.68 -7.76 -7.12
CA ALA A 299 -13.95 -7.91 -8.54
C ALA A 299 -15.16 -8.80 -8.69
N MET A 300 -16.18 -8.55 -7.88
CA MET A 300 -17.38 -9.38 -7.92
C MET A 300 -18.46 -8.79 -8.81
N PHE A 301 -19.67 -9.30 -8.69
CA PHE A 301 -20.75 -8.85 -9.57
C PHE A 301 -22.11 -8.84 -8.87
N ALA A 302 -22.45 -9.94 -8.21
CA ALA A 302 -23.74 -10.02 -7.50
C ALA A 302 -23.90 -9.01 -6.38
N ALA A 303 -25.03 -9.11 -5.68
CA ALA A 303 -25.30 -8.16 -4.60
C ALA A 303 -24.32 -8.26 -3.46
N ASP A 304 -23.69 -7.15 -3.10
CA ASP A 304 -22.75 -7.11 -1.98
C ASP A 304 -22.24 -8.48 -1.51
N PRO A 305 -21.44 -9.15 -2.34
CA PRO A 305 -20.88 -10.39 -1.83
C PRO A 305 -20.26 -10.14 -0.47
N LYS A 306 -20.61 -10.96 0.51
CA LYS A 306 -20.14 -10.72 1.87
C LYS A 306 -19.23 -11.83 2.37
N LYS A 307 -18.20 -11.45 3.10
CA LYS A 307 -17.27 -12.42 3.65
C LYS A 307 -17.17 -12.26 5.16
N PRO A 308 -16.88 -13.34 5.89
CA PRO A 308 -16.75 -13.23 7.34
C PRO A 308 -15.60 -12.32 7.74
N ILE A 309 -15.76 -11.64 8.86
CA ILE A 309 -14.65 -10.88 9.43
C ILE A 309 -13.84 -11.81 10.32
N GLY A 310 -12.59 -11.45 10.54
CA GLY A 310 -11.71 -12.30 11.32
C GLY A 310 -10.46 -12.66 10.55
N GLY A 311 -10.52 -12.53 9.22
CA GLY A 311 -9.39 -12.78 8.37
C GLY A 311 -9.17 -14.27 8.17
N ASN A 312 -7.90 -14.67 8.11
CA ASN A 312 -7.51 -16.05 7.89
C ASN A 312 -7.19 -16.79 9.18
N ILE A 313 -7.43 -16.17 10.34
CA ILE A 313 -7.16 -16.81 11.62
C ILE A 313 -8.45 -17.31 12.27
N ILE A 314 -9.60 -16.91 11.74
CA ILE A 314 -10.86 -17.48 12.18
C ILE A 314 -11.34 -18.45 11.11
N ALA A 315 -10.68 -18.44 9.97
CA ALA A 315 -11.00 -19.33 8.86
C ALA A 315 -10.41 -20.72 9.03
N HIS A 316 -9.19 -20.83 9.53
CA HIS A 316 -8.57 -22.14 9.73
C HIS A 316 -8.90 -22.70 11.10
N ALA A 317 -9.04 -21.84 12.11
CA ALA A 317 -9.33 -22.30 13.45
C ALA A 317 -10.70 -22.98 13.53
N SER A 318 -11.69 -22.40 12.87
CA SER A 318 -13.04 -22.97 12.90
C SER A 318 -13.06 -24.30 12.16
N THR A 319 -13.62 -25.32 12.80
CA THR A 319 -13.73 -26.63 12.19
C THR A 319 -14.83 -26.66 11.14
N THR A 320 -16.01 -26.18 11.48
CA THR A 320 -17.11 -26.07 10.55
C THR A 320 -17.62 -24.63 10.52
N ARG A 321 -18.08 -24.20 9.34
CA ARG A 321 -18.57 -22.84 9.15
C ARG A 321 -19.94 -22.94 8.50
N LEU A 322 -20.94 -22.33 9.09
CA LEU A 322 -22.26 -22.30 8.50
C LEU A 322 -22.60 -20.88 8.05
N TYR A 323 -23.31 -20.78 6.93
CA TYR A 323 -23.63 -19.50 6.30
C TYR A 323 -25.14 -19.29 6.36
N LEU A 324 -25.59 -18.55 7.36
CA LEU A 324 -27.01 -18.20 7.44
C LEU A 324 -27.32 -17.08 6.47
N ARG A 325 -28.21 -17.36 5.52
CA ARG A 325 -28.69 -16.38 4.56
C ARG A 325 -30.20 -16.23 4.75
N LYS A 326 -30.79 -15.23 4.13
CA LYS A 326 -32.22 -14.98 4.26
C LYS A 326 -32.92 -15.20 2.94
N GLY A 327 -34.12 -15.78 3.02
CA GLY A 327 -35.00 -15.97 1.89
C GLY A 327 -36.26 -15.13 2.05
N ARG A 328 -37.39 -15.81 2.11
CA ARG A 328 -38.68 -15.14 2.25
C ARG A 328 -38.95 -14.78 3.71
N GLY A 329 -40.19 -14.42 4.01
CA GLY A 329 -40.59 -13.85 5.29
C GLY A 329 -39.96 -14.45 6.53
N GLU A 330 -40.16 -15.74 6.76
CA GLU A 330 -39.57 -16.38 7.92
C GLU A 330 -38.83 -17.65 7.52
N THR A 331 -38.22 -17.65 6.33
CA THR A 331 -37.52 -18.82 5.81
C THR A 331 -36.09 -18.41 5.46
N ARG A 332 -35.15 -18.84 6.30
CA ARG A 332 -33.74 -18.58 6.05
C ARG A 332 -33.11 -19.75 5.31
N ILE A 333 -31.82 -19.63 5.02
CA ILE A 333 -31.07 -20.65 4.29
C ILE A 333 -29.78 -20.93 5.05
N CYS A 334 -29.30 -22.17 4.98
CA CYS A 334 -28.05 -22.50 5.66
C CYS A 334 -27.18 -23.37 4.76
N LYS A 335 -25.99 -22.88 4.42
CA LYS A 335 -25.08 -23.61 3.54
C LYS A 335 -23.79 -23.88 4.32
N ILE A 336 -23.34 -25.13 4.27
CA ILE A 336 -22.09 -25.48 4.93
C ILE A 336 -20.93 -24.87 4.16
N TYR A 337 -20.34 -23.81 4.71
CA TYR A 337 -19.21 -23.17 4.05
C TYR A 337 -17.99 -24.07 4.04
N ASP A 338 -17.48 -24.41 5.20
CA ASP A 338 -16.27 -25.22 5.34
C ASP A 338 -16.55 -26.30 6.38
N SER A 339 -16.20 -27.53 6.05
CA SER A 339 -16.30 -28.63 7.00
C SER A 339 -15.48 -29.82 6.52
N PRO A 340 -14.74 -30.48 7.39
CA PRO A 340 -13.82 -31.52 6.91
C PRO A 340 -14.49 -32.86 6.69
N CYS A 341 -15.79 -32.96 6.95
CA CYS A 341 -16.47 -34.24 6.78
C CYS A 341 -17.80 -34.10 6.05
N LEU A 342 -18.42 -32.91 6.11
CA LEU A 342 -19.78 -32.75 5.61
C LEU A 342 -19.78 -32.19 4.21
N PRO A 343 -20.57 -32.74 3.29
CA PRO A 343 -20.62 -32.20 1.94
C PRO A 343 -21.22 -30.81 1.94
N GLU A 344 -20.78 -29.99 0.99
CA GLU A 344 -21.28 -28.63 0.86
C GLU A 344 -22.73 -28.68 0.39
N ALA A 345 -23.66 -28.45 1.31
CA ALA A 345 -25.07 -28.58 1.00
C ALA A 345 -25.80 -27.26 1.29
N GLU A 346 -27.13 -27.28 1.24
CA GLU A 346 -27.91 -26.08 1.47
C GLU A 346 -29.28 -26.42 2.01
N ALA A 347 -29.46 -26.25 3.31
CA ALA A 347 -30.76 -26.56 3.93
C ALA A 347 -31.62 -25.31 4.07
N MET A 348 -32.71 -25.41 4.82
CA MET A 348 -33.60 -24.29 5.02
C MET A 348 -34.31 -24.37 6.35
N PHE A 349 -34.43 -23.26 7.06
CA PHE A 349 -35.06 -23.26 8.36
C PHE A 349 -35.91 -22.03 8.59
N ALA A 350 -36.64 -22.01 9.70
CA ALA A 350 -37.50 -20.89 10.01
C ALA A 350 -37.35 -20.48 11.46
N ILE A 351 -37.27 -19.19 11.73
CA ILE A 351 -37.08 -18.73 13.11
C ILE A 351 -38.26 -19.13 13.97
N ASN A 352 -39.47 -19.07 13.43
CA ASN A 352 -40.66 -19.47 14.18
C ASN A 352 -40.80 -18.75 15.49
N ALA A 353 -41.80 -19.13 16.29
CA ALA A 353 -42.01 -18.49 17.58
C ALA A 353 -41.49 -19.37 18.70
N ASP A 354 -41.24 -20.63 18.39
CA ASP A 354 -40.73 -21.57 19.40
C ASP A 354 -39.26 -21.85 19.15
N GLY A 355 -38.60 -20.97 18.42
CA GLY A 355 -37.19 -21.15 18.14
C GLY A 355 -36.95 -21.74 16.78
N VAL A 356 -35.70 -21.78 16.35
CA VAL A 356 -35.40 -22.28 15.02
C VAL A 356 -36.08 -23.62 14.82
N GLY A 357 -36.80 -23.75 13.72
CA GLY A 357 -37.49 -24.99 13.44
C GLY A 357 -37.53 -25.18 11.94
N ASP A 358 -38.68 -25.57 11.41
CA ASP A 358 -38.81 -25.75 9.98
C ASP A 358 -40.14 -25.23 9.47
N PRO B 44 48.96 -28.34 -9.20
CA PRO B 44 48.62 -29.64 -9.76
C PRO B 44 49.75 -30.66 -9.60
N GLN B 45 50.84 -30.28 -8.95
CA GLN B 45 51.92 -31.21 -8.66
C GLN B 45 51.70 -31.88 -7.31
N PRO B 46 51.64 -33.20 -7.27
CA PRO B 46 51.55 -33.89 -5.98
C PRO B 46 52.82 -33.76 -5.13
N ILE B 47 52.85 -34.45 -3.99
CA ILE B 47 53.97 -34.39 -3.04
C ILE B 47 55.23 -35.03 -3.63
N SER B 48 55.13 -35.57 -4.83
CA SER B 48 56.20 -36.37 -5.44
C SER B 48 57.56 -35.66 -5.40
N ARG B 49 57.60 -34.40 -5.83
CA ARG B 49 58.88 -33.69 -5.88
C ARG B 49 59.33 -33.27 -4.48
N LEU B 50 58.37 -33.11 -3.56
CA LEU B 50 58.70 -32.64 -2.22
C LEU B 50 59.54 -33.67 -1.46
N GLU B 51 59.27 -34.95 -1.68
CA GLU B 51 59.88 -36.02 -0.89
C GLU B 51 61.29 -36.38 -1.35
N GLN B 52 61.91 -35.53 -2.16
CA GLN B 52 63.23 -35.81 -2.72
C GLN B 52 64.23 -34.80 -2.18
N CYS B 53 65.44 -34.83 -2.77
CA CYS B 53 66.55 -34.00 -2.34
C CYS B 53 66.94 -34.30 -0.89
N GLY B 54 67.39 -35.52 -0.63
CA GLY B 54 67.84 -35.92 0.70
C GLY B 54 66.72 -35.94 1.72
N ILE B 55 65.56 -36.46 1.33
CA ILE B 55 64.38 -36.49 2.19
C ILE B 55 63.83 -37.90 2.21
N ASN B 56 63.64 -38.44 3.41
CA ASN B 56 62.96 -39.72 3.60
C ASN B 56 61.46 -39.45 3.48
N ALA B 57 60.76 -40.32 2.76
CA ALA B 57 59.39 -40.04 2.32
C ALA B 57 58.35 -40.24 3.41
N ASN B 58 58.75 -40.67 4.60
CA ASN B 58 57.80 -41.08 5.62
C ASN B 58 56.85 -39.96 6.05
N ASP B 59 57.28 -38.71 5.94
CA ASP B 59 56.49 -37.60 6.45
C ASP B 59 55.32 -37.28 5.52
N VAL B 60 55.44 -37.65 4.25
CA VAL B 60 54.45 -37.22 3.26
C VAL B 60 53.11 -37.88 3.55
N LYS B 61 53.12 -39.13 4.02
CA LYS B 61 51.86 -39.79 4.38
C LYS B 61 51.24 -39.13 5.60
N LYS B 62 52.08 -38.78 6.59
CA LYS B 62 51.59 -38.09 7.77
C LYS B 62 50.93 -36.77 7.39
N LEU B 63 51.49 -36.10 6.38
CA LEU B 63 50.89 -34.87 5.88
C LEU B 63 49.58 -35.15 5.15
N GLU B 64 49.58 -36.15 4.28
CA GLU B 64 48.43 -36.51 3.46
C GLU B 64 47.22 -36.87 4.29
N GLU B 65 47.43 -37.53 5.43
CA GLU B 65 46.30 -37.91 6.27
C GLU B 65 45.46 -36.70 6.66
N ALA B 66 46.12 -35.57 6.93
CA ALA B 66 45.42 -34.35 7.32
C ALA B 66 44.52 -33.83 6.21
N GLY B 67 45.01 -33.89 4.97
CA GLY B 67 44.27 -33.36 3.85
C GLY B 67 45.15 -32.64 2.85
N TYR B 68 46.44 -32.57 3.14
CA TYR B 68 47.41 -31.92 2.25
C TYR B 68 47.88 -32.88 1.17
N HIS B 69 46.93 -33.28 0.32
CA HIS B 69 47.21 -34.25 -0.75
C HIS B 69 48.03 -33.66 -1.88
N THR B 70 48.48 -32.41 -1.76
CA THR B 70 49.23 -31.75 -2.81
C THR B 70 50.04 -30.59 -2.25
N VAL B 71 51.23 -30.36 -2.78
CA VAL B 71 52.23 -29.46 -2.19
C VAL B 71 51.69 -28.03 -2.11
N GLU B 72 50.90 -27.63 -3.10
CA GLU B 72 50.38 -26.27 -3.13
C GLU B 72 49.39 -26.03 -1.99
N ALA B 73 48.97 -27.10 -1.32
CA ALA B 73 48.20 -26.97 -0.09
C ALA B 73 49.09 -26.85 1.14
N VAL B 74 50.27 -27.46 1.13
CA VAL B 74 51.27 -27.25 2.16
C VAL B 74 51.77 -25.82 2.16
N ALA B 75 52.04 -25.28 0.97
CA ALA B 75 52.58 -23.92 0.87
C ALA B 75 51.57 -22.88 1.31
N TYR B 76 50.29 -23.14 1.12
CA TYR B 76 49.23 -22.21 1.48
C TYR B 76 48.78 -22.38 2.93
N ALA B 77 49.63 -22.97 3.78
CA ALA B 77 49.27 -23.26 5.16
C ALA B 77 50.33 -22.73 6.11
N PRO B 78 49.93 -22.19 7.26
CA PRO B 78 50.89 -21.57 8.17
C PRO B 78 51.67 -22.60 8.97
N LYS B 79 52.50 -22.07 9.89
CA LYS B 79 53.30 -22.92 10.77
C LYS B 79 52.42 -23.78 11.67
N LYS B 80 51.45 -23.16 12.35
CA LYS B 80 50.65 -23.88 13.32
C LYS B 80 49.45 -24.56 12.67
N GLU B 81 49.69 -25.25 11.55
CA GLU B 81 48.74 -26.19 11.00
C GLU B 81 49.51 -27.37 10.42
N LEU B 82 50.83 -27.30 10.52
CA LEU B 82 51.72 -28.40 10.15
C LEU B 82 52.64 -28.69 11.33
N ILE B 83 52.55 -27.86 12.37
CA ILE B 83 53.28 -28.09 13.60
C ILE B 83 52.34 -28.81 14.55
N ASN B 84 51.04 -28.73 14.27
CA ASN B 84 50.03 -29.44 15.04
C ASN B 84 49.68 -30.80 14.45
N ILE B 85 50.30 -31.17 13.32
CA ILE B 85 50.10 -32.51 12.78
C ILE B 85 50.66 -33.55 13.72
N LYS B 86 51.79 -33.25 14.36
CA LYS B 86 52.37 -34.05 15.43
C LYS B 86 52.81 -35.43 14.92
N GLY B 87 53.43 -35.45 13.74
CA GLY B 87 53.96 -36.69 13.22
C GLY B 87 55.46 -36.52 13.33
N ILE B 88 56.00 -35.50 12.68
CA ILE B 88 57.42 -35.21 12.82
C ILE B 88 57.55 -33.75 13.20
N SER B 89 56.84 -32.87 12.49
CA SER B 89 56.84 -31.46 12.84
C SER B 89 58.23 -30.88 13.01
N GLU B 90 58.36 -29.89 13.90
CA GLU B 90 59.67 -29.30 14.17
C GLU B 90 60.41 -28.89 12.92
N ALA B 91 61.68 -29.27 12.83
CA ALA B 91 62.50 -28.88 11.69
C ALA B 91 61.89 -29.38 10.39
N LYS B 92 61.30 -30.57 10.43
CA LYS B 92 60.69 -31.10 9.23
C LYS B 92 59.59 -30.16 8.78
N ALA B 93 58.76 -29.70 9.72
CA ALA B 93 57.70 -28.77 9.38
C ALA B 93 58.31 -27.55 8.71
N ASP B 94 59.44 -27.10 9.21
CA ASP B 94 60.12 -25.98 8.58
C ASP B 94 60.67 -26.40 7.23
N LYS B 95 61.53 -27.41 7.22
CA LYS B 95 62.14 -27.85 5.97
C LYS B 95 61.09 -28.11 4.90
N ILE B 96 59.96 -28.73 5.26
CA ILE B 96 58.94 -28.99 4.25
C ILE B 96 58.32 -27.68 3.78
N LEU B 97 58.16 -26.70 4.69
CA LEU B 97 57.70 -25.39 4.25
C LEU B 97 58.67 -24.73 3.27
N THR B 98 59.97 -24.73 3.60
CA THR B 98 60.95 -24.11 2.71
C THR B 98 61.02 -24.82 1.37
N GLU B 99 60.93 -26.14 1.38
CA GLU B 99 60.97 -26.89 0.13
C GLU B 99 59.70 -26.72 -0.70
N ALA B 100 58.55 -26.59 -0.05
CA ALA B 100 57.32 -26.27 -0.77
C ALA B 100 57.42 -24.90 -1.41
N ALA B 101 58.05 -23.95 -0.72
CA ALA B 101 58.21 -22.59 -1.24
C ALA B 101 58.90 -22.57 -2.59
N LYS B 102 59.88 -23.45 -2.79
CA LYS B 102 60.64 -23.47 -4.03
C LYS B 102 59.80 -23.86 -5.25
N LEU B 103 58.96 -24.88 -5.12
CA LEU B 103 58.22 -25.38 -6.27
C LEU B 103 57.16 -24.40 -6.75
N VAL B 104 56.33 -23.89 -5.85
CA VAL B 104 55.24 -22.98 -6.21
C VAL B 104 55.74 -21.55 -6.04
N PRO B 105 55.72 -20.73 -7.08
CA PRO B 105 56.14 -19.33 -6.92
C PRO B 105 55.27 -18.61 -5.90
N MET B 106 55.92 -17.85 -5.03
CA MET B 106 55.22 -17.13 -3.98
C MET B 106 55.68 -15.70 -3.80
N GLY B 107 56.68 -15.25 -4.56
CA GLY B 107 57.24 -13.93 -4.43
C GLY B 107 56.44 -12.89 -5.17
N PHE B 108 57.10 -11.79 -5.50
CA PHE B 108 56.46 -10.67 -6.18
C PHE B 108 56.51 -10.86 -7.69
N THR B 109 55.59 -10.20 -8.37
CA THR B 109 55.52 -10.20 -9.82
C THR B 109 54.95 -8.86 -10.27
N THR B 110 55.30 -8.47 -11.50
CA THR B 110 54.69 -7.28 -12.07
C THR B 110 53.24 -7.54 -12.42
N ALA B 111 52.49 -6.46 -12.63
CA ALA B 111 51.10 -6.60 -13.05
C ALA B 111 50.99 -6.60 -14.58
N THR B 112 51.86 -7.41 -15.18
CA THR B 112 51.74 -7.79 -16.58
C THR B 112 51.82 -9.31 -16.66
N GLU B 113 52.71 -9.89 -15.85
CA GLU B 113 52.76 -11.32 -15.65
C GLU B 113 51.53 -11.83 -14.93
N PHE B 114 50.74 -10.94 -14.34
CA PHE B 114 49.41 -11.27 -13.82
C PHE B 114 48.31 -10.97 -14.81
N HIS B 115 48.44 -9.90 -15.59
CA HIS B 115 47.47 -9.66 -16.66
C HIS B 115 47.44 -10.78 -17.67
N GLN B 116 48.57 -11.42 -17.97
CA GLN B 116 48.56 -12.56 -18.88
C GLN B 116 47.71 -13.69 -18.31
N ARG B 117 48.00 -14.09 -17.07
CA ARG B 117 47.34 -15.24 -16.45
C ARG B 117 45.91 -14.91 -16.06
N ARG B 118 45.56 -13.62 -16.07
CA ARG B 118 44.17 -13.22 -15.91
C ARG B 118 43.46 -13.09 -17.24
N SER B 119 44.20 -12.93 -18.34
CA SER B 119 43.61 -12.92 -19.68
C SER B 119 43.53 -14.33 -20.27
N GLU B 120 44.10 -15.32 -19.60
CA GLU B 120 43.96 -16.72 -20.01
C GLU B 120 43.05 -17.49 -19.06
N ILE B 121 41.95 -16.86 -18.66
CA ILE B 121 40.97 -17.47 -17.76
C ILE B 121 39.91 -18.18 -18.59
N ILE B 122 39.16 -19.09 -17.97
CA ILE B 122 38.28 -20.00 -18.69
C ILE B 122 36.86 -19.45 -18.85
N GLN B 123 36.22 -19.06 -17.75
CA GLN B 123 34.90 -18.43 -17.79
C GLN B 123 33.85 -19.31 -18.47
N ILE B 124 33.50 -20.42 -17.83
CA ILE B 124 32.51 -21.37 -18.34
C ILE B 124 31.17 -20.67 -18.50
N THR B 125 30.43 -21.02 -19.56
CA THR B 125 29.19 -20.36 -19.92
C THR B 125 28.10 -20.62 -18.89
N THR B 126 27.28 -19.59 -18.64
CA THR B 126 26.13 -19.71 -17.75
C THR B 126 24.98 -20.48 -18.39
N GLY B 127 24.70 -20.24 -19.66
CA GLY B 127 23.60 -20.91 -20.33
C GLY B 127 22.73 -19.99 -21.15
N SER B 128 22.70 -18.71 -20.78
CA SER B 128 21.91 -17.72 -21.50
C SER B 128 22.84 -16.76 -22.24
N LYS B 129 22.25 -15.81 -22.96
CA LYS B 129 23.05 -14.81 -23.66
C LYS B 129 22.92 -13.42 -23.07
N GLU B 130 21.94 -13.16 -22.20
CA GLU B 130 21.85 -11.91 -21.48
C GLU B 130 22.54 -11.94 -20.13
N LEU B 131 22.63 -13.12 -19.49
CA LEU B 131 23.41 -13.28 -18.27
C LEU B 131 24.91 -13.28 -18.59
N ASP B 132 25.28 -13.89 -19.72
CA ASP B 132 26.69 -13.89 -20.14
C ASP B 132 27.20 -12.49 -20.38
N LYS B 133 26.44 -11.67 -21.10
CA LYS B 133 26.85 -10.32 -21.43
C LYS B 133 26.76 -9.38 -20.23
N LEU B 134 26.43 -9.93 -19.08
CA LEU B 134 26.41 -9.24 -17.80
C LEU B 134 27.57 -9.67 -16.89
N LEU B 135 27.97 -10.94 -16.95
CA LEU B 135 29.18 -11.40 -16.28
C LEU B 135 30.40 -11.34 -17.18
N GLN B 136 30.27 -10.71 -18.36
CA GLN B 136 31.34 -10.66 -19.35
C GLN B 136 31.84 -12.06 -19.68
N GLY B 137 30.90 -13.00 -19.79
CA GLY B 137 31.19 -14.37 -20.16
C GLY B 137 31.18 -15.30 -18.97
N GLY B 138 30.04 -15.94 -18.73
CA GLY B 138 29.92 -17.00 -17.77
C GLY B 138 30.47 -16.75 -16.37
N ILE B 139 30.73 -17.83 -15.65
CA ILE B 139 31.25 -17.76 -14.29
C ILE B 139 32.78 -17.78 -14.35
N GLU B 140 33.41 -16.79 -13.74
CA GLU B 140 34.86 -16.69 -13.78
C GLU B 140 35.50 -17.85 -13.03
N THR B 141 36.65 -18.28 -13.51
CA THR B 141 37.36 -19.43 -12.95
C THR B 141 38.43 -18.97 -11.97
N GLY B 142 38.45 -19.61 -10.81
CA GLY B 142 39.42 -19.31 -9.78
C GLY B 142 38.92 -18.44 -8.65
N SER B 143 37.62 -18.33 -8.45
CA SER B 143 37.08 -17.43 -7.44
C SER B 143 35.67 -17.85 -7.10
N ILE B 144 35.30 -17.68 -5.83
CA ILE B 144 33.96 -18.03 -5.38
C ILE B 144 32.94 -17.09 -5.99
N THR B 145 31.73 -17.61 -6.24
CA THR B 145 30.67 -16.86 -6.92
C THR B 145 29.35 -17.19 -6.23
N GLU B 146 28.97 -16.35 -5.28
CA GLU B 146 27.73 -16.58 -4.54
C GLU B 146 26.53 -16.18 -5.38
N MET B 147 25.46 -16.98 -5.29
CA MET B 147 24.20 -16.72 -5.96
C MET B 147 23.07 -16.85 -4.95
N PHE B 148 22.76 -15.77 -4.25
CA PHE B 148 21.69 -15.83 -3.25
C PHE B 148 20.36 -15.43 -3.87
N GLY B 149 19.34 -15.34 -3.03
CA GLY B 149 18.01 -15.04 -3.50
C GLY B 149 16.95 -15.88 -2.78
N GLU B 150 15.71 -15.43 -2.81
CA GLU B 150 14.65 -16.15 -2.13
C GLU B 150 14.36 -17.48 -2.83
N PHE B 151 13.37 -18.20 -2.35
CA PHE B 151 12.99 -19.46 -2.96
C PHE B 151 12.40 -19.21 -4.35
N ARG B 152 12.50 -20.24 -5.21
CA ARG B 152 11.90 -20.25 -6.55
C ARG B 152 12.63 -19.34 -7.52
N THR B 153 13.69 -18.67 -7.07
CA THR B 153 14.39 -17.72 -7.94
C THR B 153 15.06 -18.42 -9.12
N GLY B 154 15.64 -19.58 -8.87
CA GLY B 154 16.31 -20.31 -9.95
C GLY B 154 17.77 -20.57 -9.68
N LYS B 155 18.14 -20.65 -8.40
CA LYS B 155 19.54 -20.77 -8.02
C LYS B 155 20.03 -22.21 -7.94
N THR B 156 19.14 -23.20 -7.88
CA THR B 156 19.53 -24.59 -8.04
C THR B 156 19.22 -25.09 -9.45
N GLN B 157 18.83 -24.19 -10.35
CA GLN B 157 18.65 -24.53 -11.76
C GLN B 157 19.76 -23.92 -12.60
N ILE B 158 20.38 -22.83 -12.15
CA ILE B 158 21.63 -22.34 -12.70
C ILE B 158 22.77 -23.32 -12.44
N CYS B 159 22.76 -23.98 -11.29
CA CYS B 159 23.80 -24.93 -10.94
C CYS B 159 23.60 -26.28 -11.62
N HIS B 160 22.45 -26.51 -12.24
CA HIS B 160 22.25 -27.70 -13.06
C HIS B 160 22.69 -27.53 -14.50
N THR B 161 22.46 -26.35 -15.08
CA THR B 161 22.97 -26.09 -16.42
C THR B 161 24.47 -25.79 -16.37
N LEU B 162 24.95 -25.27 -15.24
CA LEU B 162 26.37 -24.99 -15.10
C LEU B 162 27.16 -26.28 -14.97
N ALA B 163 26.52 -27.33 -14.47
CA ALA B 163 27.16 -28.64 -14.36
C ALA B 163 27.10 -29.40 -15.67
N VAL B 164 26.48 -28.84 -16.71
CA VAL B 164 26.44 -29.44 -18.03
C VAL B 164 27.37 -28.65 -18.95
N THR B 165 27.35 -27.33 -18.80
CA THR B 165 28.18 -26.48 -19.65
C THR B 165 29.67 -26.64 -19.38
N CYS B 166 30.05 -27.21 -18.23
CA CYS B 166 31.46 -27.46 -17.96
C CYS B 166 32.07 -28.42 -18.98
N GLN B 167 31.35 -29.49 -19.28
CA GLN B 167 31.89 -30.53 -20.16
C GLN B 167 32.00 -30.05 -21.59
N LEU B 168 31.44 -28.88 -21.91
CA LEU B 168 31.52 -28.35 -23.25
C LEU B 168 32.98 -28.02 -23.61
N PRO B 169 33.32 -28.03 -24.89
CA PRO B 169 34.65 -27.59 -25.30
C PRO B 169 34.85 -26.11 -25.00
N ILE B 170 36.12 -25.74 -24.79
CA ILE B 170 36.44 -24.36 -24.44
C ILE B 170 36.02 -23.36 -25.51
N ASP B 171 35.95 -23.78 -26.77
CA ASP B 171 35.47 -22.90 -27.83
C ASP B 171 34.01 -22.50 -27.67
N ARG B 172 33.15 -23.45 -27.30
CA ARG B 172 31.74 -23.15 -27.09
C ARG B 172 31.46 -22.53 -25.73
N GLY B 173 32.44 -22.57 -24.82
CA GLY B 173 32.27 -21.94 -23.53
C GLY B 173 32.28 -22.89 -22.35
N GLY B 174 33.05 -23.96 -22.43
CA GLY B 174 33.15 -24.91 -21.34
C GLY B 174 34.48 -24.76 -20.62
N GLY B 175 34.87 -25.83 -19.94
CA GLY B 175 36.17 -25.90 -19.32
C GLY B 175 36.85 -27.20 -19.65
N GLU B 176 36.16 -28.04 -20.42
CA GLU B 176 36.65 -29.36 -20.82
C GLU B 176 37.06 -30.17 -19.60
N GLY B 177 36.24 -30.07 -18.56
CA GLY B 177 36.51 -30.78 -17.33
C GLY B 177 35.35 -31.64 -16.87
N LYS B 178 35.01 -31.53 -15.60
CA LYS B 178 33.92 -32.30 -15.02
C LYS B 178 33.47 -31.65 -13.71
N ALA B 179 32.17 -31.65 -13.45
CA ALA B 179 31.65 -30.86 -12.33
C ALA B 179 31.80 -31.55 -10.99
N MET B 180 31.23 -30.93 -9.96
CA MET B 180 31.22 -31.43 -8.60
C MET B 180 30.03 -30.84 -7.86
N TYR B 181 29.06 -31.66 -7.51
CA TYR B 181 27.85 -31.18 -6.87
C TYR B 181 27.84 -31.67 -5.43
N ILE B 182 27.81 -30.74 -4.48
CA ILE B 182 27.94 -31.06 -3.06
C ILE B 182 26.61 -30.64 -2.42
N ASP B 183 25.52 -30.88 -3.14
CA ASP B 183 24.16 -30.61 -2.68
C ASP B 183 23.99 -30.96 -1.20
N THR B 184 23.48 -29.99 -0.43
CA THR B 184 23.26 -30.16 1.01
C THR B 184 21.80 -29.95 1.40
N GLU B 185 20.87 -30.11 0.46
CA GLU B 185 19.46 -29.89 0.76
C GLU B 185 18.62 -31.06 0.26
N GLY B 186 19.12 -31.78 -0.74
CA GLY B 186 18.44 -32.91 -1.33
C GLY B 186 17.87 -32.65 -2.71
N THR B 187 17.98 -31.42 -3.20
CA THR B 187 17.38 -31.05 -4.49
C THR B 187 18.43 -31.10 -5.60
N PHE B 188 18.88 -32.32 -5.89
CA PHE B 188 19.71 -32.59 -7.06
C PHE B 188 18.96 -33.60 -7.91
N ARG B 189 18.45 -33.14 -9.06
CA ARG B 189 17.72 -34.01 -9.96
C ARG B 189 18.57 -34.30 -11.19
N PRO B 190 19.09 -35.52 -11.36
CA PRO B 190 19.82 -35.83 -12.59
C PRO B 190 18.88 -36.10 -13.75
N GLU B 191 17.86 -35.24 -13.89
CA GLU B 191 16.97 -35.27 -15.03
C GLU B 191 16.94 -33.91 -15.72
N ARG B 192 17.59 -32.91 -15.14
CA ARG B 192 17.80 -31.62 -15.79
C ARG B 192 19.15 -31.56 -16.49
N LEU B 193 20.13 -32.33 -16.03
CA LEU B 193 21.41 -32.44 -16.73
C LEU B 193 21.20 -33.25 -18.00
N LEU B 194 20.07 -33.96 -18.09
CA LEU B 194 19.70 -34.65 -19.31
C LEU B 194 18.78 -33.79 -20.18
N ALA B 195 18.36 -32.63 -19.69
CA ALA B 195 17.62 -31.67 -20.50
C ALA B 195 18.50 -30.56 -21.05
N VAL B 196 19.52 -30.14 -20.32
CA VAL B 196 20.51 -29.22 -20.88
C VAL B 196 21.34 -29.92 -21.94
N ALA B 197 21.70 -31.18 -21.69
CA ALA B 197 22.50 -31.95 -22.62
C ALA B 197 21.80 -32.10 -23.95
N GLU B 198 20.48 -32.28 -23.93
CA GLU B 198 19.72 -32.40 -25.18
C GLU B 198 19.76 -31.09 -25.97
N ARG B 199 19.69 -29.96 -25.27
CA ARG B 199 19.82 -28.67 -25.94
C ARG B 199 21.19 -28.56 -26.58
N TYR B 200 22.22 -28.97 -25.85
CA TYR B 200 23.56 -29.02 -26.42
C TYR B 200 23.76 -30.28 -27.24
N GLY B 201 25.00 -30.57 -27.62
CA GLY B 201 25.27 -31.74 -28.42
C GLY B 201 25.68 -32.94 -27.60
N LEU B 202 25.88 -32.73 -26.30
CA LEU B 202 26.32 -33.79 -25.39
C LEU B 202 25.35 -34.96 -25.38
N SER B 203 25.89 -36.18 -25.38
CA SER B 203 25.10 -37.39 -25.51
C SER B 203 24.10 -37.54 -24.36
N GLY B 204 24.53 -37.26 -23.15
CA GLY B 204 23.68 -37.34 -21.98
C GLY B 204 24.16 -38.39 -21.00
N SER B 205 24.51 -39.56 -21.51
CA SER B 205 25.06 -40.61 -20.66
C SER B 205 26.49 -40.33 -20.23
N ASP B 206 27.17 -39.40 -20.89
CA ASP B 206 28.50 -38.98 -20.51
C ASP B 206 28.53 -37.70 -19.71
N VAL B 207 27.56 -36.80 -19.92
CA VAL B 207 27.47 -35.60 -19.10
C VAL B 207 26.89 -36.00 -17.76
N LEU B 208 26.12 -37.09 -17.73
CA LEU B 208 25.62 -37.62 -16.47
C LEU B 208 26.63 -38.53 -15.81
N ASP B 209 27.79 -38.72 -16.43
CA ASP B 209 28.84 -39.55 -15.89
C ASP B 209 30.04 -38.77 -15.38
N ASN B 210 30.17 -37.50 -15.75
CA ASN B 210 31.28 -36.67 -15.29
C ASN B 210 30.94 -35.99 -13.95
N VAL B 211 29.69 -35.59 -13.78
CA VAL B 211 29.24 -34.95 -12.54
C VAL B 211 29.46 -35.89 -11.36
N ALA B 212 30.09 -35.37 -10.31
CA ALA B 212 30.40 -36.16 -9.12
C ALA B 212 29.53 -35.65 -7.97
N TYR B 213 28.40 -36.30 -7.76
CA TYR B 213 27.45 -35.91 -6.74
C TYR B 213 27.94 -36.34 -5.35
N ALA B 214 27.54 -35.57 -4.35
CA ALA B 214 27.86 -35.87 -2.96
C ALA B 214 26.92 -35.10 -2.03
N ARG B 215 26.33 -35.79 -1.06
CA ARG B 215 25.34 -35.18 -0.18
C ARG B 215 25.95 -34.84 1.17
N GLY B 216 25.67 -33.64 1.65
CA GLY B 216 26.14 -33.20 2.95
C GLY B 216 25.01 -33.02 3.93
N PHE B 217 25.05 -33.75 5.05
CA PHE B 217 23.95 -33.72 6.00
C PHE B 217 24.16 -32.70 7.11
N ASN B 218 25.25 -32.82 7.86
CA ASN B 218 25.55 -31.82 8.87
C ASN B 218 26.66 -30.89 8.39
N THR B 219 26.92 -29.84 9.16
CA THR B 219 27.90 -28.84 8.82
C THR B 219 29.33 -29.36 8.91
N ASP B 220 29.55 -30.48 9.58
CA ASP B 220 30.86 -31.12 9.62
C ASP B 220 31.13 -31.98 8.41
N HIS B 221 30.14 -32.75 7.96
CA HIS B 221 30.30 -33.49 6.71
C HIS B 221 30.49 -32.54 5.54
N GLN B 222 29.92 -31.34 5.61
CA GLN B 222 30.06 -30.36 4.55
C GLN B 222 31.53 -29.98 4.33
N THR B 223 32.26 -29.77 5.42
CA THR B 223 33.67 -29.38 5.33
C THR B 223 34.60 -30.58 5.38
N GLN B 224 34.06 -31.78 5.60
CA GLN B 224 34.83 -33.01 5.43
C GLN B 224 34.75 -33.52 4.00
N LEU B 225 33.70 -33.17 3.26
CA LEU B 225 33.59 -33.47 1.85
C LEU B 225 34.55 -32.64 1.01
N LEU B 226 35.01 -31.51 1.53
CA LEU B 226 35.98 -30.68 0.84
C LEU B 226 37.39 -31.23 0.93
N TYR B 227 37.62 -32.21 1.81
CA TYR B 227 38.90 -32.90 1.89
C TYR B 227 38.98 -34.10 0.96
N GLN B 228 37.86 -34.81 0.75
CA GLN B 228 37.83 -35.88 -0.22
C GLN B 228 37.68 -35.37 -1.64
N ALA B 229 37.29 -34.10 -1.80
CA ALA B 229 37.20 -33.47 -3.11
C ALA B 229 38.56 -33.12 -3.68
N GLU B 230 39.46 -32.63 -2.85
CA GLU B 230 40.81 -32.21 -3.20
C GLU B 230 41.68 -33.36 -3.59
N ASP B 231 41.29 -34.58 -3.21
CA ASP B 231 42.01 -35.78 -3.60
C ASP B 231 41.47 -36.39 -4.88
N MET B 232 40.40 -35.84 -5.43
CA MET B 232 39.95 -36.25 -6.76
C MET B 232 40.10 -35.17 -7.81
N MET B 233 40.22 -33.90 -7.42
CA MET B 233 40.66 -32.90 -8.40
C MET B 233 42.14 -33.00 -8.70
N VAL B 234 42.89 -33.79 -7.93
CA VAL B 234 44.32 -33.97 -8.17
C VAL B 234 44.61 -35.16 -9.07
N GLU B 235 43.63 -36.04 -9.30
CA GLU B 235 43.83 -37.17 -10.19
C GLU B 235 42.97 -37.06 -11.44
N SER B 236 42.21 -35.97 -11.59
CA SER B 236 41.41 -35.69 -12.77
C SER B 236 41.01 -34.23 -12.74
N ARG B 237 40.97 -33.57 -13.88
CA ARG B 237 40.74 -32.13 -13.92
C ARG B 237 39.26 -31.85 -13.76
N TYR B 238 38.93 -30.94 -12.84
CA TYR B 238 37.57 -30.48 -12.62
C TYR B 238 37.47 -29.00 -12.96
N ALA B 239 36.37 -28.61 -13.59
CA ALA B 239 36.18 -27.23 -14.00
C ALA B 239 35.13 -26.50 -13.17
N LEU B 240 34.57 -27.14 -12.15
CA LEU B 240 33.55 -26.50 -11.33
C LEU B 240 33.45 -27.20 -9.99
N LEU B 241 32.89 -26.48 -9.02
CA LEU B 241 32.63 -27.03 -7.69
C LEU B 241 31.43 -26.29 -7.13
N ILE B 242 30.27 -26.93 -7.20
CA ILE B 242 29.01 -26.35 -6.73
C ILE B 242 28.74 -26.83 -5.33
N VAL B 243 28.44 -25.90 -4.43
CA VAL B 243 28.02 -26.24 -3.08
C VAL B 243 26.60 -25.73 -2.89
N ASP B 244 25.62 -26.58 -3.17
CA ASP B 244 24.22 -26.17 -3.13
C ASP B 244 23.79 -25.82 -1.71
N SER B 245 23.42 -24.55 -1.51
CA SER B 245 22.98 -24.03 -0.22
C SER B 245 24.06 -24.27 0.85
N ALA B 246 25.19 -23.61 0.62
CA ALA B 246 26.32 -23.72 1.53
C ALA B 246 25.93 -23.29 2.94
N THR B 247 25.18 -22.20 3.04
CA THR B 247 24.66 -21.73 4.34
C THR B 247 23.22 -22.19 4.49
N ALA B 248 23.04 -23.51 4.56
CA ALA B 248 21.72 -24.07 4.80
C ALA B 248 21.71 -24.89 6.08
N LEU B 249 22.78 -25.65 6.31
CA LEU B 249 22.90 -26.44 7.53
C LEU B 249 23.41 -25.62 8.70
N TYR B 250 24.13 -24.54 8.44
CA TYR B 250 24.56 -23.63 9.50
C TYR B 250 23.39 -22.92 10.15
N ARG B 251 22.27 -22.82 9.45
CA ARG B 251 21.08 -22.17 9.97
C ARG B 251 20.27 -23.05 10.91
N THR B 252 20.45 -24.38 10.84
CA THR B 252 19.71 -25.30 11.67
C THR B 252 20.57 -26.10 12.64
N ASP B 253 21.89 -26.07 12.49
CA ASP B 253 22.76 -26.78 13.41
C ASP B 253 23.24 -25.87 14.52
N TYR B 254 23.92 -24.79 14.16
CA TYR B 254 24.35 -23.81 15.16
C TYR B 254 23.21 -22.84 15.29
N SER B 255 22.29 -23.09 16.21
CA SER B 255 21.10 -22.25 16.31
C SER B 255 21.08 -21.30 17.50
N GLY B 256 20.79 -20.03 17.24
CA GLY B 256 20.68 -19.06 18.31
C GLY B 256 21.93 -18.26 18.64
N ARG B 257 21.75 -17.13 19.30
CA ARG B 257 22.92 -16.36 19.74
C ARG B 257 23.62 -17.21 20.77
N GLY B 258 24.93 -17.06 20.88
CA GLY B 258 25.68 -17.92 21.79
C GLY B 258 26.34 -18.94 20.91
N GLU B 259 25.76 -19.18 19.73
CA GLU B 259 26.37 -20.10 18.78
C GLU B 259 26.67 -19.33 17.51
N LEU B 260 26.33 -18.05 17.49
CA LEU B 260 26.63 -17.22 16.33
C LEU B 260 28.13 -17.16 16.14
N SER B 261 28.86 -16.91 17.21
CA SER B 261 30.31 -16.80 17.11
C SER B 261 30.92 -18.12 16.70
N ALA B 262 30.38 -19.22 17.21
CA ALA B 262 30.93 -20.53 16.90
C ALA B 262 30.52 -20.95 15.51
N ARG B 263 29.44 -20.37 15.00
CA ARG B 263 28.98 -20.68 13.66
C ARG B 263 29.80 -19.98 12.60
N GLN B 264 30.16 -18.71 12.85
CA GLN B 264 30.90 -17.92 11.89
C GLN B 264 32.39 -18.22 11.89
N MET B 265 32.86 -19.06 12.81
CA MET B 265 34.22 -19.59 12.71
C MET B 265 34.29 -20.93 12.01
N HIS B 266 33.19 -21.69 11.95
CA HIS B 266 33.08 -22.80 11.02
C HIS B 266 32.79 -22.32 9.60
N LEU B 267 31.96 -21.29 9.43
CA LEU B 267 31.67 -20.70 8.14
C LEU B 267 32.85 -19.92 7.58
N ALA B 268 33.83 -19.58 8.43
CA ALA B 268 35.05 -18.96 7.97
C ALA B 268 36.14 -19.96 7.61
N ARG B 269 36.16 -21.13 8.26
CA ARG B 269 37.08 -22.19 7.89
C ARG B 269 36.58 -23.01 6.72
N PHE B 270 35.28 -22.98 6.45
CA PHE B 270 34.71 -23.59 5.25
C PHE B 270 35.00 -22.74 4.02
N LEU B 271 34.72 -21.45 4.07
CA LEU B 271 34.93 -20.57 2.93
C LEU B 271 36.42 -20.39 2.63
N ARG B 272 37.27 -20.67 3.61
CA ARG B 272 38.71 -20.61 3.39
C ARG B 272 39.25 -21.84 2.70
N MET B 273 38.74 -23.02 3.02
CA MET B 273 39.04 -24.22 2.26
C MET B 273 38.45 -24.16 0.86
N LEU B 274 37.32 -23.48 0.70
CA LEU B 274 36.73 -23.28 -0.62
C LEU B 274 37.52 -22.32 -1.49
N LEU B 275 38.30 -21.42 -0.89
CA LEU B 275 39.12 -20.48 -1.64
C LEU B 275 40.49 -21.05 -1.94
N ARG B 276 40.93 -22.03 -1.16
CA ARG B 276 42.20 -22.70 -1.42
C ARG B 276 42.09 -23.74 -2.53
N LEU B 277 40.97 -24.45 -2.64
CA LEU B 277 40.71 -25.29 -3.81
C LEU B 277 40.66 -24.50 -5.10
N ALA B 278 39.98 -23.35 -5.11
CA ALA B 278 39.94 -22.52 -6.31
C ALA B 278 41.30 -21.94 -6.65
N ASP B 279 42.07 -21.55 -5.65
CA ASP B 279 43.42 -21.05 -5.90
C ASP B 279 44.33 -22.17 -6.40
N GLU B 280 44.02 -23.41 -6.04
CA GLU B 280 44.95 -24.50 -6.28
C GLU B 280 44.69 -25.18 -7.62
N PHE B 281 43.47 -25.70 -7.81
CA PHE B 281 43.15 -26.49 -8.99
C PHE B 281 42.52 -25.67 -10.11
N GLY B 282 42.40 -24.36 -9.94
CA GLY B 282 41.82 -23.53 -10.98
C GLY B 282 40.38 -23.92 -11.29
N VAL B 283 39.57 -24.06 -10.25
CA VAL B 283 38.16 -24.41 -10.41
C VAL B 283 37.33 -23.16 -10.20
N ALA B 284 36.03 -23.24 -10.43
CA ALA B 284 35.19 -22.06 -10.57
C ALA B 284 34.05 -22.12 -9.56
N VAL B 285 34.41 -22.35 -8.29
CA VAL B 285 33.47 -22.64 -7.21
C VAL B 285 32.25 -21.74 -7.23
N VAL B 286 31.07 -22.35 -7.26
CA VAL B 286 29.81 -21.60 -7.21
C VAL B 286 29.06 -22.00 -5.95
N ILE B 287 28.61 -20.99 -5.20
CA ILE B 287 27.89 -21.19 -3.96
C ILE B 287 26.49 -20.61 -4.13
N THR B 288 25.47 -21.37 -3.78
CA THR B 288 24.11 -20.84 -3.70
C THR B 288 23.81 -20.57 -2.23
N ASN B 289 23.18 -19.43 -1.96
CA ASN B 289 22.95 -19.04 -0.59
C ASN B 289 21.44 -18.99 -0.31
N GLN B 290 21.10 -18.59 0.91
CA GLN B 290 19.70 -18.49 1.33
C GLN B 290 19.45 -17.03 1.65
N VAL B 291 18.27 -16.73 2.19
CA VAL B 291 17.87 -15.35 2.43
C VAL B 291 17.08 -15.27 3.72
N VAL B 292 17.11 -14.10 4.34
CA VAL B 292 16.38 -13.81 5.57
C VAL B 292 15.55 -12.55 5.32
N ALA B 293 14.90 -12.06 6.38
CA ALA B 293 14.12 -10.83 6.29
C ALA B 293 14.61 -9.85 7.34
N GLN B 294 14.80 -8.60 6.95
CA GLN B 294 15.17 -7.59 7.93
C GLN B 294 13.91 -7.20 8.66
N VAL B 295 13.44 -8.07 9.54
CA VAL B 295 12.20 -7.83 10.28
C VAL B 295 12.34 -6.55 11.09
N ASP B 296 13.58 -6.09 11.23
CA ASP B 296 13.82 -4.89 12.02
C ASP B 296 12.88 -3.78 11.61
N GLY B 297 12.58 -2.88 12.54
CA GLY B 297 11.66 -1.80 12.25
C GLY B 297 12.00 -1.16 10.92
N ALA B 298 13.28 -1.13 10.58
CA ALA B 298 13.70 -0.55 9.31
C ALA B 298 13.40 -1.53 8.19
N ALA B 299 12.13 -1.90 8.03
CA ALA B 299 11.74 -2.78 6.94
C ALA B 299 10.89 -2.02 5.94
N MET B 300 10.72 -0.72 6.18
CA MET B 300 9.86 0.08 5.31
C MET B 300 10.28 -0.01 3.86
N PHE B 301 11.47 -0.55 3.63
CA PHE B 301 11.95 -0.71 2.26
C PHE B 301 10.98 -1.59 1.49
N ALA B 302 10.70 -1.23 0.25
CA ALA B 302 9.72 -1.99 -0.54
C ALA B 302 10.25 -3.32 -1.02
N ALA B 303 9.36 -4.19 -1.48
CA ALA B 303 9.77 -5.49 -1.99
C ALA B 303 10.42 -6.35 -0.91
N ASP B 304 10.07 -6.09 0.35
CA ASP B 304 10.62 -6.85 1.45
C ASP B 304 12.11 -6.64 1.61
N PRO B 305 12.63 -6.88 2.80
CA PRO B 305 14.07 -6.73 3.01
C PRO B 305 14.74 -8.10 3.08
N LYS B 306 15.28 -8.56 1.96
CA LYS B 306 15.93 -9.85 1.93
C LYS B 306 17.43 -9.70 1.98
N LYS B 307 18.05 -10.12 3.07
CA LYS B 307 19.49 -10.02 3.21
C LYS B 307 20.12 -11.40 3.20
N PRO B 308 21.05 -11.63 2.29
CA PRO B 308 21.67 -12.96 2.19
C PRO B 308 22.16 -13.46 3.52
N ILE B 309 21.70 -14.62 3.95
CA ILE B 309 22.15 -15.20 5.21
C ILE B 309 23.65 -15.40 5.17
N GLY B 310 24.30 -15.41 6.32
CA GLY B 310 25.73 -15.63 6.35
C GLY B 310 26.52 -14.61 7.14
N GLY B 311 26.11 -13.34 7.07
CA GLY B 311 26.75 -12.28 7.82
C GLY B 311 27.91 -11.68 7.04
N ASN B 312 28.86 -11.11 7.78
CA ASN B 312 30.03 -10.48 7.21
C ASN B 312 31.20 -11.45 7.12
N ILE B 313 30.92 -12.75 7.20
CA ILE B 313 31.94 -13.77 7.05
C ILE B 313 31.84 -14.33 5.64
N ILE B 314 30.62 -14.46 5.13
CA ILE B 314 30.43 -14.93 3.76
C ILE B 314 30.40 -13.77 2.80
N ALA B 315 30.06 -12.59 3.29
CA ALA B 315 29.98 -11.42 2.43
C ALA B 315 31.34 -11.00 1.91
N HIS B 316 32.30 -10.86 2.81
CA HIS B 316 33.61 -10.41 2.41
C HIS B 316 34.28 -11.48 1.58
N ALA B 317 34.15 -12.74 1.98
CA ALA B 317 34.77 -13.83 1.26
C ALA B 317 33.90 -14.35 0.13
N SER B 318 33.77 -13.58 -0.94
CA SER B 318 32.97 -13.98 -2.09
C SER B 318 33.28 -13.03 -3.21
N THR B 319 34.09 -13.46 -4.17
CA THR B 319 34.51 -12.55 -5.23
C THR B 319 33.32 -11.87 -5.88
N THR B 320 32.30 -12.64 -6.25
CA THR B 320 31.14 -12.06 -6.91
C THR B 320 29.86 -12.52 -6.28
N ARG B 321 28.84 -11.67 -6.29
CA ARG B 321 27.55 -12.04 -5.74
C ARG B 321 26.41 -11.69 -6.67
N LEU B 322 25.56 -12.66 -6.96
CA LEU B 322 24.40 -12.44 -7.81
C LEU B 322 23.12 -12.53 -6.99
N TYR B 323 22.17 -11.66 -7.32
CA TYR B 323 20.90 -11.54 -6.60
C TYR B 323 19.79 -11.95 -7.55
N LEU B 324 19.50 -13.25 -7.60
CA LEU B 324 18.40 -13.73 -8.42
C LEU B 324 17.07 -13.34 -7.81
N ARG B 325 16.10 -13.04 -8.67
CA ARG B 325 14.83 -12.49 -8.23
C ARG B 325 13.72 -13.00 -9.13
N LYS B 326 12.50 -13.02 -8.59
CA LYS B 326 11.33 -13.39 -9.37
C LYS B 326 11.02 -12.32 -10.42
N GLY B 327 10.57 -12.78 -11.59
CA GLY B 327 10.14 -11.87 -12.63
C GLY B 327 8.66 -12.00 -12.90
N ARG B 328 8.27 -12.17 -14.18
CA ARG B 328 6.88 -12.37 -14.57
C ARG B 328 6.75 -13.75 -15.22
N GLY B 329 6.50 -14.76 -14.40
CA GLY B 329 6.35 -16.11 -14.89
C GLY B 329 7.59 -16.95 -14.74
N GLU B 330 8.12 -17.45 -15.87
CA GLU B 330 9.32 -18.27 -15.87
C GLU B 330 10.59 -17.46 -16.08
N THR B 331 10.48 -16.14 -16.14
CA THR B 331 11.63 -15.25 -16.36
C THR B 331 12.05 -14.67 -15.01
N ARG B 332 13.35 -14.52 -14.81
CA ARG B 332 13.91 -14.00 -13.58
C ARG B 332 14.83 -12.82 -13.88
N ILE B 333 15.25 -12.13 -12.81
CA ILE B 333 16.14 -10.99 -12.90
C ILE B 333 17.34 -11.24 -12.00
N CYS B 334 18.55 -11.07 -12.53
CA CYS B 334 19.76 -11.30 -11.75
C CYS B 334 20.63 -10.06 -11.73
N LYS B 335 20.72 -9.42 -10.58
CA LYS B 335 21.51 -8.19 -10.48
C LYS B 335 22.91 -8.50 -9.99
N ILE B 336 23.88 -7.66 -10.39
CA ILE B 336 25.24 -7.85 -9.91
C ILE B 336 25.32 -7.37 -8.48
N TYR B 337 25.03 -8.26 -7.54
CA TYR B 337 25.02 -7.87 -6.14
C TYR B 337 26.39 -7.37 -5.68
N ASP B 338 27.45 -8.02 -6.14
CA ASP B 338 28.80 -7.60 -5.78
C ASP B 338 29.83 -8.10 -6.78
N SER B 339 30.87 -7.32 -7.03
CA SER B 339 31.91 -7.72 -7.97
C SER B 339 33.13 -6.78 -7.93
N PRO B 340 34.33 -7.36 -8.00
CA PRO B 340 35.54 -6.54 -8.01
C PRO B 340 35.74 -5.79 -9.31
N CYS B 341 35.19 -6.29 -10.41
CA CYS B 341 35.38 -5.64 -11.71
C CYS B 341 34.06 -5.30 -12.41
N LEU B 342 33.09 -6.19 -12.34
CA LEU B 342 31.82 -5.96 -13.03
C LEU B 342 31.00 -4.85 -12.42
N PRO B 343 30.24 -4.12 -13.25
CA PRO B 343 29.41 -3.02 -12.75
C PRO B 343 28.13 -3.53 -12.12
N GLU B 344 27.35 -2.64 -11.51
CA GLU B 344 26.07 -3.04 -10.94
C GLU B 344 24.97 -2.99 -11.99
N ALA B 345 24.74 -4.10 -12.67
CA ALA B 345 23.76 -4.15 -13.74
C ALA B 345 22.84 -5.34 -13.54
N GLU B 346 21.73 -5.35 -14.28
CA GLU B 346 20.73 -6.40 -14.19
C GLU B 346 20.59 -7.11 -15.53
N ALA B 347 20.14 -8.35 -15.47
CA ALA B 347 19.95 -9.16 -16.67
C ALA B 347 18.59 -9.85 -16.55
N MET B 348 18.27 -10.71 -17.50
CA MET B 348 16.96 -11.35 -17.50
C MET B 348 17.03 -12.71 -18.19
N PHE B 349 17.13 -13.77 -17.39
CA PHE B 349 17.15 -15.12 -17.93
C PHE B 349 15.78 -15.77 -17.72
N ALA B 350 15.65 -17.05 -18.02
CA ALA B 350 14.38 -17.74 -17.89
C ALA B 350 14.60 -19.25 -17.85
N ILE B 351 13.95 -19.94 -16.92
CA ILE B 351 14.13 -21.37 -16.77
C ILE B 351 13.14 -22.12 -17.66
N ASN B 352 13.55 -22.38 -18.90
CA ASN B 352 12.75 -23.16 -19.83
C ASN B 352 12.87 -24.64 -19.49
N ALA B 353 12.19 -25.49 -20.25
CA ALA B 353 12.37 -26.92 -20.06
C ALA B 353 13.58 -27.41 -20.84
N ASP B 354 14.67 -26.65 -20.75
CA ASP B 354 15.99 -27.06 -21.20
C ASP B 354 16.99 -26.76 -20.11
N GLY B 355 16.73 -25.69 -19.38
CA GLY B 355 17.67 -25.15 -18.42
C GLY B 355 17.58 -23.64 -18.44
N VAL B 356 18.56 -23.02 -17.81
CA VAL B 356 18.66 -21.56 -17.82
C VAL B 356 18.95 -21.10 -19.24
N GLY B 357 18.08 -20.25 -19.78
CA GLY B 357 18.21 -19.76 -21.13
C GLY B 357 17.48 -18.47 -21.37
N ASP B 358 17.25 -18.12 -22.62
CA ASP B 358 16.54 -16.89 -22.96
C ASP B 358 15.60 -17.10 -24.13
N PRO F 44 -22.68 36.40 12.57
CA PRO F 44 -21.49 35.56 12.63
C PRO F 44 -20.31 36.26 13.28
N GLN F 45 -19.11 35.75 13.04
CA GLN F 45 -17.90 36.34 13.59
C GLN F 45 -16.73 36.08 12.63
N PRO F 46 -16.02 37.11 12.21
CA PRO F 46 -14.97 36.93 11.20
C PRO F 46 -13.82 36.09 11.72
N ILE F 47 -13.12 35.44 10.80
CA ILE F 47 -12.03 34.53 11.11
C ILE F 47 -10.90 35.25 11.82
N SER F 48 -10.84 36.58 11.65
CA SER F 48 -9.77 37.35 12.28
C SER F 48 -9.89 37.34 13.80
N ARG F 49 -11.07 37.00 14.32
CA ARG F 49 -11.29 36.96 15.76
C ARG F 49 -10.51 35.82 16.40
N LEU F 50 -10.15 34.80 15.61
CA LEU F 50 -9.24 33.76 16.05
C LEU F 50 -7.82 34.01 15.59
N GLU F 51 -7.62 34.88 14.60
CA GLU F 51 -6.29 35.16 14.05
C GLU F 51 -5.38 35.74 15.13
N GLN F 52 -5.95 36.43 16.11
CA GLN F 52 -5.18 36.95 17.22
C GLN F 52 -5.14 35.94 18.36
N CYS F 53 -6.27 35.29 18.62
CA CYS F 53 -6.38 34.36 19.74
C CYS F 53 -5.54 33.10 19.51
N GLY F 54 -4.41 33.01 20.20
CA GLY F 54 -3.54 31.85 20.18
C GLY F 54 -3.25 31.24 18.82
N ILE F 55 -3.15 32.09 17.79
CA ILE F 55 -2.97 31.64 16.42
C ILE F 55 -2.14 32.68 15.69
N ASN F 56 -1.27 32.23 14.79
CA ASN F 56 -0.45 33.13 13.99
C ASN F 56 -1.12 33.45 12.67
N ALA F 57 -0.68 34.53 12.03
CA ALA F 57 -1.35 35.04 10.83
C ALA F 57 -1.12 34.16 9.60
N ASN F 58 -0.13 33.27 9.63
CA ASN F 58 0.13 32.41 8.49
C ASN F 58 -1.03 31.45 8.26
N ASP F 59 -1.56 30.88 9.34
CA ASP F 59 -2.66 29.92 9.26
C ASP F 59 -3.91 30.55 8.68
N VAL F 60 -4.19 31.78 9.09
CA VAL F 60 -5.48 32.42 8.82
C VAL F 60 -5.53 32.89 7.37
N LYS F 61 -4.45 32.66 6.62
CA LYS F 61 -4.45 33.02 5.21
C LYS F 61 -4.87 31.82 4.37
N LYS F 62 -4.30 30.65 4.66
CA LYS F 62 -4.70 29.44 3.95
C LYS F 62 -6.16 29.08 4.23
N LEU F 63 -6.60 29.22 5.48
CA LEU F 63 -7.99 28.94 5.81
C LEU F 63 -8.93 29.90 5.09
N GLU F 64 -8.58 31.18 5.08
CA GLU F 64 -9.39 32.16 4.37
C GLU F 64 -9.37 31.94 2.87
N GLU F 65 -8.29 31.35 2.33
CA GLU F 65 -8.28 31.01 0.92
C GLU F 65 -9.16 29.80 0.63
N ALA F 66 -9.15 28.81 1.52
CA ALA F 66 -9.90 27.57 1.30
C ALA F 66 -11.31 27.63 1.86
N GLY F 67 -12.07 28.67 1.52
CA GLY F 67 -13.49 28.72 1.82
C GLY F 67 -13.88 29.07 3.25
N TYR F 68 -13.03 28.75 4.22
CA TYR F 68 -13.35 28.97 5.62
C TYR F 68 -13.07 30.43 5.96
N HIS F 69 -14.11 31.27 5.92
CA HIS F 69 -13.96 32.71 6.02
C HIS F 69 -14.44 33.26 7.36
N THR F 70 -15.03 32.39 8.19
CA THR F 70 -15.57 32.81 9.48
C THR F 70 -15.23 31.80 10.57
N VAL F 71 -15.22 32.26 11.81
CA VAL F 71 -14.90 31.37 12.92
C VAL F 71 -15.91 30.25 12.98
N GLU F 72 -17.18 30.57 12.72
CA GLU F 72 -18.22 29.57 12.75
C GLU F 72 -17.89 28.44 11.79
N ALA F 73 -17.47 28.80 10.58
CA ALA F 73 -17.15 27.79 9.59
C ALA F 73 -15.99 26.95 10.05
N VAL F 74 -14.98 27.60 10.64
CA VAL F 74 -13.83 26.88 11.14
C VAL F 74 -14.19 26.04 12.36
N ALA F 75 -15.25 26.42 13.05
CA ALA F 75 -15.70 25.63 14.20
C ALA F 75 -16.40 24.38 13.73
N TYR F 76 -17.04 24.46 12.56
CA TYR F 76 -17.69 23.28 12.00
C TYR F 76 -16.85 22.65 10.90
N ALA F 77 -15.86 21.85 11.29
CA ALA F 77 -15.05 21.09 10.35
C ALA F 77 -14.27 20.02 11.12
N PRO F 78 -14.21 18.80 10.61
CA PRO F 78 -13.46 17.75 11.30
C PRO F 78 -11.97 17.90 11.09
N LYS F 79 -11.15 17.29 11.93
CA LYS F 79 -9.73 17.48 11.75
C LYS F 79 -9.40 17.05 10.35
N LYS F 80 -10.25 16.24 9.75
CA LYS F 80 -9.98 15.73 8.40
C LYS F 80 -10.00 16.83 7.36
N GLU F 81 -11.08 17.60 7.32
CA GLU F 81 -11.21 18.62 6.29
C GLU F 81 -10.44 19.88 6.65
N LEU F 82 -9.74 19.86 7.77
CA LEU F 82 -8.90 21.00 8.13
C LEU F 82 -7.46 20.67 7.88
N ILE F 83 -7.03 19.48 8.29
CA ILE F 83 -5.66 19.07 8.09
C ILE F 83 -5.33 19.02 6.61
N ASN F 84 -6.32 18.64 5.80
CA ASN F 84 -6.08 18.53 4.36
C ASN F 84 -5.43 19.79 3.85
N ILE F 85 -5.75 20.93 4.46
CA ILE F 85 -5.13 22.18 4.04
C ILE F 85 -3.63 22.08 4.25
N LYS F 86 -2.87 22.23 3.17
CA LYS F 86 -1.43 22.19 3.27
C LYS F 86 -0.93 23.39 4.05
N GLY F 87 0.02 23.16 4.95
CA GLY F 87 0.52 24.24 5.77
C GLY F 87 0.00 24.10 7.19
N ILE F 88 -1.15 23.45 7.32
CA ILE F 88 -1.71 23.21 8.65
C ILE F 88 -1.42 21.78 9.06
N SER F 89 -0.50 21.61 10.00
CA SER F 89 -0.26 20.29 10.57
C SER F 89 -1.38 19.93 11.53
N GLU F 90 -1.44 18.65 11.91
CA GLU F 90 -2.48 18.21 12.84
C GLU F 90 -2.31 18.88 14.21
N ALA F 91 -1.06 19.06 14.65
CA ALA F 91 -0.81 19.71 15.92
C ALA F 91 -1.27 21.17 15.92
N LYS F 92 -1.40 21.78 14.75
CA LYS F 92 -1.96 23.12 14.64
C LYS F 92 -3.45 23.10 14.36
N ALA F 93 -3.92 22.06 13.65
CA ALA F 93 -5.35 21.92 13.38
C ALA F 93 -6.12 21.75 14.68
N ASP F 94 -5.57 20.98 15.62
CA ASP F 94 -6.24 20.83 16.91
C ASP F 94 -6.29 22.15 17.65
N LYS F 95 -5.26 22.99 17.49
CA LYS F 95 -5.25 24.31 18.09
C LYS F 95 -6.35 25.19 17.52
N ILE F 96 -6.50 25.14 16.20
CA ILE F 96 -7.54 25.90 15.52
C ILE F 96 -8.91 25.45 16.01
N LEU F 97 -9.10 24.13 16.10
CA LEU F 97 -10.38 23.60 16.57
C LEU F 97 -10.68 24.04 17.99
N THR F 98 -9.68 23.97 18.88
CA THR F 98 -9.93 24.35 20.27
C THR F 98 -10.24 25.84 20.39
N GLU F 99 -9.52 26.68 19.64
CA GLU F 99 -9.80 28.11 19.69
C GLU F 99 -11.20 28.42 19.17
N ALA F 100 -11.57 27.79 18.05
CA ALA F 100 -12.90 27.97 17.50
C ALA F 100 -13.98 27.49 18.46
N ALA F 101 -13.69 26.42 19.20
CA ALA F 101 -14.60 25.92 20.22
C ALA F 101 -14.77 26.93 21.34
N LYS F 102 -13.68 27.59 21.74
CA LYS F 102 -13.79 28.67 22.72
C LYS F 102 -14.66 29.80 22.20
N LEU F 103 -14.48 30.19 20.94
CA LEU F 103 -15.22 31.34 20.42
C LEU F 103 -16.69 31.01 20.14
N VAL F 104 -16.98 29.86 19.56
CA VAL F 104 -18.32 29.50 19.12
C VAL F 104 -18.96 28.62 20.20
N PRO F 105 -20.17 28.91 20.65
CA PRO F 105 -20.84 28.02 21.60
C PRO F 105 -21.27 26.72 20.93
N MET F 106 -20.65 25.62 21.37
CA MET F 106 -20.91 24.28 20.85
C MET F 106 -21.01 23.33 22.04
N GLY F 107 -22.23 23.13 22.51
CA GLY F 107 -22.45 22.33 23.69
C GLY F 107 -23.90 21.99 23.90
N PHE F 108 -24.22 21.58 25.13
CA PHE F 108 -25.56 21.12 25.48
C PHE F 108 -26.33 22.25 26.11
N THR F 109 -27.27 22.82 25.35
CA THR F 109 -28.18 23.80 25.88
C THR F 109 -29.45 23.10 26.36
N THR F 110 -30.48 23.87 26.69
CA THR F 110 -31.75 23.34 27.16
C THR F 110 -32.85 23.75 26.18
N ALA F 111 -33.82 22.86 26.00
CA ALA F 111 -34.89 23.11 25.03
C ALA F 111 -35.65 24.39 25.35
N THR F 112 -35.70 24.78 26.62
CA THR F 112 -36.36 26.03 27.00
C THR F 112 -35.61 27.23 26.42
N GLU F 113 -34.28 27.19 26.46
CA GLU F 113 -33.49 28.30 25.94
C GLU F 113 -33.19 28.15 24.45
N PHE F 114 -33.71 27.11 23.79
CA PHE F 114 -33.77 27.03 22.34
C PHE F 114 -35.12 27.46 21.79
N HIS F 115 -36.20 27.16 22.52
CA HIS F 115 -37.50 27.74 22.20
C HIS F 115 -37.56 29.12 22.83
N GLN F 116 -36.46 29.87 22.67
CA GLN F 116 -36.38 31.29 22.95
C GLN F 116 -35.71 31.91 21.73
N ARG F 117 -34.75 31.18 21.18
CA ARG F 117 -34.11 31.59 19.94
C ARG F 117 -35.02 31.32 18.74
N ARG F 118 -35.73 30.20 18.76
CA ARG F 118 -36.58 29.84 17.63
C ARG F 118 -37.76 30.78 17.45
N SER F 119 -38.11 31.55 18.48
CA SER F 119 -39.15 32.56 18.38
C SER F 119 -38.68 33.81 17.65
N GLU F 120 -37.40 33.91 17.32
CA GLU F 120 -36.84 35.08 16.65
C GLU F 120 -36.60 34.89 15.16
N ILE F 121 -37.10 33.80 14.56
CA ILE F 121 -36.86 33.55 13.15
C ILE F 121 -37.50 34.65 12.31
N ILE F 122 -36.84 35.03 11.22
CA ILE F 122 -37.29 36.17 10.42
C ILE F 122 -38.64 35.89 9.78
N GLN F 123 -38.79 34.70 9.20
CA GLN F 123 -40.05 34.29 8.58
C GLN F 123 -40.48 35.24 7.47
N ILE F 124 -39.71 35.29 6.38
CA ILE F 124 -40.02 36.15 5.25
C ILE F 124 -41.39 35.80 4.68
N THR F 125 -42.22 36.81 4.48
CA THR F 125 -43.54 36.62 3.90
C THR F 125 -43.42 36.33 2.41
N THR F 126 -44.48 35.73 1.86
CA THR F 126 -44.52 35.40 0.44
C THR F 126 -45.53 36.28 -0.29
N GLY F 127 -46.07 37.27 0.40
CA GLY F 127 -46.95 38.25 -0.20
C GLY F 127 -48.26 37.69 -0.74
N SER F 128 -48.86 36.77 -0.01
CA SER F 128 -50.20 36.27 -0.33
C SER F 128 -50.77 35.64 0.93
N LYS F 129 -52.00 36.00 1.26
CA LYS F 129 -52.59 35.57 2.53
C LYS F 129 -53.15 34.15 2.46
N GLU F 130 -52.75 33.40 1.43
CA GLU F 130 -53.04 31.97 1.36
C GLU F 130 -51.80 31.10 1.31
N LEU F 131 -50.67 31.60 0.82
CA LEU F 131 -49.43 30.85 0.82
C LEU F 131 -48.61 31.12 2.08
N ASP F 132 -49.11 31.99 2.94
CA ASP F 132 -48.42 32.24 4.20
C ASP F 132 -49.08 31.44 5.32
N LYS F 133 -50.41 31.31 5.27
CA LYS F 133 -51.11 30.53 6.27
C LYS F 133 -50.70 29.07 6.17
N LEU F 134 -50.67 28.55 4.96
CA LEU F 134 -50.28 27.17 4.77
C LEU F 134 -48.90 26.95 5.34
N LEU F 135 -48.02 27.92 5.15
CA LEU F 135 -46.67 27.81 5.67
C LEU F 135 -46.59 28.39 7.07
N GLN F 136 -47.73 28.75 7.63
CA GLN F 136 -47.76 29.30 8.99
C GLN F 136 -46.70 30.36 9.11
N GLY F 137 -46.88 31.47 8.40
CA GLY F 137 -45.86 32.49 8.39
C GLY F 137 -44.93 32.11 7.26
N GLY F 138 -44.30 33.09 6.63
CA GLY F 138 -43.48 32.79 5.48
C GLY F 138 -42.27 31.92 5.72
N ILE F 139 -41.49 31.70 4.66
CA ILE F 139 -40.29 30.88 4.78
C ILE F 139 -39.47 31.22 6.02
N GLU F 140 -39.04 30.21 6.76
CA GLU F 140 -38.29 30.43 7.98
C GLU F 140 -36.79 30.41 7.68
N THR F 141 -36.05 31.34 8.28
CA THR F 141 -34.62 31.39 8.10
C THR F 141 -33.95 30.16 8.70
N GLY F 142 -32.80 29.80 8.15
CA GLY F 142 -32.07 28.65 8.60
C GLY F 142 -32.72 27.33 8.23
N SER F 143 -33.13 27.19 6.97
CA SER F 143 -33.75 25.97 6.49
C SER F 143 -33.76 25.92 4.97
N ILE F 144 -33.35 24.79 4.40
CA ILE F 144 -33.31 24.64 2.94
C ILE F 144 -34.71 24.29 2.44
N THR F 145 -35.42 25.29 1.92
CA THR F 145 -36.81 25.13 1.52
C THR F 145 -36.88 24.80 0.04
N GLU F 146 -37.23 23.57 -0.31
CA GLU F 146 -37.44 23.24 -1.70
C GLU F 146 -38.72 23.90 -2.19
N MET F 147 -38.85 24.03 -3.51
CA MET F 147 -40.10 24.46 -4.11
C MET F 147 -40.37 23.68 -5.39
N PHE F 148 -40.15 22.37 -5.36
CA PHE F 148 -40.16 21.58 -6.58
C PHE F 148 -41.55 21.55 -7.21
N GLY F 149 -41.59 21.09 -8.44
CA GLY F 149 -42.83 21.00 -9.19
C GLY F 149 -42.53 20.73 -10.65
N GLU F 150 -43.59 20.66 -11.43
CA GLU F 150 -43.44 20.46 -12.87
C GLU F 150 -43.20 21.82 -13.52
N PHE F 151 -43.07 21.84 -14.84
CA PHE F 151 -42.85 23.10 -15.55
C PHE F 151 -44.12 23.94 -15.52
N ARG F 152 -43.94 25.26 -15.57
CA ARG F 152 -44.98 26.28 -15.61
C ARG F 152 -45.68 26.50 -14.27
N THR F 153 -45.24 25.84 -13.19
CA THR F 153 -45.99 25.92 -11.94
C THR F 153 -45.83 27.29 -11.27
N GLY F 154 -44.63 27.83 -11.28
CA GLY F 154 -44.38 29.09 -10.60
C GLY F 154 -43.12 29.08 -9.75
N LYS F 155 -42.32 28.03 -9.91
CA LYS F 155 -41.14 27.84 -9.07
C LYS F 155 -40.13 28.97 -9.19
N THR F 156 -39.88 29.45 -10.41
CA THR F 156 -38.90 30.52 -10.61
C THR F 156 -39.58 31.89 -10.65
N GLN F 157 -40.85 31.95 -10.27
CA GLN F 157 -41.50 33.25 -10.09
C GLN F 157 -41.88 33.51 -8.65
N ILE F 158 -41.90 32.49 -7.80
CA ILE F 158 -41.86 32.72 -6.36
C ILE F 158 -40.49 33.27 -5.97
N CYS F 159 -39.44 32.82 -6.65
CA CYS F 159 -38.10 33.32 -6.40
C CYS F 159 -37.94 34.78 -6.80
N HIS F 160 -38.71 35.25 -7.79
CA HIS F 160 -38.63 36.64 -8.24
C HIS F 160 -39.50 37.57 -7.43
N THR F 161 -40.35 37.03 -6.56
CA THR F 161 -41.08 37.89 -5.62
C THR F 161 -40.52 37.75 -4.22
N LEU F 162 -39.78 36.68 -3.93
CA LEU F 162 -39.14 36.50 -2.64
C LEU F 162 -37.86 37.31 -2.55
N ALA F 163 -37.36 37.77 -3.70
CA ALA F 163 -36.13 38.54 -3.74
C ALA F 163 -36.35 40.02 -3.50
N VAL F 164 -37.59 40.51 -3.50
CA VAL F 164 -37.88 41.88 -3.11
C VAL F 164 -38.71 41.96 -1.84
N THR F 165 -39.38 40.87 -1.46
CA THR F 165 -40.11 40.84 -0.20
C THR F 165 -39.20 40.62 0.99
N CYS F 166 -37.93 40.31 0.76
CA CYS F 166 -36.94 40.20 1.82
C CYS F 166 -36.30 41.54 2.16
N GLN F 167 -36.66 42.60 1.43
CA GLN F 167 -36.20 43.94 1.74
C GLN F 167 -37.19 44.73 2.60
N LEU F 168 -38.41 44.24 2.76
CA LEU F 168 -39.44 44.92 3.52
C LEU F 168 -39.04 45.01 4.99
N PRO F 169 -39.58 45.98 5.74
CA PRO F 169 -39.29 46.03 7.18
C PRO F 169 -39.74 44.76 7.87
N ILE F 170 -39.03 44.39 8.95
CA ILE F 170 -39.28 43.13 9.64
C ILE F 170 -40.70 43.08 10.18
N ASP F 171 -41.21 44.21 10.65
CA ASP F 171 -42.58 44.28 11.16
C ASP F 171 -43.62 44.11 10.06
N ARG F 172 -43.22 44.14 8.79
CA ARG F 172 -44.13 43.90 7.68
C ARG F 172 -43.95 42.53 7.03
N GLY F 173 -42.95 41.74 7.44
CA GLY F 173 -42.79 40.42 6.89
C GLY F 173 -41.39 40.11 6.40
N GLY F 174 -40.71 41.12 5.86
CA GLY F 174 -39.39 40.90 5.28
C GLY F 174 -38.30 40.63 6.30
N GLY F 175 -37.04 40.78 5.87
CA GLY F 175 -35.92 40.56 6.75
C GLY F 175 -34.93 41.72 6.78
N GLU F 176 -35.21 42.75 5.98
CA GLU F 176 -34.35 43.92 5.87
C GLU F 176 -32.91 43.52 5.53
N GLY F 177 -32.73 42.89 4.38
CA GLY F 177 -31.41 42.51 3.92
C GLY F 177 -31.29 42.61 2.42
N LYS F 178 -30.71 41.58 1.80
CA LYS F 178 -30.58 41.53 0.34
C LYS F 178 -30.49 40.08 -0.08
N ALA F 179 -31.06 39.76 -1.24
CA ALA F 179 -31.16 38.38 -1.67
C ALA F 179 -30.23 38.09 -2.83
N MET F 180 -29.51 36.97 -2.74
CA MET F 180 -28.73 36.48 -3.87
C MET F 180 -29.63 35.60 -4.75
N TYR F 181 -29.26 35.47 -6.02
CA TYR F 181 -30.06 34.71 -6.97
C TYR F 181 -29.20 33.79 -7.81
N ILE F 182 -28.38 32.95 -7.17
CA ILE F 182 -27.63 31.94 -7.90
C ILE F 182 -28.60 31.23 -8.84
N ASP F 183 -28.34 31.30 -10.14
CA ASP F 183 -29.30 30.90 -11.17
C ASP F 183 -28.57 30.06 -12.20
N THR F 184 -28.96 28.80 -12.35
CA THR F 184 -28.31 27.89 -13.27
C THR F 184 -29.09 27.69 -14.57
N GLU F 185 -30.14 28.48 -14.80
CA GLU F 185 -30.92 28.35 -16.02
C GLU F 185 -31.30 29.70 -16.60
N GLY F 186 -30.69 30.79 -16.11
CA GLY F 186 -30.81 32.10 -16.73
C GLY F 186 -32.22 32.66 -16.81
N THR F 187 -33.09 32.27 -15.88
CA THR F 187 -34.48 32.73 -15.92
C THR F 187 -34.64 34.07 -15.22
N PHE F 188 -33.57 34.60 -14.63
CA PHE F 188 -33.65 35.88 -13.94
C PHE F 188 -34.17 36.97 -14.86
N ARG F 189 -35.28 37.59 -14.46
CA ARG F 189 -35.90 38.70 -15.19
C ARG F 189 -36.05 39.86 -14.21
N PRO F 190 -35.13 40.82 -14.21
CA PRO F 190 -35.21 41.94 -13.26
C PRO F 190 -36.48 42.77 -13.44
N GLU F 191 -37.09 42.69 -14.62
CA GLU F 191 -38.34 43.39 -14.87
C GLU F 191 -39.51 42.83 -14.06
N ARG F 192 -39.35 41.66 -13.45
CA ARG F 192 -40.32 41.15 -12.49
C ARG F 192 -40.02 41.67 -11.09
N LEU F 193 -38.73 41.82 -10.78
CA LEU F 193 -38.30 42.45 -9.54
C LEU F 193 -38.73 43.91 -9.52
N LEU F 194 -38.94 44.49 -10.70
CA LEU F 194 -39.34 45.88 -10.85
C LEU F 194 -40.85 46.04 -10.86
N ALA F 195 -41.59 44.95 -10.70
CA ALA F 195 -43.04 45.01 -10.63
C ALA F 195 -43.51 44.55 -9.26
N VAL F 196 -42.94 43.45 -8.77
CA VAL F 196 -43.29 43.01 -7.42
C VAL F 196 -42.75 44.00 -6.39
N ALA F 197 -41.77 44.82 -6.79
CA ALA F 197 -41.36 45.92 -5.94
C ALA F 197 -42.45 46.99 -5.86
N GLU F 198 -42.99 47.39 -7.01
CA GLU F 198 -44.08 48.35 -7.04
C GLU F 198 -45.35 47.80 -6.42
N ARG F 199 -45.41 46.48 -6.19
CA ARG F 199 -46.57 45.91 -5.53
C ARG F 199 -46.88 46.61 -4.20
N TYR F 200 -45.89 46.74 -3.31
CA TYR F 200 -46.23 47.38 -2.04
C TYR F 200 -45.88 48.86 -2.01
N GLY F 201 -44.60 49.18 -1.89
CA GLY F 201 -44.18 50.58 -1.90
C GLY F 201 -42.75 50.84 -2.34
N LEU F 202 -42.04 49.81 -2.76
CA LEU F 202 -40.59 49.93 -2.84
C LEU F 202 -40.17 50.77 -4.04
N SER F 203 -38.93 51.26 -3.96
CA SER F 203 -38.36 52.10 -5.01
C SER F 203 -37.43 51.25 -5.87
N GLY F 204 -37.52 51.45 -7.19
CA GLY F 204 -36.83 50.59 -8.14
C GLY F 204 -35.32 50.50 -7.96
N SER F 205 -34.66 51.65 -7.79
CA SER F 205 -33.21 51.69 -7.71
C SER F 205 -32.69 50.83 -6.55
N ASP F 206 -33.24 51.03 -5.36
CA ASP F 206 -32.75 50.32 -4.18
C ASP F 206 -33.15 48.84 -4.22
N VAL F 207 -34.38 48.56 -4.62
CA VAL F 207 -34.88 47.19 -4.64
C VAL F 207 -34.09 46.38 -5.66
N LEU F 208 -33.64 47.04 -6.73
CA LEU F 208 -32.87 46.40 -7.78
C LEU F 208 -31.38 46.37 -7.46
N ASP F 209 -30.93 47.25 -6.55
CA ASP F 209 -29.51 47.37 -6.24
C ASP F 209 -29.07 46.52 -5.06
N ASN F 210 -29.98 45.87 -4.35
CA ASN F 210 -29.59 44.89 -3.34
C ASN F 210 -30.13 43.55 -3.83
N VAL F 211 -29.43 42.97 -4.81
CA VAL F 211 -29.64 41.62 -5.31
C VAL F 211 -28.28 41.18 -5.84
N ALA F 212 -27.81 40.02 -5.44
CA ALA F 212 -26.51 39.52 -5.86
C ALA F 212 -26.71 38.43 -6.89
N TYR F 213 -26.86 38.82 -8.15
CA TYR F 213 -27.03 37.85 -9.23
C TYR F 213 -25.75 37.06 -9.46
N ALA F 214 -25.90 35.82 -9.92
CA ALA F 214 -24.77 35.00 -10.34
C ALA F 214 -25.26 33.83 -11.18
N ARG F 215 -24.80 33.72 -12.42
CA ARG F 215 -25.21 32.60 -13.25
C ARG F 215 -24.45 31.34 -12.88
N GLY F 216 -24.87 30.21 -13.41
CA GLY F 216 -24.22 28.95 -13.12
C GLY F 216 -24.09 28.10 -14.36
N PHE F 217 -22.90 27.60 -14.60
CA PHE F 217 -22.66 26.80 -15.80
C PHE F 217 -22.24 25.38 -15.46
N ASN F 218 -21.53 25.18 -14.36
CA ASN F 218 -20.99 23.88 -14.02
C ASN F 218 -21.76 23.27 -12.86
N THR F 219 -21.51 21.99 -12.60
CA THR F 219 -21.85 21.40 -11.30
C THR F 219 -20.73 21.63 -10.30
N ASP F 220 -19.56 22.08 -10.76
CA ASP F 220 -18.43 22.38 -9.89
C ASP F 220 -18.22 23.87 -9.72
N HIS F 221 -18.98 24.69 -10.44
CA HIS F 221 -18.94 26.15 -10.30
C HIS F 221 -19.93 26.65 -9.26
N GLN F 222 -20.99 25.88 -8.99
CA GLN F 222 -21.99 26.26 -7.99
C GLN F 222 -21.36 26.36 -6.61
N THR F 223 -20.48 25.42 -6.27
CA THR F 223 -19.84 25.46 -4.96
C THR F 223 -18.91 26.66 -4.82
N GLN F 224 -18.15 26.96 -5.88
CA GLN F 224 -17.34 28.18 -5.87
C GLN F 224 -18.22 29.41 -5.69
N LEU F 225 -19.39 29.40 -6.32
CA LEU F 225 -20.32 30.49 -6.13
C LEU F 225 -20.78 30.60 -4.69
N LEU F 226 -21.01 29.46 -4.03
CA LEU F 226 -21.41 29.48 -2.63
C LEU F 226 -20.30 30.06 -1.76
N TYR F 227 -19.05 29.71 -2.06
CA TYR F 227 -17.91 30.26 -1.33
C TYR F 227 -17.84 31.78 -1.48
N GLN F 228 -17.97 32.25 -2.73
CA GLN F 228 -17.99 33.69 -2.98
C GLN F 228 -19.17 34.35 -2.28
N ALA F 229 -20.28 33.63 -2.19
CA ALA F 229 -21.47 34.12 -1.49
C ALA F 229 -21.19 34.30 -0.01
N GLU F 230 -20.45 33.36 0.58
CA GLU F 230 -20.05 33.49 1.98
C GLU F 230 -19.17 34.72 2.18
N ASP F 231 -18.26 34.95 1.23
CA ASP F 231 -17.44 36.16 1.25
C ASP F 231 -18.28 37.41 1.39
N MET F 232 -19.36 37.50 0.62
CA MET F 232 -20.19 38.69 0.65
C MET F 232 -21.15 38.70 1.83
N MET F 233 -21.49 37.52 2.35
CA MET F 233 -22.34 37.45 3.54
C MET F 233 -21.61 38.00 4.75
N VAL F 234 -20.29 37.73 4.85
CA VAL F 234 -19.56 38.20 6.02
C VAL F 234 -19.44 39.72 5.98
N GLU F 235 -19.74 40.32 4.82
CA GLU F 235 -19.65 41.76 4.65
C GLU F 235 -20.99 42.48 4.70
N SER F 236 -22.11 41.76 4.74
CA SER F 236 -23.42 42.39 4.66
C SER F 236 -24.43 41.61 5.51
N ARG F 237 -25.71 41.95 5.42
CA ARG F 237 -26.76 41.31 6.20
C ARG F 237 -27.72 40.58 5.25
N TYR F 238 -27.14 39.80 4.35
CA TYR F 238 -27.92 38.93 3.47
C TYR F 238 -28.94 38.13 4.27
N ALA F 239 -30.14 38.02 3.71
CA ALA F 239 -31.26 37.37 4.39
C ALA F 239 -31.93 36.37 3.45
N LEU F 240 -31.30 36.05 2.34
CA LEU F 240 -31.89 35.07 1.43
C LEU F 240 -30.99 34.64 0.30
N LEU F 241 -30.90 33.34 0.07
CA LEU F 241 -30.14 32.84 -1.07
C LEU F 241 -31.10 31.97 -1.82
N ILE F 242 -31.33 32.25 -3.10
CA ILE F 242 -32.34 31.50 -3.84
C ILE F 242 -31.77 30.77 -5.03
N VAL F 243 -31.03 29.69 -4.78
CA VAL F 243 -30.53 28.90 -5.89
C VAL F 243 -31.73 28.58 -6.76
N ASP F 244 -31.66 28.86 -8.05
CA ASP F 244 -32.84 28.67 -8.91
C ASP F 244 -33.14 27.24 -9.33
N SER F 245 -32.14 26.38 -9.35
CA SER F 245 -32.36 25.01 -9.78
C SER F 245 -31.80 24.00 -8.80
N ALA F 246 -30.52 24.10 -8.51
CA ALA F 246 -29.90 23.19 -7.55
C ALA F 246 -30.06 21.76 -7.99
N THR F 247 -30.31 21.55 -9.27
CA THR F 247 -30.48 20.19 -9.78
C THR F 247 -30.43 20.17 -11.30
N ALA F 248 -30.80 21.28 -11.93
CA ALA F 248 -30.84 21.31 -13.38
C ALA F 248 -29.49 20.97 -14.00
N LEU F 249 -28.44 21.63 -13.53
CA LEU F 249 -27.11 21.38 -14.06
C LEU F 249 -26.69 19.95 -13.77
N TYR F 250 -27.00 19.46 -12.58
CA TYR F 250 -26.62 18.10 -12.21
C TYR F 250 -27.27 17.10 -13.15
N ARG F 251 -28.51 17.37 -13.52
CA ARG F 251 -29.23 16.43 -14.37
C ARG F 251 -28.60 16.30 -15.74
N THR F 252 -27.77 17.27 -16.12
CA THR F 252 -27.19 17.24 -17.46
C THR F 252 -25.70 16.91 -17.44
N ASP F 253 -24.95 17.54 -16.57
CA ASP F 253 -23.50 17.34 -16.53
C ASP F 253 -23.13 15.94 -16.03
N TYR F 254 -24.13 15.13 -15.71
CA TYR F 254 -23.85 13.76 -15.30
C TYR F 254 -24.61 12.83 -16.22
N SER F 255 -24.15 11.59 -16.37
CA SER F 255 -24.77 10.70 -17.33
C SER F 255 -25.13 9.31 -16.83
N GLY F 256 -26.21 9.20 -16.07
CA GLY F 256 -26.67 7.89 -15.63
C GLY F 256 -25.71 7.15 -14.73
N ARG F 257 -25.90 5.84 -14.64
CA ARG F 257 -25.05 5.05 -13.76
C ARG F 257 -23.62 5.26 -14.15
N GLY F 258 -22.72 5.22 -13.18
CA GLY F 258 -21.33 5.52 -13.46
C GLY F 258 -21.13 6.95 -12.99
N GLU F 259 -22.24 7.68 -12.87
CA GLU F 259 -22.16 9.05 -12.37
C GLU F 259 -23.08 9.19 -11.18
N LEU F 260 -24.17 8.43 -11.17
CA LEU F 260 -25.11 8.50 -10.07
C LEU F 260 -24.36 8.62 -8.77
N SER F 261 -23.38 7.73 -8.56
CA SER F 261 -22.62 7.76 -7.33
C SER F 261 -21.94 9.11 -7.15
N ALA F 262 -21.32 9.63 -8.21
CA ALA F 262 -20.59 10.87 -8.09
C ALA F 262 -21.51 12.08 -8.11
N ARG F 263 -22.62 12.00 -8.85
CA ARG F 263 -23.59 13.09 -8.87
C ARG F 263 -24.15 13.33 -7.48
N GLN F 264 -24.51 12.26 -6.78
CA GLN F 264 -25.13 12.39 -5.48
C GLN F 264 -24.07 12.55 -4.40
N MET F 265 -22.80 12.46 -4.80
CA MET F 265 -21.71 12.77 -3.89
C MET F 265 -21.23 14.20 -4.04
N HIS F 266 -21.52 14.85 -5.16
CA HIS F 266 -21.35 16.29 -5.28
C HIS F 266 -22.59 17.05 -4.82
N LEU F 267 -23.78 16.51 -5.07
CA LEU F 267 -25.01 17.06 -4.52
C LEU F 267 -25.00 17.09 -3.00
N ALA F 268 -24.47 16.05 -2.36
CA ALA F 268 -24.31 16.04 -0.92
C ALA F 268 -23.40 17.13 -0.40
N ARG F 269 -22.26 17.37 -1.05
CA ARG F 269 -21.37 18.46 -0.66
C ARG F 269 -21.96 19.82 -0.94
N PHE F 270 -22.80 19.94 -1.97
CA PHE F 270 -23.53 21.17 -2.23
C PHE F 270 -24.57 21.46 -1.15
N LEU F 271 -25.32 20.43 -0.75
CA LEU F 271 -26.32 20.59 0.29
C LEU F 271 -25.73 20.71 1.69
N ARG F 272 -24.50 20.25 1.89
CA ARG F 272 -23.86 20.39 3.20
C ARG F 272 -23.14 21.74 3.24
N MET F 273 -23.15 22.46 2.12
CA MET F 273 -22.62 23.82 2.10
C MET F 273 -23.77 24.79 2.20
N LEU F 274 -24.90 24.45 1.56
CA LEU F 274 -26.10 25.26 1.70
C LEU F 274 -26.61 25.32 3.14
N LEU F 275 -26.28 24.33 3.96
CA LEU F 275 -26.67 24.32 5.37
C LEU F 275 -25.63 25.02 6.25
N ARG F 276 -24.36 24.93 5.87
CA ARG F 276 -23.31 25.65 6.58
C ARG F 276 -23.48 27.14 6.33
N LEU F 277 -24.03 27.51 5.18
CA LEU F 277 -24.36 28.90 4.88
C LEU F 277 -25.76 29.27 5.33
N ALA F 278 -26.34 28.49 6.23
CA ALA F 278 -27.68 28.76 6.72
C ALA F 278 -27.71 28.75 8.24
N ASP F 279 -26.76 28.03 8.84
CA ASP F 279 -26.68 28.01 10.30
C ASP F 279 -25.97 29.25 10.86
N GLU F 280 -24.83 29.62 10.29
CA GLU F 280 -24.13 30.82 10.74
C GLU F 280 -24.93 32.05 10.37
N PHE F 281 -24.85 32.46 9.11
CA PHE F 281 -25.65 33.58 8.67
C PHE F 281 -27.11 33.18 8.73
N GLY F 282 -27.98 34.10 9.11
CA GLY F 282 -29.40 33.80 9.17
C GLY F 282 -30.01 33.95 7.80
N VAL F 283 -30.00 32.89 7.02
CA VAL F 283 -30.52 32.94 5.66
C VAL F 283 -31.62 31.92 5.48
N ALA F 284 -32.38 32.04 4.40
CA ALA F 284 -33.46 31.10 4.15
C ALA F 284 -33.34 30.49 2.76
N VAL F 285 -32.33 29.67 2.55
CA VAL F 285 -32.12 29.11 1.22
C VAL F 285 -33.40 28.55 0.65
N VAL F 286 -33.84 29.07 -0.48
CA VAL F 286 -35.06 28.58 -1.12
C VAL F 286 -34.70 27.87 -2.41
N ILE F 287 -34.50 26.57 -2.33
CA ILE F 287 -34.11 25.80 -3.51
C ILE F 287 -35.33 25.68 -4.41
N THR F 288 -35.12 25.51 -5.71
CA THR F 288 -36.22 25.24 -6.64
C THR F 288 -35.87 23.98 -7.41
N ASN F 289 -36.40 22.85 -6.99
CA ASN F 289 -36.05 21.57 -7.59
C ASN F 289 -36.91 21.31 -8.82
N GLN F 290 -36.42 20.39 -9.67
CA GLN F 290 -37.12 19.99 -10.88
C GLN F 290 -38.00 18.77 -10.62
N VAL F 291 -38.50 18.16 -11.68
CA VAL F 291 -39.34 16.98 -11.54
C VAL F 291 -38.90 15.91 -12.53
N VAL F 292 -39.16 14.64 -12.21
CA VAL F 292 -38.85 13.53 -13.11
C VAL F 292 -40.11 12.69 -13.26
N ALA F 293 -40.09 11.75 -14.20
CA ALA F 293 -41.22 10.87 -14.43
C ALA F 293 -41.15 9.68 -13.48
N GLN F 294 -42.16 8.82 -13.50
CA GLN F 294 -42.27 7.69 -12.60
C GLN F 294 -42.65 6.46 -13.41
N VAL F 295 -41.91 6.19 -14.48
CA VAL F 295 -42.13 4.98 -15.26
C VAL F 295 -42.08 3.78 -14.32
N ASP F 296 -43.05 2.87 -14.47
CA ASP F 296 -43.28 1.84 -13.46
C ASP F 296 -42.81 0.47 -13.92
N GLY F 297 -43.14 0.07 -15.15
CA GLY F 297 -42.76 -1.24 -15.64
C GLY F 297 -43.59 -2.36 -15.04
N PRO F 305 -47.23 10.48 -10.31
CA PRO F 305 -46.10 10.27 -11.22
C PRO F 305 -45.08 11.41 -11.14
N LYS F 306 -45.23 12.28 -10.16
CA LYS F 306 -44.35 13.43 -9.97
C LYS F 306 -43.37 13.15 -8.84
N LYS F 307 -42.12 13.53 -9.06
CA LYS F 307 -41.05 13.22 -8.12
C LYS F 307 -39.88 14.17 -8.30
N PRO F 308 -39.38 14.77 -7.21
CA PRO F 308 -38.17 15.58 -7.32
C PRO F 308 -36.98 14.73 -7.75
N ILE F 309 -36.05 15.35 -8.47
CA ILE F 309 -34.84 14.67 -8.89
C ILE F 309 -33.78 14.85 -7.81
N GLY F 310 -32.90 13.87 -7.70
CA GLY F 310 -31.88 13.89 -6.66
C GLY F 310 -32.09 12.77 -5.66
N GLY F 311 -33.35 12.43 -5.42
CA GLY F 311 -33.67 11.28 -4.59
C GLY F 311 -33.42 11.46 -3.11
N ASN F 312 -32.81 10.45 -2.49
CA ASN F 312 -32.69 10.36 -1.04
C ASN F 312 -31.49 11.13 -0.50
N ILE F 313 -30.98 12.10 -1.25
CA ILE F 313 -29.89 12.94 -0.76
C ILE F 313 -30.33 14.39 -0.82
N ILE F 314 -31.28 14.69 -1.70
CA ILE F 314 -31.87 16.03 -1.77
C ILE F 314 -33.15 16.03 -0.96
N ALA F 315 -33.74 14.84 -0.78
CA ALA F 315 -34.95 14.71 0.02
C ALA F 315 -34.71 14.74 1.52
N HIS F 316 -33.63 14.12 1.99
CA HIS F 316 -33.33 14.16 3.42
C HIS F 316 -32.77 15.51 3.83
N ALA F 317 -31.94 16.12 2.99
CA ALA F 317 -31.27 17.37 3.34
C ALA F 317 -32.27 18.51 3.49
N SER F 318 -33.13 18.68 2.49
CA SER F 318 -34.16 19.72 2.55
C SER F 318 -35.12 19.45 3.71
N THR F 319 -35.63 20.52 4.31
CA THR F 319 -36.46 20.40 5.50
C THR F 319 -37.94 20.64 5.24
N THR F 320 -38.28 21.58 4.35
CA THR F 320 -39.67 21.99 4.24
C THR F 320 -40.12 22.08 2.79
N ARG F 321 -39.90 21.00 2.03
CA ARG F 321 -40.26 20.92 0.62
C ARG F 321 -41.70 21.39 0.37
N LEU F 322 -41.98 21.89 -0.84
CA LEU F 322 -43.31 22.39 -1.16
C LEU F 322 -43.61 21.98 -2.60
N TYR F 323 -44.62 21.13 -2.76
CA TYR F 323 -45.01 20.62 -4.08
C TYR F 323 -45.90 21.65 -4.76
N LEU F 324 -45.36 22.30 -5.78
CA LEU F 324 -46.10 23.30 -6.54
C LEU F 324 -46.64 22.65 -7.81
N ARG F 325 -47.97 22.66 -7.95
CA ARG F 325 -48.61 22.03 -9.09
C ARG F 325 -49.59 23.00 -9.75
N LYS F 326 -49.87 22.73 -11.03
CA LYS F 326 -50.70 23.60 -11.85
C LYS F 326 -52.17 23.27 -11.70
N GLY F 327 -53.01 24.30 -11.86
CA GLY F 327 -54.44 24.13 -11.88
C GLY F 327 -55.05 24.67 -13.17
N ARG F 328 -56.01 25.59 -13.04
CA ARG F 328 -56.64 26.25 -14.17
C ARG F 328 -56.33 27.74 -14.14
N GLY F 329 -56.42 28.38 -15.29
CA GLY F 329 -56.18 29.80 -15.39
C GLY F 329 -54.83 30.22 -14.84
N GLU F 330 -54.83 30.90 -13.69
CA GLU F 330 -53.59 31.28 -13.04
C GLU F 330 -53.39 30.63 -11.68
N THR F 331 -54.41 30.01 -11.10
CA THR F 331 -54.27 29.45 -9.75
C THR F 331 -53.45 28.17 -9.78
N ARG F 332 -52.63 28.01 -8.74
CA ARG F 332 -51.80 26.82 -8.57
C ARG F 332 -52.14 26.24 -7.20
N ILE F 333 -51.46 25.16 -6.83
CA ILE F 333 -51.62 24.56 -5.51
C ILE F 333 -50.23 24.38 -4.90
N CYS F 334 -50.16 24.34 -3.57
CA CYS F 334 -48.87 24.24 -2.89
C CYS F 334 -48.89 23.23 -1.76
N LYS F 335 -49.28 21.99 -2.04
CA LYS F 335 -49.24 20.98 -0.99
C LYS F 335 -47.90 21.03 -0.28
N ILE F 336 -47.91 20.91 1.05
CA ILE F 336 -46.66 20.87 1.79
C ILE F 336 -46.17 19.43 1.84
N TYR F 337 -45.19 19.11 1.01
CA TYR F 337 -44.69 17.75 0.94
C TYR F 337 -44.16 17.28 2.29
N ASP F 338 -43.18 17.98 2.82
CA ASP F 338 -42.58 17.57 4.08
C ASP F 338 -42.24 18.80 4.92
N SER F 339 -42.30 18.67 6.23
CA SER F 339 -42.01 19.79 7.11
C SER F 339 -42.09 19.36 8.56
N PRO F 340 -40.93 19.31 9.24
CA PRO F 340 -40.94 18.80 10.62
C PRO F 340 -42.04 19.34 11.51
N CYS F 341 -42.40 20.59 11.33
CA CYS F 341 -43.42 21.18 12.20
C CYS F 341 -44.75 21.42 11.51
N LEU F 342 -44.73 21.78 10.23
CA LEU F 342 -45.94 22.22 9.53
C LEU F 342 -46.92 21.08 9.30
N PRO F 343 -48.21 21.38 9.16
CA PRO F 343 -49.18 20.34 8.79
C PRO F 343 -49.02 19.92 7.35
N GLU F 344 -49.95 19.11 6.84
CA GLU F 344 -49.82 18.57 5.50
C GLU F 344 -51.00 18.93 4.61
N ALA F 345 -51.39 20.21 4.64
CA ALA F 345 -52.56 20.67 3.90
C ALA F 345 -52.17 21.37 2.59
N GLU F 346 -53.16 21.90 1.89
CA GLU F 346 -52.99 22.53 0.59
C GLU F 346 -53.41 24.00 0.66
N ALA F 347 -52.98 24.76 -0.34
CA ALA F 347 -53.32 26.17 -0.42
C ALA F 347 -53.20 26.63 -1.87
N MET F 348 -54.05 27.58 -2.27
CA MET F 348 -54.11 28.04 -3.64
C MET F 348 -53.54 29.46 -3.74
N PHE F 349 -52.93 29.77 -4.88
CA PHE F 349 -52.40 31.09 -5.16
C PHE F 349 -52.40 31.32 -6.66
N ALA F 350 -52.57 32.59 -7.05
CA ALA F 350 -52.59 32.98 -8.46
C ALA F 350 -51.44 33.93 -8.74
N ILE F 351 -50.63 33.60 -9.74
CA ILE F 351 -49.49 34.45 -10.12
C ILE F 351 -50.06 35.55 -11.01
N ASN F 352 -50.25 36.72 -10.41
CA ASN F 352 -50.77 37.88 -11.14
C ASN F 352 -49.63 38.66 -11.77
N ALA F 353 -49.93 39.88 -12.24
CA ALA F 353 -48.94 40.69 -12.94
C ALA F 353 -47.78 41.07 -12.05
N ASP F 354 -48.04 41.32 -10.77
CA ASP F 354 -47.01 41.84 -9.86
C ASP F 354 -46.48 40.78 -8.90
N GLY F 355 -46.51 39.51 -9.27
CA GLY F 355 -45.94 38.45 -8.46
C GLY F 355 -46.98 37.43 -8.04
N VAL F 356 -46.61 36.65 -7.02
CA VAL F 356 -47.51 35.65 -6.46
C VAL F 356 -48.59 36.36 -5.66
N GLY F 357 -49.86 36.08 -5.97
CA GLY F 357 -50.97 36.73 -5.31
C GLY F 357 -52.03 35.72 -4.91
N ASP F 358 -53.20 36.25 -4.57
CA ASP F 358 -54.32 35.43 -4.13
C ASP F 358 -55.59 35.78 -4.91
N PRO G 44 -17.29 37.03 -27.55
CA PRO G 44 -17.07 35.60 -27.81
C PRO G 44 -15.70 35.34 -28.42
N GLN G 45 -14.64 35.65 -27.68
CA GLN G 45 -13.30 35.36 -28.16
C GLN G 45 -12.98 33.88 -28.02
N PRO G 46 -12.26 33.31 -29.01
CA PRO G 46 -12.02 31.86 -28.93
C PRO G 46 -10.92 31.54 -27.95
N ILE G 47 -10.25 30.41 -28.13
CA ILE G 47 -9.20 29.99 -27.20
C ILE G 47 -7.87 30.62 -27.57
N SER G 48 -7.91 31.63 -28.44
CA SER G 48 -6.69 32.30 -28.85
C SER G 48 -5.96 32.82 -27.63
N ARG G 49 -6.70 33.47 -26.73
CA ARG G 49 -6.08 33.99 -25.51
C ARG G 49 -5.55 32.84 -24.68
N LEU G 50 -6.20 31.69 -24.76
CA LEU G 50 -5.77 30.53 -23.99
C LEU G 50 -4.32 30.21 -24.30
N GLU G 51 -3.89 30.49 -25.52
CA GLU G 51 -2.50 30.26 -25.88
C GLU G 51 -1.59 31.08 -24.98
N GLN G 52 -2.07 32.20 -24.49
CA GLN G 52 -1.27 33.06 -23.64
C GLN G 52 -1.04 32.36 -22.29
N CYS G 53 -0.38 33.07 -21.37
CA CYS G 53 -0.05 32.55 -20.04
C CYS G 53 0.84 31.31 -20.12
N GLY G 54 1.50 31.10 -21.26
CA GLY G 54 2.42 30.00 -21.43
C GLY G 54 1.76 28.63 -21.50
N ILE G 55 0.46 28.59 -21.77
CA ILE G 55 -0.25 27.31 -21.91
C ILE G 55 0.20 26.68 -23.21
N ASN G 56 0.51 25.38 -23.18
CA ASN G 56 0.95 24.65 -24.36
C ASN G 56 -0.01 24.85 -25.52
N ALA G 57 0.48 25.46 -26.61
CA ALA G 57 -0.36 25.70 -27.78
C ALA G 57 -0.79 24.39 -28.42
N ASN G 58 0.01 23.34 -28.27
CA ASN G 58 -0.39 22.03 -28.79
C ASN G 58 -1.66 21.54 -28.11
N ASP G 59 -1.73 21.70 -26.79
CA ASP G 59 -2.93 21.32 -26.06
C ASP G 59 -4.10 22.22 -26.42
N VAL G 60 -3.83 23.50 -26.69
CA VAL G 60 -4.89 24.41 -27.11
C VAL G 60 -5.49 23.96 -28.43
N LYS G 61 -4.65 23.60 -29.39
CA LYS G 61 -5.16 23.10 -30.66
C LYS G 61 -5.82 21.74 -30.51
N LYS G 62 -5.36 20.95 -29.53
CA LYS G 62 -6.02 19.67 -29.25
C LYS G 62 -7.44 19.88 -28.78
N LEU G 63 -7.63 20.80 -27.83
CA LEU G 63 -8.97 21.09 -27.33
C LEU G 63 -9.73 21.94 -28.34
N GLU G 64 -9.00 22.58 -29.25
CA GLU G 64 -9.65 23.46 -30.21
C GLU G 64 -10.68 22.71 -31.03
N GLU G 65 -10.29 21.55 -31.55
CA GLU G 65 -11.20 20.76 -32.37
C GLU G 65 -12.42 20.38 -31.54
N ALA G 66 -12.19 20.11 -30.26
CA ALA G 66 -13.30 19.78 -29.38
C ALA G 66 -14.19 20.99 -29.23
N GLY G 67 -15.26 20.86 -28.46
CA GLY G 67 -16.19 21.96 -28.29
C GLY G 67 -15.49 23.23 -27.82
N TYR G 68 -14.23 23.10 -27.40
CA TYR G 68 -13.49 24.25 -26.91
C TYR G 68 -13.01 25.14 -28.05
N HIS G 69 -13.94 25.84 -28.69
CA HIS G 69 -13.55 26.78 -29.73
C HIS G 69 -13.69 28.19 -29.18
N THR G 70 -13.77 28.32 -27.86
CA THR G 70 -13.96 29.62 -27.25
C THR G 70 -13.40 29.57 -25.84
N VAL G 71 -12.91 30.71 -25.37
CA VAL G 71 -12.49 30.81 -23.97
C VAL G 71 -13.68 30.56 -23.05
N GLU G 72 -14.84 31.14 -23.40
CA GLU G 72 -16.07 30.84 -22.69
C GLU G 72 -16.47 29.37 -22.79
N ALA G 73 -16.00 28.66 -23.84
CA ALA G 73 -16.26 27.24 -23.93
C ALA G 73 -15.46 26.44 -22.91
N VAL G 74 -14.20 26.81 -22.66
CA VAL G 74 -13.45 26.21 -21.57
C VAL G 74 -14.07 26.60 -20.24
N ALA G 75 -14.48 27.86 -20.10
CA ALA G 75 -15.06 28.33 -18.84
C ALA G 75 -16.34 27.58 -18.52
N TYR G 76 -17.28 27.53 -19.46
CA TYR G 76 -18.58 26.91 -19.21
C TYR G 76 -18.54 25.42 -19.54
N ALA G 77 -17.56 24.71 -19.00
CA ALA G 77 -17.38 23.30 -19.28
C ALA G 77 -17.06 22.55 -18.00
N PRO G 78 -17.54 21.31 -17.88
CA PRO G 78 -17.24 20.52 -16.68
C PRO G 78 -15.76 20.30 -16.47
N LYS G 79 -15.31 20.36 -15.21
CA LYS G 79 -13.92 20.04 -14.91
C LYS G 79 -13.63 18.59 -15.30
N LYS G 80 -14.61 17.71 -15.10
CA LYS G 80 -14.47 16.33 -15.56
C LYS G 80 -14.37 16.26 -17.08
N GLU G 81 -14.96 17.23 -17.79
CA GLU G 81 -14.87 17.25 -19.24
C GLU G 81 -13.50 17.71 -19.70
N LEU G 82 -12.95 18.72 -19.04
CA LEU G 82 -11.61 19.18 -19.41
C LEU G 82 -10.51 18.34 -18.76
N ILE G 83 -10.86 17.32 -17.98
CA ILE G 83 -9.85 16.40 -17.46
C ILE G 83 -9.77 15.10 -18.27
N ASN G 84 -10.86 14.68 -18.93
CA ASN G 84 -10.86 13.47 -19.76
C ASN G 84 -10.72 13.87 -21.22
N ILE G 85 -9.59 14.49 -21.57
CA ILE G 85 -9.34 14.86 -22.96
C ILE G 85 -7.92 14.43 -23.32
N LYS G 86 -7.80 13.25 -23.94
CA LYS G 86 -6.55 12.71 -24.46
C LYS G 86 -5.39 12.91 -23.48
N GLY G 87 -5.64 12.55 -22.22
CA GLY G 87 -4.58 12.55 -21.22
C GLY G 87 -4.27 13.88 -20.58
N ILE G 88 -5.03 14.91 -20.92
CA ILE G 88 -4.85 16.21 -20.29
C ILE G 88 -5.14 16.12 -18.80
N SER G 89 -4.26 16.66 -17.97
CA SER G 89 -4.44 16.53 -16.52
C SER G 89 -4.88 17.81 -15.85
N GLU G 90 -4.97 17.77 -14.53
CA GLU G 90 -5.40 18.95 -13.77
C GLU G 90 -4.43 20.10 -13.96
N ALA G 91 -3.15 19.79 -14.17
CA ALA G 91 -2.19 20.85 -14.40
C ALA G 91 -2.69 21.68 -15.55
N LYS G 92 -3.01 21.04 -16.66
CA LYS G 92 -3.56 21.76 -17.80
C LYS G 92 -4.97 22.22 -17.45
N ALA G 93 -5.73 21.37 -16.79
CA ALA G 93 -7.10 21.72 -16.43
C ALA G 93 -7.12 23.07 -15.76
N ASP G 94 -6.52 23.17 -14.59
CA ASP G 94 -6.48 24.44 -13.88
C ASP G 94 -5.81 25.48 -14.74
N LYS G 95 -4.78 25.07 -15.49
CA LYS G 95 -4.06 26.01 -16.32
C LYS G 95 -5.00 26.76 -17.23
N ILE G 96 -5.95 26.04 -17.82
CA ILE G 96 -6.92 26.67 -18.70
C ILE G 96 -8.10 27.19 -17.90
N LEU G 97 -8.37 26.55 -16.76
CA LEU G 97 -9.49 26.98 -15.94
C LEU G 97 -9.24 28.36 -15.37
N THR G 98 -8.10 28.52 -14.72
CA THR G 98 -7.78 29.80 -14.11
C THR G 98 -7.46 30.84 -15.17
N GLU G 99 -7.08 30.39 -16.36
CA GLU G 99 -6.72 31.31 -17.43
C GLU G 99 -7.84 32.28 -17.79
N ALA G 100 -9.07 31.79 -17.83
CA ALA G 100 -10.18 32.64 -18.24
C ALA G 100 -10.17 33.93 -17.44
N ALA G 101 -10.26 33.82 -16.13
CA ALA G 101 -10.24 35.01 -15.27
C ALA G 101 -11.08 36.14 -15.86
N LYS G 102 -10.52 37.34 -15.93
CA LYS G 102 -11.24 38.50 -16.44
C LYS G 102 -11.81 38.27 -17.84
N LEU G 103 -11.30 37.28 -18.57
CA LEU G 103 -11.87 36.95 -19.88
C LEU G 103 -13.31 36.48 -19.70
N VAL G 104 -13.55 35.68 -18.67
CA VAL G 104 -14.90 35.21 -18.35
C VAL G 104 -15.18 35.53 -16.89
N PRO G 105 -15.82 36.66 -16.58
CA PRO G 105 -16.12 36.98 -15.18
C PRO G 105 -17.25 36.10 -14.66
N MET G 106 -16.90 35.15 -13.79
CA MET G 106 -17.89 34.30 -13.14
C MET G 106 -18.19 34.74 -11.72
N GLY G 107 -17.73 35.92 -11.32
CA GLY G 107 -17.94 36.41 -9.98
C GLY G 107 -19.40 36.74 -9.74
N PHE G 108 -19.65 37.29 -8.55
CA PHE G 108 -21.01 37.67 -8.18
C PHE G 108 -21.31 39.05 -8.75
N THR G 109 -22.24 39.10 -9.68
CA THR G 109 -22.66 40.34 -10.30
C THR G 109 -23.78 40.98 -9.48
N THR G 110 -23.98 42.27 -9.68
CA THR G 110 -25.13 42.96 -9.12
C THR G 110 -26.27 42.91 -10.12
N ALA G 111 -27.47 43.33 -9.71
CA ALA G 111 -28.64 43.17 -10.55
C ALA G 111 -28.88 44.36 -11.47
N THR G 112 -28.40 45.54 -11.09
CA THR G 112 -28.54 46.71 -11.96
C THR G 112 -27.80 46.50 -13.28
N GLU G 113 -26.62 45.88 -13.21
CA GLU G 113 -25.84 45.58 -14.40
C GLU G 113 -26.60 44.65 -15.33
N PHE G 114 -27.25 43.62 -14.75
CA PHE G 114 -28.05 42.73 -15.57
C PHE G 114 -29.26 43.44 -16.16
N HIS G 115 -29.85 44.38 -15.41
CA HIS G 115 -30.95 45.16 -15.97
C HIS G 115 -30.50 45.98 -17.17
N GLN G 116 -29.34 46.61 -17.08
CA GLN G 116 -28.82 47.36 -18.23
C GLN G 116 -28.54 46.43 -19.40
N ARG G 117 -27.86 45.32 -19.15
CA ARG G 117 -27.53 44.38 -20.21
C ARG G 117 -28.79 43.85 -20.89
N ARG G 118 -29.85 43.62 -20.10
CA ARG G 118 -31.11 43.17 -20.67
C ARG G 118 -31.80 44.28 -21.45
N SER G 119 -31.65 45.53 -21.00
CA SER G 119 -32.16 46.64 -21.79
C SER G 119 -31.39 46.82 -23.08
N GLU G 120 -30.19 46.25 -23.20
CA GLU G 120 -29.48 46.19 -24.47
C GLU G 120 -29.72 44.89 -25.22
N ILE G 121 -30.89 44.28 -25.08
CA ILE G 121 -31.20 43.03 -25.77
C ILE G 121 -31.85 43.35 -27.11
N ILE G 122 -31.40 42.63 -28.16
CA ILE G 122 -31.81 42.96 -29.52
C ILE G 122 -33.30 42.77 -29.72
N GLN G 123 -33.84 41.64 -29.24
CA GLN G 123 -35.25 41.32 -29.41
C GLN G 123 -35.64 41.29 -30.88
N ILE G 124 -35.13 40.30 -31.62
CA ILE G 124 -35.34 40.20 -33.06
C ILE G 124 -36.83 40.22 -33.40
N THR G 125 -37.15 40.89 -34.50
CA THR G 125 -38.53 41.02 -34.98
C THR G 125 -39.08 39.69 -35.46
N THR G 126 -40.40 39.56 -35.53
CA THR G 126 -41.01 38.29 -35.93
C THR G 126 -42.09 38.53 -36.98
N GLY G 127 -41.77 39.33 -37.99
CA GLY G 127 -42.71 39.56 -39.07
C GLY G 127 -43.97 40.25 -38.62
N SER G 128 -45.06 39.48 -38.50
CA SER G 128 -46.33 39.98 -38.00
C SER G 128 -46.15 40.89 -36.79
N LYS G 129 -46.89 42.00 -36.78
CA LYS G 129 -46.77 43.01 -35.73
C LYS G 129 -47.46 42.59 -34.44
N GLU G 130 -48.58 41.87 -34.53
CA GLU G 130 -49.29 41.47 -33.31
C GLU G 130 -48.50 40.44 -32.52
N LEU G 131 -47.79 39.54 -33.22
CA LEU G 131 -46.89 38.61 -32.54
C LEU G 131 -45.72 39.35 -31.90
N ASP G 132 -45.26 40.41 -32.57
CA ASP G 132 -44.24 41.27 -31.98
C ASP G 132 -44.76 41.93 -30.71
N LYS G 133 -46.05 42.28 -30.70
CA LYS G 133 -46.65 42.86 -29.51
C LYS G 133 -46.75 41.85 -28.38
N LEU G 134 -47.20 40.63 -28.70
CA LEU G 134 -47.35 39.59 -27.68
C LEU G 134 -45.99 39.19 -27.09
N LEU G 135 -44.98 39.08 -27.94
CA LEU G 135 -43.66 38.63 -27.51
C LEU G 135 -42.86 39.78 -26.88
N GLN G 136 -43.53 40.89 -26.58
CA GLN G 136 -42.92 42.04 -25.91
C GLN G 136 -41.81 42.66 -26.75
N GLY G 137 -41.73 42.29 -28.04
CA GLY G 137 -40.68 42.80 -28.89
C GLY G 137 -40.01 41.70 -29.70
N GLY G 138 -40.61 40.52 -29.73
CA GLY G 138 -40.11 39.42 -30.51
C GLY G 138 -39.16 38.51 -29.74
N ILE G 139 -38.79 37.42 -30.41
CA ILE G 139 -37.86 36.44 -29.84
C ILE G 139 -36.51 37.10 -29.61
N GLU G 140 -35.88 36.79 -28.48
CA GLU G 140 -34.67 37.47 -28.07
C GLU G 140 -33.54 36.45 -27.93
N THR G 141 -32.32 36.96 -27.91
CA THR G 141 -31.13 36.12 -27.85
C THR G 141 -30.99 35.49 -26.47
N GLY G 142 -30.30 34.35 -26.44
CA GLY G 142 -29.97 33.69 -25.19
C GLY G 142 -31.07 32.80 -24.65
N SER G 143 -32.31 33.06 -25.06
CA SER G 143 -33.47 32.33 -24.55
C SER G 143 -33.80 31.20 -25.53
N ILE G 144 -33.56 29.97 -25.07
CA ILE G 144 -33.95 28.80 -25.84
C ILE G 144 -35.47 28.72 -25.83
N THR G 145 -36.10 29.06 -26.95
CA THR G 145 -37.55 29.10 -27.01
C THR G 145 -38.08 27.80 -27.60
N GLU G 146 -39.39 27.67 -27.70
CA GLU G 146 -40.02 26.48 -28.25
C GLU G 146 -41.06 26.91 -29.26
N MET G 147 -41.32 26.03 -30.22
CA MET G 147 -42.33 26.25 -31.25
C MET G 147 -43.30 25.09 -31.27
N PHE G 148 -43.76 24.73 -30.08
CA PHE G 148 -44.78 23.70 -29.91
C PHE G 148 -46.02 24.01 -30.72
N GLY G 149 -46.56 22.99 -31.38
CA GLY G 149 -47.77 23.16 -32.17
C GLY G 149 -48.19 21.85 -32.77
N GLU G 150 -49.45 21.79 -33.19
CA GLU G 150 -49.98 20.57 -33.82
C GLU G 150 -49.57 20.52 -35.28
N PHE G 151 -50.03 19.48 -35.98
CA PHE G 151 -49.73 19.31 -37.39
C PHE G 151 -50.22 20.51 -38.20
N ARG G 152 -49.35 20.98 -39.11
CA ARG G 152 -49.64 22.09 -40.00
C ARG G 152 -50.04 23.35 -39.25
N THR G 153 -49.11 23.92 -38.48
CA THR G 153 -49.34 25.19 -37.80
C THR G 153 -48.31 26.23 -38.26
N GLY G 154 -47.61 25.93 -39.35
CA GLY G 154 -46.70 26.87 -39.98
C GLY G 154 -45.46 27.20 -39.18
N LYS G 155 -44.93 26.23 -38.45
CA LYS G 155 -43.72 26.43 -37.66
C LYS G 155 -42.55 26.77 -38.56
N THR G 156 -42.37 25.99 -39.62
CA THR G 156 -41.23 26.20 -40.52
C THR G 156 -41.36 27.52 -41.26
N GLN G 157 -42.59 27.95 -41.55
CA GLN G 157 -42.78 29.27 -42.16
C GLN G 157 -42.29 30.36 -41.23
N ILE G 158 -42.62 30.24 -39.95
CA ILE G 158 -42.14 31.20 -38.95
C ILE G 158 -40.63 31.18 -38.90
N CYS G 159 -40.03 29.98 -38.95
CA CYS G 159 -38.57 29.89 -38.94
C CYS G 159 -37.96 30.56 -40.17
N HIS G 160 -38.55 30.35 -41.35
CA HIS G 160 -38.08 30.99 -42.56
C HIS G 160 -38.10 32.50 -42.43
N THR G 161 -39.23 33.03 -41.97
CA THR G 161 -39.38 34.48 -41.86
C THR G 161 -38.43 35.06 -40.83
N LEU G 162 -38.26 34.37 -39.70
CA LEU G 162 -37.30 34.81 -38.71
C LEU G 162 -35.88 34.81 -39.27
N ALA G 163 -35.53 33.75 -40.00
CA ALA G 163 -34.21 33.61 -40.59
C ALA G 163 -33.92 34.76 -41.53
N VAL G 164 -34.88 35.10 -42.39
CA VAL G 164 -34.64 36.20 -43.33
C VAL G 164 -34.60 37.54 -42.59
N THR G 165 -35.53 37.75 -41.63
CA THR G 165 -35.56 39.01 -40.92
C THR G 165 -34.32 39.24 -40.07
N CYS G 166 -33.55 38.19 -39.80
CA CYS G 166 -32.26 38.35 -39.14
C CYS G 166 -31.43 39.43 -39.79
N GLN G 167 -31.10 39.28 -41.07
CA GLN G 167 -30.17 40.17 -41.75
C GLN G 167 -30.73 41.58 -41.93
N LEU G 168 -32.03 41.75 -41.72
CA LEU G 168 -32.64 43.08 -41.76
C LEU G 168 -32.03 43.96 -40.69
N PRO G 169 -31.98 45.29 -40.90
CA PRO G 169 -31.22 46.15 -39.99
C PRO G 169 -31.79 46.17 -38.59
N ILE G 170 -30.96 46.62 -37.64
CA ILE G 170 -31.36 46.68 -36.24
C ILE G 170 -32.57 47.59 -36.08
N ASP G 171 -32.60 48.69 -36.83
CA ASP G 171 -33.71 49.64 -36.72
C ASP G 171 -35.03 48.98 -37.13
N ARG G 172 -35.01 48.18 -38.19
CA ARG G 172 -36.21 47.47 -38.59
C ARG G 172 -36.62 46.43 -37.56
N GLY G 173 -35.64 45.83 -36.89
CA GLY G 173 -35.90 44.88 -35.82
C GLY G 173 -35.01 43.66 -35.84
N GLY G 174 -34.22 43.51 -36.90
CA GLY G 174 -33.38 42.32 -37.04
C GLY G 174 -32.04 42.43 -36.34
N GLY G 175 -31.19 41.42 -36.51
CA GLY G 175 -29.90 41.41 -35.83
C GLY G 175 -28.70 41.30 -36.74
N GLU G 176 -28.92 41.07 -38.03
CA GLU G 176 -27.82 40.95 -39.00
C GLU G 176 -26.84 39.87 -38.61
N GLY G 177 -27.34 38.73 -38.15
CA GLY G 177 -26.46 37.62 -37.83
C GLY G 177 -26.87 36.49 -38.75
N LYS G 178 -26.10 36.24 -39.81
CA LYS G 178 -26.51 35.24 -40.79
C LYS G 178 -27.15 34.01 -40.14
N ALA G 179 -28.32 33.61 -40.63
CA ALA G 179 -29.09 32.59 -39.97
C ALA G 179 -28.42 31.22 -40.07
N MET G 180 -28.90 30.29 -39.24
CA MET G 180 -28.45 28.91 -39.25
C MET G 180 -29.38 27.98 -40.00
N TYR G 181 -30.63 27.85 -39.54
CA TYR G 181 -31.64 27.01 -40.17
C TYR G 181 -31.11 25.63 -40.50
N ILE G 182 -30.71 24.89 -39.46
CA ILE G 182 -30.14 23.56 -39.62
C ILE G 182 -31.20 22.51 -39.38
N ASP G 183 -32.46 22.87 -39.63
CA ASP G 183 -33.57 21.94 -39.55
C ASP G 183 -33.26 20.63 -40.25
N THR G 184 -33.47 19.51 -39.56
CA THR G 184 -33.22 18.20 -40.17
C THR G 184 -34.53 17.67 -40.75
N GLU G 185 -35.54 18.53 -40.82
CA GLU G 185 -36.80 18.19 -41.48
C GLU G 185 -36.69 18.09 -42.99
N GLY G 186 -35.87 18.91 -43.62
CA GLY G 186 -35.74 18.88 -45.06
C GLY G 186 -36.77 19.76 -45.73
N THR G 187 -37.77 20.20 -44.96
CA THR G 187 -38.80 21.07 -45.51
C THR G 187 -38.29 22.47 -45.77
N PHE G 188 -37.06 22.78 -45.33
CA PHE G 188 -36.41 24.03 -45.69
C PHE G 188 -36.44 24.22 -47.20
N ARG G 189 -37.08 25.29 -47.66
CA ARG G 189 -37.24 25.52 -49.10
C ARG G 189 -36.81 26.94 -49.45
N PRO G 190 -35.71 27.10 -50.18
CA PRO G 190 -35.20 28.45 -50.48
C PRO G 190 -36.16 29.29 -51.31
N GLU G 191 -37.16 28.68 -51.95
CA GLU G 191 -38.15 29.46 -52.68
C GLU G 191 -38.89 30.39 -51.73
N ARG G 192 -39.24 29.90 -50.55
CA ARG G 192 -39.84 30.76 -49.53
C ARG G 192 -38.88 31.85 -49.09
N LEU G 193 -37.60 31.49 -48.92
CA LEU G 193 -36.59 32.46 -48.50
C LEU G 193 -36.35 33.53 -49.55
N LEU G 194 -36.68 33.27 -50.82
CA LEU G 194 -36.60 34.26 -51.88
C LEU G 194 -37.89 35.07 -51.94
N ALA G 195 -39.03 34.42 -51.74
CA ALA G 195 -40.33 35.07 -51.77
C ALA G 195 -40.46 36.11 -50.66
N VAL G 196 -39.96 35.79 -49.46
CA VAL G 196 -40.00 36.73 -48.35
C VAL G 196 -39.14 37.94 -48.66
N ALA G 197 -38.05 37.72 -49.41
CA ALA G 197 -37.21 38.83 -49.84
C ALA G 197 -37.99 39.78 -50.73
N GLU G 198 -39.02 39.28 -51.41
CA GLU G 198 -39.93 40.18 -52.12
C GLU G 198 -40.83 40.94 -51.15
N ARG G 199 -41.25 40.29 -50.06
CA ARG G 199 -42.03 40.98 -49.04
C ARG G 199 -41.28 42.16 -48.46
N TYR G 200 -40.04 41.95 -48.03
CA TYR G 200 -39.32 42.99 -47.31
C TYR G 200 -38.56 43.92 -48.25
N GLY G 201 -37.95 43.36 -49.29
CA GLY G 201 -37.29 44.20 -50.29
C GLY G 201 -35.82 43.93 -50.49
N LEU G 202 -35.37 42.72 -50.17
CA LEU G 202 -33.99 42.34 -50.40
C LEU G 202 -33.93 41.37 -51.57
N SER G 203 -32.72 40.99 -51.96
CA SER G 203 -32.49 40.16 -53.13
C SER G 203 -32.15 38.73 -52.72
N GLY G 204 -32.21 37.83 -53.71
CA GLY G 204 -31.88 36.44 -53.45
C GLY G 204 -30.42 36.25 -53.07
N SER G 205 -29.53 36.96 -53.74
CA SER G 205 -28.09 36.82 -53.50
C SER G 205 -27.73 37.18 -52.07
N ASP G 206 -28.41 38.18 -51.50
CA ASP G 206 -28.11 38.63 -50.14
C ASP G 206 -28.78 37.70 -49.12
N VAL G 207 -30.11 37.65 -49.13
CA VAL G 207 -30.89 36.93 -48.14
C VAL G 207 -30.57 35.43 -48.19
N LEU G 208 -30.57 34.87 -49.39
CA LEU G 208 -30.44 33.42 -49.55
C LEU G 208 -29.11 32.92 -49.01
N ASP G 209 -28.02 33.66 -49.26
CA ASP G 209 -26.69 33.22 -48.83
C ASP G 209 -26.47 33.64 -47.38
N ASN G 210 -27.43 33.27 -46.53
CA ASN G 210 -27.27 33.48 -45.10
C ASN G 210 -27.38 32.18 -44.32
N VAL G 211 -28.47 31.44 -44.53
CA VAL G 211 -28.77 30.26 -43.72
C VAL G 211 -27.83 29.12 -44.10
N ALA G 212 -27.28 28.44 -43.09
CA ALA G 212 -26.41 27.29 -43.32
C ALA G 212 -27.20 26.00 -43.13
N TYR G 213 -28.14 25.74 -44.04
CA TYR G 213 -29.02 24.59 -43.88
C TYR G 213 -28.26 23.29 -44.04
N ALA G 214 -28.67 22.29 -43.25
CA ALA G 214 -28.25 20.91 -43.44
C ALA G 214 -29.24 20.02 -42.73
N ARG G 215 -29.23 18.74 -43.07
CA ARG G 215 -30.22 17.80 -42.53
C ARG G 215 -29.51 16.50 -42.17
N GLY G 216 -29.36 16.25 -40.87
CA GLY G 216 -28.71 15.03 -40.43
C GLY G 216 -29.71 13.92 -40.28
N PHE G 217 -29.23 12.72 -39.94
CA PHE G 217 -30.12 11.57 -39.84
C PHE G 217 -30.01 10.86 -38.49
N ASN G 218 -28.87 10.98 -37.83
CA ASN G 218 -28.67 10.25 -36.57
C ASN G 218 -28.17 11.12 -35.42
N THR G 219 -28.58 12.38 -35.38
CA THR G 219 -28.20 13.22 -34.26
C THR G 219 -26.71 13.09 -33.93
N ASP G 220 -25.85 13.32 -34.91
CA ASP G 220 -24.42 13.21 -34.67
C ASP G 220 -24.07 14.00 -33.43
N HIS G 221 -23.22 13.43 -32.58
CA HIS G 221 -22.90 14.10 -31.31
C HIS G 221 -24.19 14.65 -30.72
N GLN G 222 -24.19 15.91 -30.32
CA GLN G 222 -25.41 16.53 -29.83
C GLN G 222 -26.35 16.66 -31.01
N THR G 223 -25.84 17.16 -32.13
CA THR G 223 -26.65 17.28 -33.33
C THR G 223 -25.69 17.22 -34.50
N GLN G 224 -26.13 16.67 -35.62
CA GLN G 224 -25.22 16.49 -36.75
C GLN G 224 -24.27 17.66 -36.99
N LEU G 225 -24.75 18.88 -36.82
CA LEU G 225 -23.90 20.05 -37.08
C LEU G 225 -23.68 20.93 -35.86
N LEU G 226 -24.60 20.89 -34.91
CA LEU G 226 -24.50 21.77 -33.73
C LEU G 226 -23.07 21.90 -33.23
N TYR G 227 -22.36 20.78 -33.14
CA TYR G 227 -21.00 20.81 -32.63
C TYR G 227 -20.08 21.58 -33.55
N GLN G 228 -20.18 21.33 -34.85
CA GLN G 228 -19.36 22.07 -35.81
C GLN G 228 -19.80 23.52 -35.87
N ALA G 229 -21.08 23.77 -35.63
CA ALA G 229 -21.61 25.13 -35.75
C ALA G 229 -20.80 26.12 -34.91
N GLU G 230 -20.53 25.78 -33.65
CA GLU G 230 -19.85 26.72 -32.78
C GLU G 230 -18.63 27.30 -33.48
N ASP G 231 -17.78 26.42 -34.01
CA ASP G 231 -16.59 26.88 -34.71
C ASP G 231 -16.97 27.52 -36.03
N MET G 232 -17.99 26.99 -36.69
CA MET G 232 -18.38 27.50 -38.00
C MET G 232 -18.77 28.98 -37.97
N MET G 233 -19.17 29.50 -36.81
CA MET G 233 -19.64 30.87 -36.76
C MET G 233 -19.03 31.72 -35.64
N VAL G 234 -17.82 31.37 -35.20
CA VAL G 234 -17.16 32.17 -34.17
C VAL G 234 -16.55 33.43 -34.78
N GLU G 235 -16.23 33.39 -36.07
CA GLU G 235 -15.48 34.46 -36.72
C GLU G 235 -16.32 35.68 -37.07
N SER G 236 -17.63 35.64 -36.88
CA SER G 236 -18.49 36.77 -37.23
C SER G 236 -19.71 36.73 -36.32
N ARG G 237 -20.38 37.88 -36.21
CA ARG G 237 -21.61 37.95 -35.43
C ARG G 237 -22.68 37.09 -36.09
N TYR G 238 -23.49 36.45 -35.25
CA TYR G 238 -24.41 35.43 -35.72
C TYR G 238 -25.67 35.49 -34.87
N ALA G 239 -26.75 34.89 -35.38
CA ALA G 239 -28.02 34.95 -34.67
C ALA G 239 -29.00 33.88 -35.13
N LEU G 240 -29.92 33.50 -34.24
CA LEU G 240 -31.05 32.65 -34.57
C LEU G 240 -30.64 31.28 -35.13
N LEU G 241 -30.00 30.46 -34.31
CA LEU G 241 -29.70 29.10 -34.73
C LEU G 241 -30.97 28.26 -34.64
N ILE G 242 -31.68 28.13 -35.76
CA ILE G 242 -32.95 27.41 -35.79
C ILE G 242 -32.72 25.91 -35.89
N VAL G 243 -33.46 25.15 -35.11
CA VAL G 243 -33.38 23.70 -35.20
C VAL G 243 -34.81 23.20 -35.31
N ASP G 244 -35.42 23.35 -36.49
CA ASP G 244 -36.82 22.99 -36.64
C ASP G 244 -37.07 21.54 -36.26
N SER G 245 -36.04 20.71 -36.35
CA SER G 245 -36.19 19.32 -35.94
C SER G 245 -35.73 19.15 -34.50
N ALA G 246 -36.67 19.22 -33.57
CA ALA G 246 -36.33 19.01 -32.17
C ALA G 246 -36.27 17.52 -31.90
N THR G 247 -37.42 16.89 -31.84
CA THR G 247 -37.46 15.44 -31.64
C THR G 247 -37.64 14.68 -32.95
N ALA G 248 -37.41 15.35 -34.07
CA ALA G 248 -37.59 14.69 -35.36
C ALA G 248 -36.59 13.55 -35.53
N LEU G 249 -35.31 13.84 -35.43
CA LEU G 249 -34.30 12.79 -35.52
C LEU G 249 -34.49 11.88 -34.33
N TYR G 250 -34.83 12.47 -33.18
CA TYR G 250 -34.98 11.69 -31.96
C TYR G 250 -36.31 10.96 -31.91
N ARG G 251 -37.15 11.17 -32.90
CA ARG G 251 -38.48 10.57 -32.87
C ARG G 251 -38.38 9.05 -32.77
N THR G 252 -37.55 8.47 -33.62
CA THR G 252 -37.41 7.01 -33.64
C THR G 252 -36.07 6.60 -33.07
N ASP G 253 -35.09 7.50 -33.10
CA ASP G 253 -33.80 7.19 -32.52
C ASP G 253 -34.03 6.76 -31.09
N TYR G 254 -33.52 5.60 -30.71
CA TYR G 254 -33.72 5.09 -29.36
C TYR G 254 -35.16 5.31 -28.89
N SER G 255 -36.12 4.68 -29.55
CA SER G 255 -37.53 4.87 -29.19
C SER G 255 -38.10 3.67 -28.43
N GLY G 256 -39.11 3.91 -27.61
CA GLY G 256 -39.70 2.83 -26.81
C GLY G 256 -39.16 2.85 -25.40
N ARG G 257 -39.98 2.46 -24.43
CA ARG G 257 -39.54 2.52 -23.04
C ARG G 257 -38.21 1.81 -22.88
N GLY G 258 -37.39 2.26 -21.94
CA GLY G 258 -36.07 1.69 -21.79
C GLY G 258 -35.14 2.58 -22.59
N GLU G 259 -35.47 2.80 -23.85
CA GLU G 259 -34.67 3.73 -24.64
C GLU G 259 -34.93 5.12 -24.12
N LEU G 260 -36.13 5.35 -23.60
CA LEU G 260 -36.48 6.65 -23.06
C LEU G 260 -35.43 7.07 -22.05
N SER G 261 -35.05 6.14 -21.18
CA SER G 261 -34.03 6.43 -20.19
C SER G 261 -32.88 7.20 -20.82
N ALA G 262 -32.26 6.62 -21.83
CA ALA G 262 -31.14 7.29 -22.49
C ALA G 262 -31.55 8.34 -23.49
N ARG G 263 -32.76 8.24 -24.06
CA ARG G 263 -33.22 9.24 -25.01
C ARG G 263 -33.39 10.59 -24.35
N GLN G 264 -33.97 10.64 -23.16
CA GLN G 264 -34.15 11.91 -22.48
C GLN G 264 -32.87 12.43 -21.85
N MET G 265 -31.83 11.61 -21.75
CA MET G 265 -30.51 12.09 -21.40
C MET G 265 -29.77 12.66 -22.61
N HIS G 266 -29.94 12.05 -23.78
CA HIS G 266 -29.39 12.61 -25.00
C HIS G 266 -30.06 13.93 -25.35
N LEU G 267 -31.37 14.02 -25.13
CA LEU G 267 -32.09 15.27 -25.32
C LEU G 267 -31.55 16.34 -24.38
N ALA G 268 -31.26 15.96 -23.15
CA ALA G 268 -30.64 16.90 -22.20
C ALA G 268 -29.28 17.36 -22.68
N ARG G 269 -28.47 16.44 -23.22
CA ARG G 269 -27.19 16.82 -23.77
C ARG G 269 -27.34 17.79 -24.93
N PHE G 270 -28.34 17.56 -25.79
CA PHE G 270 -28.59 18.46 -26.92
C PHE G 270 -28.98 19.86 -26.42
N LEU G 271 -29.89 19.92 -25.45
CA LEU G 271 -30.34 21.21 -24.92
C LEU G 271 -29.19 21.92 -24.22
N ARG G 272 -28.27 21.14 -23.64
CA ARG G 272 -27.08 21.70 -23.01
C ARG G 272 -26.23 22.43 -24.05
N MET G 273 -26.04 21.83 -25.22
CA MET G 273 -25.33 22.51 -26.30
C MET G 273 -26.10 23.74 -26.77
N LEU G 274 -27.43 23.63 -26.85
CA LEU G 274 -28.22 24.75 -27.33
C LEU G 274 -28.10 25.94 -26.39
N LEU G 275 -28.02 25.68 -25.10
CA LEU G 275 -27.71 26.71 -24.11
C LEU G 275 -26.25 27.14 -24.16
N ARG G 276 -25.34 26.25 -24.50
CA ARG G 276 -23.92 26.60 -24.51
C ARG G 276 -23.61 27.58 -25.63
N LEU G 277 -24.17 27.38 -26.83
CA LEU G 277 -24.08 28.44 -27.84
C LEU G 277 -24.78 29.72 -27.40
N ALA G 278 -25.96 29.59 -26.80
CA ALA G 278 -26.76 30.74 -26.44
C ALA G 278 -26.06 31.62 -25.41
N ASP G 279 -25.23 31.02 -24.57
CA ASP G 279 -24.51 31.77 -23.55
C ASP G 279 -23.02 31.91 -23.82
N GLU G 280 -22.51 31.35 -24.92
CA GLU G 280 -21.13 31.59 -25.32
C GLU G 280 -21.03 32.51 -26.52
N PHE G 281 -22.14 32.79 -27.20
CA PHE G 281 -22.10 33.70 -28.33
C PHE G 281 -23.22 34.72 -28.28
N GLY G 282 -24.18 34.53 -27.38
CA GLY G 282 -25.29 35.45 -27.26
C GLY G 282 -26.16 35.49 -28.51
N VAL G 283 -26.43 34.33 -29.09
CA VAL G 283 -27.26 34.23 -30.28
C VAL G 283 -28.68 33.86 -29.89
N ALA G 284 -29.63 34.10 -30.79
CA ALA G 284 -31.01 33.69 -30.60
C ALA G 284 -31.15 32.21 -30.92
N VAL G 285 -32.14 31.58 -30.29
CA VAL G 285 -32.42 30.16 -30.50
C VAL G 285 -33.91 29.99 -30.72
N VAL G 286 -34.27 29.21 -31.75
CA VAL G 286 -35.65 28.81 -31.95
C VAL G 286 -35.70 27.31 -32.22
N ILE G 287 -36.24 26.56 -31.28
CA ILE G 287 -36.42 25.13 -31.42
C ILE G 287 -37.88 24.85 -31.73
N THR G 288 -38.10 23.87 -32.60
CA THR G 288 -39.45 23.56 -33.07
C THR G 288 -39.74 22.08 -32.87
N ASN G 289 -40.85 21.78 -32.20
CA ASN G 289 -41.13 20.43 -31.75
C ASN G 289 -42.57 20.05 -32.08
N GLN G 290 -42.79 18.75 -32.20
CA GLN G 290 -44.10 18.22 -32.60
C GLN G 290 -45.02 18.14 -31.38
N VAL G 291 -46.15 17.46 -31.55
CA VAL G 291 -47.15 17.30 -30.51
C VAL G 291 -47.47 15.81 -30.39
N VAL G 292 -47.93 15.40 -29.21
CA VAL G 292 -48.30 14.01 -29.00
C VAL G 292 -49.74 13.91 -28.51
N ALA G 293 -50.36 12.75 -28.72
CA ALA G 293 -51.72 12.55 -28.24
C ALA G 293 -51.69 11.78 -26.92
N GLN G 294 -52.73 11.94 -26.11
CA GLN G 294 -52.78 11.25 -24.83
C GLN G 294 -53.51 9.92 -24.99
N VAL G 295 -52.91 8.98 -25.71
CA VAL G 295 -53.57 7.71 -25.96
C VAL G 295 -53.93 7.03 -24.66
N ASP G 296 -53.15 7.28 -23.61
CA ASP G 296 -53.42 6.68 -22.32
C ASP G 296 -54.89 6.84 -21.98
N GLY G 297 -55.45 8.02 -22.29
CA GLY G 297 -56.86 8.26 -22.02
C GLY G 297 -57.30 7.69 -20.69
N PRO G 305 -55.76 18.91 -24.73
CA PRO G 305 -54.56 18.38 -24.09
C PRO G 305 -53.42 18.19 -25.09
N LYS G 306 -52.75 19.28 -25.46
CA LYS G 306 -51.64 19.17 -26.39
C LYS G 306 -50.34 19.02 -25.62
N LYS G 307 -49.68 17.88 -25.79
CA LYS G 307 -48.46 17.62 -25.05
C LYS G 307 -47.23 17.75 -25.93
N PRO G 308 -46.33 18.66 -25.57
CA PRO G 308 -45.08 18.78 -26.33
C PRO G 308 -44.24 17.51 -26.16
N ILE G 309 -43.84 16.90 -27.25
CA ILE G 309 -43.04 15.69 -27.19
C ILE G 309 -41.69 15.97 -26.54
N GLY G 310 -41.21 15.04 -25.71
CA GLY G 310 -39.92 15.22 -25.08
C GLY G 310 -39.96 14.98 -23.58
N GLY G 311 -40.91 15.63 -22.90
CA GLY G 311 -41.04 15.45 -21.47
C GLY G 311 -40.40 16.55 -20.65
N ASN G 312 -40.27 16.33 -19.36
CA ASN G 312 -39.71 17.35 -18.47
C ASN G 312 -38.32 17.75 -18.90
N ILE G 313 -37.61 16.86 -19.58
CA ILE G 313 -36.24 17.14 -19.97
C ILE G 313 -36.18 18.42 -20.78
N ILE G 314 -37.14 18.59 -21.68
CA ILE G 314 -37.17 19.79 -22.51
C ILE G 314 -38.10 20.84 -21.90
N ALA G 315 -39.26 20.42 -21.44
CA ALA G 315 -40.22 21.36 -20.87
C ALA G 315 -39.64 22.19 -19.73
N HIS G 316 -38.47 21.81 -19.20
CA HIS G 316 -37.85 22.57 -18.13
C HIS G 316 -36.71 23.43 -18.65
N ALA G 317 -35.86 22.84 -19.50
CA ALA G 317 -34.68 23.54 -20.00
C ALA G 317 -35.05 24.73 -20.87
N SER G 318 -36.08 24.59 -21.70
CA SER G 318 -36.51 25.69 -22.56
C SER G 318 -36.93 26.89 -21.73
N THR G 319 -36.24 28.01 -21.91
CA THR G 319 -36.52 29.20 -21.11
C THR G 319 -37.75 29.95 -21.59
N THR G 320 -38.32 29.60 -22.74
CA THR G 320 -39.55 30.19 -23.22
C THR G 320 -40.27 29.13 -24.05
N ARG G 321 -41.58 29.26 -24.18
CA ARG G 321 -42.34 28.28 -24.96
C ARG G 321 -43.56 28.95 -25.60
N LEU G 322 -43.67 28.82 -26.91
CA LEU G 322 -44.77 29.43 -27.67
C LEU G 322 -45.49 28.32 -28.41
N TYR G 323 -46.77 28.14 -28.10
CA TYR G 323 -47.56 27.04 -28.66
C TYR G 323 -48.68 27.62 -29.51
N LEU G 324 -48.49 27.59 -30.83
CA LEU G 324 -49.46 28.13 -31.76
C LEU G 324 -50.35 27.01 -32.28
N ARG G 325 -51.67 27.13 -32.03
CA ARG G 325 -52.55 26.02 -32.37
C ARG G 325 -53.21 26.14 -33.73
N LYS G 326 -54.25 26.97 -33.83
CA LYS G 326 -54.93 27.21 -35.09
C LYS G 326 -56.02 28.26 -34.96
N GLY G 327 -56.02 29.24 -35.84
CA GLY G 327 -57.18 30.11 -35.97
C GLY G 327 -58.03 29.68 -37.16
N ARG G 328 -59.22 30.28 -37.27
CA ARG G 328 -60.08 30.01 -38.41
C ARG G 328 -59.43 30.50 -39.70
N GLY G 329 -59.01 29.57 -40.55
CA GLY G 329 -58.32 29.88 -41.78
C GLY G 329 -56.84 29.57 -41.68
N GLU G 330 -56.06 30.37 -42.41
CA GLU G 330 -54.61 30.24 -42.37
C GLU G 330 -54.07 30.81 -41.07
N THR G 331 -54.94 31.44 -40.28
CA THR G 331 -54.56 31.99 -39.00
C THR G 331 -54.23 30.88 -38.00
N ARG G 332 -53.39 31.23 -37.03
CA ARG G 332 -53.04 30.37 -35.91
C ARG G 332 -53.18 31.18 -34.62
N ILE G 333 -53.54 30.49 -33.54
CA ILE G 333 -53.71 31.13 -32.23
C ILE G 333 -52.46 30.81 -31.42
N CYS G 334 -51.61 31.83 -31.22
CA CYS G 334 -50.32 31.64 -30.57
C CYS G 334 -50.46 31.75 -29.04
N LYS G 335 -50.74 30.64 -28.38
CA LYS G 335 -50.88 30.62 -26.92
C LYS G 335 -49.50 30.61 -26.30
N ILE G 336 -49.23 31.56 -25.42
CA ILE G 336 -47.94 31.58 -24.74
C ILE G 336 -47.99 30.60 -23.60
N TYR G 337 -47.65 29.34 -23.88
CA TYR G 337 -47.76 28.33 -22.84
C TYR G 337 -47.00 28.75 -21.60
N ASP G 338 -45.72 29.05 -21.75
CA ASP G 338 -44.91 29.41 -20.58
C ASP G 338 -43.90 30.48 -20.93
N SER G 339 -43.57 31.32 -19.95
CA SER G 339 -42.58 32.36 -20.17
C SER G 339 -42.14 32.91 -18.83
N PRO G 340 -40.84 33.19 -18.67
CA PRO G 340 -40.36 33.64 -17.37
C PRO G 340 -40.81 35.06 -17.07
N CYS G 341 -41.30 35.77 -18.07
CA CYS G 341 -41.80 37.13 -17.83
C CYS G 341 -43.08 37.39 -18.59
N LEU G 342 -43.11 37.04 -19.88
CA LEU G 342 -44.27 37.31 -20.69
C LEU G 342 -45.58 36.93 -20.02
N PRO G 343 -46.52 37.87 -19.95
CA PRO G 343 -47.84 37.55 -19.40
C PRO G 343 -48.65 36.66 -20.31
N GLU G 344 -48.49 35.33 -20.16
CA GLU G 344 -49.06 34.33 -21.06
C GLU G 344 -50.45 34.69 -21.57
N ALA G 345 -50.62 34.65 -22.90
CA ALA G 345 -51.86 35.09 -23.54
C ALA G 345 -52.02 34.44 -24.90
N GLU G 346 -52.93 34.96 -25.72
CA GLU G 346 -53.22 34.39 -27.02
C GLU G 346 -52.94 35.42 -28.11
N ALA G 347 -52.93 34.98 -29.35
CA ALA G 347 -52.65 35.86 -30.49
C ALA G 347 -53.38 35.31 -31.70
N MET G 348 -53.05 35.85 -32.88
CA MET G 348 -53.65 35.44 -34.14
C MET G 348 -52.80 35.89 -35.32
N PHE G 349 -52.42 34.97 -36.21
CA PHE G 349 -51.54 35.32 -37.32
C PHE G 349 -51.82 34.38 -38.48
N ALA G 350 -52.08 34.95 -39.66
CA ALA G 350 -52.41 34.14 -40.82
C ALA G 350 -51.15 33.66 -41.53
N ILE G 351 -51.33 32.83 -42.55
CA ILE G 351 -50.22 32.33 -43.36
C ILE G 351 -50.58 32.64 -44.81
N ASN G 352 -50.13 33.80 -45.28
CA ASN G 352 -50.35 34.18 -46.66
C ASN G 352 -49.11 33.77 -47.41
N ALA G 353 -48.74 34.52 -48.44
CA ALA G 353 -47.58 34.17 -49.24
C ALA G 353 -46.41 33.84 -48.32
N ASP G 354 -46.16 34.70 -47.35
CA ASP G 354 -45.09 34.43 -46.40
C ASP G 354 -45.70 34.11 -45.04
N GLY G 355 -47.03 34.04 -44.99
CA GLY G 355 -47.70 33.70 -43.74
C GLY G 355 -47.33 34.59 -42.58
N VAL G 356 -47.06 33.98 -41.44
CA VAL G 356 -46.64 34.73 -40.26
C VAL G 356 -47.40 36.05 -40.10
N GLY G 357 -48.73 35.99 -40.08
CA GLY G 357 -49.50 37.19 -39.86
C GLY G 357 -50.57 37.49 -40.88
N ASP G 358 -51.45 38.45 -40.55
CA ASP G 358 -52.51 38.83 -41.46
C ASP G 358 -51.95 39.51 -42.71
N PRO H 44 -27.07 5.54 -55.81
CA PRO H 44 -26.23 4.64 -55.01
C PRO H 44 -24.74 4.93 -55.15
N GLN H 45 -23.92 4.24 -54.36
CA GLN H 45 -22.48 4.36 -54.41
C GLN H 45 -21.86 2.97 -54.37
N PRO H 46 -20.81 2.73 -55.15
CA PRO H 46 -20.13 1.43 -55.08
C PRO H 46 -19.51 1.20 -53.70
N ILE H 47 -19.73 0.01 -53.14
CA ILE H 47 -19.24 -0.30 -51.80
C ILE H 47 -17.73 -0.55 -51.88
N SER H 48 -17.21 -0.66 -53.10
CA SER H 48 -15.77 -0.87 -53.28
C SER H 48 -14.97 0.31 -52.76
N ARG H 49 -15.58 1.51 -52.71
CA ARG H 49 -14.88 2.67 -52.19
C ARG H 49 -14.57 2.52 -50.71
N LEU H 50 -15.47 1.89 -49.95
CA LEU H 50 -15.17 1.58 -48.55
C LEU H 50 -14.02 0.58 -48.45
N GLU H 51 -14.00 -0.42 -49.33
CA GLU H 51 -12.91 -1.39 -49.33
C GLU H 51 -11.69 -0.79 -50.01
N GLN H 52 -10.92 -0.02 -49.25
CA GLN H 52 -9.71 0.65 -49.72
C GLN H 52 -8.93 1.10 -48.49
N CYS H 53 -7.68 1.47 -48.71
CA CYS H 53 -6.78 1.90 -47.64
C CYS H 53 -6.72 0.86 -46.52
N GLY H 54 -6.61 -0.42 -46.90
CA GLY H 54 -6.46 -1.48 -45.94
C GLY H 54 -7.74 -2.06 -45.38
N ILE H 55 -8.90 -1.64 -45.87
CA ILE H 55 -10.17 -2.17 -45.36
C ILE H 55 -10.40 -3.56 -45.95
N ASN H 56 -10.63 -4.54 -45.07
CA ASN H 56 -10.82 -5.90 -45.50
C ASN H 56 -12.18 -6.07 -46.17
N ALA H 57 -12.21 -6.89 -47.24
CA ALA H 57 -13.43 -7.11 -47.99
C ALA H 57 -14.42 -8.01 -47.26
N ASN H 58 -13.95 -8.84 -46.33
CA ASN H 58 -14.86 -9.69 -45.56
C ASN H 58 -15.72 -8.85 -44.63
N ASP H 59 -15.14 -7.82 -44.01
CA ASP H 59 -15.95 -6.90 -43.22
C ASP H 59 -16.94 -6.16 -44.10
N VAL H 60 -16.53 -5.83 -45.32
CA VAL H 60 -17.43 -5.20 -46.29
C VAL H 60 -18.62 -6.11 -46.59
N LYS H 61 -18.35 -7.40 -46.83
CA LYS H 61 -19.46 -8.30 -47.16
C LYS H 61 -20.35 -8.55 -45.96
N LYS H 62 -19.79 -8.55 -44.74
CA LYS H 62 -20.64 -8.79 -43.58
C LYS H 62 -21.50 -7.57 -43.27
N LEU H 63 -20.99 -6.35 -43.51
CA LEU H 63 -21.84 -5.18 -43.35
C LEU H 63 -22.85 -5.07 -44.50
N GLU H 64 -22.50 -5.64 -45.67
CA GLU H 64 -23.49 -5.82 -46.73
C GLU H 64 -24.60 -6.76 -46.30
N GLU H 65 -24.24 -7.85 -45.62
CA GLU H 65 -25.24 -8.74 -45.04
C GLU H 65 -26.10 -8.00 -44.02
N ALA H 66 -25.49 -7.12 -43.22
CA ALA H 66 -26.24 -6.31 -42.27
C ALA H 66 -27.31 -5.48 -42.98
N GLY H 67 -27.03 -5.03 -44.19
CA GLY H 67 -28.03 -4.32 -44.97
C GLY H 67 -27.48 -3.15 -45.77
N TYR H 68 -26.32 -2.64 -45.38
CA TYR H 68 -25.76 -1.48 -46.06
C TYR H 68 -25.17 -1.88 -47.40
N HIS H 69 -25.60 -1.18 -48.46
CA HIS H 69 -25.20 -1.54 -49.81
C HIS H 69 -24.32 -0.50 -50.48
N THR H 70 -24.29 0.74 -49.99
CA THR H 70 -23.54 1.82 -50.62
C THR H 70 -22.69 2.53 -49.58
N VAL H 71 -21.74 3.33 -50.07
CA VAL H 71 -20.97 4.19 -49.20
C VAL H 71 -21.87 5.22 -48.51
N GLU H 72 -22.85 5.76 -49.24
CA GLU H 72 -23.81 6.68 -48.64
C GLU H 72 -24.62 6.02 -47.54
N ALA H 73 -24.80 4.70 -47.62
CA ALA H 73 -25.52 3.99 -46.56
C ALA H 73 -24.72 4.01 -45.25
N VAL H 74 -23.40 4.09 -45.35
CA VAL H 74 -22.54 4.13 -44.16
C VAL H 74 -22.23 5.59 -43.85
N ALA H 75 -22.99 6.49 -44.46
CA ALA H 75 -22.89 7.93 -44.17
C ALA H 75 -23.98 8.34 -43.19
N TYR H 76 -25.24 7.98 -43.47
CA TYR H 76 -26.30 8.24 -42.50
C TYR H 76 -26.33 7.18 -41.41
N ALA H 77 -25.50 6.15 -41.53
CA ALA H 77 -25.52 5.00 -40.64
C ALA H 77 -25.25 5.42 -39.20
N PRO H 78 -26.14 5.08 -38.27
CA PRO H 78 -25.86 5.30 -36.86
C PRO H 78 -24.62 4.54 -36.42
N LYS H 79 -23.80 5.20 -35.61
CA LYS H 79 -22.61 4.55 -35.07
C LYS H 79 -23.00 3.37 -34.17
N LYS H 80 -23.99 3.58 -33.31
CA LYS H 80 -24.42 2.57 -32.36
C LYS H 80 -25.14 1.39 -33.02
N GLU H 81 -26.09 1.66 -33.90
CA GLU H 81 -26.83 0.55 -34.51
C GLU H 81 -25.93 -0.28 -35.42
N LEU H 82 -25.07 0.39 -36.20
CA LEU H 82 -24.11 -0.32 -37.02
C LEU H 82 -23.09 -1.07 -36.16
N ILE H 83 -22.71 -0.48 -35.03
CA ILE H 83 -21.65 -1.04 -34.19
C ILE H 83 -22.13 -2.33 -33.53
N ASN H 84 -23.45 -2.55 -33.50
CA ASN H 84 -24.00 -3.72 -32.80
C ASN H 84 -23.70 -5.01 -33.54
N ILE H 85 -23.68 -4.96 -34.87
CA ILE H 85 -23.57 -6.16 -35.69
C ILE H 85 -22.32 -6.94 -35.31
N LYS H 86 -22.41 -8.27 -35.36
CA LYS H 86 -21.32 -9.12 -34.90
C LYS H 86 -20.23 -9.19 -35.96
N GLY H 87 -19.02 -8.81 -35.58
CA GLY H 87 -17.93 -8.75 -36.55
C GLY H 87 -17.46 -7.31 -36.47
N ILE H 88 -18.29 -6.46 -35.87
CA ILE H 88 -17.93 -5.05 -35.73
C ILE H 88 -17.93 -4.68 -34.26
N SER H 89 -16.82 -4.19 -33.75
CA SER H 89 -16.72 -3.88 -32.33
C SER H 89 -16.04 -2.55 -32.02
N GLU H 90 -16.67 -1.44 -32.39
CA GLU H 90 -16.13 -0.12 -32.09
C GLU H 90 -14.66 0.02 -32.47
N ALA H 91 -14.25 -0.63 -33.56
CA ALA H 91 -12.88 -0.54 -34.02
C ALA H 91 -12.87 -0.91 -35.48
N LYS H 92 -12.07 -0.23 -36.30
CA LYS H 92 -12.06 -0.49 -37.74
C LYS H 92 -13.37 0.00 -38.33
N ALA H 93 -14.48 -0.25 -37.66
CA ALA H 93 -15.77 0.25 -38.13
C ALA H 93 -15.74 1.76 -38.06
N ASP H 94 -15.11 2.28 -37.02
CA ASP H 94 -14.98 3.73 -36.89
C ASP H 94 -14.11 4.22 -38.03
N LYS H 95 -13.05 3.48 -38.33
CA LYS H 95 -12.19 3.84 -39.45
C LYS H 95 -13.03 3.85 -40.71
N ILE H 96 -13.92 2.87 -40.82
CA ILE H 96 -14.82 2.85 -41.97
C ILE H 96 -15.56 4.17 -42.00
N LEU H 97 -16.11 4.56 -40.85
CA LEU H 97 -16.82 5.83 -40.78
C LEU H 97 -15.95 6.98 -41.26
N THR H 98 -14.68 7.00 -40.86
CA THR H 98 -13.79 8.07 -41.31
C THR H 98 -13.58 8.02 -42.82
N GLU H 99 -13.43 6.82 -43.38
CA GLU H 99 -13.30 6.69 -44.83
C GLU H 99 -14.55 7.17 -45.55
N ALA H 100 -15.73 6.81 -45.03
CA ALA H 100 -16.98 7.28 -45.63
C ALA H 100 -17.10 8.79 -45.54
N ALA H 101 -16.60 9.39 -44.46
CA ALA H 101 -16.56 10.84 -44.36
C ALA H 101 -15.63 11.43 -45.41
N LYS H 102 -14.48 10.79 -45.64
CA LYS H 102 -13.55 11.29 -46.64
C LYS H 102 -14.14 11.25 -48.04
N LEU H 103 -14.76 10.12 -48.42
CA LEU H 103 -15.32 10.00 -49.76
C LEU H 103 -16.63 10.74 -49.94
N VAL H 104 -17.55 10.62 -48.99
CA VAL H 104 -18.87 11.24 -49.08
C VAL H 104 -18.96 12.31 -47.99
N PRO H 105 -18.79 13.60 -48.35
CA PRO H 105 -18.80 14.62 -47.30
C PRO H 105 -20.08 15.43 -47.27
N MET H 106 -20.73 15.49 -46.11
CA MET H 106 -21.95 16.29 -45.98
C MET H 106 -21.97 16.98 -44.63
N GLY H 107 -22.07 18.31 -44.63
CA GLY H 107 -22.12 19.06 -43.39
C GLY H 107 -22.90 20.34 -43.59
N PHE H 108 -22.28 21.48 -43.32
CA PHE H 108 -22.95 22.76 -43.54
C PHE H 108 -22.99 23.11 -45.03
N THR H 109 -24.19 23.50 -45.48
CA THR H 109 -24.38 24.04 -46.82
C THR H 109 -25.22 25.30 -46.73
N THR H 110 -24.79 26.36 -47.41
CA THR H 110 -25.58 27.58 -47.49
C THR H 110 -26.68 27.40 -48.54
N ALA H 111 -27.68 28.27 -48.49
CA ALA H 111 -28.95 28.05 -49.19
C ALA H 111 -28.87 28.22 -50.69
N THR H 112 -27.84 28.89 -51.22
CA THR H 112 -27.79 29.13 -52.66
C THR H 112 -27.11 27.98 -53.41
N GLU H 113 -25.97 27.51 -52.90
CA GLU H 113 -25.29 26.38 -53.50
C GLU H 113 -26.18 25.15 -53.38
N PHE H 114 -26.89 25.00 -52.26
CA PHE H 114 -27.93 23.98 -52.18
C PHE H 114 -29.08 24.30 -53.13
N HIS H 115 -29.46 25.58 -53.22
CA HIS H 115 -30.62 25.97 -54.01
C HIS H 115 -30.47 25.59 -55.47
N GLN H 116 -29.24 25.57 -55.97
CA GLN H 116 -28.99 25.08 -57.33
C GLN H 116 -29.67 23.73 -57.54
N ARG H 117 -29.26 22.73 -56.77
CA ARG H 117 -29.81 21.38 -56.91
C ARG H 117 -31.25 21.32 -56.39
N ARG H 118 -31.60 22.18 -55.44
CA ARG H 118 -32.94 22.13 -54.85
C ARG H 118 -33.99 22.58 -55.85
N SER H 119 -33.73 23.69 -56.53
CA SER H 119 -34.65 24.15 -57.54
C SER H 119 -34.55 23.17 -58.71
N GLU H 120 -33.44 22.48 -58.79
CA GLU H 120 -33.25 21.52 -59.86
C GLU H 120 -33.93 20.20 -59.53
N ILE H 121 -35.25 20.18 -59.61
CA ILE H 121 -35.98 18.95 -59.37
C ILE H 121 -36.91 18.67 -60.53
N ILE H 122 -36.61 17.61 -61.29
CA ILE H 122 -37.43 17.26 -62.43
C ILE H 122 -38.87 17.05 -61.98
N GLN H 123 -39.05 16.57 -60.76
CA GLN H 123 -40.39 16.29 -60.25
C GLN H 123 -40.96 15.10 -61.01
N ILE H 124 -42.21 14.77 -60.73
CA ILE H 124 -42.85 13.66 -61.42
C ILE H 124 -44.24 14.02 -61.89
N THR H 125 -44.32 14.87 -62.92
CA THR H 125 -45.63 15.19 -63.48
C THR H 125 -46.23 13.91 -64.00
N THR H 126 -47.49 13.65 -63.69
CA THR H 126 -48.10 12.39 -64.09
C THR H 126 -49.15 12.52 -65.18
N GLY H 127 -49.58 13.74 -65.47
CA GLY H 127 -50.63 13.91 -66.45
C GLY H 127 -51.24 15.29 -66.56
N SER H 128 -52.56 15.34 -66.48
CA SER H 128 -53.36 16.54 -66.74
C SER H 128 -52.79 17.77 -66.05
N LYS H 129 -52.96 18.92 -66.71
CA LYS H 129 -52.37 20.19 -66.29
C LYS H 129 -52.77 20.58 -64.87
N GLU H 130 -54.04 20.35 -64.50
CA GLU H 130 -54.55 20.79 -63.21
C GLU H 130 -53.83 20.12 -62.04
N LEU H 131 -53.72 18.78 -62.08
CA LEU H 131 -53.13 18.02 -60.98
C LEU H 131 -51.70 18.46 -60.73
N ASP H 132 -50.89 18.53 -61.80
CA ASP H 132 -49.50 18.91 -61.63
C ASP H 132 -49.36 20.39 -61.30
N LYS H 133 -50.27 21.22 -61.81
CA LYS H 133 -50.28 22.63 -61.48
C LYS H 133 -50.48 22.82 -59.98
N LEU H 134 -51.31 21.97 -59.38
CA LEU H 134 -51.40 21.95 -57.92
C LEU H 134 -50.10 21.45 -57.31
N LEU H 135 -49.66 20.26 -57.72
CA LEU H 135 -48.54 19.59 -57.06
C LEU H 135 -47.22 20.03 -57.69
N GLN H 136 -46.90 21.33 -57.52
CA GLN H 136 -45.62 21.94 -57.87
C GLN H 136 -44.97 21.39 -59.13
N GLY H 137 -45.75 21.27 -60.21
CA GLY H 137 -45.26 20.76 -61.48
C GLY H 137 -44.66 19.39 -61.38
N GLY H 138 -45.28 18.51 -60.60
CA GLY H 138 -44.79 17.16 -60.39
C GLY H 138 -44.41 16.91 -58.94
N ILE H 139 -44.38 15.63 -58.60
CA ILE H 139 -44.09 15.19 -57.23
C ILE H 139 -42.62 15.44 -56.92
N GLU H 140 -42.32 15.62 -55.65
CA GLU H 140 -40.95 15.91 -55.24
C GLU H 140 -40.08 14.67 -55.19
N THR H 141 -39.32 14.43 -56.25
CA THR H 141 -38.41 13.29 -56.25
C THR H 141 -37.37 13.50 -55.16
N GLY H 142 -37.03 12.45 -54.44
CA GLY H 142 -36.11 12.58 -53.33
C GLY H 142 -36.88 12.92 -52.07
N SER H 143 -38.19 13.10 -52.19
CA SER H 143 -39.00 13.46 -51.05
C SER H 143 -40.26 12.60 -51.00
N ILE H 144 -41.05 12.76 -49.93
CA ILE H 144 -42.26 11.96 -49.78
C ILE H 144 -43.52 12.73 -50.10
N THR H 145 -44.60 12.01 -50.39
CA THR H 145 -45.89 12.64 -50.68
C THR H 145 -47.01 11.64 -50.46
N GLU H 146 -47.80 11.81 -49.40
CA GLU H 146 -48.75 10.78 -49.03
C GLU H 146 -50.18 11.24 -49.28
N MET H 147 -51.08 10.24 -49.37
CA MET H 147 -52.41 10.42 -49.93
C MET H 147 -53.39 10.75 -48.79
N PHE H 148 -54.66 10.94 -49.15
CA PHE H 148 -55.74 11.20 -48.20
C PHE H 148 -57.08 10.82 -48.80
N GLY H 149 -57.81 9.91 -48.15
CA GLY H 149 -59.13 9.53 -48.63
C GLY H 149 -59.65 8.25 -48.01
N GLU H 150 -60.97 8.02 -48.13
CA GLU H 150 -61.58 6.87 -47.47
C GLU H 150 -61.40 5.59 -48.28
N PHE H 151 -62.03 5.54 -49.46
CA PHE H 151 -61.97 4.37 -50.35
C PHE H 151 -62.74 4.72 -51.61
N ARG H 152 -62.62 3.84 -52.62
CA ARG H 152 -63.34 3.97 -53.88
C ARG H 152 -63.13 5.34 -54.52
N THR H 153 -61.90 5.87 -54.44
CA THR H 153 -61.62 7.23 -54.88
C THR H 153 -60.87 7.28 -56.20
N GLY H 154 -59.81 6.50 -56.36
CA GLY H 154 -59.04 6.53 -57.59
C GLY H 154 -57.54 6.60 -57.38
N LYS H 155 -57.11 6.44 -56.12
CA LYS H 155 -55.68 6.48 -55.81
C LYS H 155 -54.94 5.31 -56.46
N THR H 156 -55.54 4.12 -56.46
CA THR H 156 -54.88 2.94 -56.98
C THR H 156 -54.42 3.16 -58.42
N GLN H 157 -55.17 3.95 -59.17
CA GLN H 157 -54.82 4.22 -60.57
C GLN H 157 -54.07 5.54 -60.76
N ILE H 158 -53.97 6.38 -59.74
CA ILE H 158 -52.89 7.38 -59.74
C ILE H 158 -51.55 6.67 -59.59
N CYS H 159 -51.53 5.57 -58.83
CA CYS H 159 -50.33 4.74 -58.75
C CYS H 159 -49.93 4.23 -60.12
N HIS H 160 -50.91 3.77 -60.89
CA HIS H 160 -50.65 3.19 -62.21
C HIS H 160 -50.01 4.22 -63.14
N THR H 161 -50.57 5.42 -63.19
CA THR H 161 -50.05 6.44 -64.10
C THR H 161 -48.72 7.00 -63.61
N LEU H 162 -48.52 7.07 -62.29
CA LEU H 162 -47.25 7.53 -61.76
C LEU H 162 -46.12 6.55 -62.10
N ALA H 163 -46.39 5.26 -61.90
CA ALA H 163 -45.38 4.24 -62.12
C ALA H 163 -44.97 4.15 -63.58
N VAL H 164 -45.79 4.68 -64.49
CA VAL H 164 -45.41 4.64 -65.90
C VAL H 164 -44.86 5.99 -66.36
N THR H 165 -45.32 7.10 -65.76
CA THR H 165 -44.67 8.38 -66.02
C THR H 165 -43.24 8.40 -65.45
N CYS H 166 -42.91 7.43 -64.59
CA CYS H 166 -41.52 7.20 -64.21
C CYS H 166 -40.58 7.28 -65.40
N GLN H 167 -40.90 6.57 -66.49
CA GLN H 167 -39.96 6.41 -67.59
C GLN H 167 -39.97 7.61 -68.54
N LEU H 168 -41.10 8.34 -68.59
CA LEU H 168 -41.32 9.42 -69.55
C LEU H 168 -40.10 10.32 -69.70
N PRO H 169 -39.73 10.69 -70.94
CA PRO H 169 -38.53 11.51 -71.17
C PRO H 169 -38.49 12.80 -70.35
N ILE H 170 -37.32 13.42 -70.29
CA ILE H 170 -37.14 14.68 -69.56
C ILE H 170 -38.00 15.77 -70.18
N ASP H 171 -38.26 15.67 -71.49
CA ASP H 171 -39.19 16.60 -72.12
C ASP H 171 -40.63 16.28 -71.74
N ARG H 172 -40.93 15.01 -71.49
CA ARG H 172 -42.27 14.61 -71.06
C ARG H 172 -42.48 14.78 -69.56
N GLY H 173 -41.44 15.11 -68.80
CA GLY H 173 -41.57 15.26 -67.37
C GLY H 173 -41.18 14.02 -66.58
N GLY H 174 -39.99 13.47 -66.85
CA GLY H 174 -39.50 12.33 -66.12
C GLY H 174 -38.01 12.13 -66.30
N GLY H 175 -37.50 10.93 -66.00
CA GLY H 175 -36.07 10.70 -66.07
C GLY H 175 -35.62 9.34 -66.56
N GLU H 176 -36.53 8.57 -67.15
CA GLU H 176 -36.23 7.24 -67.69
C GLU H 176 -35.61 6.34 -66.62
N GLY H 177 -36.41 6.08 -65.58
CA GLY H 177 -35.98 5.28 -64.45
C GLY H 177 -36.79 4.01 -64.28
N LYS H 178 -36.21 3.08 -63.54
CA LYS H 178 -36.87 1.82 -63.23
C LYS H 178 -37.85 2.00 -62.08
N ALA H 179 -39.09 1.58 -62.30
CA ALA H 179 -40.17 1.86 -61.35
C ALA H 179 -40.16 0.84 -60.22
N MET H 180 -41.08 1.00 -59.27
CA MET H 180 -41.21 0.11 -58.12
C MET H 180 -42.60 0.27 -57.55
N TYR H 181 -43.19 -0.84 -57.09
CA TYR H 181 -44.54 -0.81 -56.56
C TYR H 181 -44.84 -2.07 -55.77
N ILE H 182 -45.29 -1.91 -54.53
CA ILE H 182 -45.77 -3.01 -53.71
C ILE H 182 -47.09 -2.58 -53.10
N ASP H 183 -48.14 -3.40 -53.30
CA ASP H 183 -49.46 -3.16 -52.72
C ASP H 183 -49.98 -4.50 -52.20
N THR H 184 -49.94 -4.66 -50.87
CA THR H 184 -50.30 -5.94 -50.26
C THR H 184 -51.78 -6.26 -50.38
N GLU H 185 -52.61 -5.26 -50.69
CA GLU H 185 -54.05 -5.46 -50.74
C GLU H 185 -54.47 -6.16 -52.03
N GLY H 186 -53.50 -6.58 -52.83
CA GLY H 186 -53.78 -7.26 -54.09
C GLY H 186 -54.50 -6.38 -55.08
N THR H 187 -54.23 -5.08 -55.03
CA THR H 187 -54.83 -4.13 -55.97
C THR H 187 -53.89 -3.79 -57.13
N PHE H 188 -52.72 -4.41 -57.20
CA PHE H 188 -51.85 -4.21 -58.35
C PHE H 188 -52.49 -4.82 -59.59
N ARG H 189 -52.57 -4.02 -60.65
CA ARG H 189 -53.33 -4.40 -61.84
C ARG H 189 -52.54 -3.99 -63.08
N PRO H 190 -51.84 -4.92 -63.73
CA PRO H 190 -51.05 -4.57 -64.92
C PRO H 190 -51.90 -4.22 -66.13
N GLU H 191 -53.21 -4.48 -66.11
CA GLU H 191 -54.07 -4.18 -67.25
C GLU H 191 -54.17 -2.67 -67.47
N ARG H 192 -54.47 -1.92 -66.42
CA ARG H 192 -54.47 -0.47 -66.56
C ARG H 192 -53.06 0.07 -66.80
N LEU H 193 -52.03 -0.63 -66.33
CA LEU H 193 -50.67 -0.26 -66.69
C LEU H 193 -50.45 -0.32 -68.19
N LEU H 194 -50.92 -1.40 -68.82
CA LEU H 194 -50.86 -1.50 -70.27
C LEU H 194 -51.74 -0.47 -70.95
N ALA H 195 -52.87 -0.13 -70.34
CA ALA H 195 -53.74 0.90 -70.91
C ALA H 195 -53.03 2.25 -70.95
N VAL H 196 -52.38 2.64 -69.84
CA VAL H 196 -51.64 3.90 -69.83
C VAL H 196 -50.41 3.80 -70.73
N ALA H 197 -49.83 2.61 -70.89
CA ALA H 197 -48.74 2.44 -71.84
C ALA H 197 -49.20 2.69 -73.27
N GLU H 198 -50.39 2.19 -73.61
CA GLU H 198 -50.98 2.48 -74.92
C GLU H 198 -51.25 3.97 -75.08
N ARG H 199 -51.75 4.60 -74.02
CA ARG H 199 -51.95 6.06 -74.05
C ARG H 199 -50.64 6.80 -74.29
N TYR H 200 -49.55 6.34 -73.69
CA TYR H 200 -48.26 7.01 -73.77
C TYR H 200 -47.44 6.56 -74.97
N GLY H 201 -47.92 5.59 -75.75
CA GLY H 201 -47.22 5.13 -76.92
C GLY H 201 -46.18 4.06 -76.64
N LEU H 202 -45.56 4.12 -75.47
CA LEU H 202 -44.50 3.17 -75.13
C LEU H 202 -45.07 1.77 -75.00
N SER H 203 -44.26 0.79 -75.41
CA SER H 203 -44.69 -0.60 -75.40
C SER H 203 -44.94 -1.07 -73.96
N GLY H 204 -45.93 -1.96 -73.82
CA GLY H 204 -46.25 -2.48 -72.50
C GLY H 204 -45.15 -3.33 -71.90
N SER H 205 -44.33 -3.96 -72.73
CA SER H 205 -43.26 -4.82 -72.26
C SER H 205 -42.23 -4.02 -71.46
N ASP H 206 -41.80 -2.89 -72.00
CA ASP H 206 -40.86 -2.04 -71.27
C ASP H 206 -41.58 -1.33 -70.14
N VAL H 207 -42.80 -0.88 -70.39
CA VAL H 207 -43.56 -0.20 -69.36
C VAL H 207 -43.72 -1.12 -68.17
N LEU H 208 -44.00 -2.39 -68.42
CA LEU H 208 -44.15 -3.34 -67.34
C LEU H 208 -42.79 -3.73 -66.77
N ASP H 209 -41.77 -3.69 -67.60
CA ASP H 209 -40.43 -4.10 -67.16
C ASP H 209 -39.87 -3.20 -66.06
N ASN H 210 -40.09 -1.90 -66.17
CA ASN H 210 -39.51 -0.97 -65.19
C ASN H 210 -39.97 -1.26 -63.77
N VAL H 211 -41.23 -1.64 -63.60
CA VAL H 211 -41.76 -1.86 -62.26
C VAL H 211 -41.96 -3.34 -61.94
N ALA H 212 -41.50 -3.77 -60.78
CA ALA H 212 -41.71 -5.16 -60.36
C ALA H 212 -42.72 -5.20 -59.22
N TYR H 213 -43.18 -6.39 -58.85
CA TYR H 213 -44.20 -6.48 -57.81
C TYR H 213 -44.07 -7.80 -57.07
N ALA H 214 -43.93 -7.72 -55.74
CA ALA H 214 -43.86 -8.89 -54.88
C ALA H 214 -44.84 -8.73 -53.73
N ARG H 215 -45.70 -9.72 -53.53
CA ARG H 215 -46.73 -9.64 -52.51
C ARG H 215 -46.11 -9.73 -51.11
N GLY H 216 -46.66 -8.95 -50.19
CA GLY H 216 -46.25 -8.97 -48.79
C GLY H 216 -47.43 -9.31 -47.91
N PHE H 217 -47.16 -9.66 -46.65
CA PHE H 217 -48.21 -10.09 -45.73
C PHE H 217 -48.14 -9.42 -44.36
N ASN H 218 -47.22 -8.49 -44.15
CA ASN H 218 -47.11 -7.82 -42.85
C ASN H 218 -46.28 -6.55 -43.02
N THR H 219 -46.32 -5.70 -41.99
CA THR H 219 -45.52 -4.48 -42.00
C THR H 219 -44.03 -4.80 -41.99
N ASP H 220 -43.62 -5.81 -41.23
CA ASP H 220 -42.25 -6.26 -41.27
C ASP H 220 -41.89 -6.83 -42.64
N HIS H 221 -42.87 -7.34 -43.38
CA HIS H 221 -42.62 -7.72 -44.77
C HIS H 221 -42.24 -6.49 -45.59
N GLN H 222 -42.90 -5.35 -45.34
CA GLN H 222 -42.53 -4.12 -46.01
C GLN H 222 -41.19 -3.57 -45.55
N THR H 223 -40.81 -3.76 -44.28
CA THR H 223 -39.48 -3.33 -43.86
C THR H 223 -38.39 -4.19 -44.50
N GLN H 224 -38.60 -5.51 -44.51
CA GLN H 224 -37.70 -6.40 -45.22
C GLN H 224 -37.70 -6.10 -46.71
N LEU H 225 -38.83 -5.64 -47.25
CA LEU H 225 -38.89 -5.21 -48.64
C LEU H 225 -38.21 -3.87 -48.87
N LEU H 226 -38.06 -3.04 -47.85
CA LEU H 226 -37.27 -1.83 -48.01
C LEU H 226 -35.78 -2.14 -48.01
N TYR H 227 -35.34 -3.04 -47.13
CA TYR H 227 -34.00 -3.59 -47.29
C TYR H 227 -33.80 -4.32 -48.62
N GLN H 228 -34.80 -5.06 -49.07
CA GLN H 228 -34.77 -5.71 -50.37
C GLN H 228 -34.85 -4.70 -51.51
N ALA H 229 -35.40 -3.51 -51.26
CA ALA H 229 -35.30 -2.42 -52.23
C ALA H 229 -33.87 -1.93 -52.31
N GLU H 230 -33.21 -1.78 -51.18
CA GLU H 230 -31.80 -1.41 -51.20
C GLU H 230 -31.05 -2.51 -51.91
N ASP H 231 -31.73 -3.63 -52.14
CA ASP H 231 -31.09 -4.76 -52.80
C ASP H 231 -31.56 -4.89 -54.24
N MET H 232 -32.79 -4.47 -54.52
CA MET H 232 -33.33 -4.62 -55.87
C MET H 232 -33.41 -3.29 -56.61
N MET H 233 -33.16 -2.19 -55.91
CA MET H 233 -33.16 -0.88 -56.57
C MET H 233 -31.74 -0.40 -56.80
N VAL H 234 -30.80 -0.85 -55.98
CA VAL H 234 -29.42 -0.38 -56.09
C VAL H 234 -28.80 -0.65 -57.45
N GLU H 235 -29.15 -1.78 -58.06
CA GLU H 235 -28.59 -2.13 -59.37
C GLU H 235 -28.52 -0.93 -60.30
N SER H 236 -29.65 -0.28 -60.53
CA SER H 236 -29.67 0.87 -61.42
C SER H 236 -30.40 2.03 -60.78
N ARG H 237 -30.55 3.13 -61.51
CA ARG H 237 -31.31 4.25 -60.98
C ARG H 237 -32.78 3.93 -61.15
N TYR H 238 -33.51 3.91 -60.05
CA TYR H 238 -34.92 3.59 -60.13
C TYR H 238 -35.76 4.85 -59.98
N ALA H 239 -36.93 4.86 -60.62
CA ALA H 239 -37.78 6.04 -60.59
C ALA H 239 -38.75 6.06 -59.42
N LEU H 240 -39.81 6.86 -59.52
CA LEU H 240 -40.77 6.99 -58.43
C LEU H 240 -41.43 5.67 -58.03
N LEU H 241 -41.77 5.53 -56.76
CA LEU H 241 -42.41 4.30 -56.29
C LEU H 241 -43.64 4.60 -55.44
N ILE H 242 -44.61 3.69 -55.43
CA ILE H 242 -45.84 3.90 -54.69
C ILE H 242 -46.09 2.70 -53.81
N VAL H 243 -46.65 2.92 -52.63
CA VAL H 243 -46.96 1.85 -51.70
C VAL H 243 -48.27 2.16 -51.00
N ASP H 244 -49.12 1.13 -50.90
CA ASP H 244 -50.37 1.17 -50.15
C ASP H 244 -50.39 -0.05 -49.22
N SER H 245 -49.23 -0.39 -48.65
CA SER H 245 -49.09 -1.62 -47.90
C SER H 245 -48.85 -1.36 -46.41
N ALA H 246 -47.79 -0.60 -46.10
CA ALA H 246 -47.40 -0.41 -44.71
C ALA H 246 -48.11 0.76 -44.04
N THR H 247 -48.91 1.52 -44.79
CA THR H 247 -49.67 2.63 -44.22
C THR H 247 -51.15 2.31 -44.04
N ALA H 248 -51.65 1.26 -44.69
CA ALA H 248 -53.03 0.82 -44.51
C ALA H 248 -53.16 -0.52 -43.81
N LEU H 249 -52.07 -1.25 -43.60
CA LEU H 249 -52.16 -2.52 -42.86
C LEU H 249 -52.33 -2.27 -41.37
N TYR H 250 -51.94 -1.07 -40.90
CA TYR H 250 -51.88 -0.82 -39.46
C TYR H 250 -53.27 -0.76 -38.84
N ARG H 251 -54.32 -0.73 -39.68
CA ARG H 251 -55.69 -0.69 -39.20
C ARG H 251 -56.03 -1.93 -38.38
N THR H 252 -55.59 -3.11 -38.82
CA THR H 252 -55.76 -4.34 -38.06
C THR H 252 -54.47 -5.13 -37.90
N ASP H 253 -53.31 -4.53 -38.17
CA ASP H 253 -52.05 -5.17 -37.81
C ASP H 253 -51.95 -5.32 -36.29
N TYR H 254 -52.52 -4.37 -35.56
CA TYR H 254 -52.44 -4.38 -34.10
C TYR H 254 -53.80 -4.28 -33.43
N SER H 255 -53.81 -4.25 -32.10
CA SER H 255 -55.08 -4.20 -31.36
C SER H 255 -55.64 -2.79 -31.27
N GLY H 256 -56.82 -2.66 -30.66
CA GLY H 256 -57.47 -1.36 -30.58
C GLY H 256 -56.79 -0.30 -29.73
N ARG H 257 -56.41 -0.64 -28.51
CA ARG H 257 -55.81 0.36 -27.62
C ARG H 257 -55.02 -0.29 -26.48
N GLY H 258 -54.14 0.47 -25.85
CA GLY H 258 -53.31 -0.07 -24.79
C GLY H 258 -52.05 -0.67 -25.39
N GLU H 259 -52.01 -0.76 -26.71
CA GLU H 259 -50.83 -1.30 -27.38
C GLU H 259 -50.38 -0.33 -28.46
N LEU H 260 -50.96 0.87 -28.47
CA LEU H 260 -50.64 1.84 -29.51
C LEU H 260 -49.14 1.92 -29.80
N SER H 261 -48.30 1.72 -28.78
CA SER H 261 -46.86 1.72 -29.02
C SER H 261 -46.51 0.81 -30.20
N ALA H 262 -47.34 -0.20 -30.46
CA ALA H 262 -47.12 -1.12 -31.57
C ALA H 262 -47.16 -0.40 -32.91
N ARG H 263 -48.10 0.51 -33.09
CA ARG H 263 -48.17 1.29 -34.33
C ARG H 263 -47.24 2.49 -34.30
N GLN H 264 -47.10 3.13 -33.14
CA GLN H 264 -46.28 4.34 -33.05
C GLN H 264 -44.80 3.99 -32.91
N MET H 265 -44.48 2.70 -32.98
CA MET H 265 -43.10 2.25 -32.85
C MET H 265 -42.70 1.70 -34.22
N HIS H 266 -43.70 1.38 -35.03
CA HIS H 266 -43.46 0.76 -36.33
C HIS H 266 -43.65 1.74 -37.47
N LEU H 267 -44.75 2.50 -37.43
CA LEU H 267 -45.01 3.51 -38.45
C LEU H 267 -43.92 4.57 -38.45
N ALA H 268 -43.51 5.02 -37.26
CA ALA H 268 -42.45 6.01 -37.16
C ALA H 268 -41.18 5.50 -37.83
N ARG H 269 -40.79 4.27 -37.46
CA ARG H 269 -39.62 3.60 -38.03
C ARG H 269 -39.69 3.58 -39.56
N PHE H 270 -40.71 2.93 -40.11
CA PHE H 270 -40.74 2.73 -41.55
C PHE H 270 -40.91 4.06 -42.28
N LEU H 271 -41.68 4.99 -41.71
CA LEU H 271 -41.89 6.29 -42.32
C LEU H 271 -40.59 7.08 -42.42
N ARG H 272 -39.82 7.12 -41.33
CA ARG H 272 -38.54 7.80 -41.39
C ARG H 272 -37.59 7.08 -42.34
N MET H 273 -37.73 5.76 -42.46
CA MET H 273 -36.80 5.00 -43.27
C MET H 273 -37.10 5.26 -44.75
N LEU H 274 -38.37 5.55 -45.07
CA LEU H 274 -38.73 5.97 -46.41
C LEU H 274 -37.98 7.24 -46.82
N LEU H 275 -38.02 8.26 -45.96
CA LEU H 275 -37.31 9.50 -46.29
C LEU H 275 -35.80 9.27 -46.27
N ARG H 276 -35.33 8.35 -45.42
CA ARG H 276 -33.92 8.01 -45.39
C ARG H 276 -33.45 7.43 -46.72
N LEU H 277 -34.25 6.52 -47.30
CA LEU H 277 -33.88 6.00 -48.62
C LEU H 277 -34.06 7.06 -49.70
N ALA H 278 -35.08 7.91 -49.55
CA ALA H 278 -35.36 8.93 -50.56
C ALA H 278 -34.22 9.93 -50.67
N ASP H 279 -33.60 10.29 -49.55
CA ASP H 279 -32.49 11.24 -49.61
C ASP H 279 -31.24 10.62 -50.22
N GLU H 280 -31.03 9.32 -50.01
CA GLU H 280 -29.80 8.68 -50.49
C GLU H 280 -29.71 8.68 -52.01
N PHE H 281 -30.79 8.33 -52.70
CA PHE H 281 -30.77 8.22 -54.15
C PHE H 281 -31.65 9.25 -54.85
N GLY H 282 -32.20 10.22 -54.13
CA GLY H 282 -33.17 11.12 -54.73
C GLY H 282 -34.44 10.41 -55.14
N VAL H 283 -34.86 9.41 -54.35
CA VAL H 283 -36.01 8.60 -54.74
C VAL H 283 -37.28 9.42 -54.65
N ALA H 284 -38.08 9.39 -55.71
CA ALA H 284 -39.41 9.96 -55.67
C ALA H 284 -40.35 9.02 -54.93
N VAL H 285 -40.92 9.49 -53.83
CA VAL H 285 -41.70 8.65 -52.94
C VAL H 285 -43.11 9.22 -52.85
N VAL H 286 -44.10 8.36 -53.08
CA VAL H 286 -45.50 8.70 -52.86
C VAL H 286 -46.18 7.54 -52.15
N ILE H 287 -47.08 7.86 -51.23
CA ILE H 287 -47.70 6.89 -50.34
C ILE H 287 -49.20 7.08 -50.39
N THR H 288 -49.94 5.98 -50.23
CA THR H 288 -51.40 6.00 -50.24
C THR H 288 -51.91 5.75 -48.81
N ASN H 289 -52.30 6.82 -48.13
CA ASN H 289 -52.79 6.72 -46.76
C ASN H 289 -54.27 6.33 -46.73
N GLN H 290 -54.59 5.37 -45.88
CA GLN H 290 -55.98 5.15 -45.49
C GLN H 290 -56.41 6.26 -44.51
N VAL H 291 -57.71 6.49 -44.41
CA VAL H 291 -58.24 7.50 -43.52
C VAL H 291 -59.39 6.90 -42.70
N VAL H 292 -59.72 7.58 -41.60
CA VAL H 292 -60.77 7.14 -40.69
C VAL H 292 -61.83 8.23 -40.61
N ALA H 293 -62.92 7.90 -39.92
CA ALA H 293 -64.07 8.80 -39.78
C ALA H 293 -64.17 9.22 -38.31
N GLN H 294 -63.80 10.47 -38.05
CA GLN H 294 -63.92 11.01 -36.70
C GLN H 294 -65.38 11.25 -36.34
N VAL H 295 -65.79 10.78 -35.17
CA VAL H 295 -67.16 10.89 -34.72
C VAL H 295 -67.21 11.49 -33.32
N ASP H 296 -66.18 12.28 -32.98
CA ASP H 296 -66.09 12.86 -31.64
C ASP H 296 -67.28 13.76 -31.34
N GLY H 297 -67.66 14.61 -32.28
CA GLY H 297 -68.79 15.51 -32.10
C GLY H 297 -68.64 16.83 -32.82
N PRO H 305 -63.49 16.30 -40.39
CA PRO H 305 -62.70 15.58 -39.38
C PRO H 305 -62.37 14.16 -39.82
N LYS H 306 -61.18 13.96 -40.39
CA LYS H 306 -60.79 12.65 -40.89
C LYS H 306 -59.64 12.01 -40.11
N LYS H 307 -58.71 12.78 -39.55
CA LYS H 307 -57.74 12.33 -38.55
C LYS H 307 -57.02 11.05 -38.98
N PRO H 308 -56.07 11.12 -39.91
CA PRO H 308 -55.45 9.91 -40.46
C PRO H 308 -54.65 9.10 -39.45
N ILE H 309 -54.47 7.81 -39.73
CA ILE H 309 -53.76 6.89 -38.84
C ILE H 309 -52.30 7.30 -38.71
N GLY H 310 -51.78 7.26 -37.48
CA GLY H 310 -50.43 7.71 -37.19
C GLY H 310 -50.43 9.12 -36.64
N GLY H 311 -51.43 9.91 -37.05
CA GLY H 311 -51.65 11.24 -36.56
C GLY H 311 -50.48 12.18 -36.79
N ASN H 312 -50.06 12.83 -35.71
CA ASN H 312 -48.98 13.80 -35.81
C ASN H 312 -47.68 13.17 -36.26
N ILE H 313 -47.45 11.90 -35.92
CA ILE H 313 -46.27 11.20 -36.37
C ILE H 313 -46.21 11.17 -37.89
N ILE H 314 -47.29 10.72 -38.53
CA ILE H 314 -47.24 10.56 -39.98
C ILE H 314 -47.27 11.93 -40.63
N ALA H 315 -47.97 12.89 -40.02
CA ALA H 315 -48.12 14.21 -40.62
C ALA H 315 -46.91 15.11 -40.36
N HIS H 316 -45.96 14.69 -39.51
CA HIS H 316 -44.91 15.61 -39.09
C HIS H 316 -43.99 16.03 -40.24
N ALA H 317 -43.61 15.13 -41.13
CA ALA H 317 -42.76 15.54 -42.24
C ALA H 317 -43.61 15.85 -43.47
N SER H 318 -44.22 14.81 -44.05
CA SER H 318 -45.26 14.90 -45.07
C SER H 318 -45.10 16.11 -45.99
N THR H 319 -43.94 16.23 -46.63
CA THR H 319 -43.56 17.47 -47.32
C THR H 319 -44.66 17.94 -48.27
N THR H 320 -45.30 17.01 -48.97
CA THR H 320 -46.49 17.31 -49.72
C THR H 320 -47.55 16.25 -49.43
N ARG H 321 -48.77 16.71 -49.17
CA ARG H 321 -49.89 15.82 -48.83
C ARG H 321 -50.93 15.92 -49.94
N LEU H 322 -51.13 14.82 -50.65
CA LEU H 322 -52.16 14.75 -51.68
C LEU H 322 -53.51 14.49 -51.05
N TYR H 323 -54.22 15.54 -50.64
CA TYR H 323 -55.54 15.39 -50.05
C TYR H 323 -56.58 15.26 -51.14
N LEU H 324 -57.55 14.38 -50.93
CA LEU H 324 -58.52 14.06 -51.96
C LEU H 324 -59.92 14.03 -51.34
N ARG H 325 -60.92 14.29 -52.16
CA ARG H 325 -62.32 14.13 -51.78
C ARG H 325 -63.14 13.89 -53.05
N LYS H 326 -63.52 12.64 -53.30
CA LYS H 326 -64.14 12.30 -54.58
C LYS H 326 -65.47 13.04 -54.76
N GLY H 327 -65.65 13.61 -55.95
CA GLY H 327 -66.86 14.31 -56.29
C GLY H 327 -67.75 13.48 -57.21
N ARG H 328 -68.67 14.18 -57.87
CA ARG H 328 -69.59 13.53 -58.80
C ARG H 328 -68.84 12.90 -59.96
N GLY H 329 -69.23 11.67 -60.29
CA GLY H 329 -68.61 10.99 -61.42
C GLY H 329 -67.16 10.63 -61.14
N GLU H 330 -66.41 10.56 -62.24
CA GLU H 330 -64.99 10.20 -62.16
C GLU H 330 -64.13 11.32 -61.59
N THR H 331 -64.68 12.53 -61.46
CA THR H 331 -63.93 13.65 -60.92
C THR H 331 -63.75 13.51 -59.42
N ARG H 332 -62.74 14.21 -58.89
CA ARG H 332 -62.39 14.15 -57.48
C ARG H 332 -61.52 15.34 -57.14
N ILE H 333 -61.79 15.96 -55.98
CA ILE H 333 -61.04 17.14 -55.57
C ILE H 333 -59.61 16.76 -55.22
N CYS H 334 -58.67 17.56 -55.71
CA CYS H 334 -57.24 17.43 -55.37
C CYS H 334 -56.84 18.68 -54.62
N LYS H 335 -56.74 18.58 -53.30
CA LYS H 335 -56.25 19.68 -52.49
C LYS H 335 -54.78 19.46 -52.12
N ILE H 336 -54.11 20.56 -51.78
CA ILE H 336 -52.74 20.51 -51.31
C ILE H 336 -52.78 20.69 -49.81
N TYR H 337 -52.84 19.59 -49.06
CA TYR H 337 -53.06 19.68 -47.63
C TYR H 337 -51.84 20.28 -46.93
N ASP H 338 -50.69 19.61 -47.06
CA ASP H 338 -49.47 20.16 -46.46
C ASP H 338 -48.43 20.45 -47.54
N SER H 339 -47.97 21.69 -47.58
CA SER H 339 -46.92 22.10 -48.50
C SER H 339 -46.24 23.33 -47.92
N PRO H 340 -45.08 23.15 -47.29
CA PRO H 340 -44.31 24.34 -46.89
C PRO H 340 -43.58 24.95 -48.08
N CYS H 341 -44.27 24.99 -49.22
CA CYS H 341 -43.79 25.70 -50.40
C CYS H 341 -44.92 26.46 -51.06
N LEU H 342 -46.16 25.97 -50.90
CA LEU H 342 -47.36 26.47 -51.58
C LEU H 342 -48.51 26.69 -50.61
N PRO H 343 -49.46 27.54 -50.96
CA PRO H 343 -50.63 27.75 -50.11
C PRO H 343 -51.60 26.58 -50.16
N GLU H 344 -52.70 26.73 -49.42
CA GLU H 344 -53.80 25.78 -49.40
C GLU H 344 -54.65 25.93 -50.65
N ALA H 345 -54.36 25.14 -51.69
CA ALA H 345 -55.06 25.22 -52.96
C ALA H 345 -55.87 23.95 -53.21
N GLU H 346 -56.90 24.08 -54.03
CA GLU H 346 -57.81 22.97 -54.33
C GLU H 346 -58.11 22.99 -55.82
N ALA H 347 -58.55 21.83 -56.33
CA ALA H 347 -59.01 21.70 -57.70
C ALA H 347 -59.89 20.47 -57.88
N MET H 348 -60.12 20.08 -59.13
CA MET H 348 -60.92 18.91 -59.47
C MET H 348 -60.32 18.20 -60.68
N PHE H 349 -60.29 16.87 -60.68
CA PHE H 349 -59.74 16.14 -61.80
C PHE H 349 -60.42 14.79 -61.91
N ALA H 350 -60.65 14.35 -63.14
CA ALA H 350 -61.21 13.04 -63.43
C ALA H 350 -60.10 12.02 -63.57
N ILE H 351 -60.49 10.75 -63.67
CA ILE H 351 -59.56 9.64 -63.84
C ILE H 351 -60.16 8.65 -64.84
N ASN H 352 -59.70 8.72 -66.08
CA ASN H 352 -60.25 7.89 -67.15
C ASN H 352 -59.56 6.53 -67.21
N ALA H 353 -59.82 5.77 -68.27
CA ALA H 353 -59.27 4.43 -68.39
C ALA H 353 -57.76 4.43 -68.59
N ASP H 354 -57.20 5.53 -69.11
CA ASP H 354 -55.76 5.65 -69.33
C ASP H 354 -55.05 6.28 -68.13
N GLY H 355 -55.57 6.07 -66.93
CA GLY H 355 -55.13 6.83 -65.79
C GLY H 355 -55.90 8.14 -65.67
N VAL H 356 -55.38 9.03 -64.83
CA VAL H 356 -56.04 10.30 -64.56
C VAL H 356 -56.07 11.19 -65.81
N GLY H 357 -57.25 11.72 -66.12
CA GLY H 357 -57.40 12.62 -67.25
C GLY H 357 -58.06 13.92 -66.80
N ASP H 358 -58.30 14.78 -67.78
CA ASP H 358 -58.92 16.08 -67.50
C ASP H 358 -60.42 15.92 -67.28
N PRO I 44 16.56 -47.90 8.18
CA PRO I 44 16.43 -49.35 8.06
C PRO I 44 17.53 -50.11 8.79
N GLN I 45 18.23 -49.41 9.68
CA GLN I 45 19.31 -50.03 10.45
C GLN I 45 19.22 -49.59 11.90
N PRO I 46 18.59 -50.39 12.77
CA PRO I 46 18.51 -50.00 14.18
C PRO I 46 19.89 -49.98 14.80
N ILE I 47 19.98 -49.37 15.98
CA ILE I 47 21.29 -49.31 16.65
C ILE I 47 21.48 -50.61 17.41
N SER I 48 21.84 -51.66 16.69
CA SER I 48 22.29 -52.93 17.26
C SER I 48 23.49 -53.38 16.46
N ARG I 49 23.67 -52.77 15.29
CA ARG I 49 24.86 -52.95 14.47
C ARG I 49 25.92 -51.88 14.74
N LEU I 50 25.67 -51.00 15.71
CA LEU I 50 26.63 -49.98 16.14
C LEU I 50 27.13 -50.24 17.55
N GLU I 51 26.51 -51.17 18.28
CA GLU I 51 26.93 -51.53 19.63
C GLU I 51 28.03 -52.60 19.55
N GLN I 52 29.04 -52.27 18.75
CA GLN I 52 30.13 -53.20 18.46
C GLN I 52 31.42 -52.47 18.13
N CYS I 53 32.49 -53.24 17.90
CA CYS I 53 33.79 -52.70 17.51
C CYS I 53 34.31 -51.69 18.52
N GLY I 54 34.58 -52.15 19.74
CA GLY I 54 35.09 -51.28 20.78
C GLY I 54 34.04 -50.42 21.44
N ILE I 55 32.77 -50.65 21.09
CA ILE I 55 31.65 -49.96 21.71
C ILE I 55 30.70 -50.98 22.29
N ASN I 56 30.36 -50.80 23.58
CA ASN I 56 29.35 -51.63 24.23
C ASN I 56 27.96 -51.11 23.89
N ALA I 57 26.94 -51.65 24.55
CA ALA I 57 25.58 -51.18 24.32
C ALA I 57 25.08 -50.20 25.36
N ASN I 58 25.74 -50.07 26.51
CA ASN I 58 25.32 -49.15 27.55
C ASN I 58 25.40 -47.70 27.06
N ASP I 59 26.47 -47.33 26.37
CA ASP I 59 26.60 -45.95 25.88
C ASP I 59 25.56 -45.64 24.82
N VAL I 60 25.28 -46.59 23.93
CA VAL I 60 24.31 -46.39 22.86
C VAL I 60 22.92 -46.37 23.49
N LYS I 61 22.79 -46.95 24.68
CA LYS I 61 21.53 -46.91 25.39
C LYS I 61 21.15 -45.47 25.72
N LYS I 62 22.16 -44.63 25.97
CA LYS I 62 21.95 -43.19 26.11
C LYS I 62 21.53 -42.54 24.81
N LEU I 63 22.10 -42.96 23.68
CA LEU I 63 21.70 -42.46 22.38
C LEU I 63 20.22 -42.73 22.13
N GLU I 64 19.74 -43.89 22.56
CA GLU I 64 18.33 -44.24 22.36
C GLU I 64 17.40 -43.18 22.98
N GLU I 65 17.60 -42.86 24.26
CA GLU I 65 16.74 -41.83 24.83
C GLU I 65 17.12 -40.43 24.39
N ALA I 66 18.30 -40.25 23.78
CA ALA I 66 18.65 -38.97 23.18
C ALA I 66 17.82 -38.66 21.93
N GLY I 67 17.14 -39.65 21.37
CA GLY I 67 16.33 -39.43 20.19
C GLY I 67 16.70 -40.36 19.04
N TYR I 68 17.98 -40.73 18.99
CA TYR I 68 18.52 -41.53 17.89
C TYR I 68 18.14 -43.00 18.03
N HIS I 69 17.50 -43.57 17.00
CA HIS I 69 17.15 -44.98 16.99
C HIS I 69 17.70 -45.69 15.75
N THR I 70 18.57 -45.04 14.99
CA THR I 70 19.05 -45.60 13.73
C THR I 70 20.52 -45.26 13.56
N VAL I 71 21.23 -46.13 12.86
CA VAL I 71 22.65 -45.90 12.56
C VAL I 71 22.78 -44.72 11.62
N GLU I 72 21.75 -44.50 10.80
CA GLU I 72 21.72 -43.37 9.88
C GLU I 72 21.20 -42.11 10.55
N ALA I 73 20.93 -42.16 11.85
CA ALA I 73 20.50 -40.99 12.59
C ALA I 73 21.60 -40.37 13.44
N VAL I 74 22.66 -41.11 13.75
CA VAL I 74 23.81 -40.53 14.43
C VAL I 74 24.85 -40.08 13.43
N ALA I 75 24.90 -40.73 12.26
CA ALA I 75 25.81 -40.33 11.20
C ALA I 75 25.35 -39.02 10.56
N TYR I 76 24.05 -38.80 10.51
CA TYR I 76 23.50 -37.57 9.95
C TYR I 76 23.53 -36.46 11.00
N ALA I 77 24.03 -36.78 12.20
CA ALA I 77 24.04 -35.84 13.31
C ALA I 77 25.45 -35.32 13.55
N PRO I 78 25.59 -34.04 13.87
CA PRO I 78 26.92 -33.46 14.04
C PRO I 78 27.55 -33.83 15.36
N LYS I 79 28.82 -33.48 15.51
CA LYS I 79 29.57 -33.75 16.73
C LYS I 79 28.95 -33.06 17.92
N LYS I 80 28.57 -31.79 17.76
CA LYS I 80 28.01 -30.99 18.84
C LYS I 80 26.69 -31.56 19.36
N GLU I 81 25.81 -31.98 18.45
CA GLU I 81 24.50 -32.48 18.88
C GLU I 81 24.64 -33.74 19.73
N LEU I 82 25.53 -34.64 19.34
CA LEU I 82 25.69 -35.87 20.12
C LEU I 82 26.73 -35.72 21.24
N ILE I 83 27.41 -34.59 21.35
CA ILE I 83 28.35 -34.35 22.44
C ILE I 83 27.66 -33.74 23.65
N ASN I 84 26.49 -33.14 23.46
CA ASN I 84 25.76 -32.55 24.58
C ASN I 84 25.07 -33.64 25.40
N ILE I 85 24.98 -34.85 24.85
CA ILE I 85 24.39 -35.99 25.55
C ILE I 85 25.22 -36.30 26.78
N LYS I 86 24.55 -36.46 27.92
CA LYS I 86 25.24 -36.84 29.16
C LYS I 86 25.79 -38.25 29.02
N GLY I 87 27.11 -38.41 29.16
CA GLY I 87 27.73 -39.70 29.02
C GLY I 87 28.78 -39.72 27.93
N ILE I 88 28.47 -39.08 26.81
CA ILE I 88 29.37 -39.13 25.65
C ILE I 88 30.70 -38.43 25.85
N SER I 89 31.77 -39.20 25.93
CA SER I 89 33.09 -38.61 26.01
C SER I 89 33.48 -38.25 24.58
N GLU I 90 34.42 -37.35 24.42
CA GLU I 90 34.81 -36.92 23.09
C GLU I 90 35.21 -38.14 22.29
N ALA I 91 35.93 -39.07 22.92
CA ALA I 91 36.30 -40.29 22.24
C ALA I 91 35.04 -41.07 21.90
N LYS I 92 34.16 -41.22 22.89
CA LYS I 92 32.92 -41.92 22.63
C LYS I 92 32.29 -41.28 21.41
N ALA I 93 32.38 -39.96 21.32
CA ALA I 93 31.78 -39.24 20.21
C ALA I 93 32.47 -39.55 18.88
N ASP I 94 33.80 -39.40 18.82
CA ASP I 94 34.47 -39.59 17.55
C ASP I 94 34.44 -41.05 17.11
N LYS I 95 34.49 -41.99 18.06
CA LYS I 95 34.36 -43.39 17.72
C LYS I 95 32.97 -43.69 17.18
N ILE I 96 31.94 -43.14 17.81
CA ILE I 96 30.57 -43.35 17.36
C ILE I 96 30.43 -42.86 15.93
N LEU I 97 30.94 -41.66 15.66
CA LEU I 97 30.81 -41.12 14.31
C LEU I 97 31.61 -41.94 13.29
N THR I 98 32.85 -42.29 13.62
CA THR I 98 33.68 -43.03 12.67
C THR I 98 33.17 -44.43 12.41
N GLU I 99 32.47 -45.04 13.38
CA GLU I 99 31.91 -46.36 13.16
C GLU I 99 30.50 -46.33 12.60
N ALA I 100 29.81 -45.20 12.70
CA ALA I 100 28.56 -45.02 11.97
C ALA I 100 28.84 -44.73 10.49
N ALA I 101 29.97 -44.07 10.21
CA ALA I 101 30.33 -43.79 8.83
C ALA I 101 30.55 -45.06 8.03
N LYS I 102 30.89 -46.15 8.72
CA LYS I 102 31.12 -47.43 8.05
C LYS I 102 29.87 -47.95 7.37
N LEU I 103 28.72 -47.84 8.04
CA LEU I 103 27.47 -48.45 7.58
C LEU I 103 26.59 -47.48 6.79
N VAL I 104 27.05 -46.26 6.55
CA VAL I 104 26.28 -45.30 5.77
C VAL I 104 27.15 -44.79 4.63
N PRO I 105 26.65 -44.76 3.39
CA PRO I 105 27.44 -44.20 2.29
C PRO I 105 27.63 -42.70 2.42
N MET I 106 28.85 -42.27 2.72
CA MET I 106 29.19 -40.86 2.92
C MET I 106 30.40 -40.56 2.03
N GLY I 107 30.14 -40.22 0.78
CA GLY I 107 31.21 -40.04 -0.18
C GLY I 107 30.73 -39.39 -1.45
N PHE I 108 31.53 -39.56 -2.51
CA PHE I 108 31.32 -38.87 -3.78
C PHE I 108 30.92 -39.89 -4.84
N THR I 109 29.62 -40.15 -4.93
CA THR I 109 29.11 -40.99 -6.00
C THR I 109 29.03 -40.19 -7.30
N THR I 110 28.81 -40.88 -8.40
CA THR I 110 28.62 -40.22 -9.68
C THR I 110 27.15 -39.91 -9.88
N ALA I 111 26.79 -39.28 -10.99
CA ALA I 111 25.41 -38.95 -11.29
C ALA I 111 24.72 -40.00 -12.13
N THR I 112 25.46 -41.02 -12.59
CA THR I 112 24.85 -42.17 -13.25
C THR I 112 24.53 -43.28 -12.27
N GLU I 113 24.93 -43.11 -11.01
CA GLU I 113 24.51 -44.01 -9.93
C GLU I 113 23.41 -43.39 -9.09
N PHE I 114 23.31 -42.06 -9.09
CA PHE I 114 22.19 -41.37 -8.49
C PHE I 114 20.99 -41.28 -9.43
N HIS I 115 21.18 -41.47 -10.73
CA HIS I 115 20.07 -41.53 -11.67
C HIS I 115 19.37 -42.87 -11.64
N GLN I 116 20.09 -43.96 -11.34
CA GLN I 116 19.49 -45.27 -11.22
C GLN I 116 19.01 -45.57 -9.81
N ARG I 117 19.21 -44.65 -8.87
CA ARG I 117 18.60 -44.73 -7.56
C ARG I 117 17.29 -43.96 -7.47
N ARG I 118 17.09 -42.96 -8.33
CA ARG I 118 15.81 -42.25 -8.42
C ARG I 118 14.97 -42.73 -9.59
N SER I 119 15.41 -43.79 -10.27
CA SER I 119 14.58 -44.48 -11.25
C SER I 119 13.81 -45.62 -10.61
N GLU I 120 13.93 -45.76 -9.29
CA GLU I 120 13.18 -46.75 -8.54
C GLU I 120 12.55 -46.10 -7.33
N ILE I 121 12.37 -44.78 -7.37
CA ILE I 121 11.73 -44.05 -6.30
C ILE I 121 10.23 -44.31 -6.37
N ILE I 122 9.58 -44.40 -5.21
CA ILE I 122 8.14 -44.67 -5.18
C ILE I 122 7.39 -43.34 -5.16
N GLN I 123 6.29 -43.29 -5.91
CA GLN I 123 5.52 -42.06 -6.07
C GLN I 123 4.06 -42.38 -5.73
N ILE I 124 3.66 -42.04 -4.52
CA ILE I 124 2.27 -42.23 -4.08
C ILE I 124 1.36 -41.38 -4.96
N THR I 125 0.30 -41.98 -5.48
CA THR I 125 -0.63 -41.29 -6.35
C THR I 125 -1.72 -40.64 -5.51
N THR I 126 -2.12 -39.43 -5.91
CA THR I 126 -3.32 -38.82 -5.34
C THR I 126 -4.51 -39.48 -6.01
N GLY I 127 -5.73 -39.13 -5.60
CA GLY I 127 -6.89 -39.77 -6.20
C GLY I 127 -7.12 -39.37 -7.63
N SER I 128 -6.62 -38.18 -7.99
CA SER I 128 -6.93 -37.61 -9.28
C SER I 128 -5.92 -38.04 -10.33
N LYS I 129 -6.34 -38.00 -11.60
CA LYS I 129 -5.46 -38.28 -12.73
C LYS I 129 -4.94 -37.00 -13.36
N GLU I 130 -5.74 -35.92 -13.32
CA GLU I 130 -5.26 -34.61 -13.76
C GLU I 130 -4.32 -33.96 -12.76
N LEU I 131 -4.28 -34.45 -11.52
CA LEU I 131 -3.31 -34.02 -10.54
C LEU I 131 -2.08 -34.91 -10.52
N ASP I 132 -2.16 -36.09 -11.10
CA ASP I 132 -0.99 -36.95 -11.15
C ASP I 132 -0.14 -36.62 -12.35
N LYS I 133 -0.78 -36.19 -13.44
CA LYS I 133 -0.02 -35.79 -14.61
C LYS I 133 0.78 -34.54 -14.30
N LEU I 134 0.17 -33.60 -13.58
CA LEU I 134 0.86 -32.35 -13.25
C LEU I 134 2.09 -32.62 -12.40
N LEU I 135 1.98 -33.57 -11.48
CA LEU I 135 3.10 -33.89 -10.61
C LEU I 135 3.95 -34.98 -11.22
N GLN I 136 3.63 -35.40 -12.43
CA GLN I 136 4.37 -36.48 -13.08
C GLN I 136 4.52 -37.62 -12.10
N GLY I 137 3.42 -38.24 -11.70
CA GLY I 137 3.49 -39.28 -10.68
C GLY I 137 3.16 -38.54 -9.41
N GLY I 138 2.48 -39.17 -8.47
CA GLY I 138 2.04 -38.46 -7.28
C GLY I 138 3.17 -38.01 -6.38
N ILE I 139 2.83 -37.66 -5.14
CA ILE I 139 3.83 -37.20 -4.20
C ILE I 139 4.99 -38.16 -4.16
N GLU I 140 6.22 -37.63 -4.21
CA GLU I 140 7.40 -38.47 -4.23
C GLU I 140 7.88 -38.78 -2.83
N THR I 141 8.61 -39.87 -2.68
CA THR I 141 9.10 -40.26 -1.36
C THR I 141 10.49 -39.69 -1.10
N GLY I 142 10.78 -39.36 0.16
CA GLY I 142 12.08 -38.85 0.49
C GLY I 142 12.21 -37.36 0.23
N SER I 143 11.08 -36.65 0.35
CA SER I 143 11.10 -35.22 0.09
C SER I 143 9.90 -34.53 0.75
N ILE I 144 10.14 -33.38 1.36
CA ILE I 144 9.05 -32.60 1.94
C ILE I 144 8.21 -32.00 0.82
N THR I 145 6.89 -32.09 0.96
CA THR I 145 5.96 -31.63 -0.05
C THR I 145 4.88 -30.79 0.62
N GLU I 146 5.13 -29.49 0.70
CA GLU I 146 4.20 -28.57 1.32
C GLU I 146 2.94 -28.42 0.47
N MET I 147 1.80 -28.21 1.13
CA MET I 147 0.52 -27.96 0.47
C MET I 147 -0.15 -26.80 1.19
N PHE I 148 -0.01 -25.60 0.64
CA PHE I 148 -0.63 -24.45 1.27
C PHE I 148 -1.84 -23.98 0.48
N GLY I 149 -2.63 -23.13 1.11
CA GLY I 149 -3.92 -22.74 0.60
C GLY I 149 -4.66 -22.03 1.72
N GLU I 150 -5.90 -21.64 1.46
CA GLU I 150 -6.50 -20.76 2.45
C GLU I 150 -7.48 -21.48 3.37
N PHE I 151 -8.58 -21.99 2.82
CA PHE I 151 -9.57 -22.72 3.60
C PHE I 151 -10.66 -23.18 2.64
N ARG I 152 -11.27 -24.32 2.95
CA ARG I 152 -12.25 -24.91 2.04
C ARG I 152 -11.62 -25.22 0.69
N THR I 153 -10.30 -25.49 0.70
CA THR I 153 -9.55 -25.72 -0.52
C THR I 153 -9.17 -27.17 -0.75
N GLY I 154 -8.96 -27.96 0.29
CA GLY I 154 -8.67 -29.37 0.13
C GLY I 154 -7.32 -29.81 0.66
N LYS I 155 -6.82 -29.12 1.68
CA LYS I 155 -5.54 -29.46 2.28
C LYS I 155 -5.60 -30.67 3.19
N THR I 156 -6.77 -31.02 3.72
CA THR I 156 -6.91 -32.21 4.56
C THR I 156 -7.70 -33.31 3.86
N GLN I 157 -8.29 -33.02 2.70
CA GLN I 157 -8.91 -34.06 1.89
C GLN I 157 -7.91 -34.72 0.96
N ILE I 158 -6.84 -34.03 0.58
CA ILE I 158 -5.69 -34.66 -0.04
C ILE I 158 -4.90 -35.48 0.96
N CYS I 159 -4.83 -35.05 2.21
CA CYS I 159 -4.13 -35.77 3.27
C CYS I 159 -4.98 -36.91 3.79
N HIS I 160 -6.24 -36.99 3.35
CA HIS I 160 -7.08 -38.14 3.67
C HIS I 160 -7.19 -39.14 2.53
N THR I 161 -6.97 -38.74 1.28
CA THR I 161 -6.90 -39.66 0.17
C THR I 161 -5.48 -40.11 -0.10
N LEU I 162 -4.50 -39.57 0.63
CA LEU I 162 -3.12 -40.01 0.55
C LEU I 162 -2.81 -41.06 1.59
N ALA I 163 -3.51 -41.03 2.73
CA ALA I 163 -3.34 -42.04 3.77
C ALA I 163 -4.07 -43.33 3.42
N VAL I 164 -4.82 -43.34 2.32
CA VAL I 164 -5.49 -44.55 1.85
C VAL I 164 -4.89 -45.09 0.56
N THR I 165 -4.31 -44.23 -0.29
CA THR I 165 -3.61 -44.67 -1.48
C THR I 165 -2.18 -45.11 -1.19
N CYS I 166 -1.59 -44.62 -0.11
CA CYS I 166 -0.25 -45.07 0.26
C CYS I 166 -0.31 -46.44 0.93
N GLN I 167 -1.47 -47.10 0.85
CA GLN I 167 -1.63 -48.45 1.35
C GLN I 167 -1.90 -49.44 0.22
N LEU I 168 -1.75 -49.01 -1.02
CA LEU I 168 -2.05 -49.77 -2.22
C LEU I 168 -0.78 -50.42 -2.77
N PRO I 169 -0.90 -51.49 -3.55
CA PRO I 169 0.28 -52.02 -4.24
C PRO I 169 0.93 -50.99 -5.14
N ILE I 170 2.25 -51.04 -5.29
CA ILE I 170 2.98 -50.04 -6.06
C ILE I 170 2.55 -50.09 -7.52
N ASP I 171 1.97 -51.20 -7.95
CA ASP I 171 1.59 -51.41 -9.34
C ASP I 171 0.25 -50.77 -9.68
N ARG I 172 -0.43 -50.20 -8.69
CA ARG I 172 -1.71 -49.55 -8.95
C ARG I 172 -1.83 -48.24 -8.18
N GLY I 173 -0.75 -47.81 -7.53
CA GLY I 173 -0.82 -46.62 -6.71
C GLY I 173 0.43 -46.36 -5.89
N GLY I 174 0.25 -46.08 -4.60
CA GLY I 174 1.37 -45.74 -3.75
C GLY I 174 2.15 -46.95 -3.29
N GLY I 175 3.18 -46.73 -2.49
CA GLY I 175 3.99 -47.83 -1.99
C GLY I 175 3.35 -48.48 -0.78
N GLU I 176 3.21 -49.80 -0.81
CA GLU I 176 2.50 -50.49 0.26
C GLU I 176 3.17 -50.24 1.59
N GLY I 177 2.39 -49.74 2.54
CA GLY I 177 2.87 -49.44 3.86
C GLY I 177 1.87 -48.62 4.62
N LYS I 178 2.12 -48.47 5.92
CA LYS I 178 1.20 -47.72 6.76
C LYS I 178 1.35 -46.23 6.50
N ALA I 179 0.67 -45.41 7.28
CA ALA I 179 0.77 -43.96 7.16
C ALA I 179 0.92 -43.38 8.55
N MET I 180 1.14 -42.06 8.61
CA MET I 180 1.14 -41.33 9.86
C MET I 180 0.38 -40.03 9.70
N TYR I 181 -0.59 -39.78 10.56
CA TYR I 181 -1.31 -38.51 10.56
C TYR I 181 -1.01 -37.81 11.87
N ILE I 182 -0.13 -36.82 11.84
CA ILE I 182 0.14 -35.97 12.99
C ILE I 182 -0.76 -34.75 12.83
N ASP I 183 -1.96 -34.86 13.39
CA ASP I 183 -2.99 -33.85 13.23
C ASP I 183 -2.81 -32.81 14.33
N THR I 184 -2.67 -31.55 13.95
CA THR I 184 -2.46 -30.47 14.92
C THR I 184 -3.54 -29.42 14.78
N GLU I 185 -4.69 -29.79 14.23
CA GLU I 185 -5.84 -28.90 14.15
C GLU I 185 -7.12 -29.51 14.71
N GLY I 186 -7.19 -30.82 14.93
CA GLY I 186 -8.39 -31.48 15.40
C GLY I 186 -9.23 -32.09 14.30
N THR I 187 -8.82 -31.99 13.04
CA THR I 187 -9.61 -32.45 11.91
C THR I 187 -8.93 -33.67 11.30
N PHE I 188 -9.26 -34.85 11.84
CA PHE I 188 -8.87 -36.13 11.25
C PHE I 188 -10.11 -37.01 11.31
N ARG I 189 -10.86 -37.06 10.22
CA ARG I 189 -12.10 -37.81 10.21
C ARG I 189 -11.87 -39.21 9.67
N PRO I 190 -11.98 -40.24 10.50
CA PRO I 190 -11.79 -41.60 10.02
C PRO I 190 -12.92 -42.06 9.12
N GLU I 191 -14.03 -41.32 9.13
CA GLU I 191 -15.16 -41.63 8.27
C GLU I 191 -14.90 -41.20 6.83
N ARG I 192 -13.87 -40.40 6.59
CA ARG I 192 -13.47 -40.02 5.24
C ARG I 192 -12.41 -40.94 4.67
N LEU I 193 -11.77 -41.77 5.48
CA LEU I 193 -10.90 -42.82 4.97
C LEU I 193 -11.69 -43.99 4.40
N LEU I 194 -12.80 -44.35 5.04
CA LEU I 194 -13.67 -45.43 4.58
C LEU I 194 -14.46 -45.05 3.33
N ALA I 195 -14.46 -43.79 2.96
CA ALA I 195 -15.08 -43.36 1.72
C ALA I 195 -14.17 -43.55 0.52
N VAL I 196 -12.89 -43.21 0.64
CA VAL I 196 -11.93 -43.46 -0.43
C VAL I 196 -11.61 -44.95 -0.51
N ALA I 197 -11.52 -45.62 0.65
CA ALA I 197 -11.35 -47.06 0.63
C ALA I 197 -12.70 -47.75 0.44
N GLU I 198 -13.47 -47.27 -0.52
CA GLU I 198 -14.64 -47.97 -1.02
C GLU I 198 -14.63 -47.82 -2.54
N ARG I 199 -13.84 -46.85 -3.02
CA ARG I 199 -13.62 -46.68 -4.44
C ARG I 199 -12.28 -47.27 -4.87
N TYR I 200 -11.31 -47.33 -3.96
CA TYR I 200 -10.02 -47.92 -4.30
C TYR I 200 -9.99 -49.43 -4.11
N GLY I 201 -11.09 -50.04 -3.66
CA GLY I 201 -11.15 -51.47 -3.51
C GLY I 201 -10.65 -51.98 -2.17
N LEU I 202 -9.85 -51.20 -1.46
CA LEU I 202 -9.42 -51.55 -0.12
C LEU I 202 -10.65 -51.67 0.78
N SER I 203 -10.62 -52.58 1.75
CA SER I 203 -11.87 -52.98 2.37
C SER I 203 -12.36 -52.05 3.48
N GLY I 204 -11.62 -51.97 4.58
CA GLY I 204 -12.23 -51.53 5.82
C GLY I 204 -11.30 -51.13 6.95
N SER I 205 -11.62 -51.68 8.12
CA SER I 205 -10.79 -51.58 9.31
C SER I 205 -9.33 -51.91 9.03
N ASP I 206 -9.05 -52.67 7.97
CA ASP I 206 -7.67 -52.86 7.55
C ASP I 206 -7.03 -51.54 7.17
N VAL I 207 -7.73 -50.74 6.36
CA VAL I 207 -7.26 -49.39 6.06
C VAL I 207 -7.24 -48.55 7.33
N LEU I 208 -8.29 -48.67 8.13
CA LEU I 208 -8.39 -47.82 9.32
C LEU I 208 -7.36 -48.19 10.37
N ASP I 209 -6.69 -49.32 10.20
CA ASP I 209 -5.74 -49.83 11.18
C ASP I 209 -4.30 -49.44 10.87
N ASN I 210 -3.92 -49.43 9.60
CA ASN I 210 -2.56 -49.04 9.25
C ASN I 210 -2.47 -47.53 9.07
N VAL I 211 -3.02 -46.77 10.02
CA VAL I 211 -2.86 -45.32 10.06
C VAL I 211 -2.58 -44.91 11.49
N ALA I 212 -1.32 -44.72 11.84
CA ALA I 212 -0.99 -44.16 13.14
C ALA I 212 -1.48 -42.73 13.21
N TYR I 213 -2.12 -42.35 14.31
CA TYR I 213 -2.67 -41.01 14.44
C TYR I 213 -2.25 -40.42 15.77
N ALA I 214 -1.70 -39.22 15.74
CA ALA I 214 -1.31 -38.51 16.94
C ALA I 214 -1.78 -37.07 16.84
N ARG I 215 -2.08 -36.48 17.99
CA ARG I 215 -2.63 -35.13 18.06
C ARG I 215 -1.63 -34.23 18.79
N GLY I 216 -1.05 -33.28 18.06
CA GLY I 216 -0.12 -32.34 18.65
C GLY I 216 -0.84 -31.20 19.31
N PHE I 217 -0.59 -31.00 20.61
CA PHE I 217 -1.32 -30.00 21.34
C PHE I 217 -0.57 -28.69 21.43
N ASN I 218 0.76 -28.74 21.51
CA ASN I 218 1.54 -27.51 21.46
C ASN I 218 2.68 -27.65 20.47
N THR I 219 3.57 -26.67 20.48
CA THR I 219 4.65 -26.57 19.50
C THR I 219 5.87 -27.37 19.91
N ASP I 220 5.94 -27.79 21.18
CA ASP I 220 7.01 -28.65 21.67
C ASP I 220 6.63 -30.11 21.65
N HIS I 221 5.34 -30.43 21.72
CA HIS I 221 4.86 -31.78 21.58
C HIS I 221 4.75 -32.20 20.12
N GLN I 222 4.70 -31.24 19.20
CA GLN I 222 4.78 -31.57 17.78
C GLN I 222 6.13 -32.18 17.46
N THR I 223 7.21 -31.57 17.94
CA THR I 223 8.58 -32.01 17.66
C THR I 223 8.99 -33.21 18.46
N GLN I 224 8.38 -33.49 19.60
CA GLN I 224 8.66 -34.71 20.34
C GLN I 224 7.74 -35.84 19.92
N LEU I 225 6.80 -35.58 19.00
CA LEU I 225 5.97 -36.61 18.39
C LEU I 225 6.67 -37.26 17.21
N LEU I 226 7.87 -36.79 16.87
CA LEU I 226 8.68 -37.36 15.80
C LEU I 226 9.77 -38.26 16.35
N TYR I 227 10.28 -37.97 17.54
CA TYR I 227 11.23 -38.85 18.20
C TYR I 227 10.55 -40.15 18.58
N GLN I 228 9.22 -40.14 18.60
CA GLN I 228 8.43 -41.36 18.73
C GLN I 228 8.10 -41.99 17.40
N ALA I 229 7.84 -41.20 16.36
CA ALA I 229 7.60 -41.71 15.02
C ALA I 229 8.80 -42.44 14.44
N GLU I 230 10.00 -41.96 14.72
CA GLU I 230 11.24 -42.63 14.32
C GLU I 230 11.47 -43.90 15.13
N ASP I 231 10.72 -44.09 16.20
CA ASP I 231 10.72 -45.36 16.92
C ASP I 231 9.72 -46.37 16.36
N MET I 232 8.65 -45.93 15.73
CA MET I 232 7.69 -46.81 15.08
C MET I 232 8.09 -47.18 13.67
N MET I 233 8.72 -46.27 12.93
CA MET I 233 9.04 -46.51 11.54
C MET I 233 10.16 -47.53 11.35
N VAL I 234 10.88 -47.89 12.40
CA VAL I 234 11.96 -48.88 12.30
C VAL I 234 11.50 -50.27 12.71
N GLU I 235 10.31 -50.39 13.28
CA GLU I 235 9.76 -51.69 13.65
C GLU I 235 8.51 -51.95 12.80
N SER I 236 8.46 -51.27 11.65
CA SER I 236 7.35 -51.42 10.72
C SER I 236 7.77 -50.92 9.34
N ARG I 237 6.82 -50.74 8.44
CA ARG I 237 7.13 -50.22 7.12
C ARG I 237 6.16 -49.12 6.73
N TYR I 238 6.46 -47.88 7.09
CA TYR I 238 5.62 -46.76 6.71
C TYR I 238 6.04 -46.20 5.36
N ALA I 239 5.08 -45.58 4.68
CA ALA I 239 5.36 -44.98 3.38
C ALA I 239 4.78 -43.58 3.28
N LEU I 240 4.48 -42.95 4.40
CA LEU I 240 3.91 -41.61 4.40
C LEU I 240 4.10 -41.00 5.77
N LEU I 241 4.13 -39.68 5.81
CA LEU I 241 4.16 -38.94 7.07
C LEU I 241 3.45 -37.61 6.83
N ILE I 242 2.16 -37.60 7.12
CA ILE I 242 1.36 -36.39 6.98
C ILE I 242 1.49 -35.58 8.26
N VAL I 243 1.92 -34.34 8.13
CA VAL I 243 1.88 -33.41 9.26
C VAL I 243 0.91 -32.32 8.86
N ASP I 244 -0.37 -32.51 9.17
CA ASP I 244 -1.38 -31.54 8.80
C ASP I 244 -1.21 -30.27 9.61
N SER I 245 -1.32 -29.12 8.94
CA SER I 245 -1.12 -27.81 9.55
C SER I 245 0.13 -27.79 10.41
N ALA I 246 1.29 -28.04 9.79
CA ALA I 246 2.57 -28.08 10.49
C ALA I 246 2.88 -26.74 11.14
N THR I 247 2.29 -25.66 10.62
CA THR I 247 2.55 -24.34 11.15
C THR I 247 1.29 -23.72 11.75
N ALA I 248 0.39 -24.56 12.24
CA ALA I 248 -0.77 -24.05 12.94
C ALA I 248 -0.39 -23.65 14.36
N LEU I 249 0.36 -24.52 15.04
CA LEU I 249 0.78 -24.22 16.40
C LEU I 249 2.10 -23.46 16.42
N TYR I 250 2.21 -22.44 15.58
CA TYR I 250 3.33 -21.51 15.64
C TYR I 250 2.73 -20.12 15.61
N ARG I 251 1.64 -19.99 14.87
CA ARG I 251 0.89 -18.75 14.80
C ARG I 251 0.34 -18.35 16.16
N THR I 252 -0.02 -19.33 17.00
CA THR I 252 -0.63 -19.07 18.29
C THR I 252 0.34 -19.14 19.46
N ASP I 253 1.40 -19.93 19.36
CA ASP I 253 2.36 -20.09 20.45
C ASP I 253 3.34 -18.93 20.51
N TYR I 254 3.97 -18.60 19.38
CA TYR I 254 4.91 -17.49 19.30
C TYR I 254 4.20 -16.33 18.62
N SER I 255 4.09 -15.20 19.33
CA SER I 255 3.38 -14.03 18.83
C SER I 255 3.99 -12.77 19.45
N GLY I 256 4.21 -11.76 18.62
CA GLY I 256 4.57 -10.45 19.13
C GLY I 256 5.76 -9.78 18.50
N ARG I 257 6.38 -10.44 17.51
CA ARG I 257 7.57 -9.96 16.82
C ARG I 257 8.79 -9.98 17.75
N GLY I 258 8.57 -10.30 19.03
CA GLY I 258 9.66 -10.49 19.95
C GLY I 258 9.91 -11.96 20.13
N GLU I 259 9.08 -12.76 19.47
CA GLU I 259 9.20 -14.21 19.50
C GLU I 259 9.23 -14.75 18.09
N LEU I 260 9.83 -13.99 17.17
CA LEU I 260 9.96 -14.42 15.79
C LEU I 260 11.29 -15.10 15.49
N SER I 261 12.39 -14.61 16.03
CA SER I 261 13.65 -15.33 15.92
C SER I 261 13.65 -16.61 16.73
N ALA I 262 12.82 -16.68 17.76
CA ALA I 262 12.66 -17.90 18.55
C ALA I 262 11.62 -18.84 17.96
N ARG I 263 10.85 -18.40 16.97
CA ARG I 263 9.89 -19.26 16.30
C ARG I 263 10.49 -19.92 15.07
N GLN I 264 11.27 -19.17 14.30
CA GLN I 264 11.86 -19.70 13.07
C GLN I 264 13.16 -20.43 13.38
N MET I 265 13.60 -20.37 14.63
CA MET I 265 14.67 -21.24 15.08
C MET I 265 14.12 -22.54 15.66
N HIS I 266 12.81 -22.64 15.83
CA HIS I 266 12.14 -23.89 16.13
C HIS I 266 11.55 -24.55 14.91
N LEU I 267 11.01 -23.76 13.98
CA LEU I 267 10.52 -24.25 12.71
C LEU I 267 11.64 -24.87 11.90
N ALA I 268 12.81 -24.25 11.91
CA ALA I 268 13.96 -24.79 11.20
C ALA I 268 14.35 -26.15 11.77
N ARG I 269 14.36 -26.26 13.11
CA ARG I 269 14.65 -27.53 13.77
C ARG I 269 13.61 -28.57 13.39
N PHE I 270 12.34 -28.17 13.35
CA PHE I 270 11.26 -29.06 12.94
C PHE I 270 11.45 -29.59 11.53
N LEU I 271 11.71 -28.70 10.58
CA LEU I 271 11.80 -29.11 9.18
C LEU I 271 13.14 -29.78 8.87
N ARG I 272 14.11 -29.67 9.78
CA ARG I 272 15.31 -30.47 9.66
C ARG I 272 15.17 -31.85 10.29
N MET I 273 14.46 -31.97 11.40
CA MET I 273 14.09 -33.24 12.00
C MET I 273 13.14 -34.02 11.11
N LEU I 274 12.32 -33.32 10.32
CA LEU I 274 11.41 -33.93 9.36
C LEU I 274 12.10 -34.24 8.03
N LEU I 275 13.29 -33.68 7.84
CA LEU I 275 14.10 -34.06 6.68
C LEU I 275 15.02 -35.22 7.00
N ARG I 276 15.25 -35.53 8.27
CA ARG I 276 16.03 -36.69 8.68
C ARG I 276 15.17 -37.94 8.79
N LEU I 277 13.85 -37.80 8.73
CA LEU I 277 12.94 -38.93 8.59
C LEU I 277 12.68 -39.30 7.13
N ALA I 278 12.79 -38.36 6.21
CA ALA I 278 12.59 -38.63 4.80
C ALA I 278 13.82 -39.19 4.11
N ASP I 279 15.02 -38.90 4.61
CA ASP I 279 16.25 -39.47 4.08
C ASP I 279 16.60 -40.80 4.73
N GLU I 280 16.25 -40.95 6.01
CA GLU I 280 16.54 -42.19 6.73
C GLU I 280 15.79 -43.37 6.11
N PHE I 281 14.47 -43.34 6.16
CA PHE I 281 13.63 -44.48 5.81
C PHE I 281 12.93 -44.28 4.47
N GLY I 282 13.10 -43.11 3.87
CA GLY I 282 12.48 -42.83 2.60
C GLY I 282 10.96 -42.82 2.65
N VAL I 283 10.39 -41.88 3.40
CA VAL I 283 8.95 -41.75 3.54
C VAL I 283 8.57 -40.35 3.06
N ALA I 284 7.55 -40.26 2.22
CA ALA I 284 7.08 -38.97 1.77
C ALA I 284 6.65 -38.20 2.98
N VAL I 285 6.79 -36.88 2.95
CA VAL I 285 6.46 -36.09 4.13
C VAL I 285 5.57 -34.92 3.79
N VAL I 286 4.37 -35.19 3.31
CA VAL I 286 3.42 -34.13 3.01
C VAL I 286 3.15 -33.30 4.25
N ILE I 287 3.40 -32.00 4.17
CA ILE I 287 3.16 -31.12 5.29
C ILE I 287 2.17 -30.11 4.81
N THR I 288 1.17 -29.79 5.62
CA THR I 288 0.15 -28.89 5.14
C THR I 288 0.35 -27.54 5.79
N ASN I 289 0.20 -26.45 5.05
CA ASN I 289 0.45 -25.14 5.60
C ASN I 289 -0.76 -24.23 5.57
N GLN I 290 -0.59 -22.97 5.90
CA GLN I 290 -1.67 -22.00 5.95
C GLN I 290 -1.24 -20.76 5.18
N VAL I 291 -2.08 -19.72 5.18
CA VAL I 291 -1.78 -18.51 4.44
C VAL I 291 -2.03 -17.29 5.32
N VAL I 292 -1.39 -16.18 4.94
CA VAL I 292 -1.54 -14.88 5.59
C VAL I 292 -1.92 -13.89 4.50
N ALA I 293 -2.07 -12.61 4.84
CA ALA I 293 -2.44 -11.64 3.82
C ALA I 293 -1.58 -10.39 4.00
N GLN I 294 -0.65 -10.17 3.07
CA GLN I 294 0.20 -8.98 3.15
C GLN I 294 -0.63 -7.73 2.88
N VAL I 295 -0.94 -6.98 3.93
CA VAL I 295 -1.79 -5.80 3.79
C VAL I 295 -0.93 -4.56 3.53
N ASP I 296 -0.53 -4.39 2.28
CA ASP I 296 0.30 -3.25 1.93
C ASP I 296 0.11 -2.84 0.50
N GLY I 297 1.10 -2.16 -0.07
CA GLY I 297 1.01 -1.74 -1.46
C GLY I 297 0.76 -2.95 -2.33
N ALA I 298 -0.22 -2.84 -3.23
CA ALA I 298 -0.56 -3.98 -4.05
C ALA I 298 0.67 -4.55 -4.73
N ALA I 299 1.36 -3.72 -5.51
CA ALA I 299 2.53 -4.19 -6.23
C ALA I 299 2.17 -5.49 -6.90
N MET I 300 0.90 -5.62 -7.29
CA MET I 300 0.44 -6.85 -7.92
C MET I 300 -0.73 -6.55 -8.82
N PHE I 301 -1.46 -5.46 -8.56
CA PHE I 301 -2.54 -5.08 -9.46
C PHE I 301 -3.60 -6.18 -9.53
N ALA I 303 -5.11 -10.84 -7.52
CA ALA I 303 -4.43 -9.78 -6.79
C ALA I 303 -4.51 -10.00 -5.29
N ASP I 304 -5.43 -10.87 -4.86
CA ASP I 304 -5.58 -11.19 -3.44
C ASP I 304 -4.32 -11.90 -2.95
N PRO I 305 -3.67 -11.37 -1.93
CA PRO I 305 -2.42 -11.97 -1.45
C PRO I 305 -2.67 -13.21 -0.59
N LYS I 306 -1.82 -14.22 -0.81
CA LYS I 306 -1.90 -15.44 -0.01
C LYS I 306 -0.61 -15.67 0.78
N LYS I 307 0.56 -15.67 0.13
CA LYS I 307 1.85 -15.62 0.82
C LYS I 307 1.92 -16.54 2.03
N PRO I 308 2.06 -17.85 1.84
CA PRO I 308 1.90 -18.80 2.95
C PRO I 308 2.72 -18.47 4.19
N ILE I 309 2.17 -18.82 5.35
CA ILE I 309 2.78 -18.52 6.64
C ILE I 309 4.05 -19.35 6.75
N GLY I 310 5.04 -18.84 7.47
CA GLY I 310 6.38 -19.40 7.45
C GLY I 310 7.21 -18.61 6.46
N GLY I 311 8.37 -18.13 6.88
CA GLY I 311 9.10 -17.22 6.03
C GLY I 311 9.96 -17.95 5.04
N ASN I 312 11.24 -17.61 4.98
CA ASN I 312 12.19 -18.29 4.12
C ASN I 312 12.80 -19.50 4.84
N ILE I 313 12.12 -19.95 5.90
CA ILE I 313 12.50 -21.17 6.60
C ILE I 313 11.75 -22.38 6.08
N ILE I 314 10.45 -22.25 5.80
CA ILE I 314 9.66 -23.36 5.27
C ILE I 314 9.67 -23.28 3.76
N ALA I 315 10.18 -22.17 3.22
CA ALA I 315 10.27 -21.99 1.78
C ALA I 315 11.57 -22.58 1.25
N HIS I 316 12.70 -22.29 1.88
CA HIS I 316 13.96 -22.90 1.46
C HIS I 316 14.12 -24.33 1.95
N ALA I 317 13.35 -24.79 2.93
CA ALA I 317 13.39 -26.18 3.31
C ALA I 317 12.04 -26.81 2.98
N SER I 318 11.89 -27.12 1.69
CA SER I 318 10.74 -27.83 1.14
C SER I 318 11.04 -28.13 -0.31
N THR I 319 10.87 -29.38 -0.74
CA THR I 319 11.19 -29.72 -2.11
C THR I 319 10.11 -29.19 -3.06
N THR I 320 8.88 -29.66 -2.89
CA THR I 320 7.77 -29.22 -3.72
C THR I 320 6.76 -28.44 -2.87
N ARG I 321 6.09 -27.49 -3.52
CA ARG I 321 5.08 -26.67 -2.85
C ARG I 321 3.89 -26.55 -3.79
N LEU I 322 2.77 -27.17 -3.42
CA LEU I 322 1.55 -27.06 -4.20
C LEU I 322 0.65 -25.98 -3.62
N TYR I 323 0.09 -25.16 -4.50
CA TYR I 323 -0.76 -24.04 -4.12
C TYR I 323 -2.20 -24.40 -4.49
N LEU I 324 -2.96 -24.90 -3.52
CA LEU I 324 -4.35 -25.23 -3.74
C LEU I 324 -5.19 -23.96 -3.77
N ARG I 325 -6.30 -24.01 -4.49
CA ARG I 325 -7.09 -22.83 -4.77
C ARG I 325 -8.55 -23.23 -4.99
N LYS I 326 -9.46 -22.31 -4.70
CA LYS I 326 -10.88 -22.57 -4.83
C LYS I 326 -11.35 -22.31 -6.26
N GLY I 327 -12.37 -23.07 -6.66
CA GLY I 327 -12.94 -22.95 -7.98
C GLY I 327 -14.46 -22.95 -7.97
N ARG I 328 -15.07 -23.31 -9.10
CA ARG I 328 -16.52 -23.29 -9.19
C ARG I 328 -17.11 -24.56 -8.60
N GLY I 329 -17.85 -24.42 -7.51
CA GLY I 329 -18.50 -25.55 -6.89
C GLY I 329 -17.56 -26.43 -6.09
N GLU I 330 -17.33 -27.66 -6.57
CA GLU I 330 -16.45 -28.60 -5.89
C GLU I 330 -15.10 -28.74 -6.58
N THR I 331 -14.91 -28.07 -7.72
CA THR I 331 -13.64 -28.12 -8.43
C THR I 331 -12.66 -27.16 -7.78
N ARG I 332 -11.43 -27.62 -7.60
CA ARG I 332 -10.36 -26.82 -7.04
C ARG I 332 -9.23 -26.76 -8.06
N ILE I 333 -8.26 -25.89 -7.81
CA ILE I 333 -7.16 -25.69 -8.75
C ILE I 333 -5.85 -25.77 -7.99
N CYS I 334 -4.99 -26.70 -8.38
CA CYS I 334 -3.72 -26.92 -7.72
C CYS I 334 -2.59 -26.54 -8.67
N LYS I 335 -1.84 -25.50 -8.31
CA LYS I 335 -0.76 -24.96 -9.14
C LYS I 335 0.56 -25.27 -8.44
N ILE I 336 1.49 -25.89 -9.16
CA ILE I 336 2.82 -26.09 -8.61
C ILE I 336 3.46 -24.73 -8.40
N TYR I 337 3.90 -24.47 -7.17
CA TYR I 337 4.40 -23.17 -6.76
C TYR I 337 5.91 -23.16 -6.60
N ASP I 338 6.53 -24.33 -6.46
CA ASP I 338 7.97 -24.48 -6.38
C ASP I 338 8.33 -25.95 -6.51
N SER I 339 9.32 -26.26 -7.35
CA SER I 339 9.74 -27.64 -7.52
C SER I 339 11.06 -27.68 -8.30
N PRO I 340 12.02 -28.51 -7.88
CA PRO I 340 13.30 -28.54 -8.59
C PRO I 340 13.25 -29.13 -9.98
N CYS I 341 12.21 -29.87 -10.34
CA CYS I 341 12.20 -30.52 -11.65
C CYS I 341 10.84 -30.51 -12.32
N LEU I 342 9.86 -29.81 -11.75
CA LEU I 342 8.52 -29.85 -12.30
C LEU I 342 8.14 -28.50 -12.88
N PRO I 343 7.56 -28.47 -14.08
CA PRO I 343 7.14 -27.19 -14.67
C PRO I 343 6.10 -26.51 -13.81
N GLU I 344 6.10 -25.18 -13.86
CA GLU I 344 5.20 -24.38 -13.03
C GLU I 344 3.84 -24.26 -13.73
N ALA I 345 3.16 -25.40 -13.82
CA ALA I 345 1.89 -25.52 -14.51
C ALA I 345 0.75 -25.68 -13.50
N GLU I 346 -0.47 -25.72 -14.01
CA GLU I 346 -1.68 -25.80 -13.22
C GLU I 346 -2.45 -27.06 -13.55
N ALA I 347 -3.41 -27.40 -12.68
CA ALA I 347 -4.20 -28.61 -12.86
C ALA I 347 -5.61 -28.36 -12.33
N MET I 348 -6.40 -29.41 -12.24
CA MET I 348 -7.79 -29.31 -11.81
C MET I 348 -8.21 -30.61 -11.17
N PHE I 349 -8.70 -30.55 -9.94
CA PHE I 349 -9.21 -31.73 -9.25
C PHE I 349 -10.54 -31.33 -8.61
N ALA I 350 -11.16 -32.26 -7.90
CA ALA I 350 -12.45 -32.01 -7.30
C ALA I 350 -12.60 -32.88 -6.06
N ILE I 351 -13.18 -32.32 -5.01
CA ILE I 351 -13.38 -33.07 -3.78
C ILE I 351 -14.69 -33.84 -3.89
N ASN I 352 -14.61 -35.07 -4.38
CA ASN I 352 -15.77 -35.92 -4.56
C ASN I 352 -16.23 -36.48 -3.23
N ALA I 353 -17.22 -37.38 -3.25
CA ALA I 353 -17.60 -38.14 -2.07
C ALA I 353 -16.61 -39.25 -1.76
N ASP I 354 -15.48 -39.28 -2.45
CA ASP I 354 -14.45 -40.30 -2.26
C ASP I 354 -13.06 -39.71 -2.07
N GLY I 355 -12.93 -38.56 -1.43
CA GLY I 355 -11.70 -37.81 -1.45
C GLY I 355 -11.57 -37.03 -2.74
N VAL I 356 -10.39 -36.48 -2.97
CA VAL I 356 -10.15 -35.76 -4.22
C VAL I 356 -10.19 -36.74 -5.37
N GLY I 357 -10.49 -36.26 -6.56
CA GLY I 357 -10.61 -37.11 -7.72
C GLY I 357 -10.68 -36.30 -9.00
N ASP I 358 -11.51 -36.72 -9.95
CA ASP I 358 -11.62 -36.01 -11.20
C ASP I 358 -13.01 -35.41 -11.38
N PRO J 44 68.29 21.21 39.32
CA PRO J 44 69.42 21.86 38.63
C PRO J 44 70.67 21.92 39.50
N GLN J 45 71.28 20.77 39.75
CA GLN J 45 72.49 20.70 40.57
C GLN J 45 73.57 19.93 39.83
N PRO J 46 74.13 20.49 38.75
CA PRO J 46 75.18 19.76 38.01
C PRO J 46 76.45 19.63 38.82
N ILE J 47 77.46 19.01 38.20
CA ILE J 47 78.73 18.69 38.87
C ILE J 47 79.47 19.95 39.30
N SER J 48 79.07 21.09 38.76
CA SER J 48 79.68 22.34 39.19
C SER J 48 79.70 22.39 40.70
N ARG J 49 78.60 21.98 41.33
CA ARG J 49 78.53 21.97 42.78
C ARG J 49 79.36 20.84 43.39
N LEU J 50 79.82 19.91 42.56
CA LEU J 50 80.62 18.79 43.06
C LEU J 50 82.11 19.04 42.92
N GLU J 51 82.49 19.88 41.97
CA GLU J 51 83.91 20.15 41.74
C GLU J 51 84.53 20.78 42.98
N GLN J 52 83.79 21.64 43.65
CA GLN J 52 84.29 22.28 44.87
C GLN J 52 84.61 21.25 45.93
N CYS J 53 83.90 20.13 45.90
CA CYS J 53 84.11 19.08 46.89
C CYS J 53 85.53 18.55 46.83
N GLY J 54 86.22 18.80 45.73
CA GLY J 54 87.58 18.33 45.57
C GLY J 54 87.57 16.93 45.00
N ILE J 55 86.37 16.37 44.85
CA ILE J 55 86.25 15.05 44.27
C ILE J 55 86.95 15.03 42.92
N ASN J 56 87.84 14.07 42.72
CA ASN J 56 88.57 13.99 41.46
C ASN J 56 87.73 14.51 40.31
N ALA J 57 87.94 15.77 39.95
CA ALA J 57 87.13 16.37 38.89
C ALA J 57 87.01 15.40 37.73
N ASN J 58 88.12 14.77 37.37
CA ASN J 58 88.12 13.83 36.25
C ASN J 58 87.11 12.71 36.47
N ASP J 59 87.18 12.07 37.64
CA ASP J 59 86.24 11.01 37.94
C ASP J 59 84.85 11.62 37.89
N VAL J 60 84.71 12.81 38.43
CA VAL J 60 83.43 13.50 38.39
C VAL J 60 82.96 13.63 36.95
N LYS J 61 83.88 13.97 36.05
CA LYS J 61 83.54 14.05 34.64
C LYS J 61 83.03 12.70 34.15
N LYS J 62 83.71 11.62 34.50
CA LYS J 62 83.25 10.30 34.10
C LYS J 62 81.91 9.94 34.74
N LEU J 63 81.76 10.24 36.03
CA LEU J 63 80.53 9.98 36.78
C LEU J 63 79.34 10.62 36.08
N GLU J 64 79.49 11.90 35.72
CA GLU J 64 78.40 12.61 35.05
C GLU J 64 78.24 12.15 33.61
N GLU J 65 79.33 11.69 32.99
CA GLU J 65 79.28 11.19 31.62
C GLU J 65 78.42 9.95 31.53
N ALA J 66 78.48 9.09 32.55
CA ALA J 66 77.72 7.85 32.48
C ALA J 66 76.23 8.02 32.76
N GLY J 67 75.70 9.25 32.76
CA GLY J 67 74.29 9.48 33.00
C GLY J 67 73.98 10.16 34.31
N TYR J 68 74.96 10.32 35.19
CA TYR J 68 74.79 11.02 36.46
C TYR J 68 75.10 12.50 36.34
N HIS J 69 74.86 13.10 35.16
CA HIS J 69 75.19 14.47 34.81
C HIS J 69 75.00 15.47 35.95
N THR J 70 73.88 15.36 36.67
CA THR J 70 73.63 16.21 37.82
C THR J 70 74.01 15.46 39.10
N VAL J 71 74.54 16.21 40.07
CA VAL J 71 75.04 15.68 41.34
C VAL J 71 73.94 14.94 42.08
N GLU J 72 72.69 15.37 41.88
CA GLU J 72 71.54 14.76 42.54
C GLU J 72 71.52 13.24 42.33
N ALA J 73 71.92 12.79 41.15
CA ALA J 73 71.91 11.37 40.83
C ALA J 73 72.82 10.57 41.77
N VAL J 74 73.86 11.22 42.29
CA VAL J 74 74.76 10.55 43.24
C VAL J 74 73.99 10.13 44.49
N ALA J 75 73.06 10.98 44.92
CA ALA J 75 72.26 10.70 46.11
C ALA J 75 71.21 9.64 45.90
N TYR J 76 70.96 9.27 44.64
CA TYR J 76 69.97 8.25 44.33
C TYR J 76 70.63 7.10 43.62
N ALA J 77 71.90 6.87 43.92
CA ALA J 77 72.63 5.80 43.26
C ALA J 77 72.85 4.63 44.20
N PRO J 78 72.34 3.44 43.83
CA PRO J 78 72.64 2.27 44.66
C PRO J 78 74.13 2.16 44.93
N LYS J 79 74.50 1.70 46.11
CA LYS J 79 75.90 1.58 46.47
C LYS J 79 76.65 0.72 45.48
N LYS J 80 77.91 1.05 45.21
CA LYS J 80 78.73 0.28 44.27
C LYS J 80 78.22 0.44 42.85
N GLU J 81 76.90 0.49 42.68
CA GLU J 81 76.33 0.66 41.36
C GLU J 81 76.85 1.95 40.76
N LEU J 82 76.89 3.01 41.56
CA LEU J 82 77.42 4.28 41.08
C LEU J 82 78.89 4.12 40.74
N ILE J 83 79.60 3.30 41.52
CA ILE J 83 81.03 3.09 41.29
C ILE J 83 81.28 2.30 40.02
N ASN J 84 80.23 1.72 39.44
CA ASN J 84 80.40 0.89 38.26
C ASN J 84 81.16 1.61 37.16
N ILE J 85 80.95 2.91 37.04
CA ILE J 85 81.60 3.67 35.97
C ILE J 85 83.12 3.52 35.95
N LYS J 86 83.68 3.32 34.76
CA LYS J 86 85.13 3.19 34.63
C LYS J 86 85.82 4.48 35.05
N GLY J 87 87.00 4.33 35.66
CA GLY J 87 87.71 5.44 36.23
C GLY J 87 87.20 5.88 37.58
N ILE J 88 86.13 5.28 38.08
CA ILE J 88 85.59 5.63 39.41
C ILE J 88 86.18 4.61 40.37
N SER J 89 87.35 4.94 40.91
CA SER J 89 88.02 4.04 41.85
C SER J 89 87.16 3.87 43.10
N GLU J 90 87.25 2.69 43.71
CA GLU J 90 86.41 2.36 44.86
C GLU J 90 86.67 3.30 46.03
N ALA J 91 87.93 3.67 46.26
CA ALA J 91 88.24 4.63 47.31
C ALA J 91 87.69 6.01 46.96
N LYS J 92 87.82 6.42 45.70
CA LYS J 92 87.29 7.72 45.28
C LYS J 92 85.79 7.76 45.47
N ALA J 93 85.09 6.69 45.08
CA ALA J 93 83.65 6.64 45.29
C ALA J 93 83.29 6.53 46.76
N ASP J 94 84.17 5.94 47.57
CA ASP J 94 83.95 5.93 49.01
C ASP J 94 83.99 7.34 49.59
N LYS J 95 84.89 8.19 49.11
CA LYS J 95 84.86 9.61 49.47
C LYS J 95 83.61 10.30 48.93
N ILE J 96 83.22 9.96 47.69
CA ILE J 96 82.00 10.51 47.13
C ILE J 96 80.78 10.10 47.95
N LEU J 97 80.85 8.98 48.67
CA LEU J 97 79.74 8.57 49.54
C LEU J 97 79.42 9.66 50.56
N THR J 98 80.43 10.15 51.27
CA THR J 98 80.22 11.21 52.25
C THR J 98 80.07 12.58 51.60
N GLU J 99 80.71 12.83 50.45
CA GLU J 99 80.46 14.10 49.78
C GLU J 99 79.04 14.21 49.22
N ALA J 100 78.39 13.08 48.94
CA ALA J 100 76.97 13.11 48.63
C ALA J 100 76.17 13.64 49.81
N ALA J 101 76.47 13.16 51.01
CA ALA J 101 75.84 13.70 52.21
C ALA J 101 76.16 15.18 52.38
N LYS J 102 77.36 15.57 51.96
CA LYS J 102 77.73 16.98 51.91
C LYS J 102 76.79 17.76 50.99
N LEU J 103 76.37 17.14 49.89
CA LEU J 103 75.60 17.87 48.87
C LEU J 103 74.10 17.56 48.86
N VAL J 104 73.61 16.66 49.69
CA VAL J 104 72.18 16.32 49.67
C VAL J 104 71.35 17.47 50.25
N PRO J 105 70.20 17.78 49.66
CA PRO J 105 69.26 18.69 50.31
C PRO J 105 68.23 17.94 51.14
N MET J 106 68.39 16.63 51.23
CA MET J 106 67.44 15.81 51.96
C MET J 106 67.94 15.44 53.34
N GLY J 107 67.28 14.49 53.98
CA GLY J 107 67.66 14.08 55.32
C GLY J 107 66.46 13.65 56.12
N PHE J 108 66.35 14.12 57.36
CA PHE J 108 65.22 13.77 58.21
C PHE J 108 63.92 14.34 57.66
N THR J 109 63.98 15.57 57.14
CA THR J 109 62.80 16.22 56.57
C THR J 109 61.71 16.48 57.63
N THR J 110 60.62 17.10 57.21
CA THR J 110 59.53 17.40 58.14
C THR J 110 58.20 17.50 57.42
N ALA J 111 57.12 17.19 58.11
CA ALA J 111 55.79 17.27 57.50
C ALA J 111 55.49 18.70 57.10
N THR J 112 55.90 19.65 57.92
CA THR J 112 55.63 21.06 57.62
C THR J 112 56.32 21.49 56.33
N GLU J 113 57.57 21.10 56.16
CA GLU J 113 58.33 21.51 54.97
C GLU J 113 57.69 20.99 53.69
N PHE J 114 57.07 19.82 53.75
CA PHE J 114 56.40 19.28 52.58
C PHE J 114 55.52 20.35 51.95
N HIS J 115 54.60 20.90 52.74
CA HIS J 115 53.72 21.94 52.21
C HIS J 115 54.52 23.06 51.54
N GLN J 116 55.73 23.33 52.05
CA GLN J 116 56.54 24.39 51.46
C GLN J 116 56.97 24.06 50.03
N ARG J 117 56.96 22.79 49.65
CA ARG J 117 57.17 22.42 48.26
C ARG J 117 55.86 22.24 47.51
N ARG J 118 54.81 21.78 48.20
CA ARG J 118 53.54 21.53 47.53
C ARG J 118 52.84 22.82 47.12
N SER J 119 52.96 23.87 47.94
CA SER J 119 52.34 25.14 47.58
C SER J 119 53.06 25.80 46.41
N GLU J 120 54.33 25.47 46.21
CA GLU J 120 55.10 26.03 45.10
C GLU J 120 54.82 25.31 43.78
N ILE J 121 53.98 24.28 43.82
CA ILE J 121 53.61 23.57 42.60
C ILE J 121 52.90 24.49 41.61
N ILE J 122 53.25 24.40 40.33
CA ILE J 122 52.68 25.28 39.32
C ILE J 122 51.22 24.98 38.97
N GLN J 123 50.83 23.72 38.96
CA GLN J 123 49.47 23.35 38.58
C GLN J 123 49.16 23.82 37.17
N ILE J 124 49.87 23.28 36.18
CA ILE J 124 49.68 23.69 34.79
C ILE J 124 48.24 23.64 34.30
N THR J 125 47.82 24.65 33.55
CA THR J 125 46.47 24.66 32.99
C THR J 125 46.33 23.58 31.93
N THR J 126 45.10 23.11 31.72
CA THR J 126 44.87 22.03 30.75
C THR J 126 44.16 22.49 29.48
N GLY J 127 43.19 23.39 29.60
CA GLY J 127 42.53 23.93 28.43
C GLY J 127 41.04 24.12 28.48
N SER J 128 40.31 23.14 28.99
CA SER J 128 38.85 23.22 29.04
C SER J 128 38.40 23.33 30.49
N LYS J 129 37.53 24.29 30.79
CA LYS J 129 37.14 24.51 32.18
C LYS J 129 36.60 23.27 32.90
N GLU J 130 35.68 22.55 32.26
CA GLU J 130 35.14 21.36 32.88
C GLU J 130 36.28 20.42 33.20
N LEU J 131 36.99 20.00 32.18
CA LEU J 131 38.13 19.13 32.38
C LEU J 131 39.08 19.81 33.32
N ASP J 132 39.07 21.13 33.33
CA ASP J 132 40.01 21.86 34.17
C ASP J 132 39.71 21.70 35.65
N LYS J 133 38.44 21.86 36.04
CA LYS J 133 38.01 21.77 37.43
C LYS J 133 37.83 20.32 37.84
N LEU J 134 37.78 19.40 36.86
CA LEU J 134 37.66 17.98 37.15
C LEU J 134 38.77 17.52 38.09
N LEU J 135 40.01 17.83 37.75
CA LEU J 135 41.14 17.58 38.65
C LEU J 135 41.40 18.83 39.49
N GLN J 136 42.53 18.85 40.19
CA GLN J 136 42.82 19.94 41.13
C GLN J 136 43.32 21.19 40.40
N GLY J 137 42.46 21.80 39.59
CA GLY J 137 42.79 23.04 38.91
C GLY J 137 43.94 22.94 37.93
N GLY J 138 44.24 21.73 37.48
CA GLY J 138 45.31 21.52 36.52
C GLY J 138 46.24 20.39 36.88
N ILE J 139 47.37 20.29 36.18
CA ILE J 139 48.30 19.18 36.32
C ILE J 139 49.53 19.67 37.07
N GLU J 140 49.93 18.94 38.11
CA GLU J 140 51.05 19.34 38.95
C GLU J 140 52.37 19.21 38.20
N THR J 141 53.47 19.60 38.85
CA THR J 141 54.79 19.49 38.23
C THR J 141 55.71 18.59 39.03
N GLY J 142 55.16 17.67 39.80
CA GLY J 142 55.94 16.67 40.52
C GLY J 142 55.25 15.33 40.45
N SER J 143 54.50 15.11 39.37
CA SER J 143 53.64 13.94 39.25
C SER J 143 53.95 13.25 37.93
N ILE J 144 53.50 12.00 37.80
CA ILE J 144 53.70 11.20 36.60
C ILE J 144 52.33 10.93 36.00
N THR J 145 51.43 11.91 36.08
CA THR J 145 50.02 11.70 35.79
C THR J 145 49.79 11.13 34.41
N GLU J 146 49.33 9.88 34.36
CA GLU J 146 49.13 9.18 33.10
C GLU J 146 47.76 9.50 32.49
N MET J 147 47.44 8.85 31.37
CA MET J 147 46.16 9.07 30.72
C MET J 147 45.75 7.82 29.95
N PHE J 148 44.63 7.24 30.34
CA PHE J 148 44.09 6.07 29.66
C PHE J 148 43.36 6.50 28.40
N GLY J 149 42.62 5.56 27.81
CA GLY J 149 41.73 5.91 26.74
C GLY J 149 41.73 4.96 25.57
N GLU J 150 40.55 4.46 25.21
CA GLU J 150 40.38 3.75 23.96
C GLU J 150 40.73 4.68 22.80
N PHE J 151 41.12 4.08 21.66
CA PHE J 151 41.46 4.84 20.47
C PHE J 151 40.44 5.95 20.21
N ARG J 152 40.94 7.09 19.73
CA ARG J 152 40.10 8.23 19.37
C ARG J 152 39.42 8.85 20.59
N THR J 153 40.16 9.07 21.68
CA THR J 153 39.53 9.82 22.75
C THR J 153 40.19 11.17 23.03
N GLY J 154 41.40 11.18 23.57
CA GLY J 154 42.11 12.43 23.69
C GLY J 154 43.62 12.36 23.76
N LYS J 155 44.16 11.15 23.73
CA LYS J 155 45.49 10.92 24.32
C LYS J 155 46.60 11.67 23.61
N THR J 156 46.45 11.95 22.31
CA THR J 156 47.45 12.72 21.59
C THR J 156 46.90 14.07 21.13
N GLN J 157 45.91 14.59 21.84
CA GLN J 157 45.41 15.95 21.64
C GLN J 157 45.52 16.79 22.89
N ILE J 158 45.20 16.22 24.05
CA ILE J 158 45.43 16.90 25.33
C ILE J 158 46.92 17.15 25.48
N CYS J 159 47.74 16.21 25.00
CA CYS J 159 49.19 16.44 25.01
C CYS J 159 49.57 17.63 24.14
N HIS J 160 48.97 17.78 22.96
CA HIS J 160 49.24 18.95 22.12
C HIS J 160 48.85 20.23 22.83
N THR J 161 47.64 20.26 23.40
CA THR J 161 47.15 21.46 24.07
C THR J 161 48.01 21.80 25.27
N LEU J 162 48.42 20.79 26.04
CA LEU J 162 49.32 21.02 27.14
C LEU J 162 50.66 21.54 26.65
N ALA J 163 51.16 21.00 25.54
CA ALA J 163 52.44 21.44 25.01
C ALA J 163 52.41 22.92 24.67
N VAL J 164 51.36 23.38 24.00
CA VAL J 164 51.26 24.79 23.68
C VAL J 164 51.02 25.66 24.92
N THR J 165 50.20 25.19 25.86
CA THR J 165 49.91 26.00 27.04
C THR J 165 51.07 26.03 28.04
N CYS J 166 52.02 25.11 27.97
CA CYS J 166 53.14 25.11 28.91
C CYS J 166 54.12 26.25 28.68
N GLN J 167 54.13 26.85 27.49
CA GLN J 167 54.99 27.98 27.23
C GLN J 167 54.45 29.29 27.79
N LEU J 168 53.22 29.30 28.27
CA LEU J 168 52.68 30.49 28.89
C LEU J 168 53.39 30.78 30.20
N PRO J 169 53.34 32.02 30.69
CA PRO J 169 53.79 32.28 32.06
C PRO J 169 52.79 31.73 33.07
N ILE J 170 53.01 32.01 34.35
CA ILE J 170 52.13 31.51 35.40
C ILE J 170 50.76 32.15 35.27
N ASP J 171 50.67 33.20 34.43
CA ASP J 171 49.40 33.90 34.24
C ASP J 171 48.27 32.96 33.87
N ARG J 172 48.54 32.03 32.96
CA ARG J 172 47.50 31.12 32.51
C ARG J 172 47.96 29.68 32.66
N GLY J 173 48.35 29.29 33.88
CA GLY J 173 48.77 27.93 34.13
C GLY J 173 49.96 27.51 33.31
N GLY J 174 50.69 28.48 32.77
CA GLY J 174 51.88 28.16 32.01
C GLY J 174 52.97 27.69 32.96
N GLY J 175 53.97 27.01 32.42
CA GLY J 175 55.08 26.54 33.24
C GLY J 175 56.33 27.33 32.98
N GLU J 176 56.23 28.38 32.16
CA GLU J 176 57.41 29.17 31.82
C GLU J 176 58.49 28.27 31.28
N GLY J 177 58.12 27.31 30.46
CA GLY J 177 59.08 26.39 29.91
C GLY J 177 58.63 25.83 28.58
N LYS J 178 59.47 25.01 27.95
CA LYS J 178 59.13 24.46 26.66
C LYS J 178 58.81 22.98 26.78
N ALA J 179 57.86 22.51 25.96
CA ALA J 179 57.38 21.14 26.04
C ALA J 179 58.44 20.17 25.54
N MET J 180 58.24 18.88 25.81
CA MET J 180 59.29 17.90 25.56
C MET J 180 58.75 16.62 24.94
N TYR J 181 57.97 16.76 23.88
CA TYR J 181 57.19 15.68 23.28
C TYR J 181 58.07 14.57 22.70
N ILE J 182 58.12 13.41 23.34
CA ILE J 182 58.91 12.28 22.86
C ILE J 182 58.03 11.29 22.10
N ASP J 183 56.93 11.79 21.51
CA ASP J 183 55.96 10.98 20.78
C ASP J 183 56.64 9.85 20.01
N THR J 184 56.15 8.62 20.19
CA THR J 184 56.69 7.47 19.48
C THR J 184 55.71 6.87 18.48
N GLU J 185 54.41 7.14 18.60
CA GLU J 185 53.44 6.66 17.63
C GLU J 185 53.72 7.25 16.26
N GLY J 186 53.94 8.56 16.21
CA GLY J 186 54.15 9.25 14.96
C GLY J 186 53.11 10.31 14.73
N THR J 187 52.27 10.56 15.75
CA THR J 187 51.14 11.47 15.64
C THR J 187 51.45 12.88 16.11
N PHE J 188 52.72 13.28 16.11
CA PHE J 188 53.05 14.66 16.45
C PHE J 188 52.78 15.57 15.25
N ARG J 189 51.66 16.29 15.27
CA ARG J 189 51.27 17.14 14.15
C ARG J 189 51.33 18.60 14.59
N PRO J 190 52.36 19.36 14.20
CA PRO J 190 52.46 20.76 14.60
C PRO J 190 51.32 21.62 14.08
N GLU J 191 50.57 21.11 13.11
CA GLU J 191 49.46 21.83 12.52
C GLU J 191 48.44 22.25 13.58
N ARG J 192 48.24 21.40 14.59
CA ARG J 192 47.31 21.76 15.66
C ARG J 192 47.97 22.67 16.70
N LEU J 193 49.28 22.53 16.89
CA LEU J 193 49.99 23.42 17.79
C LEU J 193 49.90 24.85 17.31
N LEU J 194 50.10 25.05 16.00
CA LEU J 194 50.11 26.39 15.40
C LEU J 194 48.71 27.00 15.42
N ALA J 195 47.70 26.17 15.64
CA ALA J 195 46.32 26.64 15.75
C ALA J 195 45.93 26.96 17.18
N VAL J 196 46.34 26.13 18.14
CA VAL J 196 46.04 26.43 19.54
C VAL J 196 46.80 27.67 19.97
N ALA J 197 48.02 27.84 19.43
CA ALA J 197 48.75 29.08 19.64
C ALA J 197 47.94 30.28 19.17
N GLU J 198 47.36 30.18 17.97
CA GLU J 198 46.58 31.28 17.43
C GLU J 198 45.37 31.58 18.30
N ARG J 199 44.67 30.54 18.75
CA ARG J 199 43.48 30.79 19.56
C ARG J 199 43.81 31.21 20.98
N TYR J 200 45.04 30.98 21.45
CA TYR J 200 45.45 31.40 22.79
C TYR J 200 46.15 32.75 22.79
N GLY J 201 46.29 33.40 21.63
CA GLY J 201 46.88 34.71 21.57
C GLY J 201 48.38 34.78 21.51
N LEU J 202 49.06 33.72 21.06
CA LEU J 202 50.51 33.71 20.93
C LEU J 202 50.92 33.70 19.47
N SER J 203 52.23 33.75 19.25
CA SER J 203 52.79 33.79 17.91
C SER J 203 52.94 32.38 17.35
N GLY J 204 53.50 32.29 16.14
CA GLY J 204 53.72 31.01 15.50
C GLY J 204 55.13 30.49 15.69
N SER J 205 56.12 31.37 15.55
CA SER J 205 57.52 30.98 15.70
C SER J 205 57.84 30.55 17.13
N ASP J 206 57.35 31.32 18.10
CA ASP J 206 57.64 31.03 19.51
C ASP J 206 57.03 29.70 19.93
N VAL J 207 55.82 29.42 19.44
CA VAL J 207 55.06 28.28 19.94
C VAL J 207 55.28 27.10 19.00
N LEU J 208 56.02 27.32 17.92
CA LEU J 208 56.51 26.20 17.14
C LEU J 208 57.93 25.83 17.50
N ASP J 209 58.71 26.74 18.07
CA ASP J 209 59.95 26.39 18.76
C ASP J 209 59.60 26.07 20.21
N ASN J 210 58.71 25.08 20.36
CA ASN J 210 58.10 24.76 21.63
C ASN J 210 58.55 23.40 22.13
N VAL J 211 58.33 22.35 21.36
CA VAL J 211 58.63 20.99 21.81
C VAL J 211 60.10 20.70 21.54
N ALA J 212 60.56 19.56 22.05
CA ALA J 212 61.87 19.04 21.69
C ALA J 212 61.68 17.71 20.98
N TYR J 213 60.71 17.65 20.05
CA TYR J 213 60.20 16.40 19.52
C TYR J 213 61.31 15.43 19.17
N ALA J 214 61.22 14.23 19.72
CA ALA J 214 62.17 13.16 19.42
C ALA J 214 61.42 11.86 19.30
N ARG J 215 61.33 11.32 18.09
CA ARG J 215 60.64 10.06 17.89
C ARG J 215 61.45 8.91 18.46
N GLY J 216 60.78 8.05 19.22
CA GLY J 216 61.42 6.86 19.75
C GLY J 216 60.96 5.61 19.01
N PHE J 217 61.87 4.97 18.28
CA PHE J 217 61.52 3.81 17.48
C PHE J 217 61.46 2.55 18.32
N ASN J 218 62.56 2.21 18.99
CA ASN J 218 62.55 1.08 19.92
C ASN J 218 62.59 1.58 21.36
N THR J 219 62.25 0.71 22.31
CA THR J 219 62.16 1.14 23.70
C THR J 219 63.51 1.50 24.29
N ASP J 220 64.59 0.91 23.80
CA ASP J 220 65.93 1.30 24.23
C ASP J 220 66.19 2.76 23.88
N HIS J 221 65.76 3.17 22.69
CA HIS J 221 65.80 4.58 22.33
C HIS J 221 64.95 5.40 23.29
N GLN J 222 63.78 4.88 23.67
CA GLN J 222 62.91 5.60 24.59
C GLN J 222 63.62 5.85 25.91
N THR J 223 64.46 4.89 26.34
CA THR J 223 65.21 5.08 27.57
C THR J 223 66.40 6.01 27.42
N GLN J 224 67.16 5.95 26.32
CA GLN J 224 68.29 6.86 26.13
C GLN J 224 67.86 8.30 25.87
N LEU J 225 66.69 8.48 25.27
CA LEU J 225 66.17 9.83 25.06
C LEU J 225 65.91 10.52 26.38
N LEU J 226 65.71 9.77 27.46
CA LEU J 226 65.56 10.40 28.77
C LEU J 226 66.87 11.01 29.26
N TYR J 227 67.98 10.29 29.10
CA TYR J 227 69.28 10.86 29.45
C TYR J 227 69.57 12.09 28.59
N GLN J 228 69.42 11.94 27.27
CA GLN J 228 69.65 13.07 26.38
C GLN J 228 68.73 14.22 26.77
N ALA J 229 67.52 13.88 27.22
CA ALA J 229 66.54 14.88 27.62
C ALA J 229 67.04 15.67 28.81
N GLU J 230 67.45 14.98 29.87
CA GLU J 230 68.02 15.63 31.05
C GLU J 230 69.17 16.56 30.66
N ASP J 231 69.95 16.13 29.66
CA ASP J 231 71.13 16.90 29.25
C ASP J 231 70.79 18.25 28.62
N MET J 232 69.50 18.58 28.47
CA MET J 232 69.11 19.94 28.14
C MET J 232 68.07 20.46 29.11
N MET J 233 67.40 19.54 29.82
CA MET J 233 66.50 19.91 30.91
C MET J 233 67.25 20.65 32.00
N VAL J 234 68.51 20.33 32.24
CA VAL J 234 69.30 21.05 33.23
C VAL J 234 69.64 22.47 32.77
N GLU J 235 69.94 22.65 31.47
CA GLU J 235 70.34 23.97 30.99
C GLU J 235 69.23 24.99 31.13
N SER J 236 68.05 24.67 30.60
CA SER J 236 66.91 25.58 30.65
C SER J 236 65.73 24.86 31.27
N ARG J 237 64.89 25.61 31.99
CA ARG J 237 63.79 25.03 32.74
C ARG J 237 62.64 24.70 31.80
N TYR J 238 62.62 23.46 31.31
CA TYR J 238 61.43 22.94 30.66
C TYR J 238 60.44 22.58 31.78
N ALA J 239 59.16 22.42 31.47
CA ALA J 239 58.23 22.00 32.52
C ALA J 239 57.16 21.05 32.02
N LEU J 240 57.41 20.32 30.94
CA LEU J 240 56.35 19.48 30.37
C LEU J 240 56.79 18.17 29.77
N LEU J 241 57.75 17.47 30.37
CA LEU J 241 58.13 16.16 29.84
C LEU J 241 56.88 15.36 29.48
N ILE J 242 56.72 15.03 28.21
CA ILE J 242 55.57 14.27 27.74
C ILE J 242 56.06 13.02 27.05
N VAL J 243 55.35 11.91 27.24
CA VAL J 243 55.64 10.68 26.51
C VAL J 243 54.34 10.21 25.88
N ASP J 244 54.39 9.85 24.60
CA ASP J 244 53.22 9.32 23.92
C ASP J 244 53.39 7.82 23.80
N SER J 245 52.35 7.08 24.20
CA SER J 245 52.35 5.62 24.20
C SER J 245 53.63 5.08 24.83
N ALA J 246 53.78 5.34 26.11
CA ALA J 246 54.94 4.86 26.85
C ALA J 246 55.00 3.35 26.95
N THR J 247 54.02 2.64 26.37
CA THR J 247 53.99 1.19 26.38
C THR J 247 53.80 0.55 25.01
N ALA J 248 53.56 1.33 23.96
CA ALA J 248 53.32 0.77 22.63
C ALA J 248 54.53 0.00 22.12
N LEU J 249 55.71 0.57 22.31
CA LEU J 249 56.94 -0.08 21.87
C LEU J 249 57.12 -1.41 22.60
N TYR J 250 56.71 -1.44 23.86
CA TYR J 250 56.81 -2.67 24.65
C TYR J 250 55.89 -3.75 24.11
N ARG J 251 54.69 -3.35 23.66
CA ARG J 251 53.71 -4.29 23.14
C ARG J 251 54.26 -5.14 22.01
N THR J 252 54.95 -4.51 21.06
CA THR J 252 55.50 -5.23 19.92
C THR J 252 56.92 -5.72 20.14
N ASP J 253 57.65 -5.13 21.09
CA ASP J 253 59.04 -5.53 21.33
C ASP J 253 59.09 -6.77 22.22
N TYR J 254 58.56 -6.65 23.44
CA TYR J 254 58.48 -7.78 24.35
C TYR J 254 57.17 -8.52 24.11
N SER J 255 57.25 -9.68 23.47
CA SER J 255 56.07 -10.44 23.09
C SER J 255 56.13 -11.83 23.69
N GLY J 256 55.01 -12.27 24.27
CA GLY J 256 54.91 -13.61 24.81
C GLY J 256 55.16 -13.69 26.29
N ARG J 257 54.40 -14.55 26.99
CA ARG J 257 54.67 -14.83 28.39
C ARG J 257 56.04 -15.46 28.54
N GLY J 258 56.92 -14.80 29.27
CA GLY J 258 58.34 -15.05 29.13
C GLY J 258 58.85 -14.07 28.11
N GLU J 259 59.75 -13.16 28.54
CA GLU J 259 59.93 -11.82 28.00
C GLU J 259 58.89 -10.90 28.62
N LEU J 260 58.01 -11.46 29.45
CA LEU J 260 57.05 -10.69 30.23
C LEU J 260 57.76 -9.92 31.34
N SER J 261 58.66 -10.59 32.05
CA SER J 261 59.38 -9.94 33.15
C SER J 261 60.27 -8.82 32.64
N ALA J 262 60.89 -9.04 31.48
CA ALA J 262 61.73 -8.00 30.88
C ALA J 262 60.92 -6.74 30.61
N ARG J 263 59.68 -6.92 30.14
CA ARG J 263 58.80 -5.78 29.89
C ARG J 263 58.56 -4.98 31.16
N GLN J 264 58.23 -5.67 32.25
CA GLN J 264 57.85 -4.99 33.48
C GLN J 264 59.05 -4.64 34.35
N MET J 265 60.26 -4.91 33.87
CA MET J 265 61.44 -4.34 34.53
C MET J 265 61.94 -3.16 33.72
N HIS J 266 61.83 -3.23 32.39
CA HIS J 266 62.23 -2.10 31.56
C HIS J 266 61.26 -0.94 31.73
N LEU J 267 59.98 -1.24 31.83
CA LEU J 267 59.01 -0.20 32.09
C LEU J 267 59.18 0.40 33.47
N ALA J 268 59.68 -0.40 34.41
CA ALA J 268 60.08 0.10 35.73
C ALA J 268 61.28 1.02 35.67
N ARG J 269 62.29 0.68 34.87
CA ARG J 269 63.41 1.59 34.64
C ARG J 269 62.91 2.91 34.06
N PHE J 270 62.03 2.82 33.06
CA PHE J 270 61.46 4.00 32.43
C PHE J 270 60.73 4.87 33.44
N LEU J 271 59.81 4.28 34.20
CA LEU J 271 59.01 5.07 35.13
C LEU J 271 59.78 5.52 36.34
N ARG J 272 60.90 4.89 36.69
CA ARG J 272 61.78 5.40 37.71
C ARG J 272 62.64 6.55 37.22
N MET J 273 63.11 6.50 35.97
CA MET J 273 63.78 7.64 35.37
C MET J 273 62.84 8.83 35.30
N LEU J 274 61.56 8.56 34.98
CA LEU J 274 60.56 9.62 34.94
C LEU J 274 60.45 10.32 36.29
N LEU J 275 60.33 9.55 37.36
CA LEU J 275 60.24 10.13 38.70
C LEU J 275 61.52 10.87 39.06
N ARG J 276 62.67 10.30 38.70
CA ARG J 276 63.96 10.91 38.97
C ARG J 276 64.03 12.31 38.38
N LEU J 277 63.74 12.44 37.09
CA LEU J 277 63.88 13.71 36.41
C LEU J 277 62.67 14.61 36.61
N ALA J 278 61.58 14.08 37.17
CA ALA J 278 60.44 14.89 37.54
C ALA J 278 60.54 15.44 38.94
N ASP J 279 61.37 14.86 39.80
CA ASP J 279 61.66 15.46 41.10
C ASP J 279 62.99 16.20 41.13
N GLU J 280 63.88 15.95 40.17
CA GLU J 280 65.12 16.70 40.07
C GLU J 280 64.84 18.13 39.63
N PHE J 281 63.91 18.28 38.69
CA PHE J 281 63.47 19.58 38.19
C PHE J 281 61.99 19.75 38.48
N GLY J 282 61.47 20.93 38.16
CA GLY J 282 60.06 21.20 38.35
C GLY J 282 59.23 20.90 37.12
N VAL J 283 59.46 19.73 36.53
CA VAL J 283 58.80 19.39 35.27
C VAL J 283 57.58 18.52 35.53
N ALA J 284 56.56 18.69 34.69
CA ALA J 284 55.36 17.84 34.75
C ALA J 284 55.53 16.63 33.85
N VAL J 285 54.64 15.65 33.99
CA VAL J 285 54.69 14.45 33.16
C VAL J 285 53.27 14.10 32.71
N VAL J 286 53.10 13.82 31.42
CA VAL J 286 51.77 13.59 30.86
C VAL J 286 51.75 12.26 30.11
N ILE J 287 52.51 11.28 30.60
CA ILE J 287 52.62 9.96 29.99
C ILE J 287 51.26 9.43 29.54
N THR J 288 51.20 8.85 28.35
CA THR J 288 49.96 8.35 27.76
C THR J 288 50.03 6.83 27.67
N ASN J 289 48.94 6.17 28.06
CA ASN J 289 48.83 4.72 28.01
C ASN J 289 47.75 4.28 27.04
N GLN J 290 47.97 3.12 26.43
CA GLN J 290 46.99 2.52 25.54
C GLN J 290 46.02 1.65 26.33
N VAL J 291 45.23 0.84 25.62
CA VAL J 291 44.15 0.09 26.25
C VAL J 291 44.15 -1.33 25.68
N VAL J 292 43.95 -2.30 26.57
CA VAL J 292 43.72 -3.69 26.17
C VAL J 292 42.29 -4.05 26.55
N ALA J 293 41.85 -5.24 26.16
CA ALA J 293 40.52 -5.71 26.52
C ALA J 293 40.66 -7.05 27.22
N GLN J 294 39.99 -7.19 28.36
CA GLN J 294 40.01 -8.46 29.08
C GLN J 294 38.86 -9.32 28.58
N VAL J 295 39.19 -10.38 27.87
CA VAL J 295 38.15 -11.23 27.30
C VAL J 295 37.29 -11.83 28.39
N ASP J 296 37.84 -11.95 29.60
CA ASP J 296 37.10 -12.55 30.70
C ASP J 296 36.60 -13.92 30.28
N GLY J 297 37.45 -14.68 29.60
CA GLY J 297 37.05 -16.00 29.13
C GLY J 297 36.02 -15.90 28.02
N PRO J 305 34.79 -2.39 29.73
CA PRO J 305 35.69 -3.55 29.84
C PRO J 305 37.07 -3.27 29.27
N LYS J 306 37.87 -2.48 29.98
CA LYS J 306 39.17 -2.08 29.45
C LYS J 306 40.18 -2.03 30.59
N LYS J 307 41.45 -2.31 30.24
CA LYS J 307 42.51 -2.27 31.23
C LYS J 307 43.73 -1.60 30.59
N PRO J 308 44.61 -1.00 31.40
CA PRO J 308 45.73 -0.37 30.72
C PRO J 308 46.80 -1.36 30.37
N ILE J 309 47.77 -0.97 29.54
CA ILE J 309 48.88 -1.85 29.26
C ILE J 309 49.87 -1.71 30.41
N GLY J 310 50.71 -2.70 30.62
CA GLY J 310 51.64 -2.64 31.74
C GLY J 310 50.88 -2.30 33.01
N GLY J 311 49.90 -3.12 33.37
CA GLY J 311 49.08 -2.84 34.54
C GLY J 311 49.91 -2.58 35.78
N ASN J 312 50.92 -3.39 36.02
CA ASN J 312 51.80 -3.18 37.17
C ASN J 312 52.77 -2.07 36.83
N ILE J 313 53.39 -1.49 37.86
CA ILE J 313 54.35 -0.41 37.64
C ILE J 313 53.65 0.86 37.15
N ILE J 314 52.90 0.75 36.06
CA ILE J 314 52.28 1.95 35.48
C ILE J 314 51.39 2.66 36.50
N ALA J 315 50.53 1.92 37.18
CA ALA J 315 49.68 2.53 38.19
C ALA J 315 50.51 2.86 39.41
N HIS J 316 51.48 2.01 39.72
CA HIS J 316 52.32 2.23 40.87
C HIS J 316 53.09 3.53 40.74
N ALA J 317 53.74 3.73 39.62
CA ALA J 317 54.51 4.95 39.42
C ALA J 317 53.69 6.00 38.68
N SER J 318 52.56 6.38 39.27
CA SER J 318 51.70 7.38 38.63
C SER J 318 50.72 7.96 39.62
N THR J 319 50.38 9.23 39.45
CA THR J 319 49.41 9.87 40.32
C THR J 319 48.09 9.98 39.57
N THR J 320 47.55 11.18 39.49
CA THR J 320 46.26 11.36 38.83
C THR J 320 46.26 10.58 37.53
N ARG J 321 45.32 9.66 37.37
CA ARG J 321 45.27 8.85 36.18
C ARG J 321 43.96 9.04 35.47
N LEU J 322 43.90 10.05 34.60
CA LEU J 322 42.68 10.32 33.86
C LEU J 322 42.26 9.09 33.07
N TYR J 323 40.96 8.95 32.77
CA TYR J 323 40.47 7.79 32.03
C TYR J 323 39.47 8.32 31.00
N LEU J 324 39.96 8.51 29.77
CA LEU J 324 39.15 9.12 28.73
C LEU J 324 38.23 8.10 28.08
N ARG J 325 37.02 8.53 27.74
CA ARG J 325 36.04 7.67 27.10
C ARG J 325 35.29 8.46 26.02
N LYS J 326 34.87 7.75 24.98
CA LYS J 326 34.16 8.38 23.88
C LYS J 326 32.75 8.78 24.33
N GLY J 327 32.21 9.80 23.66
CA GLY J 327 30.87 10.25 23.92
C GLY J 327 30.05 10.41 22.65
N ARG J 328 29.44 11.57 22.46
CA ARG J 328 28.67 11.87 21.26
C ARG J 328 29.34 13.01 20.52
N GLY J 329 29.63 12.78 19.24
CA GLY J 329 30.30 13.78 18.43
C GLY J 329 31.65 14.16 19.00
N GLU J 330 31.74 15.36 19.57
CA GLU J 330 32.91 15.83 20.28
C GLU J 330 32.57 15.83 21.77
N THR J 331 32.79 14.70 22.43
CA THR J 331 32.46 14.55 23.85
C THR J 331 33.37 13.48 24.44
N ARG J 332 34.11 13.83 25.49
CA ARG J 332 35.05 12.90 26.11
C ARG J 332 34.88 12.98 27.63
N ILE J 333 34.41 11.89 28.23
CA ILE J 333 34.19 11.83 29.67
C ILE J 333 35.42 11.26 30.34
N CYS J 334 35.93 11.95 31.36
CA CYS J 334 37.16 11.58 32.03
C CYS J 334 36.87 11.17 33.47
N LYS J 335 37.44 10.04 33.90
CA LYS J 335 37.21 9.57 35.25
C LYS J 335 38.51 9.50 36.04
N ILE J 336 38.67 10.42 36.98
CA ILE J 336 39.89 10.45 37.76
C ILE J 336 40.10 9.12 38.47
N TYR J 337 41.34 8.64 38.48
CA TYR J 337 41.64 7.38 39.13
C TYR J 337 43.03 7.44 39.74
N ASP J 338 43.29 6.60 40.73
CA ASP J 338 44.62 6.56 41.33
C ASP J 338 45.11 7.97 41.65
N SER J 339 44.22 8.81 42.13
CA SER J 339 44.60 10.17 42.45
C SER J 339 44.74 10.32 43.95
N PRO J 340 45.98 10.38 44.44
CA PRO J 340 46.19 10.43 45.89
C PRO J 340 45.39 11.54 46.54
N CYS J 341 45.30 12.69 45.88
CA CYS J 341 44.60 13.83 46.46
C CYS J 341 43.38 14.19 45.64
N LEU J 342 42.69 13.20 45.12
CA LEU J 342 41.55 13.49 44.26
C LEU J 342 40.50 12.38 44.20
N PRO J 343 39.55 12.36 45.15
CA PRO J 343 38.46 11.39 45.04
C PRO J 343 37.82 11.41 43.65
N GLU J 344 37.30 10.25 43.22
CA GLU J 344 36.78 10.04 41.88
C GLU J 344 35.74 11.08 41.46
N ALA J 345 35.69 11.39 40.16
CA ALA J 345 34.75 12.36 39.62
C ALA J 345 34.65 12.23 38.10
N GLU J 346 33.92 13.13 37.46
CA GLU J 346 33.77 13.09 36.00
C GLU J 346 33.44 14.49 35.49
N ALA J 347 33.78 14.73 34.22
CA ALA J 347 33.39 15.94 33.51
C ALA J 347 33.60 15.70 32.02
N MET J 348 33.18 16.67 31.21
CA MET J 348 33.09 16.54 29.76
C MET J 348 33.90 17.64 29.08
N PHE J 349 34.71 17.24 28.10
CA PHE J 349 35.44 18.18 27.27
C PHE J 349 35.23 17.76 25.81
N ALA J 350 35.72 18.58 24.88
CA ALA J 350 35.51 18.30 23.46
C ALA J 350 36.79 18.62 22.70
N ILE J 351 37.08 17.82 21.67
CA ILE J 351 38.18 18.09 20.77
C ILE J 351 37.66 18.95 19.63
N ASN J 352 37.66 20.27 19.82
CA ASN J 352 37.11 21.16 18.80
C ASN J 352 38.06 21.28 17.62
N ALA J 353 37.77 22.19 16.70
CA ALA J 353 38.63 22.43 15.57
C ALA J 353 39.97 22.99 16.03
N ASP J 354 40.06 23.35 17.31
CA ASP J 354 41.28 23.95 17.84
C ASP J 354 41.44 23.51 19.30
N GLY J 355 42.24 22.45 19.50
CA GLY J 355 42.57 21.97 20.81
C GLY J 355 41.39 21.53 21.66
N VAL J 356 41.66 21.17 22.92
CA VAL J 356 40.58 20.85 23.85
C VAL J 356 40.02 22.17 24.40
N GLY J 357 38.73 22.39 24.20
CA GLY J 357 38.14 23.67 24.55
C GLY J 357 36.72 23.59 25.08
N ASP J 358 36.34 22.42 25.58
CA ASP J 358 35.00 22.19 26.12
C ASP J 358 33.92 22.45 25.06
N PRO K 44 66.30 6.93 2.44
CA PRO K 44 66.85 5.59 2.66
C PRO K 44 68.36 5.54 2.47
N GLN K 45 69.01 4.54 3.06
CA GLN K 45 70.45 4.38 2.93
C GLN K 45 70.82 2.91 3.10
N PRO K 46 71.33 2.25 2.06
CA PRO K 46 71.58 0.81 2.15
C PRO K 46 72.61 0.43 3.19
N ILE K 47 72.68 -0.86 3.52
CA ILE K 47 73.62 -1.34 4.52
C ILE K 47 75.04 -1.31 3.99
N SER K 48 75.22 -1.01 2.71
CA SER K 48 76.54 -0.99 2.08
C SER K 48 77.48 0.01 2.74
N ARG K 49 76.92 1.02 3.41
CA ARG K 49 77.74 2.03 4.08
C ARG K 49 78.02 1.65 5.53
N LEU K 50 77.99 0.35 5.83
CA LEU K 50 78.21 -0.14 7.19
C LEU K 50 79.31 -1.20 7.18
N GLU K 51 80.44 -0.88 6.54
CA GLU K 51 81.60 -1.78 6.50
C GLU K 51 82.80 -1.20 7.24
N GLN K 52 82.67 -0.02 7.83
CA GLN K 52 83.80 0.61 8.52
C GLN K 52 83.94 0.07 9.94
N CYS K 53 84.89 0.62 10.70
CA CYS K 53 85.07 0.32 12.11
C CYS K 53 85.24 -1.16 12.38
N GLY K 54 85.96 -1.86 11.50
CA GLY K 54 86.23 -3.27 11.71
C GLY K 54 85.02 -4.17 11.53
N ILE K 55 83.89 -3.60 11.12
CA ILE K 55 82.69 -4.39 10.88
C ILE K 55 82.89 -5.20 9.62
N ASN K 56 82.98 -6.52 9.77
CA ASN K 56 83.17 -7.42 8.65
C ASN K 56 82.03 -7.30 7.65
N ALA K 57 82.35 -7.44 6.36
CA ALA K 57 81.30 -7.51 5.34
C ALA K 57 80.48 -8.77 5.54
N ASN K 58 81.08 -9.78 6.18
CA ASN K 58 80.34 -10.97 6.57
C ASN K 58 79.28 -10.66 7.62
N ASP K 59 79.55 -9.68 8.50
CA ASP K 59 78.53 -9.26 9.44
C ASP K 59 77.30 -8.76 8.71
N VAL K 60 77.50 -7.99 7.65
CA VAL K 60 76.38 -7.55 6.81
C VAL K 60 75.75 -8.75 6.11
N LYS K 61 76.58 -9.67 5.63
CA LYS K 61 76.11 -10.84 4.90
C LYS K 61 75.31 -11.80 5.78
N LYS K 62 75.39 -11.66 7.10
CA LYS K 62 74.51 -12.41 8.00
C LYS K 62 73.48 -11.51 8.67
N LEU K 63 73.60 -10.19 8.54
CA LEU K 63 72.64 -9.25 9.07
C LEU K 63 71.45 -9.06 8.13
N GLU K 64 71.71 -9.11 6.82
CA GLU K 64 70.67 -8.87 5.84
C GLU K 64 69.60 -9.98 5.87
N GLU K 65 69.90 -11.09 6.55
CA GLU K 65 69.01 -12.23 6.62
C GLU K 65 67.66 -11.85 7.24
N ALA K 66 67.68 -11.43 8.51
CA ALA K 66 66.47 -11.05 9.22
C ALA K 66 66.16 -9.59 8.92
N GLY K 67 65.79 -9.33 7.66
CA GLY K 67 65.59 -7.98 7.19
C GLY K 67 66.85 -7.16 7.30
N TYR K 68 66.77 -6.00 7.95
CA TYR K 68 67.92 -5.14 8.20
C TYR K 68 68.67 -4.81 6.91
N HIS K 69 67.93 -4.53 5.84
CA HIS K 69 68.51 -4.26 4.54
C HIS K 69 69.14 -2.87 4.49
N THR K 70 68.57 -1.92 5.23
CA THR K 70 69.15 -0.58 5.32
C THR K 70 69.69 -0.34 6.73
N VAL K 71 70.40 0.78 6.90
CA VAL K 71 70.90 1.15 8.22
C VAL K 71 69.77 1.61 9.14
N GLU K 72 68.66 2.08 8.57
CA GLU K 72 67.52 2.49 9.38
C GLU K 72 66.96 1.31 10.18
N ALA K 73 66.89 0.14 9.54
CA ALA K 73 66.34 -1.04 10.18
C ALA K 73 67.13 -1.45 11.42
N VAL K 74 68.46 -1.46 11.32
CA VAL K 74 69.29 -1.80 12.46
C VAL K 74 69.26 -0.67 13.49
N ALA K 75 69.11 0.57 13.02
CA ALA K 75 69.06 1.71 13.92
C ALA K 75 67.74 1.76 14.68
N TYR K 76 66.75 1.01 14.23
CA TYR K 76 65.42 1.04 14.82
C TYR K 76 65.12 -0.16 15.72
N ALA K 77 65.92 -1.23 15.63
CA ALA K 77 65.69 -2.40 16.45
C ALA K 77 66.63 -2.41 17.67
N PRO K 78 66.12 -2.78 18.83
CA PRO K 78 66.95 -2.71 20.05
C PRO K 78 67.99 -3.81 20.09
N LYS K 79 68.69 -3.85 21.23
CA LYS K 79 69.80 -4.78 21.45
C LYS K 79 69.38 -6.21 21.21
N LYS K 80 68.25 -6.59 21.79
CA LYS K 80 67.75 -7.97 21.76
C LYS K 80 67.68 -8.52 20.35
N GLU K 81 67.16 -7.72 19.41
CA GLU K 81 66.94 -8.20 18.05
C GLU K 81 68.25 -8.65 17.40
N LEU K 82 69.29 -7.83 17.48
CA LEU K 82 70.53 -8.20 16.79
C LEU K 82 71.53 -8.93 17.68
N ILE K 83 71.21 -9.20 18.95
CA ILE K 83 72.06 -10.10 19.72
C ILE K 83 71.51 -11.52 19.66
N ASN K 84 70.21 -11.65 19.47
CA ASN K 84 69.61 -12.97 19.35
C ASN K 84 70.04 -13.59 18.03
N ILE K 85 70.58 -12.78 17.14
CA ILE K 85 71.06 -13.29 15.86
C ILE K 85 72.41 -13.95 16.05
N LYS K 86 72.73 -14.90 15.17
CA LYS K 86 74.02 -15.58 15.25
C LYS K 86 75.04 -14.90 14.34
N GLY K 87 76.31 -15.13 14.62
CA GLY K 87 77.35 -14.53 13.80
C GLY K 87 77.67 -13.12 14.24
N ILE K 88 76.90 -12.60 15.19
CA ILE K 88 77.17 -11.27 15.72
C ILE K 88 77.20 -11.32 17.23
N SER K 89 78.32 -10.88 17.81
CA SER K 89 78.45 -10.86 19.26
C SER K 89 78.04 -9.52 19.80
N GLU K 90 77.68 -9.48 21.08
CA GLU K 90 77.32 -8.21 21.70
C GLU K 90 78.26 -7.12 21.21
N ALA K 91 79.56 -7.41 21.19
CA ALA K 91 80.52 -6.39 20.78
C ALA K 91 80.13 -5.82 19.43
N LYS K 92 79.92 -6.70 18.45
CA LYS K 92 79.45 -6.25 17.14
C LYS K 92 78.09 -5.59 17.27
N ALA K 93 77.28 -6.02 18.24
CA ALA K 93 75.96 -5.44 18.42
C ALA K 93 76.02 -3.96 18.78
N ASP K 94 76.79 -3.62 19.82
CA ASP K 94 76.88 -2.21 20.20
C ASP K 94 77.66 -1.42 19.16
N LYS K 95 78.59 -2.09 18.47
CA LYS K 95 79.31 -1.41 17.39
C LYS K 95 78.34 -1.00 16.28
N ILE K 96 77.41 -1.90 15.92
CA ILE K 96 76.39 -1.62 14.94
C ILE K 96 75.48 -0.51 15.44
N LEU K 97 75.13 -0.56 16.73
CA LEU K 97 74.29 0.48 17.31
C LEU K 97 74.91 1.86 17.15
N THR K 98 76.18 2.00 17.53
CA THR K 98 76.85 3.29 17.40
C THR K 98 77.03 3.69 15.93
N GLU K 99 77.43 2.74 15.08
CA GLU K 99 77.67 3.01 13.67
C GLU K 99 76.42 3.35 12.91
N ALA K 100 75.26 2.96 13.44
CA ALA K 100 73.98 3.32 12.86
C ALA K 100 73.54 4.68 13.41
N ALA K 101 73.66 4.90 14.71
CA ALA K 101 73.28 6.19 15.28
C ALA K 101 74.11 7.33 14.69
N LYS K 102 75.34 7.04 14.27
CA LYS K 102 76.16 8.07 13.63
C LYS K 102 75.61 8.49 12.27
N LEU K 103 75.19 7.53 11.45
CA LEU K 103 74.84 7.79 10.07
C LEU K 103 73.38 8.16 9.84
N VAL K 104 72.53 8.07 10.88
CA VAL K 104 71.15 8.52 10.75
C VAL K 104 70.75 9.25 12.03
N PRO K 105 70.12 10.42 11.93
CA PRO K 105 69.79 11.19 13.13
C PRO K 105 68.60 10.62 13.90
N MET K 106 68.80 10.37 15.19
CA MET K 106 67.71 9.95 16.08
C MET K 106 67.79 10.75 17.37
N GLY K 107 68.21 12.00 17.29
CA GLY K 107 68.43 12.79 18.49
C GLY K 107 67.25 13.63 18.89
N PHE K 108 67.52 14.71 19.61
CA PHE K 108 66.50 15.63 20.08
C PHE K 108 66.47 16.86 19.18
N THR K 109 65.32 17.14 18.59
CA THR K 109 65.20 18.20 17.61
C THR K 109 64.20 19.26 18.06
N THR K 110 63.90 20.21 17.18
CA THR K 110 62.88 21.21 17.44
C THR K 110 61.64 20.87 16.63
N ALA K 111 60.58 21.65 16.80
CA ALA K 111 59.37 21.45 16.03
C ALA K 111 59.28 22.33 14.79
N THR K 112 60.07 23.40 14.71
CA THR K 112 60.17 24.15 13.47
C THR K 112 60.79 23.27 12.37
N GLU K 113 61.85 22.55 12.72
CA GLU K 113 62.50 21.64 11.78
C GLU K 113 61.53 20.54 11.34
N PHE K 114 60.81 19.96 12.29
CA PHE K 114 59.85 18.91 11.97
C PHE K 114 58.71 19.44 11.11
N HIS K 115 58.21 20.64 11.42
CA HIS K 115 57.15 21.21 10.62
C HIS K 115 57.61 21.55 9.21
N GLN K 116 58.87 21.98 9.05
CA GLN K 116 59.42 22.18 7.71
C GLN K 116 59.54 20.86 6.97
N ARG K 117 60.00 19.82 7.66
CA ARG K 117 60.15 18.52 7.00
C ARG K 117 58.81 17.87 6.72
N ARG K 118 57.77 18.28 7.44
CA ARG K 118 56.45 17.74 7.21
C ARG K 118 56.03 18.07 5.80
N SER K 119 56.61 19.11 5.23
CA SER K 119 56.27 19.52 3.87
C SER K 119 56.63 18.43 2.87
N GLU K 120 57.60 17.59 3.21
CA GLU K 120 58.01 16.52 2.31
C GLU K 120 56.87 15.56 2.08
N ILE K 121 55.81 15.71 2.85
CA ILE K 121 54.69 14.79 2.75
C ILE K 121 54.02 14.92 1.39
N ILE K 122 53.90 13.80 0.69
CA ILE K 122 53.22 13.82 -0.59
C ILE K 122 51.88 13.15 -0.38
N GLN K 123 50.81 13.89 -0.66
CA GLN K 123 49.47 13.33 -0.48
C GLN K 123 48.93 12.84 -1.82
N ILE K 124 48.89 11.53 -2.00
CA ILE K 124 48.41 10.98 -3.26
C ILE K 124 46.94 11.27 -3.44
N THR K 125 46.57 11.74 -4.63
CA THR K 125 45.18 12.09 -4.89
C THR K 125 44.28 10.88 -4.81
N THR K 126 43.21 10.98 -4.04
CA THR K 126 42.30 9.85 -3.88
C THR K 126 41.57 9.51 -5.16
N GLY K 127 41.69 10.37 -6.17
CA GLY K 127 40.98 10.15 -7.41
C GLY K 127 39.67 10.92 -7.44
N SER K 128 39.28 11.49 -6.31
CA SER K 128 38.06 12.26 -6.24
C SER K 128 38.32 13.60 -5.58
N LYS K 129 37.44 14.57 -5.81
CA LYS K 129 37.64 15.89 -5.23
C LYS K 129 37.17 15.95 -3.80
N GLU K 130 35.95 15.48 -3.55
CA GLU K 130 35.38 15.55 -2.22
C GLU K 130 36.23 14.74 -1.24
N LEU K 131 36.56 13.53 -1.62
CA LEU K 131 37.36 12.69 -0.74
C LEU K 131 38.71 13.34 -0.50
N ASP K 132 39.30 13.88 -1.55
CA ASP K 132 40.58 14.54 -1.41
C ASP K 132 40.48 15.60 -0.34
N LYS K 133 39.50 16.49 -0.48
CA LYS K 133 39.34 17.57 0.48
C LYS K 133 39.12 16.98 1.86
N LEU K 134 38.38 15.89 1.97
CA LEU K 134 38.30 15.23 3.27
C LEU K 134 39.68 14.63 3.29
N LEU K 135 40.25 14.26 4.41
CA LEU K 135 41.61 13.72 4.32
C LEU K 135 42.56 14.77 3.75
N GLN K 136 42.19 16.04 3.83
CA GLN K 136 43.07 17.13 3.38
C GLN K 136 43.36 17.15 1.88
N GLY K 137 44.50 16.60 1.48
CA GLY K 137 44.84 16.54 0.07
C GLY K 137 44.91 15.13 -0.46
N GLY K 138 45.07 14.16 0.44
CA GLY K 138 45.15 12.77 0.03
C GLY K 138 45.82 11.94 1.10
N ILE K 139 46.15 10.70 0.78
CA ILE K 139 46.85 9.85 1.74
C ILE K 139 48.24 10.40 1.94
N GLU K 140 48.64 10.59 3.20
CA GLU K 140 49.95 11.17 3.49
C GLU K 140 51.07 10.16 3.40
N THR K 141 52.28 10.64 3.16
CA THR K 141 53.43 9.76 3.08
C THR K 141 54.11 9.64 4.43
N GLY K 142 54.15 8.44 4.99
CA GLY K 142 54.74 8.24 6.30
C GLY K 142 53.71 7.94 7.35
N SER K 143 52.56 7.41 6.94
CA SER K 143 51.49 7.10 7.87
C SER K 143 50.79 5.82 7.38
N ILE K 144 50.09 5.18 8.30
CA ILE K 144 49.36 3.95 8.01
C ILE K 144 47.88 4.31 7.97
N THR K 145 47.34 4.50 6.77
CA THR K 145 45.92 4.78 6.61
C THR K 145 45.15 3.48 6.75
N GLU K 146 43.85 3.54 6.94
CA GLU K 146 43.03 2.33 7.11
C GLU K 146 41.64 2.63 6.56
N MET K 147 40.95 1.59 6.13
CA MET K 147 39.64 1.78 5.54
C MET K 147 38.79 0.57 5.85
N PHE K 148 37.78 0.74 6.69
CA PHE K 148 36.90 -0.37 6.98
C PHE K 148 35.52 -0.14 6.39
N GLY K 149 34.85 -1.21 6.01
CA GLY K 149 33.53 -1.09 5.44
C GLY K 149 32.93 -2.43 5.10
N GLU K 150 31.74 -2.43 4.52
CA GLU K 150 31.06 -3.68 4.20
C GLU K 150 31.48 -4.30 2.88
N PHE K 151 30.84 -5.39 2.49
CA PHE K 151 31.21 -6.10 1.26
C PHE K 151 31.21 -5.22 0.01
N ARG K 152 30.36 -4.23 -0.04
CA ARG K 152 30.30 -3.32 -1.18
C ARG K 152 30.51 -1.89 -0.73
N THR K 153 31.76 -1.49 -0.53
CA THR K 153 32.03 -0.15 -0.05
C THR K 153 33.25 0.44 -0.75
N GLY K 154 33.61 -0.11 -1.90
CA GLY K 154 34.71 0.43 -2.66
C GLY K 154 36.01 0.55 -1.92
N LYS K 155 36.43 -0.50 -1.23
CA LYS K 155 37.70 -0.51 -0.54
C LYS K 155 38.83 -1.16 -1.33
N THR K 156 38.52 -2.11 -2.22
CA THR K 156 39.53 -2.66 -3.12
C THR K 156 39.52 -1.93 -4.46
N GLN K 157 38.67 -0.94 -4.61
CA GLN K 157 38.66 -0.07 -5.79
C GLN K 157 39.36 1.25 -5.56
N ILE K 158 39.20 1.83 -4.38
CA ILE K 158 39.91 3.04 -4.00
C ILE K 158 41.35 2.65 -3.68
N CYS K 159 41.62 1.34 -3.62
CA CYS K 159 42.99 0.83 -3.60
C CYS K 159 43.49 0.45 -4.98
N HIS K 160 42.61 0.34 -5.97
CA HIS K 160 43.02 0.21 -7.37
C HIS K 160 43.37 1.55 -7.99
N THR K 161 42.56 2.58 -7.74
CA THR K 161 42.85 3.90 -8.30
C THR K 161 44.07 4.52 -7.63
N LEU K 162 44.34 4.14 -6.38
CA LEU K 162 45.46 4.73 -5.65
C LEU K 162 46.78 4.19 -6.18
N ALA K 163 46.75 3.03 -6.83
CA ALA K 163 47.93 2.46 -7.45
C ALA K 163 48.20 3.04 -8.83
N VAL K 164 47.26 3.82 -9.37
CA VAL K 164 47.48 4.54 -10.61
C VAL K 164 47.76 6.02 -10.37
N THR K 165 47.05 6.66 -9.43
CA THR K 165 47.30 8.07 -9.15
C THR K 165 48.72 8.28 -8.66
N CYS K 166 49.23 7.36 -7.85
CA CYS K 166 50.53 7.54 -7.21
C CYS K 166 51.68 7.49 -8.21
N GLN K 167 51.40 7.09 -9.45
CA GLN K 167 52.40 7.11 -10.50
C GLN K 167 52.38 8.38 -11.33
N LEU K 168 51.47 9.31 -11.04
CA LEU K 168 51.38 10.57 -11.74
C LEU K 168 52.53 11.49 -11.34
N PRO K 169 52.82 12.52 -12.14
CA PRO K 169 53.79 13.54 -11.70
C PRO K 169 53.36 14.18 -10.40
N ILE K 170 54.32 14.59 -9.57
CA ILE K 170 54.06 15.02 -8.21
C ILE K 170 53.21 16.28 -8.19
N ASP K 171 53.11 16.96 -9.33
CA ASP K 171 52.32 18.19 -9.44
C ASP K 171 50.87 17.94 -9.81
N ARG K 172 50.49 16.70 -10.13
CA ARG K 172 49.10 16.39 -10.47
C ARG K 172 48.45 15.46 -9.46
N GLY K 173 49.14 15.06 -8.40
CA GLY K 173 48.54 14.22 -7.39
C GLY K 173 49.33 12.96 -7.12
N GLY K 174 50.38 12.72 -7.91
CA GLY K 174 51.14 11.51 -7.79
C GLY K 174 52.22 11.55 -6.73
N GLY K 175 53.03 10.48 -6.70
CA GLY K 175 54.17 10.42 -5.81
C GLY K 175 55.43 10.10 -6.59
N GLU K 176 55.27 9.99 -7.90
CA GLU K 176 56.41 9.69 -8.75
C GLU K 176 57.13 8.44 -8.24
N GLY K 177 56.38 7.36 -8.08
CA GLY K 177 56.98 6.11 -7.65
C GLY K 177 56.12 4.92 -7.96
N LYS K 178 56.74 3.79 -8.23
CA LYS K 178 55.98 2.58 -8.51
C LYS K 178 55.17 2.23 -7.28
N ALA K 179 54.13 1.43 -7.47
CA ALA K 179 53.28 1.08 -6.35
C ALA K 179 53.30 -0.42 -6.09
N MET K 180 53.26 -0.80 -4.82
CA MET K 180 53.20 -2.21 -4.51
C MET K 180 51.75 -2.55 -4.22
N TYR K 181 51.43 -3.82 -4.12
CA TYR K 181 50.05 -4.25 -3.88
C TYR K 181 50.10 -5.67 -3.32
N ILE K 182 50.02 -5.77 -2.00
CA ILE K 182 49.95 -7.07 -1.33
C ILE K 182 48.47 -7.43 -1.16
N ASP K 183 48.01 -8.40 -1.93
CA ASP K 183 46.60 -8.79 -1.96
C ASP K 183 46.44 -10.15 -1.31
N THR K 184 45.62 -10.22 -0.26
CA THR K 184 45.45 -11.44 0.53
C THR K 184 43.99 -11.88 0.51
N GLU K 185 43.29 -11.54 -0.57
CA GLU K 185 41.91 -11.98 -0.73
C GLU K 185 41.65 -12.41 -2.17
N GLY K 186 42.66 -12.25 -3.03
CA GLY K 186 42.49 -12.56 -4.44
C GLY K 186 41.49 -11.67 -5.14
N THR K 187 41.69 -10.36 -5.07
CA THR K 187 40.77 -9.42 -5.70
C THR K 187 41.50 -8.31 -6.45
N PHE K 188 42.67 -8.63 -7.01
CA PHE K 188 43.42 -7.68 -7.83
C PHE K 188 43.01 -7.92 -9.29
N ARG K 189 42.23 -6.98 -9.83
CA ARG K 189 41.84 -7.04 -11.23
C ARG K 189 42.74 -6.09 -12.00
N PRO K 190 43.66 -6.59 -12.83
CA PRO K 190 44.56 -5.68 -13.55
C PRO K 190 43.91 -5.06 -14.77
N GLU K 191 42.66 -4.63 -14.62
CA GLU K 191 41.95 -3.90 -15.66
C GLU K 191 41.32 -2.66 -15.04
N ARG K 192 40.99 -2.75 -13.76
CA ARG K 192 40.39 -1.61 -13.07
C ARG K 192 41.40 -0.48 -12.94
N LEU K 193 42.69 -0.81 -12.98
CA LEU K 193 43.74 0.21 -12.96
C LEU K 193 44.27 0.50 -14.36
N LEU K 194 43.63 -0.07 -15.38
CA LEU K 194 43.72 0.45 -16.74
C LEU K 194 42.60 1.42 -17.03
N ALA K 195 41.42 1.17 -16.48
CA ALA K 195 40.32 2.11 -16.56
C ALA K 195 40.58 3.40 -15.79
N VAL K 196 41.57 3.44 -14.89
CA VAL K 196 41.98 4.68 -14.23
C VAL K 196 43.21 5.27 -14.91
N ALA K 197 43.95 4.46 -15.65
CA ALA K 197 45.04 4.96 -16.48
C ALA K 197 44.52 5.62 -17.74
N GLU K 198 43.35 5.22 -18.24
CA GLU K 198 42.68 5.90 -19.34
C GLU K 198 42.09 7.24 -18.93
N ARG K 199 41.58 7.36 -17.71
CA ARG K 199 40.98 8.59 -17.23
C ARG K 199 41.98 9.73 -17.18
N TYR K 200 43.18 9.45 -16.65
CA TYR K 200 44.17 10.49 -16.43
C TYR K 200 45.05 10.69 -17.67
N GLY K 201 44.76 9.94 -18.74
CA GLY K 201 45.51 10.06 -19.97
C GLY K 201 46.89 9.43 -19.95
N LEU K 202 47.15 8.58 -18.97
CA LEU K 202 48.46 7.93 -18.86
C LEU K 202 48.56 6.71 -19.77
N SER K 203 49.68 6.00 -19.71
CA SER K 203 49.87 4.82 -20.55
C SER K 203 49.56 3.55 -19.79
N GLY K 204 48.65 2.75 -20.32
CA GLY K 204 48.26 1.53 -19.65
C GLY K 204 49.36 0.51 -19.49
N SER K 205 50.11 0.26 -20.55
CA SER K 205 51.14 -0.76 -20.48
C SER K 205 52.13 -0.46 -19.37
N ASP K 206 52.61 0.78 -19.32
CA ASP K 206 53.53 1.17 -18.28
C ASP K 206 52.85 1.20 -16.93
N VAL K 207 51.65 1.78 -16.89
CA VAL K 207 50.93 1.89 -15.63
C VAL K 207 50.63 0.51 -15.08
N LEU K 208 50.80 -0.51 -15.92
CA LEU K 208 50.59 -1.87 -15.42
C LEU K 208 51.93 -2.55 -15.15
N ASP K 209 53.01 -1.94 -15.63
CA ASP K 209 54.34 -2.49 -15.47
C ASP K 209 55.06 -1.94 -14.25
N ASN K 210 54.41 -1.07 -13.49
CA ASN K 210 54.98 -0.52 -12.27
C ASN K 210 54.39 -1.19 -11.03
N VAL K 211 53.08 -1.44 -11.02
CA VAL K 211 52.45 -2.11 -9.89
C VAL K 211 53.05 -3.50 -9.73
N ALA K 212 53.42 -3.85 -8.50
CA ALA K 212 54.08 -5.11 -8.20
C ALA K 212 53.12 -5.96 -7.36
N TYR K 213 52.29 -6.74 -8.03
CA TYR K 213 51.33 -7.62 -7.36
C TYR K 213 52.02 -8.72 -6.58
N ALA K 214 51.44 -9.12 -5.45
CA ALA K 214 51.93 -10.25 -4.68
C ALA K 214 50.83 -10.74 -3.74
N ARG K 215 50.60 -12.04 -3.69
CA ARG K 215 49.50 -12.61 -2.94
C ARG K 215 50.00 -13.39 -1.74
N GLY K 216 49.40 -13.13 -0.58
CA GLY K 216 49.77 -13.83 0.64
C GLY K 216 48.71 -14.81 1.09
N PHE K 217 49.08 -16.08 1.18
CA PHE K 217 48.10 -17.14 1.45
C PHE K 217 47.89 -17.36 2.94
N ASN K 218 48.95 -17.45 3.73
CA ASN K 218 48.81 -17.53 5.18
C ASN K 218 49.26 -16.23 5.83
N THR K 219 49.11 -16.13 7.14
CA THR K 219 49.45 -14.90 7.86
C THR K 219 50.95 -14.73 8.06
N ASP K 220 51.74 -15.78 7.90
CA ASP K 220 53.19 -15.66 7.93
C ASP K 220 53.77 -15.22 6.61
N HIS K 221 53.16 -15.64 5.50
CA HIS K 221 53.52 -15.17 4.16
C HIS K 221 53.04 -13.76 3.92
N GLN K 222 52.28 -13.20 4.87
CA GLN K 222 51.88 -11.80 4.84
C GLN K 222 52.90 -10.89 5.50
N THR K 223 53.91 -11.45 6.18
CA THR K 223 55.03 -10.68 6.72
C THR K 223 56.34 -11.03 6.03
N GLN K 224 56.48 -12.29 5.59
CA GLN K 224 57.65 -12.67 4.81
C GLN K 224 57.59 -11.98 3.45
N LEU K 225 56.44 -11.40 3.13
CA LEU K 225 56.30 -10.54 1.97
C LEU K 225 56.81 -9.12 2.23
N LEU K 226 56.57 -8.57 3.42
CA LEU K 226 57.13 -7.28 3.77
C LEU K 226 58.65 -7.35 3.83
N TYR K 227 59.17 -8.45 4.39
CA TYR K 227 60.62 -8.62 4.47
C TYR K 227 61.27 -8.61 3.10
N GLN K 228 60.56 -9.05 2.05
CA GLN K 228 61.05 -8.93 0.69
C GLN K 228 60.73 -7.59 0.05
N ALA K 229 59.64 -6.97 0.47
CA ALA K 229 59.24 -5.65 0.01
C ALA K 229 60.26 -4.62 0.31
N GLU K 230 60.97 -4.81 1.42
CA GLU K 230 62.09 -3.95 1.76
C GLU K 230 63.19 -3.97 0.69
N ASP K 231 63.52 -5.15 0.18
CA ASP K 231 64.60 -5.34 -0.77
C ASP K 231 64.26 -4.79 -2.14
N MET K 232 63.00 -4.40 -2.34
CA MET K 232 62.58 -3.76 -3.58
C MET K 232 62.50 -2.25 -3.44
N MET K 233 62.13 -1.75 -2.26
CA MET K 233 62.15 -0.31 -2.03
C MET K 233 63.54 0.22 -1.73
N VAL K 234 64.52 -0.63 -1.44
CA VAL K 234 65.88 -0.12 -1.31
C VAL K 234 66.36 0.46 -2.63
N GLU K 235 66.06 -0.19 -3.75
CA GLU K 235 66.56 0.21 -5.05
C GLU K 235 65.62 1.17 -5.77
N SER K 236 64.34 0.83 -5.86
CA SER K 236 63.40 1.66 -6.60
C SER K 236 62.42 2.39 -5.70
N ARG K 237 62.21 3.68 -5.97
CA ARG K 237 61.29 4.47 -5.16
C ARG K 237 59.86 4.00 -5.28
N TYR K 238 59.28 3.52 -4.19
CA TYR K 238 57.89 3.12 -4.20
C TYR K 238 57.15 4.10 -3.32
N ALA K 239 55.95 4.50 -3.72
CA ALA K 239 55.19 5.46 -2.94
C ALA K 239 53.87 4.89 -2.44
N LEU K 240 53.76 3.56 -2.40
CA LEU K 240 52.54 2.96 -1.86
C LEU K 240 52.67 1.49 -1.52
N LEU K 241 51.91 1.02 -0.53
CA LEU K 241 51.90 -0.38 -0.17
C LEU K 241 50.47 -0.66 0.19
N ILE K 242 49.68 -1.12 -0.76
CA ILE K 242 48.24 -1.29 -0.52
C ILE K 242 47.86 -2.32 0.54
N VAL K 243 48.63 -3.38 0.68
CA VAL K 243 48.34 -4.40 1.70
C VAL K 243 46.84 -4.62 1.82
N ASP K 244 46.16 -4.85 0.71
CA ASP K 244 44.72 -5.05 0.73
C ASP K 244 44.36 -6.30 1.49
N SER K 245 43.16 -6.33 2.05
CA SER K 245 42.70 -7.49 2.79
C SER K 245 43.59 -7.82 3.97
N ALA K 246 44.11 -6.80 4.63
CA ALA K 246 44.91 -7.06 5.82
C ALA K 246 43.93 -7.49 6.88
N THR K 247 44.38 -8.23 7.88
CA THR K 247 43.47 -8.75 8.90
C THR K 247 42.38 -9.60 8.27
N ALA K 248 42.65 -10.17 7.11
CA ALA K 248 41.67 -11.07 6.49
C ALA K 248 42.08 -12.49 6.74
N LEU K 249 43.37 -12.78 6.56
CA LEU K 249 43.86 -14.12 6.83
C LEU K 249 43.87 -14.40 8.33
N TYR K 250 44.09 -13.36 9.12
CA TYR K 250 44.17 -13.54 10.57
C TYR K 250 42.87 -14.06 11.11
N ARG K 251 41.76 -13.53 10.62
CA ARG K 251 40.44 -13.92 11.13
C ARG K 251 40.25 -15.43 11.08
N THR K 252 40.80 -16.07 10.07
CA THR K 252 40.61 -17.51 9.92
C THR K 252 41.74 -18.30 10.57
N ASP K 253 42.97 -18.05 10.16
CA ASP K 253 44.11 -18.80 10.70
C ASP K 253 44.05 -18.87 12.21
N TYR K 254 44.13 -17.71 12.86
CA TYR K 254 43.99 -17.68 14.31
C TYR K 254 42.52 -17.76 14.64
N SER K 255 42.03 -18.95 14.93
CA SER K 255 40.59 -19.10 15.14
C SER K 255 40.14 -19.26 16.57
N GLY K 256 39.25 -18.38 17.02
CA GLY K 256 38.69 -18.52 18.36
C GLY K 256 39.51 -18.16 19.57
N ARG K 257 38.83 -17.73 20.64
CA ARG K 257 39.51 -17.44 21.89
C ARG K 257 40.45 -18.59 22.21
N GLY K 258 41.54 -18.28 22.89
CA GLY K 258 42.53 -19.32 23.15
C GLY K 258 43.58 -19.06 22.10
N GLU K 259 43.18 -18.37 21.04
CA GLU K 259 44.12 -18.00 20.01
C GLU K 259 44.22 -16.50 19.98
N LEU K 260 43.30 -15.81 20.66
CA LEU K 260 43.30 -14.35 20.60
C LEU K 260 44.62 -13.79 21.11
N SER K 261 45.16 -14.37 22.18
CA SER K 261 46.44 -13.93 22.70
C SER K 261 47.56 -14.08 21.69
N ALA K 262 47.52 -15.11 20.83
CA ALA K 262 48.52 -15.28 19.80
C ALA K 262 48.16 -14.61 18.49
N ARG K 263 46.92 -14.13 18.36
CA ARG K 263 46.51 -13.41 17.15
C ARG K 263 46.98 -11.96 17.19
N GLN K 264 46.78 -11.31 18.33
CA GLN K 264 47.10 -9.90 18.45
C GLN K 264 48.60 -9.65 18.53
N MET K 265 49.35 -10.57 19.15
CA MET K 265 50.79 -10.39 19.22
C MET K 265 51.47 -10.81 17.92
N HIS K 266 50.69 -11.28 16.95
CA HIS K 266 51.14 -11.38 15.58
C HIS K 266 50.66 -10.23 14.71
N LEU K 267 49.47 -9.71 14.95
CA LEU K 267 49.00 -8.51 14.27
C LEU K 267 49.75 -7.26 14.70
N ALA K 268 50.42 -7.29 15.86
CA ALA K 268 51.20 -6.16 16.34
C ALA K 268 52.66 -6.29 15.94
N ARG K 269 53.00 -7.38 15.24
CA ARG K 269 54.37 -7.55 14.77
C ARG K 269 54.44 -7.32 13.26
N PHE K 270 53.31 -7.37 12.58
CA PHE K 270 53.18 -6.98 11.18
C PHE K 270 52.82 -5.51 11.04
N LEU K 271 52.01 -4.99 11.97
CA LEU K 271 51.61 -3.59 11.96
C LEU K 271 52.72 -2.68 12.44
N ARG K 272 53.83 -3.27 12.89
CA ARG K 272 55.00 -2.45 13.21
C ARG K 272 56.03 -2.59 12.10
N MET K 273 56.03 -3.71 11.39
CA MET K 273 56.83 -3.77 10.16
C MET K 273 56.31 -2.78 9.14
N LEU K 274 55.00 -2.65 9.02
CA LEU K 274 54.41 -1.63 8.15
C LEU K 274 54.87 -0.23 8.56
N LEU K 275 54.79 0.07 9.84
CA LEU K 275 55.22 1.38 10.31
C LEU K 275 56.69 1.63 9.99
N ARG K 276 57.52 0.61 10.13
CA ARG K 276 58.94 0.76 9.85
C ARG K 276 59.18 1.07 8.39
N LEU K 277 58.46 0.40 7.50
CA LEU K 277 58.62 0.66 6.08
C LEU K 277 58.08 2.03 5.75
N ALA K 278 57.24 2.58 6.62
CA ALA K 278 56.62 3.87 6.32
C ALA K 278 57.58 5.02 6.62
N ASP K 279 58.13 5.05 7.82
CA ASP K 279 59.00 6.15 8.19
C ASP K 279 60.30 6.10 7.40
N GLU K 280 60.96 4.95 7.40
CA GLU K 280 62.25 4.84 6.74
C GLU K 280 62.18 4.96 5.22
N PHE K 281 61.35 4.15 4.59
CA PHE K 281 61.30 4.15 3.12
C PHE K 281 60.37 5.22 2.55
N GLY K 282 59.75 6.00 3.41
CA GLY K 282 58.90 7.08 2.95
C GLY K 282 57.82 6.65 1.98
N VAL K 283 57.02 5.65 2.37
CA VAL K 283 55.92 5.21 1.52
C VAL K 283 54.60 5.67 2.09
N ALA K 284 53.51 5.07 1.66
CA ALA K 284 52.20 5.42 2.18
C ALA K 284 51.35 4.19 2.41
N VAL K 285 51.73 3.36 3.37
CA VAL K 285 51.01 2.12 3.59
C VAL K 285 49.53 2.32 3.79
N VAL K 286 48.72 1.69 2.95
CA VAL K 286 47.27 1.76 3.13
C VAL K 286 46.83 0.41 3.62
N ILE K 287 45.74 0.35 4.34
CA ILE K 287 45.28 -0.91 4.90
C ILE K 287 43.78 -1.04 4.68
N THR K 288 43.36 -2.16 4.11
CA THR K 288 41.95 -2.49 4.00
C THR K 288 41.58 -3.42 5.14
N ASN K 289 40.58 -3.03 5.91
CA ASN K 289 40.15 -3.77 7.08
C ASN K 289 38.75 -4.32 6.86
N GLN K 290 38.26 -5.10 7.81
CA GLN K 290 36.95 -5.70 7.69
C GLN K 290 36.02 -5.21 8.79
N VAL K 291 34.83 -5.79 8.86
CA VAL K 291 33.81 -5.38 9.81
C VAL K 291 33.23 -6.63 10.47
N VAL K 292 32.76 -6.45 11.71
CA VAL K 292 32.10 -7.49 12.49
C VAL K 292 30.78 -6.89 12.94
N ALA K 293 30.02 -7.59 13.79
CA ALA K 293 28.75 -7.01 14.23
C ALA K 293 28.69 -7.02 15.75
N GLN K 294 28.45 -5.83 16.33
CA GLN K 294 28.14 -5.75 17.75
C GLN K 294 26.75 -6.35 17.96
N VAL K 295 26.71 -7.50 18.62
CA VAL K 295 25.53 -8.35 18.60
C VAL K 295 24.56 -7.97 19.73
N ASP K 296 25.10 -7.71 20.91
CA ASP K 296 24.26 -7.44 22.07
C ASP K 296 23.28 -6.30 21.83
N GLY K 297 23.76 -5.22 21.22
CA GLY K 297 22.91 -4.07 20.93
C GLY K 297 23.61 -2.98 20.16
N PRO K 305 25.41 -1.30 13.87
CA PRO K 305 26.63 -1.71 14.59
C PRO K 305 27.67 -2.27 13.64
N LYS K 306 28.82 -1.62 13.52
CA LYS K 306 29.84 -2.10 12.60
C LYS K 306 31.10 -2.54 13.34
N LYS K 307 31.71 -1.66 14.13
CA LYS K 307 32.84 -2.06 14.97
C LYS K 307 33.93 -2.77 14.17
N PRO K 308 34.74 -2.04 13.41
CA PRO K 308 35.71 -2.68 12.51
C PRO K 308 36.56 -3.72 13.21
N ILE K 309 36.83 -4.82 12.51
CA ILE K 309 37.51 -5.98 13.06
C ILE K 309 38.92 -5.59 13.45
N GLY K 310 39.58 -6.41 14.25
CA GLY K 310 40.89 -6.07 14.77
C GLY K 310 40.74 -5.20 16.00
N GLY K 311 41.41 -5.56 17.08
CA GLY K 311 41.25 -4.88 18.34
C GLY K 311 42.03 -3.60 18.42
N ASN K 312 42.44 -3.25 19.64
CA ASN K 312 43.24 -2.06 19.84
C ASN K 312 44.70 -2.38 19.56
N ILE K 313 44.94 -3.02 18.41
CA ILE K 313 46.28 -3.25 17.90
C ILE K 313 46.30 -2.77 16.47
N ILE K 314 45.15 -2.81 15.81
CA ILE K 314 44.94 -2.13 14.54
C ILE K 314 44.16 -0.84 14.73
N ALA K 315 43.47 -0.69 15.86
CA ALA K 315 42.87 0.58 16.21
C ALA K 315 43.86 1.60 16.75
N HIS K 316 44.91 1.16 17.45
CA HIS K 316 45.86 2.05 18.07
C HIS K 316 47.12 2.27 17.23
N ALA K 317 47.28 1.52 16.15
CA ALA K 317 48.48 1.62 15.32
C ALA K 317 48.30 2.42 14.04
N SER K 318 47.13 2.31 13.40
CA SER K 318 46.90 3.07 12.18
C SER K 318 46.75 4.55 12.49
N THR K 319 47.50 5.38 11.77
CA THR K 319 47.45 6.82 11.97
C THR K 319 46.06 7.36 11.63
N THR K 320 45.67 7.23 10.36
CA THR K 320 44.35 7.68 9.94
C THR K 320 43.40 6.48 9.93
N ARG K 321 42.10 6.76 9.86
CA ARG K 321 41.09 5.72 9.88
C ARG K 321 39.87 6.15 9.10
N LEU K 322 39.66 5.58 7.93
CA LEU K 322 38.53 5.94 7.08
C LEU K 322 37.38 4.99 7.35
N TYR K 323 36.20 5.29 6.80
CA TYR K 323 35.04 4.45 7.00
C TYR K 323 34.08 4.61 5.82
N LEU K 324 34.10 3.65 4.91
CA LEU K 324 33.28 3.72 3.71
C LEU K 324 31.97 2.96 3.93
N ARG K 325 30.86 3.64 3.71
CA ARG K 325 29.54 3.06 3.84
C ARG K 325 28.88 2.98 2.47
N LYS K 326 27.62 2.58 2.42
CA LYS K 326 26.91 2.56 1.14
C LYS K 326 25.79 3.58 1.14
N GLY K 327 25.71 4.38 0.09
CA GLY K 327 24.69 5.40 0.02
C GLY K 327 23.56 4.98 -0.88
N ARG K 328 23.77 5.07 -2.19
CA ARG K 328 22.77 4.65 -3.15
C ARG K 328 23.41 4.51 -4.51
N GLY K 329 22.94 3.57 -5.30
CA GLY K 329 23.52 3.37 -6.61
C GLY K 329 25.02 3.23 -6.52
N GLU K 330 25.75 4.16 -7.15
CA GLU K 330 27.20 4.12 -7.10
C GLU K 330 27.76 5.12 -6.11
N THR K 331 26.90 5.67 -5.26
CA THR K 331 27.35 6.68 -4.30
C THR K 331 27.65 6.08 -2.94
N ARG K 332 28.78 6.43 -2.37
CA ARG K 332 29.13 5.96 -1.04
C ARG K 332 29.41 7.17 -0.14
N ILE K 333 29.69 6.91 1.13
CA ILE K 333 30.02 7.96 2.09
C ILE K 333 31.38 7.64 2.67
N CYS K 334 31.95 8.58 3.42
CA CYS K 334 33.28 8.39 4.00
C CYS K 334 33.48 9.24 5.25
N LYS K 335 33.39 8.62 6.42
CA LYS K 335 33.52 9.34 7.69
C LYS K 335 34.92 9.09 8.24
N ILE K 336 35.63 10.17 8.53
CA ILE K 336 36.94 10.05 9.16
C ILE K 336 36.75 9.58 10.59
N TYR K 337 37.05 8.31 10.83
CA TYR K 337 36.91 7.72 12.16
C TYR K 337 37.95 8.28 13.11
N ASP K 338 39.22 8.04 12.81
CA ASP K 338 40.32 8.47 13.67
C ASP K 338 41.34 9.24 12.84
N SER K 339 41.73 10.42 13.30
CA SER K 339 42.81 11.15 12.65
C SER K 339 43.45 12.14 13.61
N PRO K 340 44.75 12.07 13.82
CA PRO K 340 45.39 12.97 14.79
C PRO K 340 45.39 14.44 14.39
N CYS K 341 45.03 14.76 13.16
CA CYS K 341 45.06 16.17 12.77
C CYS K 341 43.81 16.61 12.01
N LEU K 342 43.11 15.68 11.36
CA LEU K 342 41.98 16.06 10.52
C LEU K 342 40.69 16.12 11.31
N PRO K 343 39.68 16.87 10.82
CA PRO K 343 38.39 16.90 11.51
C PRO K 343 37.59 15.63 11.29
N GLU K 344 36.35 15.62 11.78
CA GLU K 344 35.47 14.46 11.63
C GLU K 344 34.32 14.79 10.70
N ALA K 345 34.49 14.55 9.40
CA ALA K 345 33.49 14.93 8.42
C ALA K 345 33.08 13.75 7.55
N GLU K 346 32.24 14.01 6.55
CA GLU K 346 31.74 12.94 5.68
C GLU K 346 31.58 13.43 4.25
N ALA K 347 32.50 13.04 3.36
CA ALA K 347 32.37 13.37 1.96
C ALA K 347 31.54 12.32 1.23
N MET K 348 31.50 12.39 -0.09
CA MET K 348 30.75 11.42 -0.89
C MET K 348 31.35 11.28 -2.27
N PHE K 349 31.81 10.08 -2.61
CA PHE K 349 32.43 9.79 -3.88
C PHE K 349 31.57 8.79 -4.64
N ALA K 350 32.05 8.28 -5.76
CA ALA K 350 31.30 7.32 -6.55
C ALA K 350 32.25 6.41 -7.32
N ILE K 351 31.92 5.12 -7.39
CA ILE K 351 32.74 4.20 -8.16
C ILE K 351 32.22 4.18 -9.60
N ASN K 352 32.77 5.06 -10.44
CA ASN K 352 32.45 5.08 -11.85
C ASN K 352 33.24 4.01 -12.58
N ALA K 353 33.02 3.92 -13.89
CA ALA K 353 33.73 2.93 -14.70
C ALA K 353 35.14 3.42 -15.03
N ASP K 354 35.56 4.50 -14.37
CA ASP K 354 36.90 5.04 -14.57
C ASP K 354 37.67 5.16 -13.26
N GLY K 355 37.17 4.60 -12.17
CA GLY K 355 37.77 4.71 -10.87
C GLY K 355 36.82 5.29 -9.86
N VAL K 356 37.39 5.84 -8.79
CA VAL K 356 36.59 6.52 -7.78
C VAL K 356 36.43 7.99 -8.15
N GLY K 357 35.46 8.28 -9.00
CA GLY K 357 35.18 9.64 -9.40
C GLY K 357 34.19 10.33 -8.49
N ASP K 358 33.19 10.98 -9.07
CA ASP K 358 32.16 11.65 -8.29
C ASP K 358 30.88 11.86 -9.10
N PRO L 44 -23.56 3.75 37.09
CA PRO L 44 -23.85 5.05 37.71
C PRO L 44 -23.09 5.24 39.02
N GLN L 45 -21.77 5.13 38.97
CA GLN L 45 -20.91 5.37 40.12
C GLN L 45 -19.82 6.32 39.67
N PRO L 46 -19.77 7.53 40.22
CA PRO L 46 -18.73 8.48 39.82
C PRO L 46 -17.34 7.92 39.98
N ILE L 47 -16.45 8.25 39.04
CA ILE L 47 -15.11 7.68 39.02
C ILE L 47 -14.32 8.11 40.24
N SER L 48 -14.84 9.09 40.99
CA SER L 48 -14.20 9.53 42.23
C SER L 48 -14.15 8.38 43.23
N ARG L 49 -15.02 7.38 43.07
CA ARG L 49 -14.99 6.22 43.96
C ARG L 49 -13.72 5.39 43.76
N LEU L 50 -13.14 5.49 42.58
CA LEU L 50 -11.93 4.75 42.28
C LEU L 50 -10.75 5.40 42.98
N GLU L 51 -10.96 6.56 43.58
CA GLU L 51 -9.87 7.28 44.24
C GLU L 51 -9.51 6.58 45.54
N GLN L 52 -8.72 5.51 45.44
CA GLN L 52 -8.32 4.77 46.63
C GLN L 52 -7.22 3.79 46.26
N CYS L 53 -6.52 3.28 47.26
CA CYS L 53 -5.48 2.28 46.99
C CYS L 53 -4.49 2.77 45.96
N GLY L 54 -3.74 3.82 46.29
CA GLY L 54 -2.73 4.33 45.37
C GLY L 54 -3.34 5.05 44.19
N ILE L 55 -4.62 5.36 44.28
CA ILE L 55 -5.29 6.08 43.20
C ILE L 55 -5.44 7.52 43.68
N ASN L 56 -4.47 8.35 43.32
CA ASN L 56 -4.46 9.74 43.73
C ASN L 56 -5.38 10.57 42.84
N ALA L 57 -5.61 11.81 43.24
CA ALA L 57 -6.39 12.73 42.44
C ALA L 57 -5.73 13.04 41.10
N ASN L 58 -4.43 12.75 40.97
CA ASN L 58 -3.76 12.87 39.68
C ASN L 58 -4.32 11.87 38.68
N ASP L 59 -4.61 10.65 39.12
CA ASP L 59 -5.10 9.59 38.22
C ASP L 59 -6.57 9.78 37.90
N VAL L 60 -7.40 10.03 38.92
CA VAL L 60 -8.84 10.17 38.74
C VAL L 60 -9.12 11.37 37.86
N LYS L 61 -8.36 12.46 38.06
CA LYS L 61 -8.46 13.61 37.17
C LYS L 61 -8.09 13.23 35.74
N LYS L 62 -7.02 12.44 35.59
CA LYS L 62 -6.54 12.05 34.26
C LYS L 62 -7.62 11.30 33.50
N LEU L 63 -8.47 10.56 34.22
CA LEU L 63 -9.51 9.77 33.58
C LEU L 63 -10.65 10.65 33.07
N GLU L 64 -10.94 11.76 33.76
CA GLU L 64 -12.07 12.59 33.36
C GLU L 64 -11.91 13.30 32.03
N GLU L 65 -10.69 13.61 31.59
CA GLU L 65 -10.50 14.27 30.32
C GLU L 65 -10.29 13.30 29.16
N ALA L 66 -10.42 11.99 29.39
CA ALA L 66 -10.42 11.02 28.31
C ALA L 66 -11.79 10.50 27.97
N GLY L 67 -12.80 10.77 28.79
CA GLY L 67 -14.15 10.32 28.54
C GLY L 67 -14.72 9.53 29.69
N TYR L 68 -13.87 8.79 30.38
CA TYR L 68 -14.31 7.91 31.46
C TYR L 68 -14.75 8.75 32.65
N HIS L 69 -16.03 8.67 32.99
CA HIS L 69 -16.58 9.49 34.07
C HIS L 69 -17.23 8.61 35.12
N THR L 70 -17.53 7.38 34.76
CA THR L 70 -18.08 6.40 35.69
C THR L 70 -17.10 5.24 35.82
N VAL L 71 -17.09 4.59 36.99
CA VAL L 71 -16.25 3.42 37.17
C VAL L 71 -16.70 2.31 36.25
N GLU L 72 -17.97 2.32 35.85
CA GLU L 72 -18.46 1.36 34.86
C GLU L 72 -17.75 1.55 33.53
N ALA L 73 -17.56 2.81 33.13
CA ALA L 73 -16.97 3.11 31.84
C ALA L 73 -15.50 2.70 31.78
N VAL L 74 -14.88 2.48 32.94
CA VAL L 74 -13.49 2.06 32.99
C VAL L 74 -13.35 0.54 32.97
N ALA L 75 -14.27 -0.19 33.59
CA ALA L 75 -14.29 -1.63 33.46
C ALA L 75 -14.77 -2.07 32.08
N TYR L 76 -15.62 -1.27 31.45
CA TYR L 76 -15.98 -1.48 30.04
C TYR L 76 -14.96 -0.84 29.12
N ALA L 77 -13.68 -1.09 29.32
CA ALA L 77 -12.63 -0.40 28.59
C ALA L 77 -11.42 -1.31 28.48
N PRO L 78 -10.90 -1.51 27.27
CA PRO L 78 -9.79 -2.43 27.08
C PRO L 78 -8.51 -1.96 27.76
N LYS L 79 -7.69 -2.93 28.15
CA LYS L 79 -6.38 -2.62 28.69
C LYS L 79 -5.59 -1.73 27.76
N LYS L 80 -5.59 -2.05 26.46
CA LYS L 80 -4.79 -1.32 25.49
C LYS L 80 -5.15 0.16 25.41
N GLU L 81 -6.38 0.54 25.76
CA GLU L 81 -6.82 1.91 25.65
C GLU L 81 -6.32 2.79 26.79
N LEU L 82 -5.97 2.20 27.93
CA LEU L 82 -5.57 2.98 29.09
C LEU L 82 -4.18 3.59 28.92
N ILE L 83 -3.25 2.83 28.33
CA ILE L 83 -1.88 3.32 28.17
C ILE L 83 -1.86 4.52 27.24
N ASN L 84 -2.72 4.50 26.22
CA ASN L 84 -2.72 5.60 25.24
C ASN L 84 -3.05 6.94 25.90
N ILE L 85 -3.75 6.93 27.03
CA ILE L 85 -3.95 8.15 27.80
C ILE L 85 -2.67 8.49 28.53
N LYS L 86 -2.24 9.75 28.42
CA LYS L 86 -0.95 10.18 28.96
C LYS L 86 -0.92 10.08 30.48
N GLY L 87 0.22 9.64 31.00
CA GLY L 87 0.46 9.53 32.43
C GLY L 87 0.35 8.14 33.01
N ILE L 88 -0.40 7.26 32.34
CA ILE L 88 -0.57 5.87 32.76
C ILE L 88 0.31 4.98 31.88
N SER L 89 1.21 4.20 32.48
CA SER L 89 2.25 3.57 31.66
C SER L 89 2.07 2.06 31.63
N GLU L 90 2.30 1.35 32.74
CA GLU L 90 2.13 -0.11 32.67
C GLU L 90 1.25 -0.71 33.75
N ALA L 91 1.64 -0.52 35.02
CA ALA L 91 0.89 -1.10 36.12
C ALA L 91 -0.09 -0.11 36.71
N LYS L 92 0.05 1.16 36.34
CA LYS L 92 -0.94 2.17 36.66
C LYS L 92 -2.26 1.77 36.00
N ALA L 93 -2.20 1.36 34.73
CA ALA L 93 -3.38 0.94 33.99
C ALA L 93 -3.97 -0.35 34.55
N ASP L 94 -3.10 -1.31 34.86
CA ASP L 94 -3.56 -2.59 35.39
C ASP L 94 -4.26 -2.39 36.72
N LYS L 95 -3.72 -1.54 37.58
CA LYS L 95 -4.32 -1.33 38.89
C LYS L 95 -5.67 -0.65 38.77
N ILE L 96 -5.87 0.14 37.72
CA ILE L 96 -7.16 0.80 37.50
C ILE L 96 -8.22 -0.25 37.31
N LEU L 97 -7.93 -1.26 36.50
CA LEU L 97 -8.94 -2.28 36.16
C LEU L 97 -9.15 -3.24 37.32
N THR L 98 -8.11 -3.51 38.11
CA THR L 98 -8.23 -4.50 39.18
C THR L 98 -9.23 -4.09 40.24
N GLU L 99 -9.16 -2.84 40.72
CA GLU L 99 -10.13 -2.40 41.72
C GLU L 99 -11.48 -2.10 41.09
N ALA L 100 -11.48 -1.69 39.81
CA ALA L 100 -12.74 -1.47 39.11
C ALA L 100 -13.53 -2.77 38.97
N ALA L 101 -12.84 -3.86 38.68
CA ALA L 101 -13.50 -5.16 38.52
C ALA L 101 -14.14 -5.67 39.79
N LYS L 102 -13.74 -5.14 40.95
CA LYS L 102 -14.39 -5.48 42.22
C LYS L 102 -15.61 -4.60 42.50
N LEU L 103 -15.59 -3.35 42.02
CA LEU L 103 -16.74 -2.47 42.24
C LEU L 103 -17.91 -2.86 41.35
N VAL L 104 -17.73 -2.79 40.03
CA VAL L 104 -18.75 -3.21 39.09
C VAL L 104 -18.56 -4.69 38.79
N PRO L 105 -19.59 -5.52 38.97
CA PRO L 105 -19.40 -6.97 38.82
C PRO L 105 -19.45 -7.42 37.37
N MET L 106 -18.37 -8.05 36.90
CA MET L 106 -18.32 -8.64 35.57
C MET L 106 -17.91 -10.10 35.72
N GLY L 107 -18.88 -10.99 35.57
CA GLY L 107 -18.62 -12.40 35.74
C GLY L 107 -19.85 -13.22 35.47
N PHE L 108 -19.70 -14.53 35.61
CA PHE L 108 -20.79 -15.44 35.29
C PHE L 108 -21.89 -15.38 36.32
N THR L 109 -23.13 -15.55 35.84
CA THR L 109 -24.31 -15.61 36.70
C THR L 109 -25.36 -16.42 35.98
N THR L 110 -26.25 -17.03 36.76
CA THR L 110 -27.29 -17.90 36.21
C THR L 110 -28.24 -17.07 35.34
N ALA L 111 -28.98 -17.74 34.46
CA ALA L 111 -29.89 -17.08 33.54
C ALA L 111 -31.29 -16.97 34.14
N THR L 112 -31.41 -17.25 35.44
CA THR L 112 -32.64 -16.97 36.17
C THR L 112 -32.53 -15.69 36.99
N GLU L 113 -31.31 -15.25 37.29
CA GLU L 113 -31.09 -13.95 37.91
C GLU L 113 -30.79 -12.89 36.86
N PHE L 114 -30.83 -13.26 35.59
CA PHE L 114 -30.92 -12.30 34.49
C PHE L 114 -32.35 -12.05 34.07
N HIS L 115 -33.25 -13.02 34.28
CA HIS L 115 -34.66 -12.80 34.03
C HIS L 115 -35.22 -11.74 34.97
N GLN L 116 -34.81 -11.76 36.23
CA GLN L 116 -35.18 -10.67 37.12
C GLN L 116 -34.18 -9.53 36.98
N ARG L 117 -33.85 -9.20 35.73
CA ARG L 117 -33.21 -7.95 35.37
C ARG L 117 -33.89 -7.48 34.09
N ARG L 118 -34.45 -8.43 33.36
CA ARG L 118 -35.16 -8.17 32.11
C ARG L 118 -36.64 -7.98 32.40
N SER L 119 -37.01 -8.13 33.67
CA SER L 119 -38.38 -7.84 34.09
C SER L 119 -38.49 -6.48 34.76
N GLU L 120 -37.38 -5.75 34.90
CA GLU L 120 -37.41 -4.39 35.40
C GLU L 120 -37.21 -3.35 34.30
N ILE L 121 -37.11 -3.78 33.03
CA ILE L 121 -36.89 -2.84 31.94
C ILE L 121 -38.07 -1.89 31.82
N ILE L 122 -37.77 -0.60 31.68
CA ILE L 122 -38.79 0.44 31.82
C ILE L 122 -39.76 0.43 30.64
N GLN L 123 -39.26 0.23 29.42
CA GLN L 123 -40.11 0.12 28.23
C GLN L 123 -40.98 1.36 28.00
N ILE L 124 -40.33 2.47 27.67
CA ILE L 124 -41.03 3.72 27.38
C ILE L 124 -42.06 3.51 26.27
N THR L 125 -43.27 3.99 26.51
CA THR L 125 -44.32 3.98 25.50
C THR L 125 -44.04 5.00 24.41
N THR L 126 -44.27 4.60 23.16
CA THR L 126 -44.16 5.52 22.02
C THR L 126 -45.51 6.14 21.67
N GLY L 127 -46.18 6.72 22.67
CA GLY L 127 -47.43 7.44 22.51
C GLY L 127 -48.45 6.85 21.57
N SER L 128 -48.65 5.53 21.62
CA SER L 128 -49.56 4.87 20.70
C SER L 128 -50.09 3.57 21.30
N LYS L 129 -50.98 2.89 20.58
CA LYS L 129 -51.43 1.58 21.01
C LYS L 129 -51.21 0.54 19.92
N GLU L 130 -51.38 0.93 18.65
CA GLU L 130 -51.07 0.01 17.57
C GLU L 130 -49.58 -0.19 17.41
N LEU L 131 -48.78 0.84 17.72
CA LEU L 131 -47.33 0.73 17.74
C LEU L 131 -46.84 0.28 19.11
N ASP L 132 -47.74 0.15 20.08
CA ASP L 132 -47.41 -0.38 21.40
C ASP L 132 -47.84 -1.83 21.57
N LYS L 133 -48.54 -2.39 20.58
CA LYS L 133 -48.74 -3.83 20.50
C LYS L 133 -47.79 -4.49 19.52
N LEU L 134 -47.35 -3.77 18.48
CA LEU L 134 -46.32 -4.27 17.60
C LEU L 134 -45.03 -4.50 18.40
N LEU L 135 -44.48 -3.44 18.96
CA LEU L 135 -43.53 -3.59 20.05
C LEU L 135 -44.28 -4.05 21.29
N GLN L 136 -43.64 -4.88 22.10
CA GLN L 136 -44.28 -5.39 23.32
C GLN L 136 -44.06 -4.40 24.46
N GLY L 137 -44.60 -3.20 24.28
CA GLY L 137 -44.49 -2.17 25.28
C GLY L 137 -43.52 -1.05 24.95
N GLY L 138 -43.47 -0.66 23.69
CA GLY L 138 -42.68 0.48 23.28
C GLY L 138 -41.18 0.23 23.32
N ILE L 139 -40.41 1.31 23.25
CA ILE L 139 -38.96 1.18 23.25
C ILE L 139 -38.43 0.77 24.61
N GLU L 140 -37.79 -0.38 24.68
CA GLU L 140 -37.21 -0.83 25.94
C GLU L 140 -35.97 -0.03 26.26
N THR L 141 -35.52 -0.09 27.50
CA THR L 141 -34.34 0.66 27.91
C THR L 141 -33.11 -0.21 27.90
N GLY L 142 -31.97 0.35 27.50
CA GLY L 142 -30.73 -0.39 27.50
C GLY L 142 -30.34 -0.94 26.15
N SER L 143 -30.97 -0.47 25.08
CA SER L 143 -30.68 -1.02 23.76
C SER L 143 -30.87 -0.01 22.64
N ILE L 144 -29.98 -0.04 21.66
CA ILE L 144 -30.10 0.86 20.52
C ILE L 144 -31.31 0.48 19.68
N THR L 145 -31.91 1.44 19.00
CA THR L 145 -33.07 1.17 18.15
C THR L 145 -33.07 2.09 16.96
N GLU L 146 -32.73 1.57 15.79
CA GLU L 146 -32.67 2.40 14.60
C GLU L 146 -34.04 2.53 14.01
N MET L 147 -34.31 3.66 13.38
CA MET L 147 -35.60 3.85 12.74
C MET L 147 -35.38 4.41 11.34
N PHE L 148 -35.17 3.56 10.35
CA PHE L 148 -34.94 4.09 9.02
C PHE L 148 -36.26 4.23 8.29
N GLY L 149 -36.20 4.63 7.03
CA GLY L 149 -37.41 4.88 6.29
C GLY L 149 -37.18 5.66 5.02
N GLU L 150 -37.90 6.76 4.86
CA GLU L 150 -37.77 7.64 3.72
C GLU L 150 -38.11 9.05 4.20
N PHE L 151 -37.87 10.03 3.34
CA PHE L 151 -38.31 11.37 3.65
C PHE L 151 -39.81 11.37 3.90
N ARG L 152 -40.24 12.14 4.90
CA ARG L 152 -41.62 12.38 5.29
C ARG L 152 -42.24 11.22 6.07
N THR L 153 -41.52 10.11 6.28
CA THR L 153 -42.11 8.97 6.97
C THR L 153 -42.48 9.28 8.41
N GLY L 154 -41.62 10.00 9.13
CA GLY L 154 -41.93 10.35 10.50
C GLY L 154 -40.93 9.87 11.52
N LYS L 155 -39.67 9.72 11.14
CA LYS L 155 -38.62 9.29 12.04
C LYS L 155 -38.28 10.32 13.10
N THR L 156 -38.58 11.60 12.87
CA THR L 156 -38.35 12.62 13.87
C THR L 156 -39.62 13.04 14.60
N GLN L 157 -40.78 12.58 14.14
CA GLN L 157 -42.03 12.81 14.85
C GLN L 157 -42.32 11.70 15.85
N ILE L 158 -41.44 10.71 15.91
CA ILE L 158 -41.49 9.67 16.93
C ILE L 158 -40.37 9.95 17.92
N CYS L 159 -39.36 10.70 17.47
CA CYS L 159 -38.34 11.24 18.36
C CYS L 159 -38.84 12.47 19.09
N HIS L 160 -39.97 13.02 18.65
CA HIS L 160 -40.61 14.13 19.34
C HIS L 160 -41.74 13.65 20.25
N THR L 161 -42.03 12.36 20.27
CA THR L 161 -43.02 11.82 21.19
C THR L 161 -42.30 11.05 22.29
N LEU L 162 -41.12 10.53 21.98
CA LEU L 162 -40.29 9.87 22.98
C LEU L 162 -39.45 10.86 23.77
N ALA L 163 -39.73 12.15 23.63
CA ALA L 163 -39.06 13.17 24.42
C ALA L 163 -40.08 13.78 25.38
N VAL L 164 -41.34 13.45 25.18
CA VAL L 164 -42.41 13.87 26.08
C VAL L 164 -42.98 12.71 26.88
N THR L 165 -43.00 11.51 26.34
CA THR L 165 -43.54 10.33 27.01
C THR L 165 -42.43 9.55 27.70
N CYS L 166 -41.23 10.11 27.74
CA CYS L 166 -40.17 9.57 28.59
C CYS L 166 -40.11 10.30 29.92
N GLN L 167 -41.00 11.27 30.15
CA GLN L 167 -41.07 11.97 31.41
C GLN L 167 -42.39 11.74 32.14
N LEU L 168 -43.27 10.91 31.58
CA LEU L 168 -44.51 10.58 32.24
C LEU L 168 -44.23 9.70 33.46
N PRO L 169 -45.18 9.59 34.39
CA PRO L 169 -45.04 8.59 35.44
C PRO L 169 -44.91 7.19 34.85
N ILE L 170 -44.18 6.33 35.56
CA ILE L 170 -43.90 4.98 35.07
C ILE L 170 -45.20 4.20 34.96
N ASP L 171 -46.23 4.66 35.65
CA ASP L 171 -47.54 4.03 35.61
C ASP L 171 -48.24 4.24 34.27
N ARG L 172 -48.19 5.47 33.75
CA ARG L 172 -48.83 5.76 32.47
C ARG L 172 -48.18 4.99 31.33
N GLY L 173 -46.90 4.69 31.45
CA GLY L 173 -46.22 3.86 30.48
C GLY L 173 -44.85 4.35 30.07
N GLY L 174 -44.49 5.56 30.51
CA GLY L 174 -43.22 6.15 30.18
C GLY L 174 -42.13 5.78 31.16
N GLY L 175 -40.97 6.40 30.97
CA GLY L 175 -39.86 6.23 31.89
C GLY L 175 -40.00 7.20 33.04
N GLU L 176 -38.88 7.62 33.62
CA GLU L 176 -38.92 8.72 34.58
C GLU L 176 -37.59 9.45 34.61
N GLY L 177 -37.49 10.57 33.91
CA GLY L 177 -36.27 11.33 33.89
C GLY L 177 -36.27 12.42 32.85
N LYS L 178 -35.13 12.57 32.17
CA LYS L 178 -34.97 13.63 31.19
C LYS L 178 -34.54 13.06 29.85
N ALA L 179 -35.20 13.47 28.77
CA ALA L 179 -34.74 13.09 27.44
C ALA L 179 -33.45 13.85 27.12
N MET L 180 -32.76 13.46 26.07
CA MET L 180 -31.63 14.26 25.62
C MET L 180 -31.51 14.17 24.10
N TYR L 181 -32.05 15.19 23.44
CA TYR L 181 -32.06 15.23 21.99
C TYR L 181 -30.71 15.68 21.46
N ILE L 182 -30.06 14.83 20.67
CA ILE L 182 -28.87 15.25 19.95
C ILE L 182 -29.24 15.35 18.48
N ASP L 183 -29.75 16.51 18.08
CA ASP L 183 -30.15 16.71 16.71
C ASP L 183 -28.92 17.00 15.86
N THR L 184 -28.96 16.57 14.60
CA THR L 184 -27.82 16.74 13.71
C THR L 184 -28.23 17.33 12.37
N GLU L 185 -29.50 17.19 12.02
CA GLU L 185 -30.00 17.72 10.75
C GLU L 185 -30.57 19.12 10.90
N GLY L 186 -30.78 19.56 12.13
CA GLY L 186 -31.31 20.89 12.36
C GLY L 186 -32.81 20.92 12.53
N THR L 187 -33.45 19.76 12.42
CA THR L 187 -34.90 19.70 12.55
C THR L 187 -35.31 19.32 13.97
N PHE L 188 -35.27 20.28 14.89
CA PHE L 188 -35.72 20.02 16.24
C PHE L 188 -36.70 21.11 16.61
N ARG L 189 -37.93 21.01 16.13
CA ARG L 189 -38.88 22.08 16.36
C ARG L 189 -39.55 21.87 17.72
N PRO L 190 -39.26 22.70 18.74
CA PRO L 190 -39.82 22.46 20.07
C PRO L 190 -41.22 23.02 20.21
N GLU L 191 -42.01 22.89 19.16
CA GLU L 191 -43.41 23.26 19.19
C GLU L 191 -44.21 21.99 18.91
N ARG L 192 -43.48 20.89 18.71
CA ARG L 192 -44.06 19.59 18.55
C ARG L 192 -43.93 18.73 19.79
N LEU L 193 -42.92 18.97 20.64
CA LEU L 193 -42.84 18.35 21.94
C LEU L 193 -43.54 19.18 23.01
N LEU L 194 -44.26 20.21 22.59
CA LEU L 194 -45.15 20.93 23.49
C LEU L 194 -46.61 20.66 23.13
N ALA L 195 -46.89 20.25 21.90
CA ALA L 195 -48.22 19.80 21.52
C ALA L 195 -48.42 18.32 21.77
N VAL L 196 -47.37 17.61 22.20
CA VAL L 196 -47.49 16.24 22.65
C VAL L 196 -47.58 16.29 24.17
N ALA L 197 -47.28 17.44 24.74
CA ALA L 197 -47.41 17.62 26.18
C ALA L 197 -48.79 18.10 26.57
N GLU L 198 -49.56 18.66 25.62
CA GLU L 198 -50.92 19.09 25.90
C GLU L 198 -51.91 17.96 25.57
N ARG L 199 -51.39 16.73 25.68
CA ARG L 199 -52.21 15.56 25.40
C ARG L 199 -52.19 14.61 26.60
N TYR L 200 -51.06 14.53 27.29
CA TYR L 200 -50.91 13.68 28.45
C TYR L 200 -51.08 14.44 29.76
N GLY L 201 -51.45 15.72 29.70
CA GLY L 201 -51.68 16.53 30.87
C GLY L 201 -50.46 17.23 31.42
N LEU L 202 -49.28 16.90 30.90
CA LEU L 202 -48.06 17.58 31.31
C LEU L 202 -48.18 19.08 31.03
N SER L 203 -47.69 19.87 31.99
CA SER L 203 -48.01 21.30 32.04
C SER L 203 -47.58 22.07 30.80
N GLY L 204 -46.33 21.91 30.38
CA GLY L 204 -45.78 22.86 29.44
C GLY L 204 -44.28 23.01 29.56
N SER L 205 -43.84 24.23 29.86
CA SER L 205 -42.42 24.58 30.03
C SER L 205 -41.62 23.53 30.78
N ASP L 206 -42.21 22.89 31.79
CA ASP L 206 -41.49 21.86 32.54
C ASP L 206 -41.12 20.69 31.65
N VAL L 207 -42.03 20.29 30.75
CA VAL L 207 -41.77 19.25 29.77
C VAL L 207 -40.65 19.70 28.84
N LEU L 208 -40.57 21.02 28.61
CA LEU L 208 -39.56 21.60 27.74
C LEU L 208 -38.30 21.95 28.54
N ASP L 209 -38.31 21.65 29.84
CA ASP L 209 -37.19 21.93 30.71
C ASP L 209 -36.33 20.70 30.95
N ASN L 210 -36.77 19.53 30.48
CA ASN L 210 -36.04 18.29 30.69
C ASN L 210 -35.49 17.72 29.38
N VAL L 211 -35.48 18.53 28.33
CA VAL L 211 -35.01 18.05 27.03
C VAL L 211 -33.74 18.76 26.60
N ALA L 212 -32.59 18.16 26.88
CA ALA L 212 -31.33 18.74 26.46
C ALA L 212 -31.24 18.73 24.95
N TYR L 213 -30.51 19.68 24.38
CA TYR L 213 -30.41 19.77 22.94
C TYR L 213 -28.98 20.00 22.50
N ALA L 214 -28.62 19.49 21.34
CA ALA L 214 -27.28 19.72 20.84
C ALA L 214 -27.25 19.47 19.36
N ARG L 215 -26.58 20.34 18.62
CA ARG L 215 -26.45 20.12 17.18
C ARG L 215 -25.12 19.44 16.89
N GLY L 216 -25.13 18.48 15.97
CA GLY L 216 -23.91 17.76 15.64
C GLY L 216 -22.86 18.55 14.89
N PHE L 217 -23.26 19.25 13.84
CA PHE L 217 -22.32 20.05 13.06
C PHE L 217 -21.34 19.17 12.27
N ASN L 218 -20.55 18.37 12.97
CA ASN L 218 -19.57 17.53 12.30
C ASN L 218 -19.66 16.10 12.77
N THR L 219 -19.07 15.17 12.03
CA THR L 219 -19.08 13.77 12.43
C THR L 219 -18.26 13.60 13.69
N ASP L 220 -17.39 14.56 13.96
CA ASP L 220 -16.54 14.48 15.15
C ASP L 220 -17.18 15.17 16.33
N HIS L 221 -17.85 16.29 16.07
CA HIS L 221 -18.55 16.98 17.15
C HIS L 221 -19.66 16.13 17.75
N GLN L 222 -20.29 15.27 16.96
CA GLN L 222 -21.40 14.47 17.44
C GLN L 222 -20.97 13.23 18.20
N THR L 223 -19.68 12.90 18.18
CA THR L 223 -19.15 11.84 19.03
C THR L 223 -18.45 12.41 20.27
N GLN L 224 -18.04 13.67 20.23
CA GLN L 224 -17.58 14.37 21.43
C GLN L 224 -18.75 14.95 22.21
N LEU L 225 -19.96 14.87 21.65
CA LEU L 225 -21.18 15.19 22.37
C LEU L 225 -21.66 14.04 23.23
N LEU L 226 -21.17 12.83 22.98
CA LEU L 226 -21.47 11.66 23.79
C LEU L 226 -20.56 11.59 25.01
N TYR L 227 -19.50 12.40 25.00
CA TYR L 227 -18.59 12.46 26.13
C TYR L 227 -18.97 13.54 27.11
N GLN L 228 -19.78 14.52 26.69
CA GLN L 228 -20.37 15.48 27.60
C GLN L 228 -21.75 15.04 28.08
N ALA L 229 -22.39 14.10 27.37
CA ALA L 229 -23.61 13.48 27.85
C ALA L 229 -23.36 12.56 29.02
N GLU L 230 -22.23 11.84 29.03
CA GLU L 230 -21.86 11.02 30.17
C GLU L 230 -21.54 11.84 31.40
N ASP L 231 -21.38 13.15 31.27
CA ASP L 231 -21.16 14.03 32.40
C ASP L 231 -22.44 14.48 33.08
N MET L 232 -23.56 14.51 32.36
CA MET L 232 -24.83 14.94 32.94
C MET L 232 -25.75 13.78 33.25
N MET L 233 -25.52 12.60 32.68
CA MET L 233 -26.21 11.40 33.10
C MET L 233 -25.77 10.89 34.46
N VAL L 234 -24.55 11.23 34.90
CA VAL L 234 -24.05 10.76 36.18
C VAL L 234 -24.57 11.59 37.36
N GLU L 235 -25.11 12.78 37.10
CA GLU L 235 -25.67 13.63 38.16
C GLU L 235 -27.18 13.48 38.22
N SER L 236 -27.89 13.74 37.12
CA SER L 236 -29.33 13.60 37.09
C SER L 236 -29.70 12.30 36.38
N ARG L 237 -30.99 12.01 36.31
CA ARG L 237 -31.50 10.79 35.71
C ARG L 237 -32.04 11.07 34.33
N TYR L 238 -31.40 10.51 33.31
CA TYR L 238 -31.85 10.61 31.93
C TYR L 238 -32.36 9.24 31.47
N ALA L 239 -33.41 9.26 30.66
CA ALA L 239 -34.07 8.01 30.28
C ALA L 239 -34.20 7.87 28.77
N LEU L 240 -33.49 8.71 28.00
CA LEU L 240 -33.51 8.57 26.55
C LEU L 240 -32.45 9.41 25.86
N LEU L 241 -31.87 8.88 24.80
CA LEU L 241 -30.88 9.62 24.03
C LEU L 241 -31.32 9.53 22.59
N ILE L 242 -32.12 10.47 22.13
CA ILE L 242 -32.69 10.41 20.79
C ILE L 242 -31.67 10.41 19.63
N VAL L 243 -30.52 11.05 19.82
CA VAL L 243 -29.50 11.09 18.77
C VAL L 243 -30.10 10.99 17.38
N ASP L 244 -30.97 11.94 17.05
CA ASP L 244 -31.60 11.93 15.73
C ASP L 244 -30.59 12.20 14.65
N SER L 245 -30.93 11.82 13.42
CA SER L 245 -30.06 12.10 12.29
C SER L 245 -28.68 11.49 12.42
N ALA L 246 -28.59 10.26 12.88
CA ALA L 246 -27.30 9.60 12.92
C ALA L 246 -27.00 9.22 11.48
N THR L 247 -25.78 8.79 11.20
CA THR L 247 -25.42 8.47 9.83
C THR L 247 -25.97 9.50 8.87
N ALA L 248 -25.85 10.77 9.20
CA ALA L 248 -26.28 11.82 8.29
C ALA L 248 -25.02 12.53 7.86
N LEU L 249 -24.22 12.95 8.82
CA LEU L 249 -22.94 13.57 8.48
C LEU L 249 -21.84 12.54 8.25
N TYR L 250 -22.22 11.31 7.92
CA TYR L 250 -21.26 10.32 7.46
C TYR L 250 -21.29 10.18 5.95
N ARG L 251 -22.47 10.25 5.35
CA ARG L 251 -22.57 10.26 3.90
C ARG L 251 -22.15 11.59 3.28
N THR L 252 -21.98 12.64 4.10
CA THR L 252 -21.58 13.95 3.60
C THR L 252 -20.18 14.38 3.98
N ASP L 253 -19.74 14.02 5.19
CA ASP L 253 -18.36 14.34 5.59
C ASP L 253 -17.41 13.35 4.95
N TYR L 254 -17.54 12.07 5.27
CA TYR L 254 -16.70 11.06 4.63
C TYR L 254 -17.33 10.66 3.31
N SER L 255 -16.68 10.99 2.20
CA SER L 255 -17.25 10.71 0.89
C SER L 255 -16.30 9.95 -0.01
N GLY L 256 -16.84 9.04 -0.82
CA GLY L 256 -16.02 8.27 -1.74
C GLY L 256 -15.61 6.92 -1.19
N ARG L 257 -15.35 5.96 -2.06
CA ARG L 257 -14.92 4.64 -1.62
C ARG L 257 -13.59 4.75 -0.90
N GLY L 258 -12.94 5.89 -1.03
CA GLY L 258 -11.68 6.11 -0.36
C GLY L 258 -11.83 6.26 1.14
N GLU L 259 -12.99 6.74 1.57
CA GLU L 259 -13.21 6.97 2.99
C GLU L 259 -14.14 5.92 3.62
N LEU L 260 -14.67 5.02 2.81
CA LEU L 260 -15.60 4.03 3.32
C LEU L 260 -14.95 3.18 4.40
N SER L 261 -13.66 3.36 4.60
CA SER L 261 -13.00 2.62 5.67
C SER L 261 -13.02 3.44 6.96
N ALA L 262 -12.58 4.69 6.91
CA ALA L 262 -12.54 5.52 8.08
C ALA L 262 -13.93 5.99 8.49
N ARG L 263 -14.90 5.97 7.57
CA ARG L 263 -16.28 6.24 7.94
C ARG L 263 -16.82 5.13 8.83
N GLN L 264 -16.48 3.88 8.52
CA GLN L 264 -17.06 2.75 9.25
C GLN L 264 -16.21 2.31 10.43
N MET L 265 -15.06 2.96 10.67
CA MET L 265 -14.42 2.83 11.97
C MET L 265 -14.51 4.13 12.76
N HIS L 266 -15.20 5.13 12.22
CA HIS L 266 -15.66 6.24 13.05
C HIS L 266 -17.15 6.11 13.30
N LEU L 267 -17.83 5.18 12.65
CA LEU L 267 -19.23 4.85 12.92
C LEU L 267 -19.35 3.61 13.78
N ALA L 268 -18.37 2.71 13.73
CA ALA L 268 -18.34 1.55 14.62
C ALA L 268 -17.82 1.93 16.00
N ARG L 269 -17.20 3.08 16.15
CA ARG L 269 -16.83 3.63 17.44
C ARG L 269 -17.90 4.51 18.03
N PHE L 270 -18.63 5.26 17.21
CA PHE L 270 -19.79 6.01 17.68
C PHE L 270 -20.86 5.07 18.21
N LEU L 271 -21.08 3.94 17.52
CA LEU L 271 -22.10 3.00 17.93
C LEU L 271 -21.64 2.17 19.11
N ARG L 272 -20.36 2.26 19.45
CA ARG L 272 -19.82 1.59 20.62
C ARG L 272 -19.88 2.46 21.86
N MET L 273 -19.60 3.75 21.73
CA MET L 273 -19.76 4.68 22.83
C MET L 273 -21.21 4.87 23.19
N LEU L 274 -22.06 4.67 22.19
CA LEU L 274 -23.51 4.65 22.37
C LEU L 274 -24.01 3.43 23.12
N LEU L 275 -23.36 2.29 22.97
CA LEU L 275 -23.69 1.09 23.73
C LEU L 275 -23.16 1.14 25.15
N ARG L 276 -22.26 2.08 25.45
CA ARG L 276 -21.76 2.26 26.81
C ARG L 276 -22.76 3.03 27.67
N LEU L 277 -23.25 4.16 27.17
CA LEU L 277 -24.27 4.90 27.91
C LEU L 277 -25.55 4.13 28.02
N ALA L 278 -25.80 3.15 27.17
CA ALA L 278 -26.98 2.30 27.30
C ALA L 278 -26.80 1.15 28.28
N ASP L 279 -25.56 0.88 28.72
CA ASP L 279 -25.31 -0.21 29.66
C ASP L 279 -25.15 0.27 31.09
N GLU L 280 -24.53 1.43 31.31
CA GLU L 280 -24.35 1.93 32.65
C GLU L 280 -25.64 2.55 33.18
N PHE L 281 -26.10 3.61 32.51
CA PHE L 281 -27.21 4.40 33.02
C PHE L 281 -28.55 3.77 32.70
N GLY L 282 -28.55 2.73 31.87
CA GLY L 282 -29.81 2.11 31.49
C GLY L 282 -30.72 3.01 30.69
N VAL L 283 -30.13 3.90 29.89
CA VAL L 283 -30.88 4.80 29.02
C VAL L 283 -31.37 4.03 27.81
N ALA L 284 -32.21 4.67 27.00
CA ALA L 284 -33.00 3.96 26.00
C ALA L 284 -32.69 4.52 24.62
N VAL L 285 -31.41 4.53 24.26
CA VAL L 285 -30.89 5.16 23.05
C VAL L 285 -31.73 4.84 21.83
N VAL L 286 -32.24 5.87 21.17
CA VAL L 286 -32.96 5.73 19.91
C VAL L 286 -32.10 6.35 18.82
N ILE L 287 -32.19 5.81 17.60
CA ILE L 287 -31.33 6.24 16.51
C ILE L 287 -32.18 6.39 15.26
N THR L 288 -31.86 7.37 14.43
CA THR L 288 -32.62 7.59 13.20
C THR L 288 -31.69 7.39 12.02
N ASN L 289 -32.02 6.46 11.15
CA ASN L 289 -31.22 6.18 9.96
C ASN L 289 -31.83 6.86 8.74
N GLN L 290 -31.13 6.78 7.61
CA GLN L 290 -31.65 7.20 6.31
C GLN L 290 -31.44 6.04 5.36
N VAL L 291 -31.75 6.24 4.08
CA VAL L 291 -31.67 5.15 3.12
C VAL L 291 -30.96 5.58 1.85
N VAL L 292 -30.43 4.58 1.14
CA VAL L 292 -29.92 4.74 -0.22
C VAL L 292 -30.82 3.93 -1.12
N ALA L 293 -30.64 4.04 -2.43
CA ALA L 293 -31.48 3.32 -3.38
C ALA L 293 -30.63 2.24 -4.04
N GLN L 294 -31.03 0.97 -3.85
CA GLN L 294 -30.36 -0.14 -4.51
C GLN L 294 -30.53 -0.01 -6.02
N VAL L 295 -29.43 -0.05 -6.75
CA VAL L 295 -29.48 0.15 -8.20
C VAL L 295 -29.03 -1.13 -8.89
N ASP L 296 -29.24 -2.27 -8.23
CA ASP L 296 -28.83 -3.56 -8.78
C ASP L 296 -29.63 -3.88 -10.04
N GLY L 297 -30.95 -3.94 -9.93
CA GLY L 297 -31.80 -4.25 -11.07
C GLY L 297 -33.23 -3.77 -10.89
N PRO L 305 -36.77 -1.00 -2.96
CA PRO L 305 -35.32 -0.95 -2.98
C PRO L 305 -34.76 0.17 -2.09
N LYS L 306 -35.02 0.07 -0.79
CA LYS L 306 -34.60 1.09 0.17
C LYS L 306 -33.70 0.42 1.20
N LYS L 307 -32.39 0.62 1.08
CA LYS L 307 -31.43 0.01 1.99
C LYS L 307 -30.87 1.07 2.93
N PRO L 308 -30.92 0.85 4.24
CA PRO L 308 -30.40 1.87 5.17
C PRO L 308 -28.90 2.06 5.00
N ILE L 309 -28.44 3.28 5.28
CA ILE L 309 -27.02 3.58 5.24
C ILE L 309 -26.34 2.91 6.42
N GLY L 310 -25.02 2.86 6.40
CA GLY L 310 -24.27 2.27 7.50
C GLY L 310 -23.67 0.94 7.15
N GLY L 311 -24.37 0.17 6.31
CA GLY L 311 -23.87 -1.12 5.91
C GLY L 311 -24.03 -2.17 6.99
N ASN L 312 -23.01 -3.01 7.11
CA ASN L 312 -23.02 -4.09 8.08
C ASN L 312 -22.45 -3.64 9.42
N ILE L 313 -22.13 -2.37 9.55
CA ILE L 313 -21.59 -1.85 10.80
C ILE L 313 -22.74 -1.40 11.69
N ILE L 314 -23.72 -0.70 11.10
CA ILE L 314 -24.88 -0.24 11.83
C ILE L 314 -26.00 -1.28 11.86
N ALA L 315 -25.95 -2.29 10.99
CA ALA L 315 -26.96 -3.34 11.01
C ALA L 315 -26.70 -4.39 12.06
N HIS L 316 -25.45 -4.55 12.47
CA HIS L 316 -25.08 -5.57 13.42
C HIS L 316 -25.12 -5.10 14.87
N ALA L 317 -24.65 -3.89 15.15
CA ALA L 317 -24.59 -3.35 16.50
C ALA L 317 -25.92 -2.68 16.83
N SER L 318 -26.98 -3.47 16.78
CA SER L 318 -28.33 -2.96 16.96
C SER L 318 -29.29 -4.05 17.40
N THR L 319 -29.89 -3.92 18.57
CA THR L 319 -30.86 -4.91 19.02
C THR L 319 -32.12 -4.87 18.17
N THR L 320 -32.84 -3.76 18.20
CA THR L 320 -34.07 -3.65 17.44
C THR L 320 -33.92 -2.61 16.34
N ARG L 321 -34.75 -2.73 15.30
CA ARG L 321 -34.56 -1.98 14.08
C ARG L 321 -35.90 -1.81 13.36
N LEU L 322 -36.52 -0.64 13.50
CA LEU L 322 -37.84 -0.44 12.92
C LEU L 322 -37.70 -0.01 11.45
N TYR L 323 -38.83 0.11 10.76
CA TYR L 323 -38.83 0.53 9.37
C TYR L 323 -40.09 1.33 9.06
N LEU L 324 -40.00 2.65 9.16
CA LEU L 324 -41.14 3.50 8.85
C LEU L 324 -41.33 3.57 7.34
N ARG L 325 -42.60 3.60 6.92
CA ARG L 325 -42.94 3.65 5.51
C ARG L 325 -44.24 4.41 5.37
N LYS L 326 -44.32 5.26 4.34
CA LYS L 326 -45.50 6.06 4.12
C LYS L 326 -46.64 5.20 3.58
N GLY L 327 -47.83 5.44 4.12
CA GLY L 327 -49.02 4.78 3.62
C GLY L 327 -49.94 5.76 2.92
N ARG L 328 -51.18 5.88 3.38
CA ARG L 328 -52.15 6.80 2.82
C ARG L 328 -52.46 7.91 3.81
N GLY L 329 -52.61 9.12 3.28
CA GLY L 329 -52.89 10.27 4.10
C GLY L 329 -51.80 10.55 5.11
N GLU L 330 -52.14 10.49 6.40
CA GLU L 330 -51.18 10.69 7.48
C GLU L 330 -50.91 9.40 8.24
N THR L 331 -51.18 8.24 7.64
CA THR L 331 -51.00 6.96 8.28
C THR L 331 -49.77 6.29 7.70
N ARG L 332 -48.84 5.88 8.56
CA ARG L 332 -47.62 5.22 8.13
C ARG L 332 -47.63 3.74 8.50
N ILE L 333 -46.55 3.04 8.20
CA ILE L 333 -46.39 1.62 8.47
C ILE L 333 -45.07 1.42 9.20
N CYS L 334 -45.10 0.65 10.29
CA CYS L 334 -43.88 0.36 11.03
C CYS L 334 -43.70 -1.15 11.04
N LYS L 335 -42.72 -1.65 10.29
CA LYS L 335 -42.40 -3.06 10.24
C LYS L 335 -41.07 -3.30 10.93
N ILE L 336 -41.03 -4.25 11.85
CA ILE L 336 -39.82 -4.55 12.59
C ILE L 336 -38.85 -5.30 11.69
N TYR L 337 -37.83 -4.61 11.20
CA TYR L 337 -36.79 -5.22 10.38
C TYR L 337 -36.05 -6.30 11.17
N ASP L 338 -35.40 -5.91 12.25
CA ASP L 338 -34.59 -6.80 13.07
C ASP L 338 -34.96 -6.66 14.54
N SER L 339 -35.01 -7.78 15.24
CA SER L 339 -35.19 -7.78 16.68
C SER L 339 -34.82 -9.14 17.25
N PRO L 340 -34.07 -9.19 18.34
CA PRO L 340 -33.61 -10.49 18.86
C PRO L 340 -34.68 -11.27 19.60
N CYS L 341 -35.78 -10.65 20.00
CA CYS L 341 -36.81 -11.32 20.77
C CYS L 341 -38.18 -11.11 20.16
N LEU L 342 -38.39 -9.97 19.58
CA LEU L 342 -39.71 -9.54 19.14
C LEU L 342 -39.98 -10.05 17.73
N PRO L 343 -41.14 -10.71 17.51
CA PRO L 343 -41.45 -11.24 16.18
C PRO L 343 -41.45 -10.18 15.10
N GLU L 344 -41.37 -10.61 13.84
CA GLU L 344 -41.27 -9.68 12.72
C GLU L 344 -42.66 -9.49 12.14
N ALA L 345 -43.29 -8.36 12.46
CA ALA L 345 -44.61 -8.02 11.96
C ALA L 345 -44.66 -6.56 11.57
N GLU L 346 -45.85 -6.03 11.32
CA GLU L 346 -45.99 -4.63 10.92
C GLU L 346 -47.26 -4.07 11.55
N ALA L 347 -47.28 -2.75 11.71
CA ALA L 347 -48.41 -2.09 12.35
C ALA L 347 -48.79 -0.82 11.61
N MET L 348 -49.71 -0.04 12.18
CA MET L 348 -50.19 1.18 11.55
C MET L 348 -50.25 2.28 12.59
N PHE L 349 -49.49 3.35 12.39
CA PHE L 349 -49.64 4.52 13.23
C PHE L 349 -49.98 5.73 12.37
N ALA L 350 -50.25 6.87 12.99
CA ALA L 350 -50.67 8.05 12.25
C ALA L 350 -50.10 9.28 12.92
N ILE L 351 -49.48 10.17 12.15
CA ILE L 351 -48.91 11.39 12.69
C ILE L 351 -49.94 12.51 12.67
N ASN L 352 -50.77 12.57 13.70
CA ASN L 352 -51.77 13.62 13.80
C ASN L 352 -51.16 14.83 14.50
N ALA L 353 -52.00 15.79 14.90
CA ALA L 353 -51.55 17.09 15.37
C ALA L 353 -50.90 17.05 16.76
N ASP L 354 -50.80 15.88 17.39
CA ASP L 354 -50.20 15.77 18.71
C ASP L 354 -49.18 14.64 18.73
N GLY L 355 -48.29 14.62 17.73
CA GLY L 355 -47.30 13.58 17.62
C GLY L 355 -47.91 12.28 17.12
N VAL L 356 -47.24 11.17 17.37
CA VAL L 356 -47.74 9.86 16.97
C VAL L 356 -49.05 9.57 17.68
N GLY L 357 -50.10 9.29 16.92
CA GLY L 357 -51.38 8.91 17.48
C GLY L 357 -51.91 7.65 16.85
N ASP L 358 -53.23 7.54 16.75
CA ASP L 358 -53.86 6.39 16.11
C ASP L 358 -54.82 6.85 15.02
#